data_6KXU
#
_entry.id   6KXU
#
_cell.length_a   122.406
_cell.length_b   118.705
_cell.length_c   222.317
_cell.angle_alpha   90.000
_cell.angle_beta   90.030
_cell.angle_gamma   90.000
#
_symmetry.space_group_name_H-M   'P 1 21 1'
#
loop_
_entity.id
_entity.type
_entity.pdbx_description
1 polymer 'Protein BONZAI 1'
2 polymer 'Protein BONZAI 1'
3 polymer 'Protein BONZAI 1'
4 polymer 'Protein BONZAI 1'
5 polymer 'Protein BONZAI 1'
6 non-polymer 1,2-ETHANEDIOL
7 non-polymer GLYCEROL
8 non-polymer 'MANGANESE (II) ION'
9 non-polymer 'CHLORIDE ION'
10 water water
#
loop_
_entity_poly.entity_id
_entity_poly.type
_entity_poly.pdbx_seq_one_letter_code
_entity_poly.pdbx_strand_id
1 'polypeptide(L)'
;GTSSMADIGSTNDALDYYLKSKGFNGLFSQIELSFSASNLRDRDVLSKSDPMVVVYQKEKDATLSEVFRSEVVLNSLAPK
WIKKFIVAYHFETVQTLVFRVYDVDTKFQNSREEMLKLDEQQFLGEATCALSEIITKSTRTSTLELKRKDGFAPQAQPHH
GKLIIHAEESLASKISTEIVFRCSNLESKDLFSKSDPFLVVSKIVEHGTPIPVSKTEVRKNDLNPIWKPVFLSVQQVGSK
DSPVIIECSDFNSNGKHSLIGKVQKSLSDLEKLHLAGQGINFSLPTGAGQNKVLKSQLFVDKFTETVHHTFLEYLASGFE
LNFMVAIDFTASNGNPRLPDSLHYIDPSGRLNAYQRAIMDVGEVLQFYDSDKRFPAWGFGARPIDAPVSHCFNLNGSSSY
SEVDGIQGIMTSYTSALFNVSLAGPTLFGPVINAAAMIASASLAQGSRKYYVLLIITDGVITDLQETKDALVSASDLPLS
ILIVGVGGADFKEMEILDADKGERLESSSGRLASRDIVQFVALRDVQYGEISVVQALLAELPSQFLTYMRIRN
;
A,C,D,F
2 'polypeptide(L)'
;GLFSQIELSFSASNLRDRDVLSKSDPMVVVYQKEKDATLSEVFRSEVVLNSLAPKWIKKFIVAYHFETVQTLVFRVYDVD
TKFQNSREEMLKLDEQQFLGEATCALSEIITKSTRTSTLELKRKDGFAPQAQPHHGKLIIHAEESLASKISTEIVFRCSN
LESKDLFSKSDPFLVVSKIVEHGTPIPVSKTEVRKNDLNPIWKPVFLSVQQVGSKDSPVIIECSDFNSNGKHSLIGKVQK
SLSDLEKLHLAGQGINFSLPTGAGQNKVLKSQLFVDKFTETVHHTFLEYLASGFELNFMVAIDFTASNGNPRLPDSLHYI
DPSGRLNAYQRAIMDVGEVLQFYDSDKRFPAWGFGARPIDAPVSHCFNLNGSSSYSEVDGIQGIMTSYTSALFNVSLAGP
TLFGPVINAAAMIASASLAQGSRKYYVLLIITDGVITDLQETKDALVSASDLPLSILIVGVGGADFKEMEILDADKGERL
ESSSGRLASRDIVQFVALRDVQYGEISVVQALLAELPSQFLTYMRIRN
;
B
3 'polypeptide(L)'
;ADIGSTNDALDYYLKSKGFNGLFSQIELSFSASNLRDRDVLSKSDPMVVVYQKEKDATLSEVFRSEVVLNSLAPKWIKKF
IVAYHFETVQTLVFRVYDVDTKFQNSREEMLKLDEQQFLGEATCALSEIITKSTRTSTLELKRKDGFAPQAQPHHGKLII
HAEESLASKISTEIVFRCSNLESKDLFSKSDPFLVVSKIVEHGTPIPVSKTEVRKNDLNPIWKPVFLSVQQVGSKDSPVI
IECSDFNSNGKHSLIGKVQKSLSDLEKLHLAGQGINFSLPTGAGQNKVLKSQLFVDKFTETVHHTFLEYLASGFELNFMV
AIDFTASNGNPRLPDSLHYIDPSGRLNAYQRAIMDVGEVLQFYDSDKRFPAWGFGARPIDAPVSHCFNLNGSSSYSEVDG
IQGIMTSYTSALFNVSLAGPTLFGPVINAAAMIASASLAQGSRKYYVLLIITDGVITDLQETKDALVSASDLPLSILIVG
VGGADFKEMEILDADKGERLESSSGRLASRDIVQFVALRDVQYGEISVVQALLAELPSQFLTYMRIRN
;
E
4 'polypeptide(L)'
;LFSQIELSFSASNLRDRDVLSKSDPMVVVYQKEKDATLSEVFRSEVVLNSLAPKWIKKFIVAYHFETVQTLVFRVYDVDT
KFQNSREEMLKLDEQQFLGEATCALSEIITKSTRTSTLELKRKDGFAPQAQPHHGKLIIHAEESLASKISTEIVFRCSNL
ESKDLFSKSDPFLVVSKIVEHGTPIPVSKTEVRKNDLNPIWKPVFLSVQQVGSKDSPVIIECSDFNSNGKHSLIGKVQKS
LSDLEKLHLAGQGINFSLPTGAGQNKVLKSQLFVDKFTETVHHTFLEYLASGFELNFMVAIDFTASNGNPRLPDSLHYID
PSGRLNAYQRAIMDVGEVLQFYDSDKRFPAWGFGARPIDAPVSHCFNLNGSSSYSEVDGIQGIMTSYTSALFNVSLAGPT
LFGPVINAAAMIASASLAQGSRKYYVLLIITDGVITDLQETKDALVSASDLPLSILIVGVGGADFKEMEILDADKGERLE
SSSGRLASRDIVQFVALRDVQYGEISVVQALLAELPSQFLTYMRIR
;
G
5 'polypeptide(L)'
;GTSSMADIGTTNDALDYYLKSKGFNGLFSQIELSFSASNLRDRDVLSKSDPMVVVYQKEKDATLSEVFRSEVVLNSLAPK
WIKKFIVAYHFETVQTLVFRVYDVDTKFQNSREEMLKLDEQQFLGEATCALSEIITKSTRTSTLELKRKDGFAPQAQPHH
GKLIIHAEESLASKISTEIVFRCSNLESKDLFSKSDPFLVVSKIVEHGTPIPVSKTEVRKNDLNPIWKPVFLSVQQVGSK
DSPVIIECSDFNSNGKHSLIGKVQKSLSDLEKLHLAGQGINFSLPTGAGQNKVLKSQLFVDKFTETVHHTFLEYLASGFE
LNFMVAIDFTASNGNPRLPDSLHYIDPSGRLNAYQRAIMDVGEVLQFYDSDKRFPAWGFGARPIDAPVSHCFNLNGSSSY
SEVDGIQGIMTSYTSALFNVSLAGPTLFGPVINAAAMIASASLAQGSRKYYVLLIITDGVITDLQETKDALVSASDLPLS
ILIVGVGGADFKEMEILDADKGERLESSSGRLASRDIVQFVALRDVQYGEISVVQALLAELPSQFLTYMRIRN
;
H
#
loop_
_chem_comp.id
_chem_comp.type
_chem_comp.name
_chem_comp.formula
CL non-polymer 'CHLORIDE ION' 'Cl -1'
EDO non-polymer 1,2-ETHANEDIOL 'C2 H6 O2'
GOL non-polymer GLYCEROL 'C3 H8 O3'
MN non-polymer 'MANGANESE (II) ION' 'Mn 2'
#
# COMPACT_ATOMS: atom_id res chain seq x y z
N GLY A 1 45.13 38.74 110.16
CA GLY A 1 45.90 39.63 109.22
C GLY A 1 45.94 41.08 109.71
N THR A 2 47.10 41.71 109.54
CA THR A 2 47.30 43.11 109.92
C THR A 2 47.44 43.99 108.68
N SER A 3 46.43 44.85 108.47
CA SER A 3 46.43 45.84 107.40
C SER A 3 45.08 46.56 107.35
N SER A 4 45.09 47.74 106.72
CA SER A 4 43.88 48.53 106.52
C SER A 4 43.18 48.11 105.22
N MET A 5 41.91 48.51 105.07
CA MET A 5 41.15 48.28 103.86
C MET A 5 41.88 48.89 102.66
N ALA A 6 42.61 49.99 102.91
CA ALA A 6 43.33 50.75 101.90
C ALA A 6 44.56 49.98 101.43
N ASP A 7 45.25 49.31 102.36
CA ASP A 7 46.40 48.46 102.08
C ASP A 7 46.00 47.29 101.18
N ILE A 8 44.82 46.71 101.46
CA ILE A 8 44.29 45.57 100.73
C ILE A 8 43.84 46.03 99.35
N GLY A 9 42.88 46.97 99.32
CA GLY A 9 42.40 47.60 98.10
C GLY A 9 43.52 47.87 97.09
N SER A 10 44.68 48.32 97.57
CA SER A 10 45.73 48.78 96.67
C SER A 10 46.61 47.62 96.21
N THR A 11 46.73 46.57 97.02
CA THR A 11 47.53 45.43 96.63
C THR A 11 46.75 44.61 95.60
N ASN A 12 45.42 44.63 95.73
CA ASN A 12 44.50 44.03 94.77
C ASN A 12 44.52 44.82 93.47
N ASP A 13 44.57 46.16 93.55
CA ASP A 13 44.58 47.00 92.36
C ASP A 13 45.86 46.72 91.57
N ALA A 14 46.98 46.56 92.28
CA ALA A 14 48.28 46.26 91.70
C ALA A 14 48.22 44.95 90.95
N LEU A 15 47.46 43.98 91.49
CA LEU A 15 47.36 42.64 90.93
C LEU A 15 46.54 42.68 89.65
N ASP A 16 45.34 43.27 89.72
CA ASP A 16 44.45 43.40 88.58
C ASP A 16 45.24 43.85 87.36
N TYR A 17 46.00 44.95 87.53
CA TYR A 17 46.78 45.56 86.48
C TYR A 17 47.84 44.59 85.96
N TYR A 18 48.55 43.92 86.88
CA TYR A 18 49.62 43.01 86.49
C TYR A 18 49.10 41.86 85.66
N LEU A 19 47.88 41.37 86.00
CA LEU A 19 47.24 40.27 85.29
C LEU A 19 46.89 40.72 83.87
N LYS A 20 46.28 41.91 83.75
CA LYS A 20 45.90 42.42 82.44
C LYS A 20 47.13 42.61 81.57
N SER A 21 48.33 42.72 82.18
CA SER A 21 49.57 42.97 81.47
C SER A 21 50.25 41.67 81.07
N LYS A 22 50.17 40.66 81.95
CA LYS A 22 50.73 39.37 81.64
C LYS A 22 49.74 38.55 80.81
N GLY A 23 48.47 39.00 80.83
CA GLY A 23 47.33 38.32 80.23
C GLY A 23 47.02 36.94 80.83
N PHE A 24 46.19 36.18 80.11
CA PHE A 24 46.15 34.74 80.25
C PHE A 24 47.48 34.23 79.70
N ASN A 25 48.53 34.34 80.54
CA ASN A 25 49.93 34.40 80.13
C ASN A 25 50.46 33.01 79.76
N GLY A 26 51.13 32.95 78.60
CA GLY A 26 52.08 31.90 78.31
C GLY A 26 51.45 30.64 77.74
N LEU A 27 50.65 30.76 76.66
CA LEU A 27 50.34 29.62 75.81
C LEU A 27 51.22 29.72 74.56
N PHE A 28 52.47 29.25 74.68
CA PHE A 28 53.47 29.54 73.68
C PHE A 28 53.19 28.81 72.37
N SER A 29 52.99 29.58 71.31
CA SER A 29 52.08 29.23 70.23
C SER A 29 52.74 28.29 69.23
N GLN A 30 51.97 27.37 68.67
CA GLN A 30 52.45 26.35 67.76
C GLN A 30 51.54 26.31 66.55
N ILE A 31 52.14 26.10 65.39
CA ILE A 31 51.45 26.08 64.13
C ILE A 31 51.62 24.72 63.46
N GLU A 32 50.55 24.30 62.77
CA GLU A 32 50.52 23.04 62.06
C GLU A 32 50.49 23.37 60.58
N LEU A 33 51.61 23.17 59.90
CA LEU A 33 51.55 23.30 58.45
C LEU A 33 51.21 21.93 57.86
N SER A 34 50.33 21.94 56.85
CA SER A 34 49.96 20.74 56.11
C SER A 34 50.11 21.05 54.63
N PHE A 35 50.39 20.02 53.82
CA PHE A 35 51.00 20.30 52.52
C PHE A 35 50.28 19.51 51.44
N SER A 36 50.32 20.06 50.23
CA SER A 36 49.77 19.40 49.05
C SER A 36 50.42 20.10 47.87
N ALA A 37 50.38 19.44 46.70
CA ALA A 37 51.01 20.02 45.52
C ALA A 37 50.17 19.69 44.28
N SER A 38 50.41 20.47 43.21
CA SER A 38 49.92 20.13 41.88
C SER A 38 51.04 20.31 40.86
N ASN A 39 50.93 19.61 39.73
CA ASN A 39 51.72 19.87 38.53
C ASN A 39 53.19 19.61 38.74
N LEU A 40 53.53 18.62 39.57
CA LEU A 40 54.92 18.31 39.81
C LEU A 40 55.55 17.72 38.54
N ARG A 41 56.64 18.32 38.10
CA ARG A 41 57.29 17.95 36.86
C ARG A 41 58.80 18.19 36.91
N ASP A 42 59.58 17.14 36.64
CA ASP A 42 61.02 17.28 36.52
C ASP A 42 61.38 18.04 35.24
N ARG A 43 60.67 17.76 34.14
CA ARG A 43 60.84 18.44 32.87
C ARG A 43 59.55 19.13 32.40
N ASP A 44 59.01 18.72 31.25
CA ASP A 44 57.84 19.40 30.70
C ASP A 44 56.62 18.47 30.75
N VAL A 45 56.82 17.28 31.34
CA VAL A 45 55.81 16.24 31.33
C VAL A 45 55.33 15.98 32.76
N LEU A 46 54.01 15.82 32.91
CA LEU A 46 53.40 15.59 34.19
C LEU A 46 52.83 14.16 34.17
N SER A 47 53.46 13.28 34.96
CA SER A 47 53.00 11.92 35.12
C SER A 47 53.08 11.56 36.61
N LYS A 48 52.39 10.49 37.00
CA LYS A 48 52.50 9.95 38.35
C LYS A 48 53.95 10.00 38.82
N SER A 49 54.17 10.66 39.94
CA SER A 49 55.41 10.68 40.71
C SER A 49 55.12 10.10 42.09
N ASP A 50 56.12 10.18 42.99
CA ASP A 50 56.09 9.67 44.34
C ASP A 50 56.60 10.79 45.25
N PRO A 51 55.78 11.85 45.48
CA PRO A 51 56.31 13.11 45.98
C PRO A 51 56.53 13.11 47.49
N MET A 52 57.46 13.97 47.92
CA MET A 52 57.83 14.08 49.31
C MET A 52 58.29 15.51 49.50
N VAL A 53 57.75 16.17 50.54
CA VAL A 53 58.24 17.51 50.80
C VAL A 53 59.11 17.43 52.03
N VAL A 54 60.16 18.27 52.03
CA VAL A 54 61.21 18.32 53.03
C VAL A 54 61.42 19.79 53.34
N VAL A 55 61.54 20.12 54.62
CA VAL A 55 61.42 21.49 55.08
C VAL A 55 62.65 21.79 55.91
N TYR A 56 63.39 22.81 55.47
CA TYR A 56 64.59 23.26 56.15
C TYR A 56 64.32 24.61 56.79
N GLN A 57 65.11 24.90 57.83
CA GLN A 57 65.12 26.15 58.56
C GLN A 57 66.37 26.91 58.16
N LYS A 58 66.18 28.14 57.66
CA LYS A 58 67.27 28.92 57.14
C LYS A 58 67.77 29.80 58.26
N GLU A 59 69.05 29.63 58.59
CA GLU A 59 69.75 30.47 59.57
C GLU A 59 70.21 31.76 58.88
N LYS A 60 70.65 32.76 59.65
CA LYS A 60 71.02 34.04 59.05
C LYS A 60 72.23 33.88 58.13
N ASP A 61 73.13 32.95 58.48
CA ASP A 61 74.29 32.63 57.68
C ASP A 61 73.90 31.75 56.49
N ALA A 62 72.59 31.61 56.24
CA ALA A 62 72.03 30.95 55.08
C ALA A 62 72.23 29.44 55.13
N THR A 63 72.63 28.91 56.29
CA THR A 63 72.71 27.48 56.55
C THR A 63 71.31 26.89 56.68
N LEU A 64 71.16 25.60 56.34
CA LEU A 64 69.86 24.97 56.24
C LEU A 64 69.83 23.78 57.19
N SER A 65 68.81 23.71 58.06
CA SER A 65 68.59 22.59 58.97
C SER A 65 67.32 21.85 58.57
N GLU A 66 67.35 20.51 58.52
CA GLU A 66 66.13 19.80 58.19
C GLU A 66 65.28 19.72 59.45
N VAL A 67 63.99 20.07 59.37
CA VAL A 67 63.22 20.12 60.59
C VAL A 67 61.96 19.27 60.44
N PHE A 68 61.70 18.83 59.21
CA PHE A 68 60.52 18.02 58.95
C PHE A 68 60.66 17.41 57.57
N ARG A 69 59.86 16.36 57.34
CA ARG A 69 59.95 15.52 56.15
C ARG A 69 58.64 14.74 56.08
N SER A 70 57.87 14.99 55.02
CA SER A 70 56.58 14.33 54.84
C SER A 70 56.79 12.86 54.50
N GLU A 71 55.71 12.09 54.63
CA GLU A 71 55.66 10.73 54.14
C GLU A 71 55.64 10.79 52.62
N VAL A 72 55.89 9.64 51.98
CA VAL A 72 55.95 9.59 50.53
C VAL A 72 54.55 9.24 50.05
N VAL A 73 53.98 10.08 49.18
CA VAL A 73 52.71 9.73 48.57
C VAL A 73 53.05 8.97 47.29
N LEU A 74 52.41 7.82 47.10
CA LEU A 74 52.78 6.93 46.02
C LEU A 74 51.86 7.19 44.84
N ASN A 75 52.49 7.42 43.67
CA ASN A 75 51.82 7.23 42.39
C ASN A 75 50.71 8.27 42.28
N SER A 76 51.11 9.55 42.24
CA SER A 76 50.14 10.61 42.38
C SER A 76 50.45 11.76 41.43
N LEU A 77 49.38 12.39 40.91
CA LEU A 77 49.51 13.53 40.03
C LEU A 77 49.26 14.82 40.80
N ALA A 78 48.75 14.68 42.04
CA ALA A 78 48.52 15.79 42.94
C ALA A 78 48.52 15.25 44.35
N PRO A 79 49.65 15.20 45.07
CA PRO A 79 49.67 14.54 46.37
C PRO A 79 49.11 15.49 47.42
N LYS A 80 48.51 14.90 48.45
CA LYS A 80 47.92 15.59 49.60
C LYS A 80 48.51 14.88 50.81
N TRP A 81 49.49 15.47 51.49
CA TRP A 81 50.26 14.74 52.47
C TRP A 81 49.48 14.67 53.77
N ILE A 82 49.54 13.51 54.43
CA ILE A 82 48.83 13.27 55.68
C ILE A 82 49.60 13.87 56.84
N LYS A 83 50.93 13.67 56.86
CA LYS A 83 51.79 14.04 57.97
C LYS A 83 51.91 15.56 58.03
N LYS A 84 51.64 16.13 59.22
CA LYS A 84 51.66 17.56 59.43
C LYS A 84 52.95 17.93 60.16
N PHE A 85 53.40 19.18 59.95
CA PHE A 85 54.61 19.69 60.58
C PHE A 85 54.20 20.75 61.59
N ILE A 86 54.49 20.46 62.87
CA ILE A 86 54.19 21.34 63.99
C ILE A 86 55.47 22.14 64.27
N VAL A 87 55.44 23.45 64.01
CA VAL A 87 56.57 24.29 64.30
C VAL A 87 56.12 25.39 65.26
N ALA A 88 57.01 25.74 66.19
CA ALA A 88 56.76 26.81 67.15
C ALA A 88 56.75 28.14 66.42
N TYR A 89 55.91 29.07 66.87
CA TYR A 89 55.79 30.39 66.28
C TYR A 89 56.42 31.40 67.22
N HIS A 90 57.36 32.18 66.67
CA HIS A 90 58.07 33.20 67.42
C HIS A 90 57.85 34.54 66.76
N PHE A 91 56.91 35.33 67.33
CA PHE A 91 56.49 36.59 66.73
C PHE A 91 57.70 37.49 66.49
N GLU A 92 58.69 37.41 67.40
CA GLU A 92 59.83 38.32 67.43
C GLU A 92 60.94 37.96 66.45
N THR A 93 60.78 36.86 65.68
CA THR A 93 61.81 36.60 64.69
C THR A 93 61.16 36.22 63.37
N VAL A 94 61.82 36.57 62.26
CA VAL A 94 61.44 36.06 60.96
C VAL A 94 61.86 34.58 60.93
N GLN A 95 60.91 33.69 60.65
CA GLN A 95 61.28 32.28 60.54
C GLN A 95 61.27 31.88 59.08
N THR A 96 62.42 32.07 58.41
CA THR A 96 62.58 31.64 57.03
C THR A 96 62.57 30.11 57.01
N LEU A 97 61.76 29.55 56.10
CA LEU A 97 61.69 28.13 55.87
C LEU A 97 61.91 27.88 54.38
N VAL A 98 62.50 26.73 54.05
CA VAL A 98 62.79 26.37 52.67
C VAL A 98 62.16 25.01 52.42
N PHE A 99 61.36 24.90 51.36
CA PHE A 99 60.63 23.68 51.06
C PHE A 99 61.25 23.04 49.82
N ARG A 100 61.35 21.72 49.85
CA ARG A 100 62.02 21.01 48.77
C ARG A 100 61.21 19.76 48.47
N VAL A 101 60.83 19.64 47.21
CA VAL A 101 59.97 18.53 46.82
C VAL A 101 60.83 17.56 46.01
N TYR A 102 60.66 16.28 46.30
CA TYR A 102 61.48 15.26 45.65
C TYR A 102 60.56 14.18 45.07
N ASP A 103 60.98 13.63 43.92
CA ASP A 103 60.29 12.48 43.36
C ASP A 103 61.04 11.21 43.76
N VAL A 104 60.49 10.47 44.72
CA VAL A 104 61.22 9.34 45.28
C VAL A 104 61.19 8.18 44.30
N ASP A 105 62.39 7.64 44.02
CA ASP A 105 62.59 6.46 43.22
C ASP A 105 61.62 5.37 43.65
N THR A 106 61.16 4.57 42.70
CA THR A 106 60.11 3.60 42.96
C THR A 106 60.66 2.41 43.71
N LYS A 107 62.00 2.23 43.70
CA LYS A 107 62.59 1.07 44.35
C LYS A 107 62.47 1.23 45.86
N PHE A 108 62.03 2.42 46.30
CA PHE A 108 61.96 2.71 47.73
C PHE A 108 60.53 2.70 48.26
N GLN A 109 59.57 2.19 47.48
CA GLN A 109 58.17 2.31 47.79
C GLN A 109 57.82 1.77 49.17
N ASN A 110 58.67 0.89 49.72
CA ASN A 110 58.42 0.28 51.01
C ASN A 110 59.28 0.90 52.10
N SER A 111 60.15 1.86 51.75
CA SER A 111 61.03 2.45 52.74
C SER A 111 60.31 3.52 53.55
N ARG A 112 60.63 3.57 54.83
CA ARG A 112 60.25 4.67 55.71
C ARG A 112 61.01 5.89 55.22
N GLU A 113 60.34 7.06 55.20
CA GLU A 113 60.94 8.26 54.64
C GLU A 113 62.22 8.63 55.38
N GLU A 114 62.28 8.28 56.68
CA GLU A 114 63.39 8.66 57.53
C GLU A 114 64.69 8.14 56.90
N MET A 115 64.60 7.01 56.17
CA MET A 115 65.74 6.25 55.70
C MET A 115 66.17 6.66 54.30
N LEU A 116 65.55 7.67 53.70
CA LEU A 116 65.81 7.99 52.30
C LEU A 116 66.97 8.97 52.22
N LYS A 117 67.89 8.71 51.28
CA LYS A 117 68.95 9.65 50.97
C LYS A 117 68.45 10.53 49.83
N LEU A 118 68.56 11.85 49.98
CA LEU A 118 67.95 12.73 49.02
C LEU A 118 68.74 12.75 47.72
N ASP A 119 70.04 12.43 47.79
CA ASP A 119 70.89 12.34 46.61
C ASP A 119 70.36 11.26 45.67
N GLU A 120 69.56 10.34 46.20
CA GLU A 120 69.17 9.16 45.45
C GLU A 120 67.82 9.37 44.79
N GLN A 121 67.27 10.59 44.88
CA GLN A 121 65.90 10.87 44.42
C GLN A 121 65.93 12.06 43.48
N GLN A 122 64.81 12.33 42.79
CA GLN A 122 64.79 13.35 41.76
C GLN A 122 64.33 14.68 42.38
N PHE A 123 65.25 15.67 42.44
CA PHE A 123 64.90 16.97 43.00
C PHE A 123 64.02 17.73 42.02
N LEU A 124 62.75 17.91 42.37
CA LEU A 124 61.80 18.57 41.48
C LEU A 124 61.96 20.09 41.60
N GLY A 125 62.02 20.60 42.84
CA GLY A 125 62.13 22.05 42.97
C GLY A 125 61.95 22.52 44.41
N GLU A 126 62.15 23.83 44.59
CA GLU A 126 62.38 24.46 45.88
C GLU A 126 61.60 25.77 45.93
N ALA A 127 61.12 26.14 47.12
CA ALA A 127 60.57 27.46 47.39
C ALA A 127 60.86 27.83 48.84
N THR A 128 60.73 29.12 49.14
CA THR A 128 61.12 29.71 50.42
C THR A 128 60.08 30.73 50.86
N CYS A 129 59.83 30.82 52.16
CA CYS A 129 59.10 31.97 52.68
C CYS A 129 59.17 31.97 54.18
N ALA A 130 58.76 33.11 54.76
CA ALA A 130 58.66 33.23 56.20
C ALA A 130 57.34 32.62 56.65
N LEU A 131 57.33 32.11 57.88
CA LEU A 131 56.13 31.60 58.52
C LEU A 131 55.10 32.74 58.59
N SER A 132 55.58 33.97 58.82
CA SER A 132 54.78 35.15 58.97
C SER A 132 53.90 35.35 57.73
N GLU A 133 54.41 34.95 56.56
CA GLU A 133 53.73 35.17 55.29
C GLU A 133 52.54 34.22 55.15
N ILE A 134 52.55 33.09 55.86
CA ILE A 134 51.49 32.10 55.66
C ILE A 134 50.36 32.35 56.64
N ILE A 135 50.68 32.69 57.91
CA ILE A 135 49.64 32.83 58.92
C ILE A 135 48.97 34.20 58.85
N THR A 136 49.44 35.09 57.98
CA THR A 136 48.79 36.39 57.84
C THR A 136 47.97 36.44 56.55
N LYS A 137 47.84 35.30 55.85
CA LYS A 137 46.89 35.26 54.74
C LYS A 137 45.50 35.01 55.31
N SER A 138 44.48 35.54 54.63
CA SER A 138 43.11 35.40 55.09
C SER A 138 42.75 33.92 55.19
N THR A 139 43.12 33.14 54.15
CA THR A 139 42.78 31.73 54.04
C THR A 139 43.84 30.86 54.73
N ARG A 140 44.87 31.51 55.28
CA ARG A 140 45.99 30.81 55.91
C ARG A 140 46.62 29.78 54.97
N THR A 141 46.49 29.99 53.66
CA THR A 141 47.09 29.12 52.67
C THR A 141 47.96 29.91 51.70
N SER A 142 49.20 29.46 51.49
CA SER A 142 50.03 30.00 50.42
C SER A 142 50.22 28.95 49.34
N THR A 143 50.43 29.41 48.11
CA THR A 143 50.78 28.57 46.97
C THR A 143 52.12 29.03 46.43
N LEU A 144 53.14 28.18 46.44
CA LEU A 144 54.45 28.63 46.00
C LEU A 144 54.90 27.86 44.76
N GLU A 145 55.46 28.59 43.81
CA GLU A 145 56.03 27.99 42.63
C GLU A 145 57.38 27.37 43.01
N LEU A 146 57.49 26.06 42.75
CA LEU A 146 58.77 25.39 42.94
C LEU A 146 59.69 25.77 41.77
N LYS A 147 60.89 26.24 42.10
CA LYS A 147 61.86 26.60 41.07
C LYS A 147 63.17 25.85 41.29
N ARG A 148 63.95 25.64 40.21
CA ARG A 148 65.33 25.17 40.32
C ARG A 148 66.28 26.20 39.71
N LYS A 149 67.57 26.09 40.08
CA LYS A 149 68.58 26.85 39.37
C LYS A 149 68.98 26.04 38.14
N ASP A 150 68.60 26.57 36.98
CA ASP A 150 68.87 25.97 35.68
C ASP A 150 70.16 26.52 35.08
N GLY A 151 70.82 27.40 35.85
CA GLY A 151 72.02 28.13 35.45
C GLY A 151 71.94 29.62 35.79
N PHE A 152 71.17 30.35 34.97
CA PHE A 152 70.96 31.78 35.06
C PHE A 152 69.82 32.16 34.11
N ALA A 153 68.61 32.38 34.65
CA ALA A 153 67.45 32.72 33.85
C ALA A 153 66.28 33.19 34.71
N PRO A 154 66.33 34.39 35.35
CA PRO A 154 65.21 34.89 36.16
C PRO A 154 63.82 34.98 35.52
N GLN A 155 63.73 35.10 34.19
CA GLN A 155 62.46 35.21 33.48
C GLN A 155 61.99 33.82 33.05
N ALA A 156 62.63 33.26 32.00
CA ALA A 156 62.19 32.03 31.34
C ALA A 156 62.81 30.79 32.00
N GLN A 157 62.93 30.86 33.33
CA GLN A 157 63.35 29.73 34.16
C GLN A 157 62.12 28.84 34.42
N PRO A 158 62.17 27.53 34.07
CA PRO A 158 60.97 26.69 34.10
C PRO A 158 60.44 26.42 35.50
N HIS A 159 59.13 26.14 35.56
CA HIS A 159 58.43 25.80 36.80
C HIS A 159 58.51 24.29 37.01
N HIS A 160 58.38 23.85 38.26
CA HIS A 160 58.39 22.41 38.52
C HIS A 160 57.16 22.05 39.35
N GLY A 161 56.13 22.91 39.28
CA GLY A 161 54.88 22.67 39.99
C GLY A 161 54.62 23.71 41.07
N LYS A 162 53.56 23.50 41.85
CA LYS A 162 53.15 24.40 42.92
C LYS A 162 53.06 23.61 44.22
N LEU A 163 53.53 24.21 45.30
CA LEU A 163 53.40 23.64 46.64
C LEU A 163 52.44 24.49 47.46
N ILE A 164 51.53 23.83 48.16
CA ILE A 164 50.37 24.49 48.77
C ILE A 164 50.38 24.19 50.26
N ILE A 165 50.56 25.25 51.06
CA ILE A 165 50.85 25.13 52.47
C ILE A 165 49.69 25.74 53.25
N HIS A 166 49.07 24.94 54.10
CA HIS A 166 48.03 25.41 54.99
C HIS A 166 48.56 25.48 56.42
N ALA A 167 48.31 26.60 57.10
CA ALA A 167 48.75 26.78 58.48
C ALA A 167 47.54 26.95 59.41
N GLU A 168 47.59 26.27 60.56
CA GLU A 168 46.53 26.26 61.55
C GLU A 168 47.19 26.26 62.93
N GLU A 169 46.82 27.20 63.82
CA GLU A 169 47.29 27.18 65.19
C GLU A 169 46.79 25.89 65.86
N SER A 170 47.66 25.18 66.57
CA SER A 170 47.28 23.90 67.13
C SER A 170 46.42 24.12 68.36
N LEU A 171 45.32 23.36 68.43
CA LEU A 171 44.30 23.58 69.45
C LEU A 171 44.87 23.48 70.85
N ALA A 172 45.72 22.48 71.10
CA ALA A 172 46.22 22.26 72.46
C ALA A 172 46.94 23.51 72.97
N SER A 173 47.58 24.26 72.08
CA SER A 173 48.40 25.38 72.51
C SER A 173 47.55 26.61 72.80
N LYS A 174 46.23 26.51 72.58
CA LYS A 174 45.37 27.66 72.83
C LYS A 174 44.66 27.52 74.16
N ILE A 175 44.87 26.39 74.87
CA ILE A 175 44.04 26.03 76.00
C ILE A 175 44.59 26.61 77.30
N SER A 176 43.73 27.34 78.00
CA SER A 176 43.96 27.69 79.39
C SER A 176 42.79 27.16 80.21
N THR A 177 43.03 26.93 81.50
CA THR A 177 42.11 26.35 82.46
C THR A 177 41.71 27.41 83.48
N GLU A 178 40.46 27.86 83.45
CA GLU A 178 39.95 28.75 84.50
C GLU A 178 39.60 27.91 85.73
N ILE A 179 40.02 28.38 86.91
CA ILE A 179 39.76 27.69 88.16
C ILE A 179 39.16 28.66 89.17
N VAL A 180 38.13 28.23 89.91
CA VAL A 180 37.65 29.01 91.04
C VAL A 180 37.88 28.15 92.28
N PHE A 181 38.75 28.65 93.16
CA PHE A 181 39.01 28.01 94.42
C PHE A 181 38.08 28.56 95.50
N ARG A 182 37.81 27.72 96.50
CA ARG A 182 37.07 28.07 97.70
C ARG A 182 37.71 27.30 98.83
N CYS A 183 37.90 27.96 99.98
CA CYS A 183 38.35 27.29 101.18
C CYS A 183 37.26 27.28 102.24
N SER A 184 37.54 26.53 103.31
CA SER A 184 36.58 26.17 104.32
C SER A 184 37.33 26.08 105.65
N ASN A 185 36.94 26.95 106.58
CA ASN A 185 37.45 26.99 107.95
C ASN A 185 38.95 27.21 107.97
N LEU A 186 39.37 28.40 107.53
CA LEU A 186 40.77 28.77 107.58
C LEU A 186 41.10 29.20 109.00
N GLU A 187 42.32 28.86 109.45
CA GLU A 187 42.87 29.37 110.70
C GLU A 187 44.17 30.11 110.42
N SER A 188 44.18 31.40 110.79
CA SER A 188 45.35 32.25 110.80
C SER A 188 46.33 31.73 111.86
N LYS A 189 47.63 31.95 111.62
CA LYS A 189 48.63 31.72 112.65
C LYS A 189 48.51 32.76 113.75
N ASP A 190 48.13 33.98 113.37
CA ASP A 190 47.83 35.07 114.30
C ASP A 190 46.55 34.73 115.08
N LEU A 191 46.73 34.30 116.33
CA LEU A 191 45.61 33.76 117.09
C LEU A 191 44.63 34.87 117.50
N PHE A 192 43.39 34.47 117.77
CA PHE A 192 42.31 35.36 118.20
C PHE A 192 41.96 36.38 117.11
N SER A 193 42.49 36.18 115.90
CA SER A 193 42.15 37.03 114.78
C SER A 193 41.69 36.20 113.58
N LYS A 194 40.83 36.80 112.76
CA LYS A 194 40.42 36.18 111.51
C LYS A 194 41.49 36.44 110.45
N SER A 195 41.47 35.61 109.41
CA SER A 195 42.47 35.69 108.35
C SER A 195 42.01 36.63 107.24
N ASP A 196 43.00 37.22 106.56
CA ASP A 196 42.77 37.92 105.31
C ASP A 196 43.51 37.13 104.21
N PRO A 197 42.85 36.11 103.62
CA PRO A 197 43.54 35.06 102.89
C PRO A 197 43.63 35.26 101.38
N PHE A 198 44.73 34.77 100.79
CA PHE A 198 44.93 34.69 99.36
C PHE A 198 45.64 33.39 99.03
N LEU A 199 45.66 33.03 97.73
CA LEU A 199 46.23 31.79 97.24
C LEU A 199 47.34 32.07 96.24
N VAL A 200 48.41 31.28 96.32
CA VAL A 200 49.51 31.34 95.36
C VAL A 200 49.67 29.94 94.78
N VAL A 201 49.61 29.84 93.43
CA VAL A 201 49.86 28.58 92.74
C VAL A 201 51.27 28.60 92.15
N SER A 202 52.06 27.58 92.50
CA SER A 202 53.48 27.57 92.18
C SER A 202 53.85 26.26 91.47
N LYS A 203 54.55 26.39 90.33
CA LYS A 203 55.20 25.28 89.67
C LYS A 203 56.32 24.75 90.55
N ILE A 204 56.58 23.44 90.48
CA ILE A 204 57.62 22.79 91.25
C ILE A 204 58.92 22.73 90.45
N VAL A 205 60.00 23.20 91.08
CA VAL A 205 61.37 22.96 90.61
C VAL A 205 61.94 21.85 91.49
N GLU A 206 62.94 21.13 90.98
CA GLU A 206 63.64 20.13 91.76
C GLU A 206 64.92 20.70 92.36
N HIS A 207 64.90 20.80 93.70
CA HIS A 207 66.02 21.16 94.57
C HIS A 207 66.23 22.67 94.61
N GLY A 208 65.26 23.41 94.05
CA GLY A 208 65.21 24.85 94.16
C GLY A 208 63.78 25.37 94.38
N THR A 209 63.72 26.65 94.79
CA THR A 209 62.51 27.31 95.23
C THR A 209 61.45 27.29 94.13
N PRO A 210 60.18 26.94 94.49
CA PRO A 210 59.06 26.93 93.54
C PRO A 210 58.72 28.30 92.97
N ILE A 211 58.34 28.31 91.70
CA ILE A 211 58.13 29.54 90.94
C ILE A 211 56.64 29.88 90.94
N PRO A 212 56.22 30.91 91.72
CA PRO A 212 54.86 31.43 91.63
C PRO A 212 54.39 31.59 90.18
N VAL A 213 53.19 31.09 89.91
CA VAL A 213 52.64 31.06 88.57
C VAL A 213 51.31 31.81 88.57
N SER A 214 50.58 31.78 89.70
CA SER A 214 49.36 32.57 89.81
C SER A 214 49.01 32.90 91.27
N LYS A 215 48.16 33.92 91.44
CA LYS A 215 47.87 34.52 92.73
C LYS A 215 46.43 35.02 92.69
N THR A 216 45.68 34.78 93.78
CA THR A 216 44.32 35.27 93.90
C THR A 216 44.36 36.62 94.60
N GLU A 217 43.24 37.36 94.55
CA GLU A 217 43.12 38.61 95.30
C GLU A 217 43.10 38.28 96.79
N VAL A 218 43.29 39.31 97.63
CA VAL A 218 43.20 39.16 99.08
C VAL A 218 41.77 39.46 99.51
N ARG A 219 41.23 38.64 100.41
CA ARG A 219 39.89 38.87 100.94
C ARG A 219 39.99 39.22 102.42
N LYS A 220 39.16 40.17 102.88
CA LYS A 220 39.22 40.68 104.24
C LYS A 220 38.27 39.88 105.15
N ASN A 221 38.79 39.45 106.31
CA ASN A 221 38.01 38.80 107.35
C ASN A 221 37.10 37.73 106.74
N ASP A 222 37.71 36.71 106.12
CA ASP A 222 36.98 35.63 105.50
C ASP A 222 37.65 34.32 105.92
N LEU A 223 36.86 33.42 106.51
CA LEU A 223 37.31 32.13 107.00
C LEU A 223 36.89 31.05 106.01
N ASN A 224 36.07 31.43 105.02
CA ASN A 224 35.57 30.52 104.00
C ASN A 224 35.58 31.26 102.67
N PRO A 225 36.76 31.65 102.18
CA PRO A 225 36.86 32.52 101.01
C PRO A 225 36.45 31.80 99.73
N ILE A 226 35.78 32.55 98.83
CA ILE A 226 35.56 32.15 97.45
C ILE A 226 36.17 33.23 96.57
N TRP A 227 37.38 32.95 96.05
CA TRP A 227 38.11 33.91 95.26
C TRP A 227 37.54 34.04 93.86
N LYS A 228 37.98 35.07 93.15
CA LYS A 228 37.71 35.24 91.73
C LYS A 228 38.52 34.21 90.95
N PRO A 229 38.20 34.00 89.65
CA PRO A 229 38.86 32.96 88.86
C PRO A 229 40.33 33.30 88.60
N VAL A 230 41.19 32.29 88.72
CA VAL A 230 42.55 32.40 88.21
C VAL A 230 42.63 31.51 86.97
N PHE A 231 43.50 31.85 86.02
CA PHE A 231 43.64 31.15 84.74
C PHE A 231 45.05 30.57 84.61
N LEU A 232 45.15 29.31 84.15
CA LEU A 232 46.45 28.65 84.01
C LEU A 232 46.56 27.93 82.68
N SER A 233 47.56 28.33 81.87
CA SER A 233 47.96 27.60 80.68
C SER A 233 48.83 26.41 81.10
N VAL A 234 48.97 25.44 80.18
CA VAL A 234 49.62 24.17 80.47
C VAL A 234 51.12 24.42 80.66
N GLN A 235 51.66 25.43 79.94
CA GLN A 235 53.08 25.72 79.98
C GLN A 235 53.47 26.32 81.34
N GLN A 236 52.50 26.96 82.00
CA GLN A 236 52.70 27.53 83.33
C GLN A 236 52.87 26.43 84.36
N VAL A 237 52.19 25.30 84.13
CA VAL A 237 52.09 24.20 85.08
C VAL A 237 53.05 23.06 84.70
N GLY A 238 53.31 22.92 83.41
CA GLY A 238 54.10 21.83 82.85
C GLY A 238 53.20 20.93 82.00
N SER A 239 52.69 19.87 82.66
CA SER A 239 51.60 19.09 82.10
C SER A 239 50.43 19.05 83.07
N LYS A 240 49.29 18.57 82.57
CA LYS A 240 48.07 18.52 83.36
C LYS A 240 48.20 17.50 84.49
N ASP A 241 49.21 16.62 84.39
CA ASP A 241 49.42 15.60 85.42
C ASP A 241 50.59 15.96 86.34
N SER A 242 51.18 17.14 86.11
CA SER A 242 52.30 17.63 86.91
C SER A 242 51.77 18.27 88.20
N PRO A 243 52.16 17.76 89.39
CA PRO A 243 51.76 18.36 90.67
C PRO A 243 52.30 19.78 90.84
N VAL A 244 51.43 20.67 91.32
CA VAL A 244 51.75 22.05 91.63
C VAL A 244 51.59 22.25 93.14
N ILE A 245 52.06 23.40 93.65
CA ILE A 245 51.86 23.75 95.04
C ILE A 245 50.77 24.82 95.13
N ILE A 246 49.83 24.61 96.04
CA ILE A 246 48.85 25.64 96.37
C ILE A 246 49.01 26.03 97.84
N GLU A 247 49.44 27.29 98.06
CA GLU A 247 49.62 27.83 99.39
C GLU A 247 48.53 28.86 99.66
N CYS A 248 47.85 28.69 100.80
CA CYS A 248 46.95 29.69 101.34
C CYS A 248 47.73 30.50 102.39
N SER A 249 47.65 31.83 102.28
CA SER A 249 48.43 32.72 103.12
C SER A 249 47.56 33.84 103.67
N ASP A 250 47.98 34.35 104.83
CA ASP A 250 47.33 35.46 105.51
C ASP A 250 48.11 36.73 105.20
N PHE A 251 47.42 37.73 104.66
CA PHE A 251 48.04 38.95 104.17
C PHE A 251 48.39 39.89 105.33
N ASN A 252 49.58 40.48 105.24
CA ASN A 252 50.09 41.46 106.20
C ASN A 252 50.71 42.61 105.41
N SER A 253 50.20 43.83 105.65
CA SER A 253 50.62 45.00 104.88
C SER A 253 52.14 45.21 104.97
N ASN A 254 52.73 44.74 106.07
CA ASN A 254 54.15 44.86 106.32
C ASN A 254 54.94 43.98 105.33
N GLY A 255 54.22 43.19 104.52
CA GLY A 255 54.86 42.45 103.43
C GLY A 255 55.24 41.02 103.80
N LYS A 256 55.27 40.70 105.10
CA LYS A 256 55.59 39.33 105.53
C LYS A 256 54.31 38.58 105.85
N HIS A 257 53.86 37.76 104.88
CA HIS A 257 52.61 37.03 104.99
C HIS A 257 52.86 35.66 105.60
N SER A 258 51.88 35.17 106.37
CA SER A 258 52.03 33.93 107.12
C SER A 258 51.23 32.82 106.46
N LEU A 259 51.88 31.67 106.28
CA LEU A 259 51.31 30.49 105.66
C LEU A 259 50.18 29.96 106.54
N ILE A 260 49.02 29.68 105.93
CA ILE A 260 47.85 29.16 106.59
C ILE A 260 47.80 27.64 106.36
N GLY A 261 48.07 27.25 105.11
CA GLY A 261 48.07 25.86 104.71
C GLY A 261 48.58 25.69 103.28
N LYS A 262 48.79 24.43 102.90
CA LYS A 262 49.43 24.10 101.65
C LYS A 262 48.98 22.70 101.25
N VAL A 263 48.67 22.53 99.96
CA VAL A 263 48.43 21.21 99.39
C VAL A 263 49.24 21.11 98.10
N GLN A 264 49.47 19.87 97.68
CA GLN A 264 50.22 19.58 96.47
C GLN A 264 49.42 18.59 95.63
N LYS A 265 49.01 19.04 94.43
CA LYS A 265 48.09 18.31 93.58
C LYS A 265 48.32 18.76 92.14
N SER A 266 48.04 17.87 91.18
CA SER A 266 48.11 18.22 89.76
C SER A 266 46.83 18.90 89.31
N LEU A 267 46.87 19.51 88.12
CA LEU A 267 45.71 20.19 87.57
C LEU A 267 44.64 19.17 87.21
N SER A 268 45.07 17.92 86.98
CA SER A 268 44.17 16.81 86.73
C SER A 268 43.46 16.42 88.01
N ASP A 269 44.24 16.31 89.09
CA ASP A 269 43.76 16.01 90.43
C ASP A 269 42.67 17.01 90.84
N LEU A 270 42.84 18.28 90.48
CA LEU A 270 41.90 19.32 90.87
C LEU A 270 40.57 19.09 90.15
N GLU A 271 40.66 18.64 88.89
CA GLU A 271 39.49 18.44 88.06
C GLU A 271 38.62 17.34 88.66
N LYS A 272 39.27 16.27 89.13
CA LYS A 272 38.57 15.16 89.75
C LYS A 272 37.87 15.63 91.01
N LEU A 273 38.57 16.44 91.83
CA LEU A 273 37.95 17.06 93.00
C LEU A 273 36.74 17.88 92.59
N HIS A 274 36.88 18.71 91.55
CA HIS A 274 35.77 19.54 91.11
C HIS A 274 34.56 18.68 90.82
N LEU A 275 34.76 17.62 90.03
CA LEU A 275 33.65 16.84 89.50
C LEU A 275 32.94 16.13 90.67
N ALA A 276 33.76 15.59 91.59
CA ALA A 276 33.29 14.81 92.72
C ALA A 276 32.61 15.70 93.76
N GLY A 277 32.98 16.98 93.81
CA GLY A 277 32.48 17.92 94.80
C GLY A 277 33.24 17.79 96.12
N GLN A 278 34.33 17.02 96.11
CA GLN A 278 35.14 16.77 97.28
C GLN A 278 36.20 17.85 97.46
N GLY A 279 36.46 18.20 98.73
CA GLY A 279 37.56 19.06 99.13
C GLY A 279 38.75 18.22 99.62
N ILE A 280 39.88 18.88 99.85
CA ILE A 280 41.08 18.22 100.31
C ILE A 280 41.64 19.04 101.46
N ASN A 281 42.07 18.35 102.53
CA ASN A 281 42.62 19.01 103.71
C ASN A 281 43.98 19.62 103.40
N PHE A 282 44.22 20.81 103.95
CA PHE A 282 45.50 21.51 103.89
C PHE A 282 46.46 20.91 104.91
N SER A 283 47.76 21.23 104.75
CA SER A 283 48.82 20.80 105.65
C SER A 283 49.76 21.96 105.96
N LEU A 284 50.34 21.97 107.17
CA LEU A 284 51.47 22.83 107.52
C LEU A 284 52.71 21.96 107.73
N PRO A 285 53.94 22.42 107.41
CA PRO A 285 55.15 21.74 107.88
C PRO A 285 55.35 21.90 109.39
N THR A 286 55.87 20.85 110.03
CA THR A 286 56.26 20.93 111.43
C THR A 286 57.70 20.51 111.66
N GLY A 287 57.94 19.20 111.66
CA GLY A 287 59.29 18.64 111.79
C GLY A 287 60.02 18.58 110.44
N ALA A 288 61.30 18.95 110.43
CA ALA A 288 62.06 19.11 109.21
C ALA A 288 61.95 17.85 108.35
N GLY A 289 60.69 17.47 108.06
CA GLY A 289 60.40 16.26 107.31
C GLY A 289 59.07 15.64 107.72
N GLN A 290 58.27 16.36 108.52
CA GLN A 290 56.91 15.88 108.78
C GLN A 290 55.90 17.01 108.59
N ASN A 291 54.64 16.63 108.35
CA ASN A 291 53.57 17.58 108.06
C ASN A 291 52.36 17.30 108.96
N LYS A 292 51.52 18.31 109.13
CA LYS A 292 50.34 18.23 109.98
C LYS A 292 49.10 18.56 109.16
N VAL A 293 48.12 17.63 109.11
CA VAL A 293 46.89 17.82 108.38
C VAL A 293 45.94 18.72 109.20
N LEU A 294 45.47 19.81 108.57
CA LEU A 294 44.59 20.78 109.19
C LEU A 294 43.13 20.39 109.00
N LYS A 295 42.25 21.01 109.79
CA LYS A 295 40.80 20.89 109.62
C LYS A 295 40.37 21.64 108.36
N SER A 296 41.08 22.71 108.01
CA SER A 296 40.78 23.55 106.85
C SER A 296 40.91 22.75 105.55
N GLN A 297 40.06 23.11 104.58
CA GLN A 297 39.96 22.36 103.34
C GLN A 297 39.94 23.31 102.14
N LEU A 298 40.35 22.75 100.99
CA LEU A 298 40.33 23.43 99.71
C LEU A 298 39.28 22.78 98.82
N PHE A 299 38.70 23.59 97.93
CA PHE A 299 37.64 23.14 97.06
C PHE A 299 37.85 23.79 95.70
N VAL A 300 37.35 23.12 94.67
CA VAL A 300 37.42 23.65 93.32
C VAL A 300 36.00 23.83 92.81
N ASP A 301 35.42 25.00 93.05
CA ASP A 301 34.03 25.29 92.69
C ASP A 301 33.82 25.27 91.18
N LYS A 302 34.81 25.76 90.42
CA LYS A 302 34.72 25.80 88.96
C LYS A 302 36.08 25.43 88.38
N PHE A 303 36.08 24.90 87.14
CA PHE A 303 37.27 24.38 86.50
C PHE A 303 36.95 24.06 85.04
N THR A 304 37.31 24.98 84.15
CA THR A 304 36.87 24.91 82.76
C THR A 304 38.07 25.15 81.86
N GLU A 305 38.43 24.14 81.06
CA GLU A 305 39.40 24.34 80.00
C GLU A 305 38.72 25.07 78.86
N THR A 306 39.32 26.20 78.46
CA THR A 306 38.78 27.08 77.43
C THR A 306 39.84 27.30 76.35
N VAL A 307 39.36 27.57 75.14
CA VAL A 307 40.20 28.05 74.06
C VAL A 307 40.23 29.57 74.14
N HIS A 308 41.41 30.08 74.49
CA HIS A 308 41.67 31.51 74.62
C HIS A 308 41.84 32.10 73.23
N HIS A 309 41.25 33.29 73.02
CA HIS A 309 41.44 33.98 71.76
C HIS A 309 42.87 34.49 71.73
N THR A 310 43.68 33.96 70.81
CA THR A 310 45.11 34.22 70.83
C THR A 310 45.47 35.30 69.80
N PHE A 311 46.69 35.80 69.91
CA PHE A 311 47.22 36.71 68.90
C PHE A 311 46.86 36.17 67.51
N LEU A 312 47.26 34.94 67.19
CA LEU A 312 47.04 34.37 65.87
C LEU A 312 45.55 34.36 65.50
N GLU A 313 44.66 34.22 66.48
CA GLU A 313 43.22 34.27 66.21
C GLU A 313 42.91 35.65 65.62
N TYR A 314 43.46 36.70 66.22
CA TYR A 314 43.21 38.06 65.76
C TYR A 314 43.79 38.32 64.37
N LEU A 315 45.01 37.81 64.11
CA LEU A 315 45.64 38.01 62.80
C LEU A 315 44.78 37.38 61.70
N ALA A 316 44.17 36.23 62.01
CA ALA A 316 43.35 35.50 61.06
C ALA A 316 41.98 36.18 60.88
N SER A 317 41.68 37.16 61.74
CA SER A 317 40.44 37.93 61.65
C SER A 317 40.69 39.28 60.99
N GLY A 318 41.82 39.38 60.28
CA GLY A 318 42.16 40.57 59.50
C GLY A 318 42.59 41.77 60.34
N PHE A 319 43.32 41.55 61.44
CA PHE A 319 43.90 42.61 62.22
C PHE A 319 45.37 42.76 61.86
N GLU A 320 45.86 44.00 61.79
CA GLU A 320 47.19 44.25 61.31
C GLU A 320 48.02 44.97 62.35
N LEU A 321 49.34 44.86 62.23
CA LEU A 321 50.27 45.65 63.00
C LEU A 321 50.94 46.63 62.05
N ASN A 322 50.69 47.93 62.28
CA ASN A 322 51.18 48.95 61.39
C ASN A 322 52.36 49.67 62.04
N PHE A 323 53.53 49.53 61.40
CA PHE A 323 54.80 50.06 61.89
C PHE A 323 54.89 51.55 61.59
N MET A 324 55.36 52.32 62.57
CA MET A 324 55.63 53.75 62.45
C MET A 324 57.06 53.96 62.97
N VAL A 325 57.69 55.05 62.52
CA VAL A 325 59.05 55.33 62.95
C VAL A 325 59.20 56.83 63.20
N ALA A 326 60.01 57.16 64.22
CA ALA A 326 60.38 58.54 64.49
C ALA A 326 61.86 58.56 64.89
N ILE A 327 62.60 59.49 64.31
CA ILE A 327 64.06 59.49 64.33
C ILE A 327 64.57 60.83 64.84
N ASP A 328 65.36 60.77 65.93
CA ASP A 328 66.05 61.93 66.49
C ASP A 328 66.99 62.50 65.44
N PHE A 329 66.74 63.76 65.06
CA PHE A 329 67.61 64.53 64.19
C PHE A 329 68.26 65.69 64.96
N THR A 330 68.41 65.52 66.28
CA THR A 330 69.08 66.53 67.10
C THR A 330 70.57 66.48 66.79
N ALA A 331 71.21 67.66 66.89
CA ALA A 331 72.62 67.81 66.66
C ALA A 331 73.43 66.96 67.65
N SER A 332 72.80 66.59 68.78
CA SER A 332 73.39 65.62 69.69
C SER A 332 74.28 64.65 68.90
N ASN A 333 73.84 64.33 67.66
CA ASN A 333 74.26 63.18 66.85
C ASN A 333 75.56 63.45 66.09
N GLY A 334 75.82 64.71 65.76
CA GLY A 334 76.99 65.06 64.98
C GLY A 334 76.65 65.10 63.49
N ASN A 335 77.36 65.96 62.75
CA ASN A 335 77.06 66.14 61.34
C ASN A 335 77.11 64.81 60.59
N PRO A 336 76.03 64.49 59.84
CA PRO A 336 76.01 63.32 58.97
C PRO A 336 77.26 63.10 58.11
N ARG A 337 78.01 64.15 57.84
CA ARG A 337 79.09 64.05 56.87
C ARG A 337 80.37 63.65 57.60
N LEU A 338 80.28 63.40 58.91
CA LEU A 338 81.41 63.06 59.76
C LEU A 338 81.39 61.57 60.03
N PRO A 339 82.51 60.86 59.75
CA PRO A 339 82.62 59.43 60.01
C PRO A 339 82.14 58.95 61.38
N ASP A 340 82.27 59.81 62.40
CA ASP A 340 81.91 59.39 63.75
C ASP A 340 80.56 59.99 64.16
N SER A 341 79.81 60.52 63.18
CA SER A 341 78.44 60.89 63.47
C SER A 341 77.58 59.63 63.58
N LEU A 342 76.64 59.65 64.52
CA LEU A 342 75.70 58.54 64.67
C LEU A 342 74.82 58.44 63.42
N HIS A 343 74.82 59.46 62.54
CA HIS A 343 73.97 59.42 61.36
C HIS A 343 74.80 59.19 60.10
N TYR A 344 76.09 58.90 60.30
CA TYR A 344 77.00 58.75 59.18
C TYR A 344 76.48 57.66 58.24
N ILE A 345 76.34 58.00 56.96
CA ILE A 345 75.91 57.06 55.93
C ILE A 345 77.16 56.50 55.24
N ASP A 346 77.61 55.32 55.69
CA ASP A 346 78.87 54.75 55.23
C ASP A 346 78.81 54.51 53.74
N PRO A 347 79.82 54.92 52.94
CA PRO A 347 79.81 54.67 51.49
C PRO A 347 79.85 53.17 51.18
N SER A 348 80.46 52.40 52.10
CA SER A 348 80.59 50.96 51.97
C SER A 348 79.23 50.27 52.12
N GLY A 349 78.23 50.99 52.62
CA GLY A 349 76.88 50.49 52.76
C GLY A 349 76.59 49.90 54.14
N ARG A 350 77.56 50.00 55.08
CA ARG A 350 77.36 49.59 56.45
C ARG A 350 76.30 50.46 57.13
N LEU A 351 75.33 49.82 57.77
CA LEU A 351 74.23 50.51 58.44
C LEU A 351 74.71 51.15 59.74
N ASN A 352 74.25 52.38 60.01
CA ASN A 352 74.49 53.00 61.30
C ASN A 352 73.44 52.50 62.28
N ALA A 353 73.50 52.99 63.53
CA ALA A 353 72.62 52.48 64.58
C ALA A 353 71.16 52.77 64.24
N TYR A 354 70.89 53.92 63.60
CA TYR A 354 69.49 54.20 63.30
C TYR A 354 69.00 53.25 62.21
N GLN A 355 69.87 52.96 61.25
CA GLN A 355 69.54 51.99 60.21
C GLN A 355 69.40 50.57 60.78
N ARG A 356 70.31 50.17 61.67
CA ARG A 356 70.24 48.86 62.29
C ARG A 356 68.92 48.69 63.02
N ALA A 357 68.56 49.66 63.88
CA ALA A 357 67.36 49.52 64.68
C ALA A 357 66.13 49.52 63.76
N ILE A 358 66.13 50.35 62.72
CA ILE A 358 64.99 50.35 61.83
C ILE A 358 64.83 48.97 61.20
N MET A 359 65.91 48.38 60.68
CA MET A 359 65.84 47.07 60.05
C MET A 359 65.47 46.00 61.07
N ASP A 360 66.22 45.91 62.17
CA ASP A 360 65.94 44.93 63.20
C ASP A 360 64.45 44.85 63.52
N VAL A 361 63.75 46.00 63.51
CA VAL A 361 62.36 46.03 63.91
C VAL A 361 61.46 45.90 62.68
N GLY A 362 61.66 46.78 61.69
CA GLY A 362 60.83 46.78 60.49
C GLY A 362 60.80 45.42 59.79
N GLU A 363 61.97 44.78 59.69
CA GLU A 363 62.13 43.53 58.96
C GLU A 363 61.11 42.50 59.44
N VAL A 364 60.70 42.63 60.70
CA VAL A 364 59.77 41.71 61.32
C VAL A 364 58.34 42.22 61.18
N LEU A 365 58.12 43.51 61.49
CA LEU A 365 56.77 44.03 61.59
C LEU A 365 56.17 44.27 60.21
N GLN A 366 57.01 44.20 59.18
CA GLN A 366 56.55 44.57 57.85
C GLN A 366 55.59 43.50 57.34
N PHE A 367 55.68 42.29 57.93
CA PHE A 367 54.89 41.17 57.46
C PHE A 367 53.47 41.22 58.00
N TYR A 368 53.19 42.15 58.92
CA TYR A 368 51.92 42.14 59.64
C TYR A 368 51.04 43.30 59.17
N ASP A 369 51.53 44.08 58.18
CA ASP A 369 50.76 45.12 57.51
C ASP A 369 50.73 44.82 56.03
N SER A 370 49.55 44.94 55.41
CA SER A 370 49.35 44.54 54.02
C SER A 370 49.64 45.66 53.03
N ASP A 371 49.42 46.92 53.43
CA ASP A 371 49.64 48.07 52.54
C ASP A 371 51.09 48.51 52.59
N LYS A 372 51.76 48.24 53.72
CA LYS A 372 53.15 48.63 53.91
C LYS A 372 53.33 50.14 53.74
N ARG A 373 52.27 50.90 54.01
CA ARG A 373 52.38 52.34 54.11
C ARG A 373 52.64 52.71 55.57
N PHE A 374 53.90 53.10 55.87
CA PHE A 374 54.40 53.29 57.21
C PHE A 374 54.71 54.77 57.43
N PRO A 375 54.02 55.43 58.40
CA PRO A 375 54.34 56.80 58.79
C PRO A 375 55.78 56.91 59.29
N ALA A 376 56.50 57.92 58.80
CA ALA A 376 57.89 58.13 59.14
C ALA A 376 58.08 59.61 59.47
N TRP A 377 58.57 59.86 60.68
CA TRP A 377 58.83 61.20 61.15
C TRP A 377 60.29 61.36 61.57
N GLY A 378 60.72 62.62 61.57
CA GLY A 378 61.89 63.05 62.31
C GLY A 378 61.52 64.15 63.31
N PHE A 379 62.45 64.40 64.23
CA PHE A 379 62.23 65.40 65.25
C PHE A 379 63.55 66.05 65.65
N GLY A 380 63.49 67.36 65.94
CA GLY A 380 64.63 68.10 66.44
C GLY A 380 65.55 68.61 65.34
N ALA A 381 64.97 68.97 64.19
CA ALA A 381 65.76 69.53 63.10
C ALA A 381 65.07 70.76 62.51
N ARG A 382 65.88 71.57 61.82
CA ARG A 382 65.38 72.77 61.19
C ARG A 382 65.34 72.52 59.68
N PRO A 383 64.14 72.40 59.07
CA PRO A 383 64.04 72.22 57.62
C PRO A 383 64.42 73.54 56.97
N ILE A 384 64.52 73.54 55.62
CA ILE A 384 65.00 74.71 54.90
C ILE A 384 64.13 75.93 55.21
N ASP A 385 64.73 76.91 55.90
CA ASP A 385 64.18 78.26 56.00
C ASP A 385 63.18 78.34 57.14
N ALA A 386 62.72 77.19 57.64
CA ALA A 386 61.69 77.12 58.68
C ALA A 386 62.34 77.12 60.06
N PRO A 387 61.55 77.23 61.15
CA PRO A 387 62.07 76.97 62.50
C PRO A 387 62.12 75.47 62.79
N VAL A 388 62.77 75.10 63.91
CA VAL A 388 62.93 73.72 64.35
C VAL A 388 61.57 73.05 64.37
N SER A 389 61.49 71.85 63.76
CA SER A 389 60.29 71.01 63.82
C SER A 389 60.52 69.86 64.79
N HIS A 390 59.48 69.48 65.53
CA HIS A 390 59.61 68.35 66.44
C HIS A 390 58.74 67.19 65.96
N CYS A 391 58.33 67.29 64.68
CA CYS A 391 57.63 66.25 63.95
C CYS A 391 57.50 66.69 62.49
N PHE A 392 58.53 66.43 61.68
CA PHE A 392 58.42 66.67 60.24
C PHE A 392 58.43 65.33 59.52
N ASN A 393 57.69 65.26 58.39
CA ASN A 393 57.61 64.05 57.59
C ASN A 393 58.97 63.80 56.93
N LEU A 394 59.56 62.62 57.15
CA LEU A 394 60.87 62.27 56.60
C LEU A 394 60.83 62.35 55.07
N ASN A 395 59.66 62.07 54.47
CA ASN A 395 59.56 62.03 53.02
C ASN A 395 59.60 63.45 52.48
N GLY A 396 59.49 64.43 53.38
CA GLY A 396 59.71 65.83 53.05
C GLY A 396 58.48 66.53 52.46
N SER A 397 57.30 65.91 52.58
CA SER A 397 56.06 66.53 52.16
C SER A 397 55.47 67.30 53.32
N SER A 398 54.29 67.88 53.11
CA SER A 398 53.65 68.74 54.11
C SER A 398 52.36 68.10 54.58
N SER A 399 51.89 67.09 53.84
CA SER A 399 50.53 66.63 53.98
C SER A 399 50.44 65.23 54.56
N TYR A 400 51.49 64.40 54.43
CA TYR A 400 51.34 63.01 54.75
C TYR A 400 52.70 62.39 55.06
N SER A 401 52.71 61.34 55.89
CA SER A 401 53.94 60.85 56.48
C SER A 401 54.26 59.43 56.03
N GLU A 402 53.25 58.75 55.46
CA GLU A 402 53.36 57.39 54.97
C GLU A 402 54.46 57.31 53.91
N VAL A 403 55.27 56.23 53.92
CA VAL A 403 56.24 55.90 52.88
C VAL A 403 56.10 54.42 52.51
N ASP A 404 56.49 54.06 51.28
CA ASP A 404 56.31 52.69 50.80
C ASP A 404 57.42 51.80 51.32
N GLY A 405 57.08 50.91 52.26
CA GLY A 405 57.96 49.83 52.70
C GLY A 405 59.11 50.31 53.57
N ILE A 406 59.78 49.35 54.22
CA ILE A 406 61.03 49.62 54.93
C ILE A 406 61.97 50.39 53.99
N GLN A 407 62.14 49.92 52.75
CA GLN A 407 62.92 50.61 51.75
C GLN A 407 62.60 52.10 51.75
N GLY A 408 61.30 52.42 51.77
CA GLY A 408 60.81 53.79 51.78
C GLY A 408 61.29 54.56 53.01
N ILE A 409 61.30 53.89 54.17
CA ILE A 409 61.82 54.52 55.37
C ILE A 409 63.29 54.82 55.19
N MET A 410 64.05 53.84 54.68
CA MET A 410 65.49 54.00 54.61
C MET A 410 65.85 55.13 53.66
N THR A 411 65.16 55.24 52.52
CA THR A 411 65.55 56.28 51.59
C THR A 411 65.04 57.64 52.07
N SER A 412 63.84 57.69 52.68
CA SER A 412 63.36 58.93 53.27
C SER A 412 64.35 59.46 54.31
N TYR A 413 64.93 58.54 55.08
CA TYR A 413 65.92 58.89 56.09
C TYR A 413 67.16 59.52 55.46
N THR A 414 67.87 58.77 54.60
CA THR A 414 69.12 59.27 54.05
C THR A 414 68.84 60.57 53.30
N SER A 415 67.67 60.65 52.67
CA SER A 415 67.24 61.88 52.00
C SER A 415 67.13 63.04 52.99
N ALA A 416 66.34 62.90 54.07
CA ALA A 416 66.17 63.98 55.03
C ALA A 416 67.50 64.45 55.60
N LEU A 417 68.40 63.49 55.87
CA LEU A 417 69.67 63.77 56.54
C LEU A 417 70.39 64.91 55.83
N PHE A 418 70.31 64.98 54.50
CA PHE A 418 71.09 65.98 53.80
C PHE A 418 70.22 67.15 53.33
N ASN A 419 69.00 67.24 53.86
CA ASN A 419 68.10 68.30 53.44
C ASN A 419 67.52 69.05 54.64
N VAL A 420 68.13 68.92 55.82
CA VAL A 420 67.72 69.65 57.02
C VAL A 420 68.90 69.84 57.95
N SER A 421 68.75 70.74 58.93
CA SER A 421 69.82 71.10 59.84
C SER A 421 69.57 70.48 61.21
N LEU A 422 70.42 69.51 61.59
CA LEU A 422 70.35 68.92 62.91
C LEU A 422 70.29 70.07 63.92
N ALA A 423 69.27 70.06 64.79
CA ALA A 423 69.11 71.14 65.75
C ALA A 423 68.91 70.58 67.15
N GLY A 424 67.76 70.93 67.75
CA GLY A 424 67.50 70.58 69.14
C GLY A 424 66.38 71.44 69.73
N PRO A 425 65.93 71.16 70.98
CA PRO A 425 66.41 70.01 71.75
C PRO A 425 65.60 68.72 71.54
N THR A 426 65.90 67.66 72.31
CA THR A 426 65.34 66.33 72.08
C THR A 426 63.93 66.30 72.72
N LEU A 427 62.85 66.30 71.91
CA LEU A 427 61.47 66.20 72.42
C LEU A 427 60.68 65.04 71.79
N PHE A 428 59.86 64.36 72.60
CA PHE A 428 59.08 63.20 72.16
C PHE A 428 57.59 63.52 72.11
N GLY A 429 57.16 64.55 72.86
CA GLY A 429 55.76 64.91 72.94
C GLY A 429 55.10 64.94 71.58
N PRO A 430 55.48 65.88 70.69
CA PRO A 430 54.87 66.00 69.35
C PRO A 430 54.75 64.72 68.51
N VAL A 431 55.80 63.89 68.45
CA VAL A 431 55.68 62.67 67.65
C VAL A 431 54.63 61.74 68.26
N ILE A 432 54.67 61.58 69.58
CA ILE A 432 53.71 60.70 70.23
C ILE A 432 52.29 61.16 69.96
N ASN A 433 52.03 62.48 69.97
CA ASN A 433 50.72 62.99 69.63
C ASN A 433 50.36 62.70 68.17
N ALA A 434 51.32 62.91 67.27
CA ALA A 434 51.12 62.62 65.84
C ALA A 434 50.70 61.17 65.64
N ALA A 435 51.39 60.25 66.35
CA ALA A 435 51.09 58.83 66.25
C ALA A 435 49.68 58.59 66.78
N ALA A 436 49.42 59.10 67.99
CA ALA A 436 48.12 58.99 68.64
C ALA A 436 47.01 59.51 67.72
N MET A 437 47.24 60.66 67.08
CA MET A 437 46.23 61.20 66.19
C MET A 437 45.85 60.16 65.13
N ILE A 438 46.83 59.39 64.64
CA ILE A 438 46.59 58.41 63.59
C ILE A 438 45.88 57.18 64.18
N ALA A 439 46.35 56.71 65.35
CA ALA A 439 45.74 55.58 66.03
C ALA A 439 44.25 55.87 66.20
N SER A 440 43.98 56.96 66.92
CA SER A 440 42.65 57.46 67.22
C SER A 440 41.78 57.49 65.97
N ALA A 441 42.29 58.13 64.90
CA ALA A 441 41.52 58.26 63.66
C ALA A 441 41.15 56.87 63.13
N SER A 442 42.07 55.91 63.28
CA SER A 442 41.85 54.55 62.81
C SER A 442 40.75 53.87 63.64
N LEU A 443 40.78 54.09 64.96
CA LEU A 443 39.79 53.56 65.89
C LEU A 443 38.39 54.06 65.53
N ALA A 444 38.25 55.38 65.32
CA ALA A 444 36.96 56.01 65.06
C ALA A 444 36.36 55.49 63.75
N GLN A 445 37.21 55.19 62.75
CA GLN A 445 36.79 54.69 61.45
C GLN A 445 36.61 53.18 61.49
N GLY A 446 36.53 52.62 62.71
CA GLY A 446 36.32 51.19 62.94
C GLY A 446 37.30 50.33 62.14
N SER A 447 38.55 50.77 62.03
CA SER A 447 39.60 50.00 61.40
C SER A 447 40.11 48.94 62.39
N ARG A 448 40.87 47.97 61.88
CA ARG A 448 41.39 46.91 62.72
C ARG A 448 42.92 46.96 62.67
N LYS A 449 43.45 48.18 62.79
CA LYS A 449 44.89 48.37 62.82
C LYS A 449 45.33 48.63 64.25
N TYR A 450 46.46 48.02 64.63
CA TYR A 450 47.15 48.36 65.86
C TYR A 450 48.54 48.79 65.45
N TYR A 451 49.01 49.92 66.04
CA TYR A 451 50.14 50.69 65.55
C TYR A 451 51.33 50.54 66.49
N VAL A 452 52.52 50.37 65.90
CA VAL A 452 53.74 50.21 66.67
C VAL A 452 54.71 51.29 66.25
N LEU A 453 55.01 52.21 67.15
CA LEU A 453 55.87 53.34 66.82
C LEU A 453 57.26 53.07 67.39
N LEU A 454 58.28 53.20 66.53
CA LEU A 454 59.63 53.02 67.00
C LEU A 454 60.30 54.40 67.00
N ILE A 455 60.78 54.80 68.19
CA ILE A 455 61.46 56.06 68.39
C ILE A 455 62.92 55.76 68.71
N ILE A 456 63.83 56.45 68.01
CA ILE A 456 65.25 56.20 68.14
C ILE A 456 65.89 57.52 68.51
N THR A 457 66.58 57.57 69.66
CA THR A 457 67.15 58.81 70.15
C THR A 457 68.56 58.55 70.68
N ASP A 458 69.33 59.63 70.78
CA ASP A 458 70.75 59.59 71.08
C ASP A 458 71.00 60.18 72.47
N GLY A 459 69.98 60.89 72.98
CA GLY A 459 70.01 61.51 74.29
C GLY A 459 68.66 61.42 75.00
N VAL A 460 68.55 62.12 76.14
CA VAL A 460 67.38 62.07 77.01
C VAL A 460 66.44 63.20 76.62
N ILE A 461 65.14 63.00 76.88
CA ILE A 461 64.14 63.95 76.43
C ILE A 461 64.13 65.17 77.36
N THR A 462 63.61 66.28 76.85
CA THR A 462 63.45 67.51 77.61
C THR A 462 62.06 67.58 78.23
N ASP A 463 61.04 67.11 77.49
CA ASP A 463 59.65 67.35 77.85
C ASP A 463 59.04 66.15 78.56
N LEU A 464 59.75 65.64 79.59
CA LEU A 464 59.39 64.39 80.24
C LEU A 464 57.94 64.40 80.70
N GLN A 465 57.45 65.55 81.16
CA GLN A 465 56.09 65.62 81.68
C GLN A 465 55.09 65.48 80.55
N GLU A 466 55.20 66.35 79.53
CA GLU A 466 54.23 66.37 78.44
C GLU A 466 54.27 65.05 77.65
N THR A 467 55.34 64.27 77.85
CA THR A 467 55.49 62.95 77.29
C THR A 467 54.59 61.97 78.05
N LYS A 468 54.76 61.90 79.39
CA LYS A 468 53.90 61.11 80.24
C LYS A 468 52.42 61.38 79.90
N ASP A 469 52.06 62.66 79.81
CA ASP A 469 50.68 63.06 79.56
C ASP A 469 50.22 62.51 78.22
N ALA A 470 51.12 62.54 77.21
CA ALA A 470 50.79 62.06 75.88
C ALA A 470 50.61 60.54 75.87
N LEU A 471 51.50 59.85 76.61
CA LEU A 471 51.51 58.39 76.71
C LEU A 471 50.24 57.91 77.39
N VAL A 472 49.99 58.44 78.61
CA VAL A 472 48.81 58.11 79.39
C VAL A 472 47.58 58.21 78.49
N SER A 473 47.47 59.33 77.75
CA SER A 473 46.35 59.59 76.87
C SER A 473 46.30 58.57 75.73
N ALA A 474 47.48 58.12 75.29
CA ALA A 474 47.61 57.20 74.17
C ALA A 474 47.23 55.78 74.58
N SER A 475 47.42 55.46 75.86
CA SER A 475 47.23 54.12 76.39
C SER A 475 45.85 53.54 76.06
N ASP A 476 44.89 54.38 75.67
CA ASP A 476 43.55 53.95 75.35
C ASP A 476 43.40 53.67 73.86
N LEU A 477 44.44 53.98 73.09
CA LEU A 477 44.39 53.85 71.64
C LEU A 477 45.20 52.64 71.19
N PRO A 478 44.94 52.12 69.97
CA PRO A 478 45.65 50.94 69.44
C PRO A 478 47.08 51.28 69.06
N LEU A 479 47.98 51.30 70.04
CA LEU A 479 49.31 51.85 69.83
C LEU A 479 50.26 51.35 70.91
N SER A 480 51.34 50.72 70.44
CA SER A 480 52.49 50.37 71.26
C SER A 480 53.65 51.26 70.84
N ILE A 481 54.60 51.46 71.75
CA ILE A 481 55.75 52.33 71.47
C ILE A 481 57.01 51.63 71.92
N LEU A 482 58.03 51.67 71.04
CA LEU A 482 59.35 51.19 71.40
C LEU A 482 60.32 52.34 71.22
N ILE A 483 61.10 52.59 72.27
CA ILE A 483 62.15 53.59 72.26
C ILE A 483 63.50 52.87 72.32
N VAL A 484 64.41 53.31 71.47
CA VAL A 484 65.74 52.71 71.41
C VAL A 484 66.73 53.84 71.50
N GLY A 485 67.65 53.75 72.49
CA GLY A 485 68.73 54.70 72.61
C GLY A 485 69.97 54.25 71.85
N VAL A 486 70.65 55.19 71.20
CA VAL A 486 71.83 54.87 70.41
C VAL A 486 72.97 55.74 70.92
N GLY A 487 74.20 55.24 70.72
CA GLY A 487 75.40 55.87 71.24
C GLY A 487 75.55 55.60 72.74
N GLY A 488 76.48 56.32 73.37
CA GLY A 488 76.88 55.97 74.73
C GLY A 488 76.27 56.87 75.81
N ALA A 489 75.24 57.64 75.45
CA ALA A 489 74.66 58.59 76.40
C ALA A 489 74.09 57.86 77.61
N ASP A 490 73.85 58.59 78.70
CA ASP A 490 73.32 57.98 79.91
C ASP A 490 71.80 58.04 79.90
N PHE A 491 71.17 56.87 79.77
CA PHE A 491 69.75 56.77 79.53
C PHE A 491 68.98 56.43 80.82
N LYS A 492 69.59 56.71 81.97
CA LYS A 492 69.02 56.38 83.26
C LYS A 492 67.62 56.97 83.38
N GLU A 493 67.43 58.21 82.90
CA GLU A 493 66.19 58.94 83.08
C GLU A 493 65.05 58.34 82.23
N MET A 494 65.42 57.42 81.33
CA MET A 494 64.47 56.88 80.36
C MET A 494 63.72 55.70 80.97
N GLU A 495 64.33 55.09 81.99
CA GLU A 495 63.90 53.78 82.46
C GLU A 495 62.62 53.91 83.30
N ILE A 496 62.23 55.15 83.61
CA ILE A 496 60.98 55.37 84.32
C ILE A 496 59.81 55.18 83.35
N LEU A 497 60.12 55.12 82.05
CA LEU A 497 59.12 54.97 81.02
C LEU A 497 58.86 53.49 80.68
N ASP A 498 59.87 52.63 80.90
CA ASP A 498 59.81 51.22 80.51
C ASP A 498 58.69 50.52 81.28
N ALA A 499 57.96 49.63 80.59
CA ALA A 499 56.89 48.84 81.17
C ALA A 499 57.46 47.94 82.27
N ASP A 500 58.58 47.29 81.94
CA ASP A 500 59.21 46.33 82.84
C ASP A 500 59.89 47.06 84.01
N LYS A 501 60.89 47.89 83.68
CA LYS A 501 61.76 48.49 84.69
C LYS A 501 61.04 49.62 85.44
N GLY A 502 60.13 50.32 84.76
CA GLY A 502 59.53 51.52 85.31
C GLY A 502 58.38 51.24 86.25
N GLU A 503 57.46 52.21 86.33
CA GLU A 503 56.26 52.14 87.16
C GLU A 503 55.09 52.68 86.33
N ARG A 504 53.88 52.25 86.72
CA ARG A 504 52.64 52.66 86.08
C ARG A 504 52.59 54.18 85.99
N LEU A 505 52.30 54.71 84.80
CA LEU A 505 52.50 56.11 84.51
C LEU A 505 51.34 56.95 85.05
N GLU A 506 51.70 58.13 85.58
CA GLU A 506 50.71 59.07 86.04
C GLU A 506 50.80 60.34 85.21
N SER A 507 49.66 60.69 84.59
CA SER A 507 49.39 61.99 83.99
C SER A 507 49.66 63.08 85.03
N SER A 508 49.88 64.32 84.56
CA SER A 508 49.98 65.46 85.46
C SER A 508 48.62 65.74 86.09
N SER A 509 47.56 65.60 85.28
CA SER A 509 46.19 65.81 85.73
C SER A 509 45.74 64.70 86.69
N GLY A 510 46.66 63.78 87.02
CA GLY A 510 46.40 62.76 88.02
C GLY A 510 46.00 61.40 87.46
N ARG A 511 45.52 61.38 86.20
CA ARG A 511 44.99 60.18 85.54
C ARG A 511 46.08 59.13 85.32
N LEU A 512 45.67 57.86 85.26
CA LEU A 512 46.60 56.75 85.19
C LEU A 512 46.49 56.06 83.84
N ALA A 513 47.57 55.39 83.42
CA ALA A 513 47.62 54.69 82.15
C ALA A 513 46.76 53.44 82.24
N SER A 514 45.91 53.22 81.23
CA SER A 514 45.09 52.03 81.14
C SER A 514 45.98 50.78 81.09
N ARG A 515 47.17 50.88 80.46
CA ARG A 515 48.06 49.74 80.30
C ARG A 515 49.46 50.22 79.95
N ASP A 516 50.45 49.31 80.09
CA ASP A 516 51.82 49.59 79.64
C ASP A 516 51.87 49.59 78.11
N ILE A 517 52.38 50.67 77.52
CA ILE A 517 52.50 50.75 76.06
C ILE A 517 53.94 51.14 75.67
N VAL A 518 54.79 51.43 76.65
CA VAL A 518 56.16 51.83 76.35
C VAL A 518 57.12 50.74 76.79
N GLN A 519 58.22 50.62 76.01
CA GLN A 519 59.39 49.87 76.38
C GLN A 519 60.61 50.67 75.96
N PHE A 520 61.71 50.53 76.71
CA PHE A 520 62.93 51.20 76.31
C PHE A 520 64.10 50.23 76.40
N VAL A 521 65.06 50.38 75.50
CA VAL A 521 66.31 49.65 75.63
C VAL A 521 67.40 50.46 74.93
N ALA A 522 68.65 50.24 75.35
CA ALA A 522 69.80 50.91 74.78
C ALA A 522 70.49 49.94 73.83
N LEU A 523 70.60 50.30 72.55
CA LEU A 523 71.08 49.38 71.52
C LEU A 523 72.57 49.10 71.73
N ARG A 524 73.04 49.03 72.99
CA ARG A 524 74.46 49.13 73.30
C ARG A 524 75.34 48.79 72.09
N SER A 532 69.55 39.73 69.02
CA SER A 532 69.51 41.21 69.14
C SER A 532 68.77 41.58 70.43
N VAL A 533 68.96 42.83 70.87
CA VAL A 533 68.39 43.35 72.10
C VAL A 533 67.00 43.90 71.77
N VAL A 534 66.72 43.99 70.47
CA VAL A 534 65.46 44.44 69.91
C VAL A 534 64.45 43.30 70.01
N GLN A 535 64.87 42.10 69.63
CA GLN A 535 64.06 40.90 69.71
C GLN A 535 63.18 40.91 70.96
N ALA A 536 63.77 41.26 72.12
CA ALA A 536 63.04 41.16 73.38
C ALA A 536 61.95 42.23 73.45
N LEU A 537 62.19 43.37 72.80
CA LEU A 537 61.18 44.41 72.69
C LEU A 537 59.99 43.90 71.88
N LEU A 538 60.30 43.21 70.77
CA LEU A 538 59.27 42.71 69.88
C LEU A 538 58.44 41.63 70.55
N ALA A 539 59.06 40.92 71.50
CA ALA A 539 58.41 39.74 72.09
C ALA A 539 57.22 40.15 72.95
N GLU A 540 57.20 41.39 73.40
CA GLU A 540 56.19 41.88 74.34
C GLU A 540 54.96 42.41 73.62
N LEU A 541 55.07 42.64 72.30
CA LEU A 541 54.02 43.37 71.60
C LEU A 541 52.73 42.54 71.58
N PRO A 542 52.75 41.24 71.22
CA PRO A 542 51.51 40.46 71.23
C PRO A 542 50.73 40.67 72.52
N SER A 543 51.43 40.64 73.67
CA SER A 543 50.78 40.77 74.98
C SER A 543 50.08 42.12 75.08
N GLN A 544 50.83 43.20 74.78
CA GLN A 544 50.28 44.54 74.73
C GLN A 544 49.09 44.56 73.77
N PHE A 545 49.28 43.93 72.61
CA PHE A 545 48.24 43.93 71.60
C PHE A 545 46.94 43.40 72.19
N LEU A 546 47.04 42.30 72.95
CA LEU A 546 45.87 41.58 73.44
C LEU A 546 45.28 42.36 74.61
N THR A 547 46.17 42.89 75.47
CA THR A 547 45.73 43.74 76.55
C THR A 547 44.79 44.81 76.00
N TYR A 548 45.22 45.47 74.91
CA TYR A 548 44.37 46.52 74.38
C TYR A 548 43.00 45.96 74.04
N MET A 549 42.98 44.85 73.28
CA MET A 549 41.75 44.24 72.78
C MET A 549 40.82 43.81 73.92
N ARG A 550 41.41 43.33 75.04
CA ARG A 550 40.61 42.99 76.20
C ARG A 550 39.95 44.27 76.75
N ILE A 551 40.79 45.24 77.11
CA ILE A 551 40.40 46.48 77.76
C ILE A 551 39.41 47.28 76.91
N ARG A 552 39.61 47.33 75.58
CA ARG A 552 38.93 48.31 74.74
C ARG A 552 37.41 48.18 74.80
N ASN A 553 36.73 49.29 74.49
CA ASN A 553 35.34 49.51 74.90
C ASN A 553 34.65 50.49 73.95
N GLY B 1 30.65 18.59 29.56
CA GLY B 1 29.46 19.48 29.45
C GLY B 1 28.61 19.11 28.24
N LEU B 2 28.17 17.84 28.22
CA LEU B 2 27.49 17.15 27.13
C LEU B 2 28.49 16.59 26.13
N PHE B 3 29.08 15.45 26.51
CA PHE B 3 30.32 14.96 25.91
C PHE B 3 30.15 13.46 25.63
N SER B 4 30.39 13.05 24.38
CA SER B 4 30.56 11.65 24.05
C SER B 4 31.97 11.17 24.38
N GLN B 5 32.18 9.87 24.20
CA GLN B 5 33.39 9.22 24.63
C GLN B 5 33.92 8.35 23.50
N ILE B 6 35.24 8.38 23.34
CA ILE B 6 35.89 7.71 22.22
C ILE B 6 36.88 6.70 22.78
N GLU B 7 37.00 5.58 22.06
CA GLU B 7 37.90 4.50 22.42
C GLU B 7 38.97 4.47 21.35
N LEU B 8 40.18 4.97 21.68
CA LEU B 8 41.26 4.79 20.72
C LEU B 8 41.94 3.45 21.01
N SER B 9 42.28 2.73 19.94
CA SER B 9 43.02 1.49 20.02
C SER B 9 44.21 1.58 19.07
N PHE B 10 45.31 0.88 19.40
CA PHE B 10 46.58 1.26 18.81
C PHE B 10 47.31 0.05 18.25
N SER B 11 48.12 0.30 17.25
CA SER B 11 48.96 -0.72 16.65
C SER B 11 50.02 0.03 15.87
N ALA B 12 51.11 -0.66 15.56
CA ALA B 12 52.21 -0.04 14.85
C ALA B 12 52.83 -1.05 13.91
N SER B 13 53.57 -0.54 12.92
CA SER B 13 54.38 -1.35 12.03
C SER B 13 55.74 -0.70 11.86
N ASN B 14 56.75 -1.53 11.51
CA ASN B 14 58.04 -1.07 11.01
C ASN B 14 58.78 -0.25 12.06
N LEU B 15 58.67 -0.65 13.33
CA LEU B 15 59.52 -0.03 14.35
C LEU B 15 60.95 -0.53 14.09
N ARG B 16 61.90 0.38 13.94
CA ARG B 16 63.14 0.14 13.19
C ARG B 16 63.80 -1.18 13.55
N ASP B 17 64.12 -2.00 12.54
CA ASP B 17 64.76 -3.29 12.72
C ASP B 17 66.21 -3.12 13.21
N ARG B 18 66.62 -4.03 14.10
CA ARG B 18 68.02 -4.21 14.50
C ARG B 18 68.47 -5.65 14.19
N LYS B 23 63.60 -8.58 18.54
CA LYS B 23 63.53 -7.12 18.24
C LYS B 23 62.99 -6.35 19.43
N SER B 24 61.72 -5.87 19.45
CA SER B 24 61.31 -4.88 20.41
C SER B 24 60.16 -5.32 21.28
N ASP B 25 59.88 -4.50 22.29
CA ASP B 25 58.89 -4.73 23.34
C ASP B 25 58.10 -3.42 23.46
N PRO B 26 57.23 -3.10 22.49
CA PRO B 26 56.74 -1.75 22.29
C PRO B 26 55.63 -1.37 23.28
N MET B 27 55.53 -0.07 23.52
CA MET B 27 54.56 0.51 24.43
C MET B 27 54.25 1.90 23.90
N VAL B 28 52.96 2.21 23.78
CA VAL B 28 52.64 3.57 23.38
C VAL B 28 52.13 4.29 24.62
N VAL B 29 52.46 5.59 24.67
CA VAL B 29 52.18 6.48 25.77
C VAL B 29 51.61 7.75 25.15
N VAL B 30 50.53 8.27 25.75
CA VAL B 30 49.70 9.27 25.10
C VAL B 30 49.59 10.43 26.07
N TYR B 31 50.04 11.60 25.59
CA TYR B 31 50.00 12.82 26.36
C TYR B 31 48.97 13.77 25.76
N GLN B 32 48.50 14.68 26.62
CA GLN B 32 47.61 15.76 26.31
C GLN B 32 48.44 17.04 26.34
N LYS B 33 48.39 17.84 25.27
CA LYS B 33 49.14 19.08 25.21
C LYS B 33 48.30 20.22 25.82
N GLU B 34 48.81 20.79 26.91
CA GLU B 34 48.20 21.90 27.61
C GLU B 34 48.53 23.20 26.88
N LYS B 35 47.87 24.30 27.29
CA LYS B 35 48.05 25.60 26.67
C LYS B 35 49.50 26.06 26.82
N ASP B 36 50.07 25.77 28.00
CA ASP B 36 51.43 26.14 28.34
C ASP B 36 52.41 25.17 27.68
N ALA B 37 51.91 24.34 26.76
CA ALA B 37 52.72 23.46 25.93
C ALA B 37 53.31 22.29 26.73
N THR B 38 52.81 22.11 27.96
CA THR B 38 53.15 20.97 28.79
C THR B 38 52.46 19.73 28.25
N LEU B 39 53.03 18.55 28.55
CA LEU B 39 52.46 17.26 28.24
C LEU B 39 52.00 16.57 29.54
N SER B 40 50.74 16.12 29.51
CA SER B 40 50.14 15.36 30.61
C SER B 40 49.91 13.93 30.12
N GLU B 41 50.32 12.96 30.94
CA GLU B 41 50.16 11.60 30.51
C GLU B 41 48.72 11.19 30.83
N VAL B 42 48.01 10.62 29.85
CA VAL B 42 46.60 10.36 30.09
C VAL B 42 46.32 8.88 29.83
N PHE B 43 47.29 8.18 29.25
CA PHE B 43 47.13 6.78 28.98
C PHE B 43 48.48 6.21 28.61
N ARG B 44 48.57 4.88 28.69
CA ARG B 44 49.78 4.10 28.59
C ARG B 44 49.37 2.66 28.31
N SER B 45 49.73 2.17 27.11
CA SER B 45 49.40 0.81 26.71
C SER B 45 50.21 -0.18 27.53
N GLU B 46 49.75 -1.43 27.51
CA GLU B 46 50.52 -2.55 28.04
C GLU B 46 51.70 -2.79 27.11
N VAL B 47 52.65 -3.59 27.57
CA VAL B 47 53.86 -3.88 26.81
C VAL B 47 53.58 -5.10 25.96
N VAL B 48 53.75 -4.99 24.64
CA VAL B 48 53.70 -6.17 23.79
C VAL B 48 55.11 -6.73 23.72
N LEU B 49 55.25 -8.04 23.93
CA LEU B 49 56.57 -8.62 24.00
C LEU B 49 57.00 -9.16 22.64
N ASN B 50 58.19 -8.74 22.21
CA ASN B 50 58.89 -9.39 21.13
C ASN B 50 58.07 -9.25 19.85
N SER B 51 57.88 -8.02 19.39
CA SER B 51 57.08 -7.73 18.23
C SER B 51 57.57 -6.43 17.61
N LEU B 52 57.60 -6.41 16.27
CA LEU B 52 57.98 -5.23 15.52
C LEU B 52 56.73 -4.60 14.91
N ALA B 53 55.60 -5.36 15.00
CA ALA B 53 54.29 -4.92 14.55
C ALA B 53 53.27 -5.21 15.66
N PRO B 54 53.35 -4.48 16.78
CA PRO B 54 52.56 -4.81 17.96
C PRO B 54 51.15 -4.26 17.79
N LYS B 55 50.18 -4.96 18.40
CA LYS B 55 48.76 -4.68 18.25
C LYS B 55 48.20 -4.66 19.66
N TRP B 56 48.03 -3.46 20.25
CA TRP B 56 47.87 -3.36 21.68
C TRP B 56 46.44 -3.70 22.04
N ILE B 57 46.26 -4.42 23.16
CA ILE B 57 44.95 -4.84 23.62
C ILE B 57 44.26 -3.69 24.35
N LYS B 58 45.01 -2.98 25.21
CA LYS B 58 44.48 -1.97 26.11
C LYS B 58 44.01 -0.76 25.30
N LYS B 59 42.75 -0.34 25.53
CA LYS B 59 42.15 0.77 24.82
C LYS B 59 42.15 2.00 25.71
N PHE B 60 42.20 3.18 25.09
CA PHE B 60 42.20 4.46 25.79
C PHE B 60 40.88 5.16 25.53
N ILE B 61 40.13 5.37 26.62
CA ILE B 61 38.82 6.02 26.58
C ILE B 61 39.05 7.49 26.90
N VAL B 62 38.85 8.37 25.91
CA VAL B 62 39.01 9.81 26.13
C VAL B 62 37.70 10.50 25.78
N ALA B 63 37.36 11.51 26.58
CA ALA B 63 36.18 12.31 26.35
C ALA B 63 36.42 13.17 25.10
N TYR B 64 35.34 13.44 24.35
CA TYR B 64 35.42 14.29 23.18
C TYR B 64 34.73 15.61 23.48
N HIS B 65 35.46 16.69 23.25
CA HIS B 65 34.98 18.05 23.49
C HIS B 65 35.04 18.81 22.18
N PHE B 66 33.90 18.90 21.49
CA PHE B 66 33.83 19.51 20.17
C PHE B 66 34.40 20.92 20.20
N GLU B 67 34.20 21.62 21.32
CA GLU B 67 34.48 23.04 21.46
C GLU B 67 35.95 23.31 21.79
N THR B 68 36.78 22.28 21.92
CA THR B 68 38.19 22.58 22.11
C THR B 68 39.03 21.69 21.21
N VAL B 69 40.16 22.21 20.74
CA VAL B 69 41.14 21.37 20.05
C VAL B 69 41.80 20.48 21.10
N GLN B 70 41.74 19.16 20.92
CA GLN B 70 42.42 18.28 21.85
C GLN B 70 43.66 17.71 21.16
N THR B 71 44.77 18.44 21.28
CA THR B 71 46.06 17.99 20.76
C THR B 71 46.51 16.80 21.63
N LEU B 72 46.93 15.73 20.97
CA LEU B 72 47.45 14.55 21.64
C LEU B 72 48.83 14.23 21.07
N VAL B 73 49.73 13.74 21.92
CA VAL B 73 51.07 13.38 21.50
C VAL B 73 51.32 11.92 21.84
N PHE B 74 51.75 11.14 20.84
CA PHE B 74 51.95 9.72 21.02
C PHE B 74 53.44 9.44 21.04
N ARG B 75 53.86 8.55 21.94
CA ARG B 75 55.27 8.25 22.09
C ARG B 75 55.42 6.75 22.27
N VAL B 76 56.25 6.16 21.41
CA VAL B 76 56.41 4.73 21.43
C VAL B 76 57.78 4.42 22.03
N TYR B 77 57.84 3.44 22.90
CA TYR B 77 59.07 3.11 23.59
C TYR B 77 59.36 1.62 23.47
N ASP B 78 60.64 1.25 23.40
CA ASP B 78 61.04 -0.14 23.46
C ASP B 78 61.44 -0.47 24.90
N VAL B 79 60.57 -1.21 25.59
CA VAL B 79 60.81 -1.46 27.00
C VAL B 79 61.91 -2.50 27.16
N ASP B 80 62.92 -2.15 27.96
CA ASP B 80 64.03 -3.01 28.31
C ASP B 80 63.47 -4.35 28.78
N THR B 81 64.19 -5.44 28.49
CA THR B 81 63.66 -6.77 28.73
C THR B 81 63.76 -7.09 30.22
N LYS B 82 64.55 -6.32 30.98
CA LYS B 82 64.69 -6.59 32.40
C LYS B 82 63.39 -6.26 33.12
N PHE B 83 62.45 -5.62 32.40
CA PHE B 83 61.22 -5.17 33.01
C PHE B 83 60.02 -6.01 32.57
N GLN B 84 60.26 -7.15 31.92
CA GLN B 84 59.18 -7.80 31.15
C GLN B 84 57.98 -8.17 32.02
N ASN B 85 58.19 -8.26 33.33
CA ASN B 85 57.15 -8.65 34.25
C ASN B 85 56.57 -7.45 35.00
N SER B 86 57.10 -6.24 34.75
CA SER B 86 56.57 -5.06 35.42
C SER B 86 55.27 -4.58 34.79
N ARG B 87 54.36 -4.14 35.67
CA ARG B 87 53.16 -3.44 35.29
C ARG B 87 53.62 -2.13 34.66
N GLU B 88 52.96 -1.72 33.56
CA GLU B 88 53.42 -0.58 32.78
C GLU B 88 53.44 0.69 33.62
N GLU B 89 52.53 0.76 34.60
CA GLU B 89 52.39 1.97 35.40
C GLU B 89 53.72 2.29 36.08
N MET B 90 54.53 1.25 36.35
CA MET B 90 55.73 1.34 37.16
C MET B 90 56.99 1.64 36.33
N LEU B 91 56.86 1.83 35.01
CA LEU B 91 58.03 1.96 34.16
C LEU B 91 58.44 3.42 34.09
N LYS B 92 59.75 3.68 34.22
CA LYS B 92 60.30 5.01 34.02
C LYS B 92 60.72 5.11 32.55
N LEU B 93 60.31 6.17 31.87
CA LEU B 93 60.51 6.18 30.44
C LEU B 93 61.97 6.47 30.11
N ASP B 94 62.68 7.15 31.02
CA ASP B 94 64.11 7.41 30.84
C ASP B 94 64.89 6.10 30.74
N GLU B 95 64.29 5.01 31.23
CA GLU B 95 65.01 3.75 31.36
C GLU B 95 64.75 2.86 30.14
N GLN B 96 64.06 3.40 29.12
CA GLN B 96 63.63 2.61 27.98
C GLN B 96 64.09 3.30 26.69
N GLN B 97 63.97 2.61 25.56
CA GLN B 97 64.47 3.13 24.30
C GLN B 97 63.38 3.90 23.56
N PHE B 98 63.55 5.21 23.41
CA PHE B 98 62.57 6.03 22.70
C PHE B 98 62.63 5.76 21.20
N LEU B 99 61.60 5.11 20.66
CA LEU B 99 61.52 4.79 19.25
C LEU B 99 61.08 6.00 18.44
N GLY B 100 60.02 6.69 18.86
CA GLY B 100 59.57 7.84 18.08
C GLY B 100 58.22 8.40 18.52
N GLU B 101 57.83 9.55 17.94
CA GLU B 101 56.79 10.43 18.43
C GLU B 101 55.97 10.92 17.25
N ALA B 102 54.64 11.04 17.46
CA ALA B 102 53.78 11.75 16.53
C ALA B 102 52.70 12.50 17.30
N THR B 103 51.98 13.37 16.60
CA THR B 103 51.01 14.29 17.19
C THR B 103 49.81 14.41 16.27
N CYS B 104 48.62 14.59 16.83
CA CYS B 104 47.52 15.16 16.06
C CYS B 104 46.39 15.54 16.99
N ALA B 105 45.41 16.27 16.46
CA ALA B 105 44.20 16.56 17.21
C ALA B 105 43.26 15.37 17.10
N LEU B 106 42.41 15.22 18.12
CA LEU B 106 41.39 14.20 18.12
C LEU B 106 40.46 14.41 16.92
N SER B 107 40.23 15.68 16.58
CA SER B 107 39.38 16.11 15.48
C SER B 107 39.80 15.43 14.17
N GLU B 108 41.12 15.21 14.03
CA GLU B 108 41.70 14.71 12.80
C GLU B 108 41.44 13.21 12.65
N ILE B 109 41.17 12.50 13.76
CA ILE B 109 41.03 11.04 13.69
C ILE B 109 39.56 10.70 13.46
N ILE B 110 38.66 11.37 14.17
CA ILE B 110 37.25 11.00 14.16
C ILE B 110 36.54 11.60 12.94
N THR B 111 37.23 12.40 12.12
CA THR B 111 36.62 12.91 10.91
C THR B 111 37.12 12.16 9.68
N LYS B 112 37.92 11.11 9.89
CA LYS B 112 38.29 10.26 8.77
C LYS B 112 37.16 9.26 8.53
N SER B 113 36.97 8.87 7.28
CA SER B 113 35.90 7.96 6.92
C SER B 113 36.05 6.64 7.68
N THR B 114 37.29 6.13 7.71
CA THR B 114 37.63 4.85 8.31
C THR B 114 37.91 5.00 9.80
N ARG B 115 37.87 6.25 10.31
CA ARG B 115 38.17 6.55 11.70
C ARG B 115 39.54 6.01 12.11
N THR B 116 40.44 5.86 11.13
CA THR B 116 41.81 5.41 11.40
C THR B 116 42.81 6.41 10.82
N SER B 117 43.77 6.82 11.65
CA SER B 117 44.90 7.58 11.18
C SER B 117 46.16 6.71 11.25
N THR B 118 47.10 7.01 10.35
CA THR B 118 48.42 6.43 10.37
C THR B 118 49.41 7.58 10.50
N LEU B 119 50.22 7.58 11.58
CA LEU B 119 51.15 8.69 11.73
C LEU B 119 52.58 8.18 11.71
N GLU B 120 53.46 8.93 11.04
CA GLU B 120 54.86 8.58 10.99
C GLU B 120 55.49 8.98 12.32
N LEU B 121 56.12 8.01 12.99
CA LEU B 121 56.87 8.31 14.18
C LEU B 121 58.19 8.96 13.78
N LYS B 122 58.48 10.12 14.35
CA LYS B 122 59.73 10.82 14.07
C LYS B 122 60.51 11.05 15.36
N ARG B 123 61.84 10.97 15.22
CA ARG B 123 62.86 11.52 16.09
C ARG B 123 63.82 12.36 15.25
N LYS B 124 64.81 13.00 15.91
CA LYS B 124 65.77 13.87 15.26
C LYS B 124 66.85 13.08 14.50
N ASP B 125 67.71 13.81 13.77
CA ASP B 125 68.39 13.32 12.59
C ASP B 125 69.82 12.88 12.89
N GLY B 126 70.03 11.58 12.83
CA GLY B 126 71.34 10.94 12.96
C GLY B 126 71.19 9.43 13.16
N PHE B 127 70.08 9.02 13.79
CA PHE B 127 69.71 7.63 13.96
C PHE B 127 69.41 7.01 12.60
N HIS B 134 62.86 6.21 7.92
CA HIS B 134 61.59 5.97 8.67
C HIS B 134 61.95 5.54 10.09
N HIS B 135 61.05 5.79 11.03
CA HIS B 135 61.16 5.14 12.31
C HIS B 135 59.93 4.29 12.62
N GLY B 136 59.03 4.17 11.63
CA GLY B 136 57.85 3.34 11.78
C GLY B 136 56.55 4.16 11.77
N LYS B 137 55.41 3.46 11.82
CA LYS B 137 54.10 4.09 11.71
C LYS B 137 53.25 3.67 12.90
N LEU B 138 52.48 4.64 13.44
CA LEU B 138 51.53 4.35 14.51
C LEU B 138 50.11 4.50 13.97
N ILE B 139 49.27 3.53 14.30
CA ILE B 139 47.96 3.37 13.67
C ILE B 139 46.90 3.43 14.77
N ILE B 140 46.06 4.47 14.69
CA ILE B 140 45.13 4.77 15.74
C ILE B 140 43.72 4.61 15.19
N HIS B 141 42.95 3.73 15.84
CA HIS B 141 41.55 3.56 15.50
C HIS B 141 40.69 4.18 16.59
N ALA B 142 39.70 4.98 16.17
CA ALA B 142 38.79 5.63 17.10
C ALA B 142 37.36 5.14 16.87
N GLU B 143 36.71 4.76 17.95
CA GLU B 143 35.36 4.21 17.95
C GLU B 143 34.58 4.84 19.10
N GLU B 144 33.47 5.49 18.76
CA GLU B 144 32.62 6.06 19.80
C GLU B 144 32.09 4.91 20.65
N SER B 145 32.12 5.08 21.98
CA SER B 145 31.76 3.97 22.86
C SER B 145 30.24 3.79 22.88
N LEU B 146 29.80 2.55 22.76
CA LEU B 146 28.40 2.23 22.56
C LEU B 146 27.50 2.85 23.64
N ALA B 147 27.90 2.73 24.91
CA ALA B 147 27.01 3.18 25.96
C ALA B 147 26.68 4.67 25.81
N SER B 148 27.65 5.44 25.27
CA SER B 148 27.47 6.88 25.21
C SER B 148 26.60 7.28 24.01
N LYS B 149 26.17 6.30 23.20
CA LYS B 149 25.35 6.64 22.05
C LYS B 149 23.88 6.35 22.35
N ILE B 150 23.58 5.86 23.57
CA ILE B 150 22.27 5.35 23.88
C ILE B 150 21.37 6.49 24.29
N SER B 151 20.56 6.77 23.30
CA SER B 151 19.72 7.96 23.27
C SER B 151 18.26 7.52 23.23
N THR B 152 17.50 8.25 24.03
CA THR B 152 16.20 7.84 24.55
C THR B 152 15.14 8.76 23.99
N GLU B 153 14.29 8.26 23.07
CA GLU B 153 13.14 9.04 22.64
C GLU B 153 12.03 8.94 23.69
N ILE B 154 11.44 10.08 24.05
CA ILE B 154 10.38 10.12 25.06
C ILE B 154 9.20 10.90 24.51
N VAL B 155 7.98 10.40 24.73
CA VAL B 155 6.78 11.19 24.50
C VAL B 155 6.11 11.42 25.85
N PHE B 156 6.07 12.68 26.26
CA PHE B 156 5.39 13.08 27.47
C PHE B 156 3.94 13.47 27.14
N ARG B 157 3.08 13.28 28.15
CA ARG B 157 1.70 13.70 28.13
C ARG B 157 1.37 14.16 29.55
N CYS B 158 0.65 15.27 29.67
CA CYS B 158 0.12 15.71 30.96
C CYS B 158 -1.39 15.61 31.01
N SER B 159 -1.91 15.81 32.22
CA SER B 159 -3.28 15.51 32.57
C SER B 159 -3.74 16.55 33.57
N ASN B 160 -4.75 17.34 33.17
CA ASN B 160 -5.39 18.35 34.00
C ASN B 160 -4.37 19.37 34.50
N LEU B 161 -3.84 20.16 33.56
CA LEU B 161 -2.93 21.25 33.91
C LEU B 161 -3.77 22.41 34.44
N GLU B 162 -3.28 23.05 35.50
CA GLU B 162 -4.01 24.06 36.24
C GLU B 162 -3.13 25.29 36.35
N SER B 163 -3.63 26.40 35.77
CA SER B 163 -3.05 27.72 35.99
C SER B 163 -3.32 28.13 37.45
N LYS B 164 -2.44 28.94 38.04
CA LYS B 164 -2.75 29.56 39.33
C LYS B 164 -3.80 30.66 39.10
N ASP B 165 -3.67 31.32 37.96
CA ASP B 165 -4.22 32.60 37.61
C ASP B 165 -4.48 32.39 36.12
N LEU B 166 -5.61 32.86 35.58
CA LEU B 166 -5.75 32.99 34.14
C LEU B 166 -5.95 31.60 33.50
N PHE B 167 -7.02 30.90 33.88
CA PHE B 167 -7.35 29.58 33.34
C PHE B 167 -7.69 29.65 31.85
N SER B 168 -7.86 30.87 31.33
CA SER B 168 -8.28 31.10 29.96
C SER B 168 -7.23 30.57 29.00
N LYS B 169 -5.94 30.74 29.35
CA LYS B 169 -4.88 30.15 28.55
C LYS B 169 -4.05 29.27 29.51
N SER B 170 -3.97 27.96 29.23
CA SER B 170 -2.81 27.17 29.60
C SER B 170 -2.25 26.81 28.22
N ASP B 171 -1.12 27.42 27.87
CA ASP B 171 -0.39 27.11 26.66
C ASP B 171 0.95 26.49 27.07
N PRO B 172 0.98 25.15 27.29
CA PRO B 172 2.05 24.52 28.06
C PRO B 172 3.19 23.95 27.23
N PHE B 173 4.39 23.98 27.82
CA PHE B 173 5.58 23.33 27.28
C PHE B 173 6.38 22.74 28.45
N LEU B 174 7.35 21.88 28.13
CA LEU B 174 8.18 21.17 29.09
C LEU B 174 9.65 21.55 28.89
N VAL B 175 10.37 21.72 30.00
CA VAL B 175 11.80 21.94 30.00
C VAL B 175 12.44 20.85 30.85
N VAL B 176 13.39 20.11 30.26
CA VAL B 176 14.13 19.08 30.97
C VAL B 176 15.52 19.61 31.31
N SER B 177 15.88 19.56 32.60
CA SER B 177 17.07 20.20 33.10
C SER B 177 17.93 19.19 33.88
N PRO B 185 20.41 24.58 37.68
CA PRO B 185 20.20 23.48 36.71
C PRO B 185 20.25 23.96 35.26
N ILE B 186 20.86 23.13 34.40
CA ILE B 186 21.15 23.47 33.03
C ILE B 186 20.06 22.88 32.13
N PRO B 187 19.14 23.71 31.59
CA PRO B 187 18.21 23.25 30.55
C PRO B 187 18.91 22.40 29.49
N VAL B 188 18.31 21.24 29.19
CA VAL B 188 18.91 20.26 28.30
C VAL B 188 17.93 19.98 27.15
N SER B 189 16.63 20.10 27.41
CA SER B 189 15.63 19.86 26.38
C SER B 189 14.36 20.65 26.66
N LYS B 190 13.59 20.83 25.59
CA LYS B 190 12.41 21.68 25.59
C LYS B 190 11.43 21.10 24.58
N THR B 191 10.14 21.06 24.95
CA THR B 191 9.10 20.62 24.04
C THR B 191 8.55 21.86 23.34
N GLU B 192 7.80 21.64 22.24
CA GLU B 192 7.11 22.75 21.59
C GLU B 192 6.02 23.26 22.53
N VAL B 193 5.48 24.46 22.22
CA VAL B 193 4.38 25.05 22.97
C VAL B 193 3.07 24.62 22.31
N ARG B 194 2.09 24.22 23.12
CA ARG B 194 0.78 23.84 22.61
C ARG B 194 -0.26 24.85 23.08
N LYS B 195 -1.22 25.16 22.21
CA LYS B 195 -2.20 26.21 22.46
C LYS B 195 -3.45 25.61 23.09
N ASN B 196 -3.92 26.25 24.18
CA ASN B 196 -5.18 25.92 24.83
C ASN B 196 -5.33 24.42 25.00
N ASP B 197 -4.43 23.82 25.79
CA ASP B 197 -4.44 22.39 26.03
C ASP B 197 -4.24 22.17 27.52
N LEU B 198 -5.16 21.41 28.13
CA LEU B 198 -5.11 21.07 29.55
C LEU B 198 -4.60 19.66 29.73
N ASN B 199 -4.46 18.93 28.62
CA ASN B 199 -4.01 17.55 28.60
C ASN B 199 -3.07 17.35 27.42
N PRO B 200 -1.92 18.07 27.40
CA PRO B 200 -1.06 18.09 26.22
C PRO B 200 -0.37 16.75 25.98
N ILE B 201 -0.23 16.38 24.70
CA ILE B 201 0.65 15.32 24.24
C ILE B 201 1.64 15.92 23.26
N TRP B 202 2.87 16.18 23.76
CA TRP B 202 3.91 16.82 22.97
C TRP B 202 4.50 15.85 21.95
N LYS B 203 5.25 16.42 21.00
CA LYS B 203 6.06 15.66 20.08
C LYS B 203 7.23 15.03 20.84
N PRO B 204 7.93 14.03 20.25
CA PRO B 204 9.00 13.34 20.96
C PRO B 204 10.19 14.26 21.20
N VAL B 205 10.75 14.19 22.42
CA VAL B 205 12.04 14.79 22.70
C VAL B 205 13.02 13.64 22.84
N PHE B 206 14.30 13.91 22.51
CA PHE B 206 15.37 12.92 22.55
C PHE B 206 16.41 13.31 23.59
N LEU B 207 16.86 12.35 24.39
CA LEU B 207 17.91 12.62 25.35
C LEU B 207 19.00 11.55 25.28
N SER B 208 20.23 12.01 24.98
CA SER B 208 21.43 11.19 25.07
C SER B 208 21.88 11.13 26.51
N VAL B 209 22.76 10.16 26.82
CA VAL B 209 23.16 9.88 28.20
C VAL B 209 23.99 11.04 28.74
N GLN B 210 24.76 11.67 27.85
CA GLN B 210 25.68 12.74 28.17
C GLN B 210 24.89 13.99 28.60
N GLN B 211 23.67 14.14 28.06
CA GLN B 211 22.82 15.27 28.36
C GLN B 211 22.28 15.15 29.79
N VAL B 212 22.10 13.90 30.25
CA VAL B 212 21.43 13.59 31.50
C VAL B 212 22.45 13.24 32.58
N GLY B 213 23.59 12.68 32.16
CA GLY B 213 24.55 12.07 33.08
C GLY B 213 24.53 10.55 32.95
N SER B 214 23.75 9.88 33.79
CA SER B 214 23.46 8.47 33.64
C SER B 214 21.95 8.23 33.67
N LYS B 215 21.55 7.00 33.32
CA LYS B 215 20.15 6.63 33.24
C LYS B 215 19.52 6.65 34.63
N ASP B 216 20.35 6.64 35.69
CA ASP B 216 19.83 6.62 37.05
C ASP B 216 19.95 8.00 37.71
N SER B 217 20.44 8.98 36.94
CA SER B 217 20.61 10.36 37.42
C SER B 217 19.29 11.10 37.35
N PRO B 218 18.74 11.60 38.48
CA PRO B 218 17.51 12.40 38.48
C PRO B 218 17.67 13.71 37.72
N VAL B 219 16.66 14.03 36.89
CA VAL B 219 16.57 15.27 36.14
C VAL B 219 15.36 16.05 36.65
N ILE B 220 15.26 17.33 36.26
CA ILE B 220 14.10 18.14 36.60
C ILE B 220 13.23 18.29 35.36
N ILE B 221 11.92 18.08 35.54
CA ILE B 221 10.96 18.34 34.49
C ILE B 221 9.98 19.40 34.97
N GLU B 222 10.02 20.57 34.31
CA GLU B 222 9.14 21.69 34.62
C GLU B 222 8.14 21.85 33.49
N CYS B 223 6.86 21.91 33.85
CA CYS B 223 5.80 22.30 32.95
C CYS B 223 5.52 23.79 33.15
N SER B 224 5.48 24.54 32.05
CA SER B 224 5.37 25.99 32.10
C SER B 224 4.30 26.47 31.13
N ASP B 225 3.71 27.62 31.46
CA ASP B 225 2.71 28.29 30.66
C ASP B 225 3.41 29.41 29.89
N PHE B 226 3.27 29.37 28.55
CA PHE B 226 3.98 30.27 27.67
C PHE B 226 3.32 31.64 27.64
N ASN B 227 4.15 32.69 27.67
CA ASN B 227 3.72 34.08 27.61
C ASN B 227 4.65 34.80 26.64
N SER B 228 4.06 35.41 25.60
CA SER B 228 4.83 36.07 24.56
C SER B 228 5.73 37.15 25.14
N ASN B 229 5.33 37.71 26.30
CA ASN B 229 6.09 38.75 26.96
C ASN B 229 7.41 38.19 27.50
N GLY B 230 7.60 36.87 27.41
CA GLY B 230 8.88 36.26 27.74
C GLY B 230 8.95 35.73 29.17
N LYS B 231 8.03 36.15 30.04
CA LYS B 231 8.00 35.67 31.41
C LYS B 231 6.95 34.57 31.55
N HIS B 232 7.41 33.31 31.51
CA HIS B 232 6.55 32.15 31.57
C HIS B 232 6.34 31.74 33.02
N SER B 233 5.15 31.21 33.31
CA SER B 233 4.77 30.85 34.68
C SER B 233 4.79 29.35 34.85
N LEU B 234 5.44 28.92 35.94
CA LEU B 234 5.57 27.52 36.29
C LEU B 234 4.20 26.95 36.61
N ILE B 235 3.88 25.79 36.01
CA ILE B 235 2.62 25.09 36.22
C ILE B 235 2.85 23.99 37.26
N GLY B 236 3.96 23.26 37.09
CA GLY B 236 4.35 22.19 37.98
C GLY B 236 5.73 21.65 37.63
N LYS B 237 6.24 20.77 38.50
CA LYS B 237 7.61 20.31 38.42
C LYS B 237 7.69 18.95 39.12
N VAL B 238 8.41 18.01 38.50
CA VAL B 238 8.74 16.73 39.12
C VAL B 238 10.23 16.46 38.91
N GLN B 239 10.78 15.58 39.74
CA GLN B 239 12.18 15.21 39.68
C GLN B 239 12.28 13.69 39.67
N LYS B 240 12.83 13.15 38.57
CA LYS B 240 12.88 11.71 38.34
C LYS B 240 14.04 11.39 37.41
N SER B 241 14.58 10.18 37.53
CA SER B 241 15.63 9.72 36.62
C SER B 241 15.00 9.17 35.33
N LEU B 242 15.85 8.98 34.31
CA LEU B 242 15.38 8.47 33.02
C LEU B 242 14.97 7.00 33.18
N SER B 243 15.53 6.34 34.20
CA SER B 243 15.16 4.98 34.56
C SER B 243 13.76 4.97 35.18
N ASP B 244 13.55 5.91 36.12
CA ASP B 244 12.27 6.13 36.79
C ASP B 244 11.14 6.33 35.77
N LEU B 245 11.44 7.06 34.68
CA LEU B 245 10.44 7.38 33.68
C LEU B 245 10.05 6.10 32.93
N GLU B 246 11.03 5.22 32.73
CA GLU B 246 10.81 4.00 31.98
C GLU B 246 9.84 3.10 32.74
N LYS B 247 10.03 3.03 34.07
CA LYS B 247 9.16 2.23 34.92
C LYS B 247 7.74 2.78 34.85
N LEU B 248 7.59 4.12 34.90
CA LEU B 248 6.29 4.76 34.72
C LEU B 248 5.70 4.36 33.37
N HIS B 249 6.50 4.44 32.30
CA HIS B 249 6.00 4.10 30.98
C HIS B 249 5.41 2.69 30.98
N LEU B 250 6.16 1.73 31.52
CA LEU B 250 5.82 0.32 31.41
C LEU B 250 4.55 0.06 32.21
N ALA B 251 4.48 0.67 33.40
CA ALA B 251 3.39 0.49 34.35
C ALA B 251 2.12 1.18 33.86
N GLY B 252 2.27 2.22 33.04
CA GLY B 252 1.15 3.02 32.56
C GLY B 252 0.74 4.09 33.58
N GLN B 253 1.54 4.22 34.64
CA GLN B 253 1.26 5.16 35.72
C GLN B 253 1.83 6.53 35.43
N GLY B 254 1.10 7.54 35.90
CA GLY B 254 1.54 8.94 35.92
C GLY B 254 2.09 9.32 37.29
N ILE B 255 2.66 10.52 37.38
CA ILE B 255 3.22 11.02 38.63
C ILE B 255 2.72 12.45 38.80
N ASN B 256 2.29 12.79 40.01
CA ASN B 256 1.76 14.11 40.33
C ASN B 256 2.88 15.14 40.32
N PHE B 257 2.57 16.34 39.78
CA PHE B 257 3.45 17.49 39.77
C PHE B 257 3.43 18.16 41.15
N SER B 258 4.42 19.04 41.40
CA SER B 258 4.54 19.83 42.61
C SER B 258 4.88 21.28 42.27
N LEU B 259 4.39 22.23 43.11
CA LEU B 259 4.84 23.61 43.11
C LEU B 259 5.57 23.89 44.41
N PRO B 260 6.64 24.72 44.43
CA PRO B 260 7.30 25.10 45.67
C PRO B 260 6.43 26.04 46.51
N THR B 261 6.49 25.88 47.84
CA THR B 261 5.84 26.81 48.77
C THR B 261 6.84 27.38 49.79
N GLY B 262 7.73 28.22 49.28
CA GLY B 262 8.77 28.90 50.04
C GLY B 262 10.03 28.05 50.16
N ALA B 263 10.74 28.31 51.26
CA ALA B 263 11.88 27.51 51.68
C ALA B 263 11.43 26.48 52.72
N GLY B 264 10.34 25.76 52.44
CA GLY B 264 9.62 24.99 53.43
C GLY B 264 8.77 23.87 52.87
N GLN B 265 9.19 23.41 51.67
CA GLN B 265 8.91 22.25 50.83
C GLN B 265 7.92 22.50 49.69
N ASN B 266 7.17 21.46 49.30
CA ASN B 266 6.43 21.45 48.04
C ASN B 266 4.98 21.06 48.28
N LYS B 267 4.12 21.41 47.31
CA LYS B 267 2.71 21.10 47.34
C LYS B 267 2.35 20.25 46.12
N VAL B 268 1.77 19.06 46.37
CA VAL B 268 1.40 18.11 45.33
C VAL B 268 0.12 18.57 44.64
N LEU B 269 0.17 18.70 43.31
CA LEU B 269 -0.93 19.15 42.49
C LEU B 269 -1.78 17.95 42.04
N LYS B 270 -2.99 18.24 41.57
CA LYS B 270 -3.87 17.22 40.97
C LYS B 270 -3.33 16.83 39.60
N SER B 271 -2.64 17.76 38.92
CA SER B 271 -2.07 17.53 37.59
C SER B 271 -0.99 16.46 37.62
N GLN B 272 -0.90 15.70 36.53
CA GLN B 272 -0.02 14.55 36.45
C GLN B 272 0.78 14.56 35.16
N LEU B 273 1.92 13.86 35.19
CA LEU B 273 2.79 13.63 34.05
C LEU B 273 2.72 12.16 33.65
N PHE B 274 2.89 11.91 32.37
CA PHE B 274 2.80 10.56 31.84
C PHE B 274 3.88 10.37 30.78
N VAL B 275 4.31 9.12 30.60
CA VAL B 275 5.31 8.79 29.60
C VAL B 275 4.67 7.82 28.61
N ASP B 276 4.03 8.37 27.57
CA ASP B 276 3.31 7.57 26.58
C ASP B 276 4.26 6.67 25.79
N LYS B 277 5.46 7.17 25.47
CA LYS B 277 6.44 6.41 24.72
C LYS B 277 7.82 6.65 25.33
N PHE B 278 8.72 5.68 25.13
CA PHE B 278 10.04 5.70 25.73
C PHE B 278 10.87 4.58 25.14
N THR B 279 11.74 4.94 24.18
CA THR B 279 12.50 3.95 23.42
C THR B 279 13.97 4.34 23.46
N GLU B 280 14.77 3.48 24.09
CA GLU B 280 16.21 3.61 23.98
C GLU B 280 16.60 3.04 22.61
N THR B 281 17.38 3.85 21.87
CA THR B 281 18.06 3.38 20.67
C THR B 281 19.57 3.54 20.82
N VAL B 282 20.35 3.05 19.86
CA VAL B 282 21.62 3.68 19.48
C VAL B 282 21.31 4.79 18.48
N HIS B 283 21.46 6.03 18.97
CA HIS B 283 21.10 7.22 18.23
C HIS B 283 22.26 7.50 17.28
N HIS B 284 21.89 7.99 16.10
CA HIS B 284 22.88 8.51 15.17
C HIS B 284 23.44 9.80 15.77
N THR B 285 24.73 9.77 16.13
CA THR B 285 25.31 10.85 16.90
C THR B 285 26.10 11.77 15.98
N PHE B 286 26.48 12.93 16.53
CA PHE B 286 27.34 13.85 15.80
C PHE B 286 28.47 13.07 15.14
N LEU B 287 29.22 12.32 15.96
CA LEU B 287 30.39 11.58 15.48
C LEU B 287 30.02 10.64 14.34
N GLU B 288 28.80 10.07 14.38
CA GLU B 288 28.38 9.19 13.31
C GLU B 288 28.38 9.98 12.01
N TYR B 289 27.82 11.21 12.05
CA TYR B 289 27.73 12.03 10.86
C TYR B 289 29.11 12.44 10.33
N LEU B 290 30.03 12.81 11.23
CA LEU B 290 31.36 13.23 10.80
C LEU B 290 32.07 12.10 10.06
N ALA B 291 31.85 10.86 10.54
CA ALA B 291 32.46 9.68 9.96
C ALA B 291 31.80 9.31 8.62
N SER B 292 30.67 9.96 8.32
CA SER B 292 29.96 9.72 7.06
C SER B 292 30.25 10.85 6.07
N GLY B 293 31.33 11.61 6.33
CA GLY B 293 31.78 12.67 5.43
C GLY B 293 30.90 13.91 5.45
N PHE B 294 30.40 14.31 6.61
CA PHE B 294 29.68 15.58 6.75
C PHE B 294 30.62 16.60 7.38
N GLU B 295 30.53 17.83 6.89
CA GLU B 295 31.51 18.84 7.25
C GLU B 295 30.82 20.03 7.90
N LEU B 296 31.61 20.76 8.69
CA LEU B 296 31.20 22.04 9.23
C LEU B 296 32.03 23.11 8.53
N ASN B 297 31.33 23.97 7.79
CA ASN B 297 32.01 24.98 7.00
C ASN B 297 31.83 26.35 7.67
N PHE B 298 32.95 26.92 8.10
CA PHE B 298 33.04 28.19 8.82
C PHE B 298 32.89 29.34 7.84
N MET B 299 32.10 30.35 8.23
CA MET B 299 31.89 31.59 7.51
C MET B 299 32.12 32.72 8.49
N VAL B 300 32.47 33.91 7.99
CA VAL B 300 32.73 35.05 8.87
C VAL B 300 32.17 36.33 8.25
N ALA B 301 31.65 37.23 9.09
CA ALA B 301 31.21 38.54 8.66
C ALA B 301 31.58 39.56 9.74
N ILE B 302 32.16 40.69 9.33
CA ILE B 302 32.86 41.61 10.20
C ILE B 302 32.33 43.02 10.02
N ASP B 303 31.85 43.62 11.14
CA ASP B 303 31.37 45.00 11.19
C ASP B 303 32.54 45.92 10.83
N PHE B 304 32.38 46.68 9.75
CA PHE B 304 33.30 47.73 9.33
C PHE B 304 32.65 49.12 9.49
N THR B 305 31.68 49.23 10.40
CA THR B 305 31.05 50.50 10.67
C THR B 305 32.02 51.41 11.42
N ALA B 306 31.91 52.72 11.17
CA ALA B 306 32.75 53.72 11.80
C ALA B 306 32.55 53.70 13.31
N SER B 307 31.41 53.15 13.78
CA SER B 307 31.23 52.89 15.20
C SER B 307 32.60 52.60 15.85
N ASN B 308 33.49 51.94 15.09
CA ASN B 308 34.69 51.24 15.55
C ASN B 308 35.87 52.19 15.75
N GLY B 309 35.92 53.27 14.99
CA GLY B 309 37.04 54.20 15.07
C GLY B 309 38.12 53.85 14.05
N ASN B 310 38.85 54.86 13.57
CA ASN B 310 39.83 54.62 12.52
C ASN B 310 40.85 53.56 12.94
N PRO B 311 41.05 52.54 12.11
CA PRO B 311 42.11 51.55 12.32
C PRO B 311 43.48 52.10 12.73
N ARG B 312 43.76 53.37 12.43
CA ARG B 312 45.11 53.86 12.67
C ARG B 312 45.22 54.42 14.10
N LEU B 313 44.13 54.33 14.86
CA LEU B 313 44.01 54.94 16.18
C LEU B 313 44.15 53.85 17.24
N PRO B 314 45.09 54.00 18.20
CA PRO B 314 45.35 52.98 19.22
C PRO B 314 44.11 52.44 19.94
N ASP B 315 43.07 53.27 20.07
CA ASP B 315 41.87 52.88 20.80
C ASP B 315 40.75 52.50 19.83
N SER B 316 41.08 52.31 18.55
CA SER B 316 40.09 51.76 17.63
C SER B 316 39.96 50.27 17.88
N LEU B 317 38.72 49.78 17.79
CA LEU B 317 38.48 48.35 17.95
C LEU B 317 39.15 47.57 16.81
N HIS B 318 39.57 48.27 15.73
CA HIS B 318 40.18 47.57 14.59
C HIS B 318 41.68 47.83 14.55
N TYR B 319 42.20 48.43 15.63
CA TYR B 319 43.60 48.80 15.69
C TYR B 319 44.45 47.56 15.47
N ILE B 320 45.37 47.63 14.51
CA ILE B 320 46.30 46.55 14.22
C ILE B 320 47.62 46.84 14.94
N ASP B 321 47.79 46.24 16.13
CA ASP B 321 48.92 46.54 16.99
C ASP B 321 50.23 46.20 16.29
N PRO B 322 51.25 47.09 16.28
CA PRO B 322 52.52 46.77 15.63
C PRO B 322 53.23 45.62 16.32
N SER B 323 52.97 45.45 17.62
CA SER B 323 53.56 44.39 18.44
C SER B 323 53.02 43.03 18.04
N GLY B 324 51.91 43.01 17.27
CA GLY B 324 51.31 41.77 16.77
C GLY B 324 50.21 41.21 17.68
N ARG B 325 49.84 41.99 18.72
CA ARG B 325 48.70 41.67 19.59
C ARG B 325 47.40 41.74 18.78
N LEU B 326 46.60 40.68 18.87
CA LEU B 326 45.33 40.58 18.18
C LEU B 326 44.28 41.49 18.83
N ASN B 327 43.48 42.19 18.00
CA ASN B 327 42.37 42.95 18.52
C ASN B 327 41.19 42.00 18.69
N ALA B 328 40.05 42.54 19.15
CA ALA B 328 38.89 41.72 19.46
C ALA B 328 38.40 40.96 18.23
N TYR B 329 38.46 41.60 17.04
CA TYR B 329 37.96 40.91 15.86
C TYR B 329 38.90 39.76 15.51
N GLN B 330 40.20 40.00 15.68
CA GLN B 330 41.18 38.95 15.44
C GLN B 330 41.06 37.81 16.47
N ARG B 331 40.88 38.17 17.75
CA ARG B 331 40.72 37.18 18.80
C ARG B 331 39.52 36.29 18.48
N ALA B 332 38.36 36.90 18.21
CA ALA B 332 37.16 36.11 18.02
C ALA B 332 37.29 35.23 16.78
N ILE B 333 37.90 35.77 15.72
CA ILE B 333 38.07 34.93 14.54
C ILE B 333 38.91 33.69 14.88
N MET B 334 40.06 33.89 15.56
CA MET B 334 40.93 32.78 15.91
C MET B 334 40.23 31.82 16.87
N ASP B 335 39.72 32.35 17.99
CA ASP B 335 39.03 31.55 18.98
C ASP B 335 38.05 30.57 18.33
N VAL B 336 37.39 30.99 17.25
CA VAL B 336 36.36 30.17 16.63
C VAL B 336 36.95 29.34 15.51
N GLY B 337 37.60 30.02 14.55
CA GLY B 337 38.17 29.35 13.39
C GLY B 337 39.12 28.20 13.74
N GLU B 338 39.98 28.46 14.73
CA GLU B 338 41.04 27.54 15.13
C GLU B 338 40.44 26.16 15.40
N VAL B 339 39.17 26.15 15.82
CA VAL B 339 38.48 24.92 16.18
C VAL B 339 37.73 24.35 14.97
N LEU B 340 36.98 25.21 14.28
CA LEU B 340 36.06 24.74 13.26
C LEU B 340 36.81 24.40 11.98
N GLN B 341 38.09 24.75 11.92
CA GLN B 341 38.83 24.60 10.67
C GLN B 341 39.09 23.12 10.44
N PHE B 342 39.02 22.32 11.52
CA PHE B 342 39.33 20.90 11.42
C PHE B 342 38.16 20.10 10.85
N TYR B 343 37.01 20.75 10.66
CA TYR B 343 35.79 20.02 10.32
C TYR B 343 35.40 20.29 8.87
N ASP B 344 36.21 21.07 8.16
CA ASP B 344 36.06 21.29 6.71
C ASP B 344 37.35 20.87 6.02
N SER B 345 37.24 20.15 4.90
CA SER B 345 38.39 19.56 4.23
C SER B 345 39.00 20.49 3.18
N ASP B 346 38.19 21.36 2.56
CA ASP B 346 38.68 22.28 1.53
C ASP B 346 39.23 23.55 2.16
N LYS B 347 38.72 23.90 3.35
CA LYS B 347 39.14 25.09 4.08
C LYS B 347 38.92 26.34 3.21
N ARG B 348 37.94 26.28 2.31
CA ARG B 348 37.48 27.48 1.63
C ARG B 348 36.31 28.10 2.40
N PHE B 349 36.58 29.20 3.10
CA PHE B 349 35.67 29.83 4.05
C PHE B 349 35.20 31.17 3.52
N PRO B 350 33.89 31.35 3.29
CA PRO B 350 33.30 32.65 2.94
C PRO B 350 33.57 33.70 3.98
N ALA B 351 34.02 34.88 3.55
CA ALA B 351 34.39 35.97 4.43
C ALA B 351 33.78 37.26 3.88
N TRP B 352 33.00 37.94 4.71
CA TRP B 352 32.38 39.21 4.36
C TRP B 352 32.74 40.32 5.35
N GLY B 353 32.61 41.55 4.88
CA GLY B 353 32.46 42.72 5.74
C GLY B 353 31.13 43.43 5.45
N PHE B 354 30.75 44.32 6.36
CA PHE B 354 29.52 45.08 6.22
C PHE B 354 29.67 46.47 6.85
N GLY B 355 29.02 47.45 6.22
CA GLY B 355 28.94 48.80 6.75
C GLY B 355 30.16 49.66 6.40
N ALA B 356 30.71 49.45 5.18
CA ALA B 356 31.83 50.25 4.73
C ALA B 356 31.61 50.71 3.29
N ARG B 357 32.35 51.75 2.91
CA ARG B 357 32.31 52.27 1.55
C ARG B 357 33.59 51.84 0.85
N PRO B 358 33.53 50.88 -0.10
CA PRO B 358 34.73 50.49 -0.85
C PRO B 358 35.07 51.62 -1.80
N ILE B 359 36.19 51.45 -2.52
CA ILE B 359 36.72 52.47 -3.43
C ILE B 359 35.63 52.84 -4.45
N ASP B 360 35.16 54.08 -4.35
CA ASP B 360 34.41 54.72 -5.44
C ASP B 360 32.92 54.38 -5.35
N ALA B 361 32.59 53.31 -4.60
CA ALA B 361 31.24 52.79 -4.56
C ALA B 361 30.45 53.43 -3.43
N PRO B 362 29.12 53.18 -3.32
CA PRO B 362 28.37 53.51 -2.10
C PRO B 362 28.56 52.44 -1.01
N VAL B 363 28.09 52.72 0.20
CA VAL B 363 28.19 51.81 1.34
C VAL B 363 27.68 50.42 0.95
N SER B 364 28.50 49.39 1.24
CA SER B 364 28.11 48.00 1.03
C SER B 364 27.77 47.37 2.38
N HIS B 365 26.77 46.49 2.38
CA HIS B 365 26.39 45.81 3.62
C HIS B 365 26.71 44.33 3.52
N CYS B 366 27.52 44.00 2.51
CA CYS B 366 28.06 42.68 2.28
C CYS B 366 29.05 42.77 1.12
N PHE B 367 30.30 43.14 1.43
CA PHE B 367 31.36 43.07 0.43
C PHE B 367 32.33 41.96 0.83
N ASN B 368 32.90 41.29 -0.16
CA ASN B 368 33.85 40.19 0.08
C ASN B 368 35.13 40.78 0.66
N LEU B 369 35.57 40.26 1.83
CA LEU B 369 36.77 40.73 2.49
C LEU B 369 37.98 40.62 1.58
N ASN B 370 37.98 39.63 0.69
CA ASN B 370 39.15 39.39 -0.16
C ASN B 370 39.21 40.45 -1.24
N GLY B 371 38.15 41.25 -1.33
CA GLY B 371 38.16 42.46 -2.15
C GLY B 371 37.74 42.21 -3.58
N SER B 372 37.23 41.01 -3.88
CA SER B 372 36.78 40.70 -5.24
C SER B 372 35.30 41.05 -5.35
N SER B 373 34.73 40.76 -6.51
CA SER B 373 33.35 41.11 -6.80
C SER B 373 32.53 39.84 -7.00
N SER B 374 33.22 38.71 -7.15
CA SER B 374 32.60 37.50 -7.64
C SER B 374 32.48 36.41 -6.58
N TYR B 375 33.34 36.40 -5.55
CA TYR B 375 33.40 35.22 -4.71
C TYR B 375 33.99 35.58 -3.35
N SER B 376 33.60 34.82 -2.31
CA SER B 376 33.83 35.26 -0.94
C SER B 376 34.75 34.29 -0.20
N GLU B 377 34.88 33.09 -0.72
CA GLU B 377 35.75 32.05 -0.17
C GLU B 377 37.19 32.56 -0.07
N VAL B 378 37.91 32.26 1.02
CA VAL B 378 39.32 32.52 1.20
C VAL B 378 40.02 31.27 1.75
N ASP B 379 41.32 31.12 1.47
CA ASP B 379 42.02 29.90 1.87
C ASP B 379 42.41 29.96 3.34
N GLY B 380 41.74 29.16 4.17
CA GLY B 380 42.16 28.93 5.54
C GLY B 380 41.87 30.13 6.45
N ILE B 381 41.97 29.88 7.76
CA ILE B 381 41.98 30.93 8.76
C ILE B 381 42.96 32.02 8.33
N GLN B 382 44.20 31.62 7.97
CA GLN B 382 45.19 32.56 7.49
C GLN B 382 44.57 33.51 6.46
N GLY B 383 43.81 32.94 5.52
CA GLY B 383 43.15 33.69 4.48
C GLY B 383 42.17 34.72 5.04
N ILE B 384 41.44 34.34 6.09
CA ILE B 384 40.52 35.29 6.72
C ILE B 384 41.33 36.41 7.34
N MET B 385 42.41 36.06 8.05
CA MET B 385 43.16 37.07 8.78
C MET B 385 43.76 38.09 7.82
N THR B 386 44.30 37.62 6.70
CA THR B 386 44.94 38.57 5.82
C THR B 386 43.89 39.36 5.02
N SER B 387 42.79 38.69 4.63
CA SER B 387 41.69 39.42 4.00
C SER B 387 41.19 40.57 4.89
N TYR B 388 41.14 40.32 6.20
CA TYR B 388 40.72 41.31 7.17
C TYR B 388 41.66 42.52 7.16
N THR B 389 42.94 42.29 7.51
CA THR B 389 43.88 43.41 7.64
C THR B 389 43.93 44.16 6.31
N SER B 390 43.83 43.41 5.21
CA SER B 390 43.80 44.01 3.88
C SER B 390 42.59 44.93 3.72
N ALA B 391 41.36 44.45 3.96
CA ALA B 391 40.18 45.28 3.80
C ALA B 391 40.26 46.55 4.65
N LEU B 392 40.77 46.42 5.88
CA LEU B 392 40.80 47.52 6.83
C LEU B 392 41.38 48.77 6.20
N PHE B 393 42.41 48.60 5.37
CA PHE B 393 43.09 49.79 4.86
C PHE B 393 42.70 50.09 3.42
N ASN B 394 41.62 49.45 2.93
CA ASN B 394 41.22 49.64 1.54
C ASN B 394 39.75 49.93 1.42
N VAL B 395 39.12 50.38 2.51
CA VAL B 395 37.73 50.82 2.50
C VAL B 395 37.52 51.87 3.59
N SER B 396 36.38 52.59 3.50
CA SER B 396 36.05 53.66 4.42
C SER B 396 34.99 53.20 5.41
N LEU B 397 35.38 53.04 6.68
CA LEU B 397 34.41 52.70 7.72
C LEU B 397 33.22 53.63 7.58
N ALA B 398 32.01 53.07 7.46
CA ALA B 398 30.82 53.89 7.26
C ALA B 398 29.73 53.48 8.24
N GLY B 399 28.57 53.08 7.70
CA GLY B 399 27.40 52.79 8.49
C GLY B 399 26.12 52.82 7.65
N PRO B 400 24.95 52.43 8.22
CA PRO B 400 24.86 51.97 9.60
C PRO B 400 25.04 50.45 9.77
N THR B 401 24.87 49.96 11.01
CA THR B 401 25.14 48.56 11.32
C THR B 401 23.92 47.73 10.87
N LEU B 402 24.05 46.93 9.77
CA LEU B 402 22.99 46.03 9.29
C LEU B 402 23.47 44.59 9.17
N PHE B 403 22.60 43.63 9.50
CA PHE B 403 22.90 42.20 9.45
C PHE B 403 22.14 41.50 8.33
N GLY B 404 21.02 42.09 7.89
CA GLY B 404 20.16 41.48 6.89
C GLY B 404 20.96 40.93 5.72
N PRO B 405 21.61 41.78 4.90
CA PRO B 405 22.37 41.33 3.74
C PRO B 405 23.37 40.18 3.95
N VAL B 406 24.18 40.21 5.03
CA VAL B 406 25.11 39.11 5.25
C VAL B 406 24.37 37.81 5.49
N ILE B 407 23.33 37.88 6.33
CA ILE B 407 22.58 36.67 6.65
C ILE B 407 21.99 36.06 5.37
N ASN B 408 21.48 36.92 4.45
CA ASN B 408 20.96 36.43 3.18
C ASN B 408 22.07 35.79 2.34
N ALA B 409 23.23 36.45 2.29
CA ALA B 409 24.38 35.94 1.56
C ALA B 409 24.76 34.54 2.05
N ALA B 410 24.78 34.37 3.38
CA ALA B 410 25.10 33.08 3.99
C ALA B 410 24.05 32.05 3.57
N ALA B 411 22.77 32.42 3.78
CA ALA B 411 21.65 31.57 3.43
C ALA B 411 21.74 31.16 1.96
N MET B 412 22.03 32.10 1.07
CA MET B 412 22.12 31.78 -0.34
C MET B 412 23.11 30.63 -0.55
N ILE B 413 24.21 30.62 0.21
CA ILE B 413 25.25 29.59 0.05
C ILE B 413 24.78 28.27 0.65
N ALA B 414 24.20 28.34 1.85
CA ALA B 414 23.67 27.16 2.52
C ALA B 414 22.71 26.45 1.56
N SER B 415 21.67 27.18 1.18
CA SER B 415 20.62 26.76 0.27
C SER B 415 21.22 26.10 -0.96
N ALA B 416 22.16 26.78 -1.64
CA ALA B 416 22.75 26.26 -2.86
C ALA B 416 23.42 24.91 -2.59
N SER B 417 24.03 24.78 -1.41
CA SER B 417 24.71 23.55 -1.02
C SER B 417 23.70 22.42 -0.82
N LEU B 418 22.57 22.74 -0.19
CA LEU B 418 21.47 21.81 0.04
C LEU B 418 20.95 21.27 -1.29
N ALA B 419 20.66 22.15 -2.24
CA ALA B 419 20.07 21.79 -3.52
C ALA B 419 21.01 20.88 -4.32
N GLN B 420 22.33 21.09 -4.19
CA GLN B 420 23.34 20.31 -4.89
C GLN B 420 23.69 19.06 -4.10
N GLY B 421 22.80 18.69 -3.17
CA GLY B 421 22.91 17.49 -2.36
C GLY B 421 24.28 17.34 -1.70
N SER B 422 24.81 18.47 -1.22
CA SER B 422 26.08 18.46 -0.48
C SER B 422 25.82 18.02 0.95
N ARG B 423 26.90 17.72 1.68
CA ARG B 423 26.79 17.32 3.08
C ARG B 423 27.51 18.34 3.95
N LYS B 424 27.30 19.62 3.63
CA LYS B 424 27.91 20.70 4.38
C LYS B 424 26.86 21.31 5.31
N TYR B 425 27.30 21.62 6.53
CA TYR B 425 26.53 22.47 7.43
C TYR B 425 27.43 23.64 7.78
N TYR B 426 26.86 24.85 7.76
CA TYR B 426 27.60 26.11 7.72
C TYR B 426 27.46 26.85 9.04
N VAL B 427 28.55 27.43 9.53
CA VAL B 427 28.57 28.18 10.77
C VAL B 427 29.06 29.58 10.48
N LEU B 428 28.21 30.58 10.64
CA LEU B 428 28.56 31.95 10.31
C LEU B 428 28.86 32.71 11.59
N LEU B 429 30.03 33.36 11.64
CA LEU B 429 30.38 34.16 12.80
C LEU B 429 30.29 35.62 12.40
N ILE B 430 29.43 36.37 13.12
CA ILE B 430 29.25 37.81 12.90
C ILE B 430 29.82 38.53 14.11
N ILE B 431 30.66 39.53 13.87
CA ILE B 431 31.30 40.28 14.93
C ILE B 431 30.92 41.74 14.75
N THR B 432 30.28 42.34 15.77
CA THR B 432 29.79 43.70 15.65
C THR B 432 30.12 44.48 16.93
N ASP B 433 30.09 45.81 16.81
CA ASP B 433 30.55 46.72 17.85
C ASP B 433 29.36 47.47 18.42
N GLY B 434 28.23 47.41 17.69
CA GLY B 434 26.99 48.06 18.06
C GLY B 434 25.78 47.20 17.71
N VAL B 435 24.60 47.80 17.87
CA VAL B 435 23.31 47.13 17.71
C VAL B 435 22.84 47.36 16.28
N ILE B 436 22.05 46.42 15.76
CA ILE B 436 21.64 46.45 14.36
C ILE B 436 20.52 47.46 14.20
N THR B 437 20.37 47.93 12.95
CA THR B 437 19.33 48.87 12.57
C THR B 437 18.11 48.11 12.03
N ASP B 438 18.35 47.02 11.29
CA ASP B 438 17.30 46.35 10.53
C ASP B 438 16.77 45.12 11.27
N LEU B 439 16.42 45.29 12.55
CA LEU B 439 16.07 44.18 13.43
C LEU B 439 14.99 43.31 12.80
N GLN B 440 14.03 43.91 12.11
CA GLN B 440 12.93 43.14 11.56
C GLN B 440 13.42 42.26 10.41
N GLU B 441 14.06 42.88 9.41
CA GLU B 441 14.49 42.15 8.21
C GLU B 441 15.54 41.09 8.56
N THR B 442 16.13 41.22 9.76
CA THR B 442 17.05 40.25 10.32
C THR B 442 16.28 39.01 10.77
N LYS B 443 15.29 39.21 11.66
CA LYS B 443 14.39 38.15 12.09
C LYS B 443 13.88 37.37 10.88
N ASP B 444 13.40 38.10 9.87
CA ASP B 444 12.83 37.49 8.68
C ASP B 444 13.86 36.63 7.97
N ALA B 445 15.11 37.11 7.92
CA ALA B 445 16.19 36.39 7.26
C ALA B 445 16.55 35.13 8.05
N LEU B 446 16.60 35.25 9.38
CA LEU B 446 16.94 34.16 10.29
C LEU B 446 15.90 33.06 10.20
N VAL B 447 14.62 33.43 10.42
CA VAL B 447 13.50 32.52 10.35
C VAL B 447 13.59 31.70 9.06
N SER B 448 13.81 32.40 7.94
CA SER B 448 13.93 31.80 6.62
C SER B 448 15.14 30.88 6.54
N ALA B 449 16.22 31.23 7.26
CA ALA B 449 17.46 30.48 7.24
C ALA B 449 17.34 29.20 8.06
N SER B 450 16.47 29.21 9.07
CA SER B 450 16.34 28.13 10.04
C SER B 450 16.10 26.77 9.37
N ASP B 451 15.69 26.78 8.10
CA ASP B 451 15.39 25.57 7.35
C ASP B 451 16.62 25.08 6.61
N LEU B 452 17.69 25.88 6.61
CA LEU B 452 18.88 25.57 5.83
C LEU B 452 19.99 25.09 6.76
N PRO B 453 21.02 24.39 6.22
CA PRO B 453 22.14 23.88 7.03
C PRO B 453 23.06 24.99 7.48
N LEU B 454 22.67 25.71 8.55
CA LEU B 454 23.34 26.95 8.90
C LEU B 454 23.07 27.30 10.35
N SER B 455 24.16 27.47 11.11
CA SER B 455 24.14 28.02 12.46
C SER B 455 24.79 29.39 12.41
N ILE B 456 24.48 30.26 13.37
CA ILE B 456 24.97 31.62 13.40
C ILE B 456 25.46 31.97 14.80
N LEU B 457 26.65 32.55 14.90
CA LEU B 457 27.17 33.06 16.15
C LEU B 457 27.44 34.56 15.95
N ILE B 458 26.90 35.37 16.85
CA ILE B 458 27.13 36.80 16.90
C ILE B 458 27.95 37.12 18.14
N VAL B 459 28.98 37.93 17.96
CA VAL B 459 29.87 38.30 19.06
C VAL B 459 29.96 39.82 19.06
N GLY B 460 29.62 40.44 20.20
CA GLY B 460 29.74 41.88 20.36
C GLY B 460 31.11 42.25 20.94
N VAL B 461 31.70 43.33 20.42
CA VAL B 461 33.01 43.76 20.88
C VAL B 461 32.90 45.21 21.33
N GLY B 462 33.80 45.59 22.25
CA GLY B 462 33.79 46.88 22.89
C GLY B 462 32.70 46.95 23.96
N GLY B 463 32.47 48.16 24.47
CA GLY B 463 31.62 48.35 25.63
C GLY B 463 30.19 48.80 25.31
N ALA B 464 29.77 48.68 24.04
CA ALA B 464 28.44 49.12 23.66
C ALA B 464 27.37 48.33 24.43
N ASP B 465 26.14 48.86 24.44
CA ASP B 465 25.04 48.22 25.15
C ASP B 465 24.32 47.26 24.20
N PHE B 466 24.43 45.97 24.50
CA PHE B 466 23.96 44.93 23.59
C PHE B 466 22.63 44.36 24.02
N LYS B 467 21.88 45.12 24.83
CA LYS B 467 20.63 44.64 25.42
C LYS B 467 19.71 44.12 24.33
N GLU B 468 19.62 44.85 23.20
CA GLU B 468 18.60 44.52 22.21
C GLU B 468 19.03 43.32 21.37
N MET B 469 20.22 42.78 21.64
CA MET B 469 20.75 41.65 20.89
C MET B 469 20.25 40.35 21.50
N GLU B 470 19.88 40.39 22.79
CA GLU B 470 19.68 39.20 23.58
C GLU B 470 18.34 38.54 23.23
N ILE B 471 17.51 39.25 22.45
CA ILE B 471 16.26 38.69 21.99
C ILE B 471 16.54 37.68 20.87
N LEU B 472 17.78 37.70 20.36
CA LEU B 472 18.19 36.82 19.26
C LEU B 472 18.77 35.50 19.77
N ASP B 473 19.33 35.50 21.00
CA ASP B 473 20.02 34.34 21.55
C ASP B 473 19.03 33.18 21.71
N ALA B 474 19.49 31.96 21.41
CA ALA B 474 18.71 30.74 21.55
C ALA B 474 18.38 30.52 23.03
N ASP B 475 19.39 30.70 23.88
CA ASP B 475 19.28 30.46 25.31
C ASP B 475 18.45 31.58 25.96
N LYS B 476 18.95 32.82 25.89
CA LYS B 476 18.38 33.95 26.63
C LYS B 476 17.08 34.42 25.98
N GLY B 477 16.98 34.31 24.66
CA GLY B 477 15.87 34.93 23.93
C GLY B 477 14.62 34.05 23.93
N GLU B 478 13.81 34.23 22.87
CA GLU B 478 12.67 33.38 22.57
C GLU B 478 12.68 32.98 21.10
N ARG B 479 12.02 31.87 20.80
CA ARG B 479 11.83 31.38 19.44
C ARG B 479 11.30 32.52 18.57
N LEU B 480 11.93 32.68 17.41
CA LEU B 480 11.78 33.89 16.61
C LEU B 480 10.51 33.83 15.77
N GLU B 481 9.87 34.99 15.65
CA GLU B 481 8.73 35.14 14.75
C GLU B 481 9.06 36.07 13.60
N SER B 482 8.90 35.54 12.38
CA SER B 482 8.87 36.29 11.14
C SER B 482 7.83 37.40 11.24
N SER B 483 7.95 38.42 10.39
CA SER B 483 6.92 39.43 10.27
C SER B 483 5.65 38.82 9.67
N SER B 484 5.84 37.94 8.67
CA SER B 484 4.75 37.24 8.00
C SER B 484 4.06 36.25 8.94
N GLY B 485 4.51 36.19 10.21
CA GLY B 485 3.86 35.38 11.22
C GLY B 485 4.53 34.03 11.47
N ARG B 486 5.33 33.56 10.48
CA ARG B 486 5.96 32.26 10.47
C ARG B 486 6.99 32.14 11.60
N LEU B 487 7.21 30.90 12.06
CA LEU B 487 8.08 30.64 13.20
C LEU B 487 9.34 29.91 12.73
N ALA B 488 10.41 30.04 13.51
CA ALA B 488 11.67 29.38 13.23
C ALA B 488 11.53 27.89 13.47
N SER B 489 12.00 27.09 12.51
CA SER B 489 12.00 25.64 12.64
C SER B 489 12.83 25.22 13.85
N ARG B 490 13.91 25.98 14.15
CA ARG B 490 14.81 25.65 15.25
C ARG B 490 15.64 26.87 15.61
N ASP B 491 16.29 26.83 16.79
CA ASP B 491 17.24 27.87 17.19
C ASP B 491 18.51 27.73 16.36
N ILE B 492 18.92 28.83 15.72
CA ILE B 492 20.16 28.83 14.95
C ILE B 492 21.05 29.99 15.38
N VAL B 493 20.57 30.87 16.27
CA VAL B 493 21.37 32.02 16.66
C VAL B 493 21.82 31.87 18.11
N GLN B 494 23.01 32.40 18.39
CA GLN B 494 23.52 32.63 19.72
C GLN B 494 24.20 33.99 19.73
N PHE B 495 24.18 34.67 20.88
CA PHE B 495 24.90 35.92 21.00
C PHE B 495 25.70 35.94 22.30
N VAL B 496 26.87 36.56 22.27
CA VAL B 496 27.60 36.81 23.50
C VAL B 496 28.46 38.06 23.32
N ALA B 497 28.79 38.69 24.44
CA ALA B 497 29.61 39.90 24.44
C ALA B 497 31.02 39.50 24.88
N LEU B 498 32.00 39.76 24.02
CA LEU B 498 33.34 39.21 24.21
C LEU B 498 34.02 39.77 25.46
N ARG B 499 33.25 40.02 26.53
CA ARG B 499 33.81 40.31 27.84
C ARG B 499 33.94 39.02 28.65
N SER B 507 37.54 30.44 27.25
CA SER B 507 36.99 31.61 26.51
C SER B 507 35.46 31.59 26.60
N VAL B 508 34.84 32.73 26.26
CA VAL B 508 33.40 32.89 26.31
C VAL B 508 32.80 32.39 25.00
N VAL B 509 33.69 32.14 24.05
CA VAL B 509 33.42 31.62 22.72
C VAL B 509 33.17 30.12 22.82
N GLN B 510 34.05 29.44 23.55
CA GLN B 510 33.95 28.01 23.80
C GLN B 510 32.48 27.59 23.99
N ALA B 511 31.74 28.34 24.81
CA ALA B 511 30.37 27.97 25.16
C ALA B 511 29.45 28.08 23.95
N LEU B 512 29.76 29.04 23.07
CA LEU B 512 29.02 29.18 21.82
C LEU B 512 29.23 27.94 20.95
N LEU B 513 30.49 27.48 20.89
CA LEU B 513 30.86 26.36 20.06
C LEU B 513 30.22 25.07 20.58
N ALA B 514 29.98 25.02 21.89
CA ALA B 514 29.52 23.79 22.53
C ALA B 514 28.10 23.43 22.09
N GLU B 515 27.35 24.41 21.61
CA GLU B 515 25.94 24.22 21.26
C GLU B 515 25.78 23.73 19.81
N LEU B 516 26.84 23.84 18.99
CA LEU B 516 26.68 23.65 17.56
C LEU B 516 26.30 22.20 17.25
N PRO B 517 26.98 21.18 17.82
CA PRO B 517 26.60 19.80 17.51
C PRO B 517 25.09 19.60 17.66
N SER B 518 24.49 20.14 18.74
CA SER B 518 23.07 19.98 19.01
C SER B 518 22.25 20.57 17.87
N GLN B 519 22.54 21.84 17.54
CA GLN B 519 21.92 22.51 16.42
C GLN B 519 22.11 21.67 15.16
N PHE B 520 23.34 21.18 14.97
CA PHE B 520 23.67 20.41 13.79
C PHE B 520 22.70 19.25 13.64
N LEU B 521 22.45 18.55 14.76
CA LEU B 521 21.69 17.32 14.76
C LEU B 521 20.22 17.65 14.60
N THR B 522 19.78 18.70 15.32
CA THR B 522 18.42 19.15 15.17
C THR B 522 18.11 19.32 13.68
N TYR B 523 19.01 19.99 12.95
CA TYR B 523 18.73 20.20 11.54
C TYR B 523 18.50 18.85 10.85
N MET B 524 19.46 17.93 11.04
CA MET B 524 19.47 16.63 10.38
C MET B 524 18.23 15.82 10.71
N ARG B 525 17.74 15.92 11.96
CA ARG B 525 16.51 15.24 12.34
C ARG B 525 15.35 15.84 11.54
N ILE B 526 15.15 17.16 11.69
CA ILE B 526 14.04 17.90 11.10
C ILE B 526 14.03 17.77 9.57
N ARG B 527 15.20 17.83 8.93
CA ARG B 527 15.31 17.82 7.48
C ARG B 527 14.83 16.46 6.93
N ASN B 528 15.52 15.35 7.30
CA ASN B 528 15.43 14.01 6.72
C ASN B 528 14.21 13.28 7.28
N GLY C 1 1.33 -50.59 -78.79
CA GLY C 1 1.65 -49.59 -77.70
C GLY C 1 2.88 -48.75 -78.05
N THR C 2 2.82 -47.47 -77.70
CA THR C 2 3.92 -46.53 -77.90
C THR C 2 4.54 -46.15 -76.56
N SER C 3 5.78 -46.60 -76.34
CA SER C 3 6.58 -46.16 -75.19
C SER C 3 7.91 -46.91 -75.16
N SER C 4 8.89 -46.35 -74.42
CA SER C 4 10.19 -46.98 -74.23
C SER C 4 10.14 -47.94 -73.04
N MET C 5 11.15 -48.83 -72.95
CA MET C 5 11.31 -49.73 -71.81
C MET C 5 11.39 -48.94 -70.52
N ALA C 6 11.93 -47.71 -70.60
CA ALA C 6 12.16 -46.83 -69.48
C ALA C 6 10.83 -46.25 -68.99
N ASP C 7 9.95 -45.90 -69.92
CA ASP C 7 8.61 -45.40 -69.64
C ASP C 7 7.80 -46.45 -68.89
N ILE C 8 7.94 -47.72 -69.32
CA ILE C 8 7.22 -48.85 -68.76
C ILE C 8 7.79 -49.16 -67.38
N GLY C 9 9.09 -49.48 -67.32
CA GLY C 9 9.81 -49.72 -66.08
C GLY C 9 9.41 -48.75 -64.96
N SER C 10 9.21 -47.47 -65.30
CA SER C 10 9.01 -46.46 -64.28
C SER C 10 7.54 -46.36 -63.86
N THR C 11 6.63 -46.71 -64.76
CA THR C 11 5.20 -46.68 -64.43
C THR C 11 4.86 -47.90 -63.57
N ASN C 12 5.60 -48.99 -63.81
CA ASN C 12 5.52 -50.20 -63.02
C ASN C 12 6.11 -49.94 -61.63
N ASP C 13 7.22 -49.20 -61.55
CA ASP C 13 7.86 -48.92 -60.27
C ASP C 13 6.92 -48.08 -59.41
N ALA C 14 6.25 -47.10 -60.04
CA ALA C 14 5.28 -46.25 -59.39
C ALA C 14 4.14 -47.08 -58.79
N LEU C 15 3.73 -48.15 -59.52
CA LEU C 15 2.62 -48.99 -59.12
C LEU C 15 3.03 -49.84 -57.92
N ASP C 16 4.17 -50.53 -58.03
CA ASP C 16 4.67 -51.38 -56.96
C ASP C 16 4.58 -50.64 -55.62
N TYR C 17 5.12 -49.41 -55.60
CA TYR C 17 5.16 -48.58 -54.42
C TYR C 17 3.75 -48.24 -53.94
N TYR C 18 2.85 -47.86 -54.87
CA TYR C 18 1.50 -47.50 -54.50
C TYR C 18 0.75 -48.68 -53.87
N LEU C 19 1.02 -49.89 -54.36
CA LEU C 19 0.38 -51.10 -53.85
C LEU C 19 0.86 -51.36 -52.42
N LYS C 20 2.17 -51.26 -52.19
CA LYS C 20 2.74 -51.47 -50.87
C LYS C 20 2.19 -50.44 -49.88
N SER C 21 1.68 -49.31 -50.38
CA SER C 21 1.12 -48.25 -49.56
C SER C 21 -0.35 -48.47 -49.28
N LYS C 22 -1.09 -49.00 -50.26
CA LYS C 22 -2.54 -48.77 -50.30
C LYS C 22 -3.25 -49.90 -51.03
N GLY C 23 -2.46 -50.85 -51.53
CA GLY C 23 -2.89 -52.00 -52.33
C GLY C 23 -3.73 -53.04 -51.57
N PHE C 24 -3.06 -53.97 -50.85
CA PHE C 24 -3.76 -54.84 -49.90
C PHE C 24 -3.50 -54.33 -48.48
N ASN C 25 -4.59 -54.01 -47.76
CA ASN C 25 -4.55 -53.48 -46.40
C ASN C 25 -5.91 -53.64 -45.71
N GLY C 26 -6.33 -52.58 -45.02
CA GLY C 26 -7.42 -52.62 -44.07
C GLY C 26 -8.78 -52.50 -44.75
N LEU C 27 -9.67 -53.42 -44.36
CA LEU C 27 -11.00 -53.65 -44.91
C LEU C 27 -12.00 -52.85 -44.08
N PHE C 28 -11.52 -51.77 -43.43
CA PHE C 28 -12.08 -51.27 -42.17
C PHE C 28 -12.83 -52.40 -41.49
N SER C 29 -12.17 -52.96 -40.47
CA SER C 29 -12.37 -54.33 -40.04
C SER C 29 -13.54 -54.42 -39.07
N GLN C 30 -13.88 -55.66 -38.70
CA GLN C 30 -15.07 -55.93 -37.91
C GLN C 30 -14.71 -56.85 -36.75
N ILE C 31 -15.32 -56.59 -35.60
CA ILE C 31 -15.06 -57.33 -34.39
C ILE C 31 -16.35 -57.99 -33.91
N GLU C 32 -16.20 -59.18 -33.34
CA GLU C 32 -17.31 -59.93 -32.80
C GLU C 32 -17.11 -59.98 -31.29
N LEU C 33 -17.90 -59.21 -30.55
CA LEU C 33 -17.84 -59.38 -29.11
C LEU C 33 -18.87 -60.42 -28.71
N SER C 34 -18.46 -61.29 -27.76
CA SER C 34 -19.33 -62.32 -27.23
C SER C 34 -19.23 -62.25 -25.71
N PHE C 35 -20.30 -62.64 -25.01
CA PHE C 35 -20.45 -62.14 -23.65
C PHE C 35 -20.82 -63.29 -22.72
N SER C 36 -20.44 -63.11 -21.46
CA SER C 36 -20.78 -64.07 -20.42
C SER C 36 -20.58 -63.32 -19.11
N ALA C 37 -21.18 -63.85 -18.04
CA ALA C 37 -21.05 -63.15 -16.76
C ALA C 37 -20.97 -64.16 -15.64
N SER C 38 -20.47 -63.70 -14.48
CA SER C 38 -20.59 -64.46 -13.24
C SER C 38 -21.11 -63.56 -12.12
N ASN C 39 -21.74 -64.19 -11.11
CA ASN C 39 -22.01 -63.55 -9.83
C ASN C 39 -22.99 -62.39 -9.96
N LEU C 40 -23.94 -62.47 -10.89
CA LEU C 40 -24.92 -61.39 -11.03
C LEU C 40 -25.83 -61.36 -9.79
N ARG C 41 -25.90 -60.21 -9.17
CA ARG C 41 -26.64 -60.05 -7.93
C ARG C 41 -27.20 -58.63 -7.80
N ASP C 42 -28.52 -58.51 -7.59
CA ASP C 42 -29.13 -57.21 -7.39
C ASP C 42 -28.73 -56.65 -6.02
N ARG C 43 -28.72 -57.50 -4.99
CA ARG C 43 -28.29 -57.08 -3.66
C ARG C 43 -27.11 -57.94 -3.17
N ASP C 44 -27.33 -58.69 -2.09
CA ASP C 44 -26.29 -59.49 -1.47
C ASP C 44 -26.59 -60.98 -1.67
N VAL C 45 -27.62 -61.27 -2.45
CA VAL C 45 -28.09 -62.63 -2.66
C VAL C 45 -27.84 -63.01 -4.12
N LEU C 46 -27.32 -64.22 -4.33
CA LEU C 46 -27.06 -64.72 -5.66
C LEU C 46 -28.00 -65.90 -5.89
N SER C 47 -28.97 -65.70 -6.79
CA SER C 47 -29.86 -66.78 -7.17
C SER C 47 -30.08 -66.76 -8.68
N LYS C 48 -30.59 -67.84 -9.26
CA LYS C 48 -30.97 -67.86 -10.66
C LYS C 48 -31.65 -66.55 -11.04
N SER C 49 -31.07 -65.90 -12.05
CA SER C 49 -31.65 -64.75 -12.73
C SER C 49 -31.89 -65.14 -14.21
N ASP C 50 -32.27 -64.13 -15.02
CA ASP C 50 -32.62 -64.28 -16.42
C ASP C 50 -31.88 -63.16 -17.15
N PRO C 51 -30.55 -63.27 -17.32
CA PRO C 51 -29.70 -62.11 -17.63
C PRO C 51 -29.75 -61.73 -19.09
N MET C 52 -29.46 -60.45 -19.36
CA MET C 52 -29.47 -59.91 -20.69
C MET C 52 -28.47 -58.76 -20.66
N VAL C 53 -27.56 -58.72 -21.65
CA VAL C 53 -26.67 -57.60 -21.72
C VAL C 53 -27.12 -56.74 -22.88
N VAL C 54 -26.93 -55.42 -22.72
CA VAL C 54 -27.37 -54.38 -23.61
C VAL C 54 -26.23 -53.41 -23.73
N VAL C 55 -25.95 -52.95 -24.95
CA VAL C 55 -24.69 -52.32 -25.26
C VAL C 55 -25.03 -51.00 -25.95
N TYR C 56 -24.55 -49.91 -25.35
CA TYR C 56 -24.76 -48.57 -25.86
C TYR C 56 -23.43 -48.04 -26.37
N GLN C 57 -23.54 -47.09 -27.30
CA GLN C 57 -22.43 -46.36 -27.89
C GLN C 57 -22.47 -44.95 -27.31
N LYS C 58 -21.37 -44.54 -26.69
CA LYS C 58 -21.31 -43.31 -25.96
C LYS C 58 -20.71 -42.29 -26.91
N GLU C 59 -21.48 -41.23 -27.16
CA GLU C 59 -21.06 -40.09 -27.97
C GLU C 59 -20.23 -39.16 -27.08
N LYS C 60 -19.56 -38.16 -27.68
CA LYS C 60 -18.70 -37.25 -26.93
C LYS C 60 -19.50 -36.46 -25.91
N ASP C 61 -20.74 -36.10 -26.30
CA ASP C 61 -21.68 -35.38 -25.45
C ASP C 61 -22.31 -36.31 -24.43
N ALA C 62 -21.77 -37.53 -24.31
CA ALA C 62 -22.13 -38.51 -23.28
C ALA C 62 -23.52 -39.09 -23.52
N THR C 63 -24.09 -38.85 -24.71
CA THR C 63 -25.34 -39.46 -25.13
C THR C 63 -25.12 -40.93 -25.45
N LEU C 64 -26.17 -41.76 -25.29
CA LEU C 64 -26.05 -43.21 -25.38
C LEU C 64 -26.98 -43.69 -26.49
N SER C 65 -26.46 -44.50 -27.42
CA SER C 65 -27.24 -45.16 -28.45
C SER C 65 -27.24 -46.67 -28.20
N GLU C 66 -28.40 -47.33 -28.30
CA GLU C 66 -28.40 -48.78 -28.15
C GLU C 66 -27.95 -49.38 -29.48
N VAL C 67 -26.98 -50.29 -29.46
CA VAL C 67 -26.48 -50.80 -30.73
C VAL C 67 -26.57 -52.32 -30.78
N PHE C 68 -26.90 -52.92 -29.62
CA PHE C 68 -26.97 -54.37 -29.54
C PHE C 68 -27.62 -54.74 -28.23
N ARG C 69 -28.12 -55.98 -28.18
CA ARG C 69 -28.96 -56.49 -27.11
C ARG C 69 -28.94 -58.02 -27.22
N SER C 70 -28.40 -58.67 -26.20
CA SER C 70 -28.31 -60.13 -26.19
C SER C 70 -29.68 -60.75 -26.01
N GLU C 71 -29.77 -62.04 -26.30
CA GLU C 71 -30.93 -62.84 -25.98
C GLU C 71 -30.96 -63.01 -24.47
N VAL C 72 -32.10 -63.48 -23.96
CA VAL C 72 -32.26 -63.66 -22.52
C VAL C 72 -31.86 -65.09 -22.20
N VAL C 73 -30.90 -65.25 -21.29
CA VAL C 73 -30.60 -66.60 -20.81
C VAL C 73 -31.49 -66.86 -19.62
N LEU C 74 -32.16 -68.00 -19.61
CA LEU C 74 -33.16 -68.27 -18.59
C LEU C 74 -32.55 -69.07 -17.46
N ASN C 75 -32.73 -68.55 -16.24
CA ASN C 75 -32.64 -69.37 -15.04
C ASN C 75 -31.20 -69.80 -14.89
N SER C 76 -30.31 -68.84 -14.65
CA SER C 76 -28.88 -69.11 -14.74
C SER C 76 -28.13 -68.39 -13.64
N LEU C 77 -27.06 -69.06 -13.16
CA LEU C 77 -26.21 -68.48 -12.14
C LEU C 77 -24.92 -67.93 -12.75
N ALA C 78 -24.72 -68.21 -14.05
CA ALA C 78 -23.61 -67.71 -14.82
C ALA C 78 -23.97 -67.82 -16.29
N PRO C 79 -24.55 -66.79 -16.95
CA PRO C 79 -25.02 -66.98 -18.31
C PRO C 79 -23.85 -66.86 -19.29
N LYS C 80 -23.98 -67.58 -20.42
CA LYS C 80 -23.05 -67.52 -21.54
C LYS C 80 -23.92 -67.22 -22.75
N TRP C 81 -23.86 -66.01 -23.28
CA TRP C 81 -24.82 -65.60 -24.29
C TRP C 81 -24.39 -66.17 -25.64
N ILE C 82 -25.37 -66.62 -26.43
CA ILE C 82 -25.13 -67.14 -27.76
C ILE C 82 -24.93 -66.00 -28.76
N LYS C 83 -25.79 -64.97 -28.68
CA LYS C 83 -25.89 -63.92 -29.70
C LYS C 83 -24.65 -63.03 -29.59
N LYS C 84 -23.98 -62.82 -30.74
CA LYS C 84 -22.73 -62.06 -30.79
C LYS C 84 -23.03 -60.69 -31.36
N PHE C 85 -22.23 -59.69 -30.97
CA PHE C 85 -22.38 -58.32 -31.44
C PHE C 85 -21.18 -57.99 -32.33
N ILE C 86 -21.51 -57.73 -33.60
CA ILE C 86 -20.54 -57.39 -34.63
C ILE C 86 -20.50 -55.88 -34.72
N VAL C 87 -19.37 -55.28 -34.30
CA VAL C 87 -19.22 -53.85 -34.39
C VAL C 87 -18.00 -53.55 -35.26
N ALA C 88 -18.11 -52.51 -36.08
CA ALA C 88 -17.02 -52.05 -36.90
C ALA C 88 -15.93 -51.44 -36.01
N TYR C 89 -14.67 -51.61 -36.39
CA TYR C 89 -13.54 -51.10 -35.65
C TYR C 89 -12.93 -49.95 -36.42
N HIS C 90 -12.81 -48.81 -35.73
CA HIS C 90 -12.28 -47.58 -36.31
C HIS C 90 -11.08 -47.14 -35.49
N PHE C 91 -9.87 -47.45 -36.00
CA PHE C 91 -8.64 -47.22 -35.26
C PHE C 91 -8.52 -45.75 -34.86
N GLU C 92 -9.04 -44.86 -35.71
CA GLU C 92 -8.85 -43.42 -35.57
C GLU C 92 -9.84 -42.77 -34.59
N THR C 93 -10.74 -43.55 -33.99
CA THR C 93 -11.60 -42.94 -33.00
C THR C 93 -11.66 -43.83 -31.77
N VAL C 94 -11.79 -43.20 -30.60
CA VAL C 94 -12.10 -43.96 -29.39
C VAL C 94 -13.56 -44.37 -29.51
N GLN C 95 -13.83 -45.67 -29.40
CA GLN C 95 -15.20 -46.13 -29.42
C GLN C 95 -15.57 -46.56 -28.00
N THR C 96 -16.05 -45.58 -27.23
CA THR C 96 -16.56 -45.82 -25.89
C THR C 96 -17.85 -46.63 -26.03
N LEU C 97 -17.95 -47.71 -25.26
CA LEU C 97 -19.12 -48.55 -25.22
C LEU C 97 -19.56 -48.69 -23.76
N VAL C 98 -20.86 -48.86 -23.54
CA VAL C 98 -21.41 -48.96 -22.21
C VAL C 98 -22.23 -50.22 -22.16
N PHE C 99 -21.96 -51.09 -21.17
CA PHE C 99 -22.65 -52.38 -21.07
C PHE C 99 -23.57 -52.32 -19.88
N ARG C 100 -24.75 -52.94 -20.06
CA ARG C 100 -25.76 -52.85 -19.03
C ARG C 100 -26.42 -54.20 -18.95
N VAL C 101 -26.41 -54.75 -17.73
CA VAL C 101 -26.92 -56.10 -17.57
C VAL C 101 -28.22 -55.98 -16.80
N TYR C 102 -29.22 -56.75 -17.23
CA TYR C 102 -30.53 -56.66 -16.64
C TYR C 102 -31.00 -58.05 -16.27
N ASP C 103 -31.78 -58.13 -15.17
CA ASP C 103 -32.44 -59.38 -14.82
C ASP C 103 -33.88 -59.30 -15.32
N VAL C 104 -34.17 -60.02 -16.41
CA VAL C 104 -35.47 -59.89 -17.04
C VAL C 104 -36.51 -60.63 -16.21
N ASP C 105 -37.60 -59.92 -15.90
CA ASP C 105 -38.74 -60.44 -15.18
C ASP C 105 -39.17 -61.76 -15.81
N THR C 106 -39.65 -62.69 -14.99
CA THR C 106 -39.92 -64.04 -15.44
C THR C 106 -41.21 -64.06 -16.27
N LYS C 107 -42.02 -63.02 -16.16
CA LYS C 107 -43.30 -63.01 -16.87
C LYS C 107 -43.03 -62.86 -18.36
N PHE C 108 -41.76 -62.59 -18.73
CA PHE C 108 -41.41 -62.32 -20.11
C PHE C 108 -40.70 -63.50 -20.78
N GLN C 109 -40.67 -64.67 -20.12
CA GLN C 109 -39.79 -65.76 -20.50
C GLN C 109 -39.94 -66.18 -21.96
N ASN C 110 -41.08 -65.87 -22.58
CA ASN C 110 -41.34 -66.29 -23.94
C ASN C 110 -41.17 -65.13 -24.93
N SER C 111 -40.89 -63.92 -24.40
CA SER C 111 -40.82 -62.75 -25.27
C SER C 111 -39.48 -62.67 -25.98
N ARG C 112 -39.53 -62.23 -27.24
CA ARG C 112 -38.37 -61.80 -27.99
C ARG C 112 -37.76 -60.61 -27.27
N GLU C 113 -36.43 -60.57 -27.17
CA GLU C 113 -35.74 -59.52 -26.43
C GLU C 113 -36.05 -58.15 -27.02
N GLU C 114 -36.31 -58.10 -28.32
CA GLU C 114 -36.54 -56.85 -29.02
C GLU C 114 -37.70 -56.11 -28.38
N MET C 115 -38.63 -56.87 -27.78
CA MET C 115 -39.91 -56.35 -27.30
C MET C 115 -39.87 -55.93 -25.83
N LEU C 116 -38.70 -56.02 -25.18
CA LEU C 116 -38.63 -55.77 -23.75
C LEU C 116 -38.41 -54.29 -23.49
N LYS C 117 -39.15 -53.75 -22.51
CA LYS C 117 -38.88 -52.41 -22.01
C LYS C 117 -37.93 -52.52 -20.83
N LEU C 118 -36.85 -51.73 -20.83
CA LEU C 118 -35.84 -51.96 -19.82
C LEU C 118 -36.30 -51.44 -18.46
N ASP C 119 -37.22 -50.48 -18.46
CA ASP C 119 -37.80 -49.95 -17.22
C ASP C 119 -38.52 -51.06 -16.47
N GLU C 120 -38.87 -52.14 -17.17
CA GLU C 120 -39.71 -53.17 -16.57
C GLU C 120 -38.86 -54.31 -16.01
N GLN C 121 -37.54 -54.15 -16.01
CA GLN C 121 -36.62 -55.23 -15.63
C GLN C 121 -35.66 -54.73 -14.56
N GLN C 122 -34.93 -55.66 -13.92
CA GLN C 122 -34.11 -55.29 -12.77
C GLN C 122 -32.69 -54.95 -13.23
N PHE C 123 -32.31 -53.67 -13.08
CA PHE C 123 -30.99 -53.23 -13.50
C PHE C 123 -29.94 -53.73 -12.52
N LEU C 124 -29.10 -54.67 -12.96
CA LEU C 124 -28.07 -55.26 -12.11
C LEU C 124 -26.87 -54.32 -12.05
N GLY C 125 -26.42 -53.82 -13.21
CA GLY C 125 -25.25 -52.97 -13.17
C GLY C 125 -24.69 -52.69 -14.56
N GLU C 126 -23.68 -51.82 -14.56
CA GLU C 126 -23.18 -51.11 -15.73
C GLU C 126 -21.66 -51.09 -15.68
N ALA C 127 -21.04 -51.18 -16.86
CA ALA C 127 -19.60 -50.95 -17.00
C ALA C 127 -19.35 -50.34 -18.37
N THR C 128 -18.16 -49.73 -18.52
CA THR C 128 -17.81 -48.93 -19.68
C THR C 128 -16.36 -49.21 -20.06
N CYS C 129 -16.09 -49.22 -21.35
CA CYS C 129 -14.70 -49.17 -21.79
C CYS C 129 -14.66 -48.90 -23.28
N ALA C 130 -13.46 -48.60 -23.76
CA ALA C 130 -13.23 -48.45 -25.19
C ALA C 130 -13.04 -49.83 -25.81
N LEU C 131 -13.39 -49.95 -27.08
CA LEU C 131 -13.15 -51.15 -27.85
C LEU C 131 -11.65 -51.44 -27.89
N SER C 132 -10.85 -50.37 -27.93
CA SER C 132 -9.40 -50.41 -27.96
C SER C 132 -8.86 -51.22 -26.78
N GLU C 133 -9.56 -51.16 -25.65
CA GLU C 133 -9.11 -51.79 -24.43
C GLU C 133 -9.28 -53.30 -24.48
N ILE C 134 -10.20 -53.78 -25.33
CA ILE C 134 -10.50 -55.21 -25.33
C ILE C 134 -9.61 -55.92 -26.34
N ILE C 135 -9.42 -55.32 -27.53
CA ILE C 135 -8.68 -55.98 -28.59
C ILE C 135 -7.17 -55.85 -28.42
N THR C 136 -6.73 -55.09 -27.41
CA THR C 136 -5.30 -54.99 -27.15
C THR C 136 -4.88 -55.85 -25.97
N LYS C 137 -5.81 -56.64 -25.43
CA LYS C 137 -5.43 -57.60 -24.40
C LYS C 137 -4.87 -58.83 -25.10
N SER C 138 -3.93 -59.50 -24.42
CA SER C 138 -3.30 -60.69 -24.98
C SER C 138 -4.35 -61.75 -25.28
N THR C 139 -5.26 -61.97 -24.32
CA THR C 139 -6.29 -62.99 -24.39
C THR C 139 -7.54 -62.47 -25.09
N ARG C 140 -7.52 -61.19 -25.49
CA ARG C 140 -8.65 -60.53 -26.13
C ARG C 140 -9.92 -60.65 -25.28
N THR C 141 -9.75 -60.81 -23.96
CA THR C 141 -10.87 -60.88 -23.03
C THR C 141 -10.70 -59.84 -21.92
N SER C 142 -11.76 -59.05 -21.70
CA SER C 142 -11.81 -58.19 -20.52
C SER C 142 -12.87 -58.72 -19.56
N THR C 143 -12.64 -58.48 -18.27
CA THR C 143 -13.62 -58.73 -17.23
C THR C 143 -13.94 -57.40 -16.55
N LEU C 144 -15.22 -56.99 -16.58
CA LEU C 144 -15.52 -55.69 -15.97
C LEU C 144 -16.47 -55.89 -14.80
N GLU C 145 -16.19 -55.15 -13.73
CA GLU C 145 -17.06 -55.14 -12.58
C GLU C 145 -18.27 -54.27 -12.91
N LEU C 146 -19.46 -54.87 -12.78
CA LEU C 146 -20.68 -54.10 -13.01
C LEU C 146 -20.93 -53.28 -11.74
N LYS C 147 -21.11 -51.98 -11.90
CA LYS C 147 -21.37 -51.11 -10.75
C LYS C 147 -22.67 -50.33 -10.97
N ARG C 148 -23.31 -49.86 -9.89
CA ARG C 148 -24.42 -48.93 -9.95
C ARG C 148 -24.09 -47.67 -9.16
N LYS C 149 -24.99 -46.68 -9.24
CA LYS C 149 -24.87 -45.46 -8.45
C LYS C 149 -25.26 -45.71 -7.00
N ASP C 150 -24.20 -45.76 -6.17
CA ASP C 150 -24.23 -46.26 -4.80
C ASP C 150 -24.16 -45.06 -3.87
N GLY C 151 -22.97 -44.79 -3.29
CA GLY C 151 -22.80 -43.71 -2.34
C GLY C 151 -21.34 -43.32 -2.15
N PHE C 152 -20.42 -44.28 -2.34
CA PHE C 152 -19.02 -44.09 -1.99
C PHE C 152 -18.14 -45.10 -2.73
N ALA C 153 -17.44 -44.61 -3.76
CA ALA C 153 -16.61 -45.43 -4.62
C ALA C 153 -15.22 -45.73 -4.04
N PRO C 154 -14.38 -44.74 -3.64
CA PRO C 154 -13.08 -45.05 -3.03
C PRO C 154 -13.18 -45.81 -1.70
N GLN C 155 -13.34 -47.14 -1.76
CA GLN C 155 -13.45 -47.99 -0.58
C GLN C 155 -14.92 -48.14 -0.20
N ALA C 156 -15.53 -49.13 -0.85
CA ALA C 156 -16.94 -49.49 -0.73
C ALA C 156 -17.51 -49.33 -2.14
N GLN C 157 -18.83 -49.18 -2.22
CA GLN C 157 -19.62 -49.33 -3.44
C GLN C 157 -19.73 -50.81 -3.84
N PRO C 158 -20.92 -51.44 -3.66
CA PRO C 158 -21.07 -52.88 -3.89
C PRO C 158 -20.96 -53.28 -5.36
N HIS C 159 -20.58 -54.54 -5.59
CA HIS C 159 -20.49 -55.10 -6.92
C HIS C 159 -21.84 -55.70 -7.28
N HIS C 160 -22.11 -55.83 -8.59
CA HIS C 160 -23.30 -56.57 -8.98
C HIS C 160 -22.93 -57.71 -9.93
N GLY C 161 -21.68 -58.15 -9.83
CA GLY C 161 -21.16 -59.23 -10.66
C GLY C 161 -20.10 -58.74 -11.64
N LYS C 162 -19.68 -59.66 -12.52
CA LYS C 162 -18.65 -59.38 -13.50
C LYS C 162 -19.18 -59.72 -14.89
N LEU C 163 -18.84 -58.86 -15.85
CA LEU C 163 -19.19 -59.10 -17.26
C LEU C 163 -17.91 -59.38 -18.03
N ILE C 164 -17.96 -60.42 -18.87
CA ILE C 164 -16.76 -60.97 -19.50
C ILE C 164 -16.95 -60.90 -21.00
N ILE C 165 -16.11 -60.11 -21.65
CA ILE C 165 -16.28 -59.78 -23.06
C ILE C 165 -15.09 -60.36 -23.82
N HIS C 166 -15.40 -61.22 -24.80
CA HIS C 166 -14.39 -61.74 -25.69
C HIS C 166 -14.54 -61.09 -27.06
N ALA C 167 -13.41 -60.62 -27.61
CA ALA C 167 -13.41 -59.98 -28.91
C ALA C 167 -12.57 -60.80 -29.90
N GLU C 168 -13.15 -61.01 -31.09
CA GLU C 168 -12.55 -61.77 -32.16
C GLU C 168 -12.76 -61.02 -33.47
N GLU C 169 -11.68 -60.73 -34.20
CA GLU C 169 -11.82 -60.13 -35.52
C GLU C 169 -12.56 -61.15 -36.40
N SER C 170 -13.56 -60.67 -37.17
CA SER C 170 -14.46 -61.60 -37.82
C SER C 170 -13.76 -62.15 -39.06
N LEU C 171 -13.85 -63.49 -39.24
CA LEU C 171 -13.02 -64.15 -40.22
C LEU C 171 -13.25 -63.59 -41.62
N ALA C 172 -14.51 -63.39 -41.99
CA ALA C 172 -14.83 -62.98 -43.35
C ALA C 172 -14.11 -61.67 -43.70
N SER C 173 -13.93 -60.79 -42.71
CA SER C 173 -13.38 -59.47 -42.99
C SER C 173 -11.86 -59.53 -43.11
N LYS C 174 -11.26 -60.71 -42.91
CA LYS C 174 -9.82 -60.81 -43.00
C LYS C 174 -9.40 -61.42 -44.33
N ILE C 175 -10.38 -61.76 -45.19
CA ILE C 175 -10.13 -62.54 -46.39
C ILE C 175 -9.77 -61.62 -47.55
N SER C 176 -8.62 -61.89 -48.17
CA SER C 176 -8.32 -61.35 -49.49
C SER C 176 -8.10 -62.52 -50.43
N THR C 177 -8.36 -62.26 -51.72
CA THR C 177 -8.33 -63.22 -52.80
C THR C 177 -7.17 -62.88 -53.74
N GLU C 178 -6.14 -63.73 -53.76
CA GLU C 178 -5.08 -63.56 -54.75
C GLU C 178 -5.53 -64.13 -56.08
N ILE C 179 -5.31 -63.40 -57.16
CA ILE C 179 -5.73 -63.81 -58.49
C ILE C 179 -4.53 -63.67 -59.45
N VAL C 180 -4.35 -64.66 -60.32
CA VAL C 180 -3.43 -64.51 -61.45
C VAL C 180 -4.26 -64.57 -62.73
N PHE C 181 -4.29 -63.45 -63.44
CA PHE C 181 -4.93 -63.40 -64.74
C PHE C 181 -3.93 -63.72 -65.84
N ARG C 182 -4.47 -64.26 -66.94
CA ARG C 182 -3.74 -64.51 -68.16
C ARG C 182 -4.72 -64.22 -69.29
N CYS C 183 -4.24 -63.56 -70.36
CA CYS C 183 -5.03 -63.38 -71.56
C CYS C 183 -4.42 -64.15 -72.73
N SER C 184 -5.17 -64.14 -73.83
CA SER C 184 -4.96 -65.02 -74.96
C SER C 184 -5.37 -64.25 -76.21
N ASN C 185 -4.41 -64.01 -77.09
CA ASN C 185 -4.61 -63.39 -78.40
C ASN C 185 -5.21 -62.00 -78.26
N LEU C 186 -4.45 -61.07 -77.69
CA LEU C 186 -4.88 -59.70 -77.56
C LEU C 186 -4.69 -59.01 -78.89
N GLU C 187 -5.62 -58.11 -79.21
CA GLU C 187 -5.51 -57.24 -80.37
C GLU C 187 -5.54 -55.78 -79.92
N SER C 188 -4.45 -55.08 -80.20
CA SER C 188 -4.32 -53.64 -80.06
C SER C 188 -5.23 -52.97 -81.07
N LYS C 189 -5.73 -51.77 -80.74
CA LYS C 189 -6.44 -50.93 -81.69
C LYS C 189 -5.44 -50.38 -82.71
N ASP C 190 -4.21 -50.11 -82.24
CA ASP C 190 -3.09 -49.68 -83.06
C ASP C 190 -2.66 -50.83 -83.98
N LEU C 191 -3.05 -50.72 -85.26
CA LEU C 191 -2.93 -51.84 -86.17
C LEU C 191 -1.46 -52.11 -86.53
N PHE C 192 -1.17 -53.36 -86.93
CA PHE C 192 0.16 -53.79 -87.34
C PHE C 192 1.18 -53.67 -86.21
N SER C 193 0.69 -53.45 -84.98
CA SER C 193 1.57 -53.42 -83.82
C SER C 193 1.06 -54.36 -82.73
N LYS C 194 2.01 -54.90 -81.96
CA LYS C 194 1.68 -55.69 -80.79
C LYS C 194 1.32 -54.77 -79.64
N SER C 195 0.60 -55.34 -78.68
CA SER C 195 0.13 -54.60 -77.53
C SER C 195 1.13 -54.64 -76.38
N ASP C 196 1.08 -53.57 -75.56
CA ASP C 196 1.75 -53.56 -74.27
C ASP C 196 0.67 -53.49 -73.19
N PRO C 197 0.14 -54.66 -72.75
CA PRO C 197 -1.14 -54.71 -72.06
C PRO C 197 -1.07 -54.72 -70.54
N PHE C 198 -2.11 -54.13 -69.92
CA PHE C 198 -2.31 -54.20 -68.48
C PHE C 198 -3.81 -54.31 -68.21
N LEU C 199 -4.16 -54.64 -66.96
CA LEU C 199 -5.54 -54.87 -66.53
C LEU C 199 -5.91 -53.88 -65.43
N VAL C 200 -7.15 -53.38 -65.49
CA VAL C 200 -7.70 -52.53 -64.44
C VAL C 200 -8.99 -53.19 -63.98
N VAL C 201 -9.07 -53.47 -62.67
CA VAL C 201 -10.28 -54.02 -62.06
C VAL C 201 -11.02 -52.91 -61.33
N SER C 202 -12.29 -52.73 -61.67
CA SER C 202 -13.06 -51.58 -61.21
C SER C 202 -14.37 -52.05 -60.59
N LYS C 203 -14.65 -51.60 -59.36
CA LYS C 203 -15.95 -51.74 -58.72
C LYS C 203 -16.98 -50.93 -59.51
N ILE C 204 -18.22 -51.43 -59.54
CA ILE C 204 -19.33 -50.77 -60.22
C ILE C 204 -20.09 -49.93 -59.20
N VAL C 205 -20.29 -48.63 -59.53
CA VAL C 205 -21.20 -47.76 -58.80
C VAL C 205 -22.49 -47.70 -59.61
N GLU C 206 -23.59 -47.23 -58.99
CA GLU C 206 -24.94 -47.65 -59.33
C GLU C 206 -25.58 -46.66 -60.29
N HIS C 207 -25.03 -45.43 -60.33
CA HIS C 207 -25.43 -44.42 -61.29
C HIS C 207 -24.24 -43.53 -61.66
N GLY C 208 -23.02 -44.03 -61.39
CA GLY C 208 -21.84 -43.21 -61.56
C GLY C 208 -20.60 -43.99 -61.99
N THR C 209 -19.54 -43.21 -62.26
CA THR C 209 -18.28 -43.69 -62.83
C THR C 209 -17.66 -44.76 -61.94
N PRO C 210 -17.21 -45.89 -62.55
CA PRO C 210 -16.58 -47.00 -61.82
C PRO C 210 -15.25 -46.63 -61.16
N ILE C 211 -15.03 -47.18 -59.97
CA ILE C 211 -13.89 -46.85 -59.12
C ILE C 211 -12.81 -47.91 -59.34
N PRO C 212 -11.71 -47.60 -60.06
CA PRO C 212 -10.55 -48.49 -60.11
C PRO C 212 -10.16 -49.02 -58.73
N VAL C 213 -9.97 -50.33 -58.64
CA VAL C 213 -9.73 -51.00 -57.38
C VAL C 213 -8.40 -51.76 -57.45
N SER C 214 -8.02 -52.22 -58.65
CA SER C 214 -6.73 -52.86 -58.83
C SER C 214 -6.24 -52.71 -60.27
N LYS C 215 -4.93 -52.89 -60.43
CA LYS C 215 -4.23 -52.64 -61.67
C LYS C 215 -3.04 -53.59 -61.72
N THR C 216 -2.82 -54.20 -62.89
CA THR C 216 -1.69 -55.09 -63.09
C THR C 216 -0.54 -54.26 -63.65
N GLU C 217 0.67 -54.82 -63.61
CA GLU C 217 1.81 -54.16 -64.24
C GLU C 217 1.60 -54.17 -65.75
N VAL C 218 2.39 -53.36 -66.47
CA VAL C 218 2.37 -53.34 -67.92
C VAL C 218 3.42 -54.33 -68.44
N ARG C 219 3.05 -55.11 -69.45
CA ARG C 219 3.97 -56.05 -70.08
C ARG C 219 4.26 -55.60 -71.50
N LYS C 220 5.51 -55.79 -71.94
CA LYS C 220 5.97 -55.29 -73.24
C LYS C 220 5.81 -56.37 -74.31
N ASN C 221 5.21 -56.00 -75.45
CA ASN C 221 5.10 -56.86 -76.62
C ASN C 221 4.65 -58.26 -76.21
N ASP C 222 3.44 -58.35 -75.65
CA ASP C 222 2.88 -59.62 -75.22
C ASP C 222 1.45 -59.68 -75.72
N LEU C 223 1.14 -60.75 -76.46
CA LEU C 223 -0.20 -60.99 -77.00
C LEU C 223 -0.94 -62.00 -76.16
N ASN C 224 -0.20 -62.62 -75.21
CA ASN C 224 -0.73 -63.65 -74.34
C ASN C 224 -0.17 -63.45 -72.94
N PRO C 225 -0.47 -62.29 -72.30
CA PRO C 225 0.18 -61.91 -71.05
C PRO C 225 -0.23 -62.80 -69.88
N ILE C 226 0.73 -63.09 -69.00
CA ILE C 226 0.47 -63.65 -67.67
C ILE C 226 1.05 -62.67 -66.66
N TRP C 227 0.16 -61.87 -66.05
CA TRP C 227 0.57 -60.84 -65.11
C TRP C 227 0.96 -61.44 -63.76
N LYS C 228 1.62 -60.62 -62.94
CA LYS C 228 1.88 -60.96 -61.56
C LYS C 228 0.57 -60.93 -60.77
N PRO C 229 0.52 -61.53 -59.57
CA PRO C 229 -0.74 -61.68 -58.82
C PRO C 229 -1.24 -60.33 -58.34
N VAL C 230 -2.55 -60.10 -58.49
CA VAL C 230 -3.20 -58.98 -57.83
C VAL C 230 -4.03 -59.54 -56.68
N PHE C 231 -4.23 -58.74 -55.62
CA PHE C 231 -4.98 -59.14 -54.45
C PHE C 231 -6.23 -58.27 -54.28
N LEU C 232 -7.36 -58.90 -53.96
CA LEU C 232 -8.60 -58.15 -53.76
C LEU C 232 -9.30 -58.60 -52.48
N SER C 233 -9.50 -57.65 -51.56
CA SER C 233 -10.32 -57.84 -50.39
C SER C 233 -11.80 -57.69 -50.77
N VAL C 234 -12.69 -58.17 -49.89
CA VAL C 234 -14.11 -58.23 -50.20
C VAL C 234 -14.68 -56.81 -50.24
N GLN C 235 -14.12 -55.94 -49.40
CA GLN C 235 -14.56 -54.57 -49.26
C GLN C 235 -14.26 -53.77 -50.52
N GLN C 236 -13.21 -54.18 -51.24
CA GLN C 236 -12.82 -53.53 -52.48
C GLN C 236 -13.84 -53.82 -53.57
N VAL C 237 -14.46 -55.01 -53.50
CA VAL C 237 -15.34 -55.51 -54.55
C VAL C 237 -16.80 -55.35 -54.16
N GLY C 238 -17.08 -55.37 -52.85
CA GLY C 238 -18.43 -55.41 -52.32
C GLY C 238 -18.71 -56.77 -51.69
N SER C 239 -19.30 -57.67 -52.49
CA SER C 239 -19.39 -59.08 -52.12
C SER C 239 -18.78 -59.95 -53.22
N LYS C 240 -18.59 -61.23 -52.90
CA LYS C 240 -17.99 -62.19 -53.81
C LYS C 240 -18.91 -62.43 -55.01
N ASP C 241 -20.19 -62.04 -54.91
CA ASP C 241 -21.14 -62.25 -55.98
C ASP C 241 -21.42 -60.95 -56.74
N SER C 242 -20.73 -59.87 -56.34
CA SER C 242 -20.88 -58.55 -56.95
C SER C 242 -20.03 -58.49 -58.23
N PRO C 243 -20.65 -58.25 -59.41
CA PRO C 243 -19.91 -58.10 -60.66
C PRO C 243 -18.97 -56.89 -60.63
N VAL C 244 -17.75 -57.09 -61.14
CA VAL C 244 -16.73 -56.06 -61.30
C VAL C 244 -16.47 -55.89 -62.79
N ILE C 245 -15.75 -54.82 -63.15
CA ILE C 245 -15.36 -54.60 -64.54
C ILE C 245 -13.87 -54.91 -64.67
N ILE C 246 -13.54 -55.67 -65.72
CA ILE C 246 -12.15 -55.93 -66.03
C ILE C 246 -11.86 -55.42 -67.44
N GLU C 247 -11.02 -54.38 -67.51
CA GLU C 247 -10.62 -53.79 -68.77
C GLU C 247 -9.15 -54.15 -69.03
N CYS C 248 -8.90 -54.70 -70.23
CA CYS C 248 -7.56 -54.87 -70.74
C CYS C 248 -7.25 -53.66 -71.64
N SER C 249 -6.08 -53.04 -71.40
CA SER C 249 -5.74 -51.79 -72.07
C SER C 249 -4.31 -51.86 -72.59
N ASP C 250 -4.06 -51.10 -73.67
CA ASP C 250 -2.76 -50.99 -74.30
C ASP C 250 -2.11 -49.71 -73.80
N PHE C 251 -0.90 -49.84 -73.24
CA PHE C 251 -0.22 -48.75 -72.58
C PHE C 251 0.43 -47.82 -73.60
N ASN C 252 0.28 -46.51 -73.36
CA ASN C 252 0.87 -45.46 -74.18
C ASN C 252 1.49 -44.43 -73.24
N SER C 253 2.80 -44.20 -73.38
CA SER C 253 3.52 -43.32 -72.47
C SER C 253 2.91 -41.92 -72.44
N ASN C 254 2.26 -41.54 -73.54
CA ASN C 254 1.61 -40.25 -73.68
C ASN C 254 0.42 -40.15 -72.72
N GLY C 255 0.07 -41.24 -72.05
CA GLY C 255 -0.93 -41.21 -71.01
C GLY C 255 -2.33 -41.60 -71.48
N LYS C 256 -2.57 -41.59 -72.80
CA LYS C 256 -3.86 -42.00 -73.34
C LYS C 256 -3.81 -43.45 -73.81
N HIS C 257 -4.29 -44.36 -72.95
CA HIS C 257 -4.25 -45.79 -73.23
C HIS C 257 -5.53 -46.21 -73.94
N SER C 258 -5.40 -47.22 -74.82
CA SER C 258 -6.49 -47.65 -75.67
C SER C 258 -7.03 -48.99 -75.18
N LEU C 259 -8.36 -49.06 -75.08
CA LEU C 259 -9.06 -50.24 -74.61
C LEU C 259 -8.86 -51.38 -75.61
N ILE C 260 -8.51 -52.56 -75.11
CA ILE C 260 -8.31 -53.75 -75.92
C ILE C 260 -9.58 -54.59 -75.86
N GLY C 261 -10.12 -54.73 -74.64
CA GLY C 261 -11.29 -55.54 -74.38
C GLY C 261 -11.74 -55.37 -72.93
N LYS C 262 -12.95 -55.89 -72.65
CA LYS C 262 -13.59 -55.65 -71.38
C LYS C 262 -14.58 -56.78 -71.14
N VAL C 263 -14.60 -57.28 -69.90
CA VAL C 263 -15.61 -58.24 -69.46
C VAL C 263 -16.14 -57.76 -68.11
N GLN C 264 -17.31 -58.29 -67.74
CA GLN C 264 -17.95 -57.97 -66.48
C GLN C 264 -18.37 -59.26 -65.81
N LYS C 265 -17.80 -59.52 -64.62
CA LYS C 265 -17.95 -60.81 -63.95
C LYS C 265 -17.72 -60.60 -62.45
N SER C 266 -18.35 -61.44 -61.62
CA SER C 266 -18.14 -61.39 -60.18
C SER C 266 -16.89 -62.20 -59.82
N LEU C 267 -16.44 -62.02 -58.57
CA LEU C 267 -15.24 -62.71 -58.09
C LEU C 267 -15.56 -64.20 -57.95
N SER C 268 -16.84 -64.51 -57.78
CA SER C 268 -17.33 -65.88 -57.72
C SER C 268 -17.26 -66.51 -59.12
N ASP C 269 -17.73 -65.74 -60.12
CA ASP C 269 -17.70 -66.12 -61.52
C ASP C 269 -16.29 -66.48 -61.95
N LEU C 270 -15.30 -65.72 -61.45
CA LEU C 270 -13.91 -65.93 -61.84
C LEU C 270 -13.43 -67.28 -61.28
N GLU C 271 -13.89 -67.61 -60.07
CA GLU C 271 -13.48 -68.82 -59.40
C GLU C 271 -13.95 -70.04 -60.19
N LYS C 272 -15.19 -69.97 -60.68
CA LYS C 272 -15.77 -71.05 -61.48
C LYS C 272 -14.94 -71.24 -62.76
N LEU C 273 -14.59 -70.11 -63.42
CA LEU C 273 -13.71 -70.16 -64.57
C LEU C 273 -12.38 -70.84 -64.19
N HIS C 274 -11.79 -70.42 -63.07
CA HIS C 274 -10.51 -70.98 -62.66
C HIS C 274 -10.61 -72.50 -62.56
N LEU C 275 -11.66 -72.99 -61.89
CA LEU C 275 -11.75 -74.39 -61.55
C LEU C 275 -11.96 -75.20 -62.83
N ALA C 276 -12.81 -74.67 -63.69
CA ALA C 276 -13.21 -75.31 -64.94
C ALA C 276 -12.07 -75.30 -65.96
N GLY C 277 -11.17 -74.32 -65.85
CA GLY C 277 -10.07 -74.14 -66.78
C GLY C 277 -10.53 -73.39 -68.03
N GLN C 278 -11.76 -72.87 -67.99
CA GLN C 278 -12.32 -72.11 -69.10
C GLN C 278 -11.93 -70.64 -69.04
N GLY C 279 -11.74 -70.07 -70.24
CA GLY C 279 -11.59 -68.64 -70.46
C GLY C 279 -12.92 -68.01 -70.87
N ILE C 280 -12.97 -66.67 -70.90
CA ILE C 280 -14.15 -65.95 -71.27
C ILE C 280 -13.73 -64.89 -72.30
N ASN C 281 -14.51 -64.77 -73.38
CA ASN C 281 -14.22 -63.84 -74.45
C ASN C 281 -14.45 -62.40 -73.98
N PHE C 282 -13.57 -61.50 -74.39
CA PHE C 282 -13.66 -60.08 -74.15
C PHE C 282 -14.66 -59.46 -75.13
N SER C 283 -15.08 -58.21 -74.85
CA SER C 283 -15.97 -57.44 -75.70
C SER C 283 -15.46 -56.01 -75.85
N LEU C 284 -15.70 -55.40 -77.02
CA LEU C 284 -15.57 -53.97 -77.23
C LEU C 284 -16.95 -53.38 -77.50
N PRO C 285 -17.26 -52.14 -77.06
CA PRO C 285 -18.46 -51.45 -77.55
C PRO C 285 -18.33 -51.03 -79.01
N THR C 286 -19.43 -51.14 -79.77
CA THR C 286 -19.55 -50.58 -81.11
C THR C 286 -21.01 -50.17 -81.31
N GLY C 287 -21.21 -49.27 -82.27
CA GLY C 287 -22.54 -48.83 -82.69
C GLY C 287 -23.08 -47.71 -81.82
N ALA C 288 -24.38 -47.81 -81.47
CA ALA C 288 -25.00 -47.00 -80.44
C ALA C 288 -24.98 -47.73 -79.10
N GLY C 289 -25.45 -48.99 -79.10
CA GLY C 289 -25.78 -49.70 -77.87
C GLY C 289 -25.65 -51.21 -78.04
N GLN C 290 -24.68 -51.63 -78.86
CA GLN C 290 -24.34 -53.05 -78.96
C GLN C 290 -22.82 -53.24 -78.76
N ASN C 291 -22.46 -54.53 -78.63
CA ASN C 291 -21.10 -54.93 -78.32
C ASN C 291 -20.64 -55.98 -79.34
N LYS C 292 -19.32 -56.11 -79.44
CA LYS C 292 -18.70 -57.11 -80.30
C LYS C 292 -17.84 -58.04 -79.43
N VAL C 293 -18.13 -59.34 -79.52
CA VAL C 293 -17.34 -60.37 -78.86
C VAL C 293 -16.05 -60.60 -79.65
N LEU C 294 -14.90 -60.48 -78.95
CA LEU C 294 -13.59 -60.58 -79.55
C LEU C 294 -13.12 -62.03 -79.52
N LYS C 295 -12.09 -62.34 -80.34
CA LYS C 295 -11.43 -63.63 -80.30
C LYS C 295 -10.62 -63.77 -79.01
N SER C 296 -10.12 -62.64 -78.50
CA SER C 296 -9.32 -62.58 -77.29
C SER C 296 -10.09 -63.06 -76.07
N GLN C 297 -9.37 -63.72 -75.16
CA GLN C 297 -9.98 -64.37 -74.01
C GLN C 297 -9.20 -64.01 -72.75
N LEU C 298 -9.90 -64.11 -71.62
CA LEU C 298 -9.36 -63.94 -70.28
C LEU C 298 -9.37 -65.28 -69.57
N PHE C 299 -8.38 -65.45 -68.68
CA PHE C 299 -8.23 -66.70 -67.97
C PHE C 299 -7.84 -66.38 -66.55
N VAL C 300 -8.17 -67.29 -65.63
CA VAL C 300 -7.81 -67.13 -64.24
C VAL C 300 -6.93 -68.32 -63.86
N ASP C 301 -5.61 -68.17 -64.05
CA ASP C 301 -4.66 -69.25 -63.80
C ASP C 301 -4.61 -69.64 -62.32
N LYS C 302 -4.72 -68.65 -61.42
CA LYS C 302 -4.68 -68.89 -59.99
C LYS C 302 -5.74 -68.04 -59.30
N PHE C 303 -6.20 -68.49 -58.12
CA PHE C 303 -7.29 -67.84 -57.40
C PHE C 303 -7.42 -68.45 -56.02
N THR C 304 -6.87 -67.79 -55.00
CA THR C 304 -6.76 -68.35 -53.67
C THR C 304 -7.24 -67.34 -52.65
N GLU C 305 -8.32 -67.67 -51.94
CA GLU C 305 -8.75 -66.90 -50.78
C GLU C 305 -7.81 -67.23 -49.62
N THR C 306 -7.22 -66.18 -49.04
CA THR C 306 -6.31 -66.29 -47.91
C THR C 306 -6.78 -65.41 -46.76
N VAL C 307 -6.41 -65.81 -45.53
CA VAL C 307 -6.55 -64.95 -44.38
C VAL C 307 -5.31 -64.09 -44.25
N HIS C 308 -5.47 -62.79 -44.51
CA HIS C 308 -4.41 -61.81 -44.46
C HIS C 308 -4.10 -61.46 -43.01
N HIS C 309 -2.82 -61.36 -42.67
CA HIS C 309 -2.44 -60.93 -41.33
C HIS C 309 -2.78 -59.44 -41.21
N THR C 310 -3.73 -59.11 -40.35
CA THR C 310 -4.27 -57.76 -40.31
C THR C 310 -3.64 -56.98 -39.15
N PHE C 311 -3.87 -55.66 -39.16
CA PHE C 311 -3.49 -54.83 -38.03
C PHE C 311 -3.86 -55.55 -36.72
N LEU C 312 -5.16 -55.89 -36.55
CA LEU C 312 -5.61 -56.48 -35.29
C LEU C 312 -4.87 -57.78 -35.01
N GLU C 313 -4.45 -58.53 -36.02
CA GLU C 313 -3.68 -59.75 -35.79
C GLU C 313 -2.39 -59.36 -35.05
N TYR C 314 -1.74 -58.29 -35.51
CA TYR C 314 -0.50 -57.85 -34.88
C TYR C 314 -0.70 -57.36 -33.46
N LEU C 315 -1.79 -56.60 -33.21
CA LEU C 315 -2.07 -56.10 -31.87
C LEU C 315 -2.26 -57.26 -30.88
N ALA C 316 -2.89 -58.33 -31.35
CA ALA C 316 -3.17 -59.51 -30.55
C ALA C 316 -1.89 -60.33 -30.33
N SER C 317 -0.83 -60.01 -31.06
CA SER C 317 0.45 -60.68 -30.91
C SER C 317 1.41 -59.83 -30.08
N GLY C 318 0.86 -58.86 -29.33
CA GLY C 318 1.62 -58.02 -28.43
C GLY C 318 2.52 -56.99 -29.12
N PHE C 319 2.01 -56.38 -30.20
CA PHE C 319 2.69 -55.26 -30.83
C PHE C 319 2.02 -53.97 -30.39
N GLU C 320 2.83 -52.92 -30.16
CA GLU C 320 2.31 -51.70 -29.58
C GLU C 320 2.58 -50.52 -30.51
N LEU C 321 1.78 -49.47 -30.34
CA LEU C 321 2.03 -48.19 -30.97
C LEU C 321 2.44 -47.20 -29.88
N ASN C 322 3.67 -46.73 -29.97
CA ASN C 322 4.24 -45.89 -28.92
C ASN C 322 4.29 -44.44 -29.41
N PHE C 323 3.53 -43.58 -28.72
CA PHE C 323 3.34 -42.17 -29.06
C PHE C 323 4.53 -41.37 -28.59
N MET C 324 4.99 -40.45 -29.44
CA MET C 324 6.06 -39.51 -29.16
C MET C 324 5.53 -38.13 -29.56
N VAL C 325 6.10 -37.06 -28.96
CA VAL C 325 5.67 -35.72 -29.28
C VAL C 325 6.87 -34.79 -29.37
N ALA C 326 6.82 -33.82 -30.28
CA ALA C 326 7.82 -32.77 -30.39
C ALA C 326 7.11 -31.46 -30.70
N ILE C 327 7.48 -30.39 -29.99
CA ILE C 327 6.71 -29.16 -29.90
C ILE C 327 7.60 -27.97 -30.23
N ASP C 328 7.20 -27.20 -31.27
CA ASP C 328 7.86 -25.98 -31.67
C ASP C 328 7.79 -24.99 -30.50
N PHE C 329 8.97 -24.58 -30.02
CA PHE C 329 9.12 -23.55 -29.02
C PHE C 329 9.81 -22.32 -29.63
N THR C 330 9.67 -22.14 -30.95
CA THR C 330 10.21 -20.96 -31.61
C THR C 330 9.38 -19.74 -31.23
N ALA C 331 10.06 -18.60 -31.17
CA ALA C 331 9.43 -17.33 -30.83
C ALA C 331 8.34 -16.98 -31.84
N SER C 332 8.41 -17.58 -33.05
CA SER C 332 7.32 -17.48 -34.00
C SER C 332 5.99 -17.33 -33.25
N ASN C 333 5.88 -18.01 -32.08
CA ASN C 333 4.66 -18.32 -31.37
C ASN C 333 4.17 -17.18 -30.48
N GLY C 334 5.10 -16.34 -30.01
CA GLY C 334 4.73 -15.24 -29.12
C GLY C 334 4.82 -15.66 -27.66
N ASN C 335 5.11 -14.70 -26.77
CA ASN C 335 5.34 -15.03 -25.38
C ASN C 335 4.15 -15.76 -24.78
N PRO C 336 4.40 -16.94 -24.16
CA PRO C 336 3.37 -17.67 -23.42
C PRO C 336 2.48 -16.84 -22.50
N ARG C 337 2.96 -15.68 -22.07
CA ARG C 337 2.23 -14.95 -21.05
C ARG C 337 1.22 -14.01 -21.71
N LEU C 338 1.17 -14.04 -23.05
CA LEU C 338 0.37 -13.12 -23.84
C LEU C 338 -0.88 -13.83 -24.33
N PRO C 339 -2.08 -13.27 -24.07
CA PRO C 339 -3.35 -13.87 -24.48
C PRO C 339 -3.41 -14.37 -25.92
N ASP C 340 -2.66 -13.71 -26.82
CA ASP C 340 -2.72 -14.05 -28.24
C ASP C 340 -1.51 -14.88 -28.65
N SER C 341 -0.75 -15.37 -27.67
CA SER C 341 0.31 -16.31 -28.01
C SER C 341 -0.31 -17.67 -28.30
N LEU C 342 0.25 -18.37 -29.29
CA LEU C 342 -0.19 -19.72 -29.62
C LEU C 342 0.08 -20.66 -28.45
N HIS C 343 0.89 -20.24 -27.45
CA HIS C 343 1.23 -21.12 -26.34
C HIS C 343 0.52 -20.66 -25.07
N TYR C 344 -0.39 -19.69 -25.24
CA TYR C 344 -1.08 -19.11 -24.10
C TYR C 344 -1.77 -20.21 -23.30
N ILE C 345 -1.50 -20.27 -22.00
CA ILE C 345 -2.14 -21.22 -21.10
C ILE C 345 -3.34 -20.54 -20.43
N ASP C 346 -4.54 -20.73 -20.99
CA ASP C 346 -5.73 -20.01 -20.54
C ASP C 346 -6.01 -20.35 -19.09
N PRO C 347 -6.28 -19.34 -18.21
CA PRO C 347 -6.57 -19.63 -16.80
C PRO C 347 -7.86 -20.43 -16.65
N SER C 348 -8.78 -20.25 -17.61
CA SER C 348 -10.06 -20.93 -17.63
C SER C 348 -9.89 -22.42 -17.91
N GLY C 349 -8.71 -22.81 -18.38
CA GLY C 349 -8.39 -24.21 -18.65
C GLY C 349 -8.63 -24.63 -20.11
N ARG C 350 -9.02 -23.67 -20.96
CA ARG C 350 -9.20 -23.90 -22.39
C ARG C 350 -7.86 -24.25 -23.04
N LEU C 351 -7.86 -25.35 -23.79
CA LEU C 351 -6.65 -25.85 -24.44
C LEU C 351 -6.26 -24.97 -25.63
N ASN C 352 -4.96 -24.69 -25.77
CA ASN C 352 -4.48 -24.00 -26.96
C ASN C 352 -4.28 -25.04 -28.05
N ALA C 353 -3.81 -24.60 -29.22
CA ALA C 353 -3.70 -25.49 -30.37
C ALA C 353 -2.70 -26.61 -30.09
N TYR C 354 -1.64 -26.33 -29.34
CA TYR C 354 -0.68 -27.40 -29.09
C TYR C 354 -1.31 -28.44 -28.16
N GLN C 355 -2.09 -27.96 -27.19
CA GLN C 355 -2.80 -28.85 -26.30
C GLN C 355 -3.89 -29.62 -27.04
N ARG C 356 -4.65 -28.96 -27.92
CA ARG C 356 -5.68 -29.62 -28.71
C ARG C 356 -5.05 -30.75 -29.52
N ALA C 357 -3.99 -30.46 -30.26
CA ALA C 357 -3.42 -31.46 -31.15
C ALA C 357 -2.84 -32.61 -30.33
N ILE C 358 -2.23 -32.30 -29.18
CA ILE C 358 -1.70 -33.38 -28.36
C ILE C 358 -2.85 -34.30 -27.94
N MET C 359 -3.95 -33.73 -27.42
CA MET C 359 -5.10 -34.52 -26.98
C MET C 359 -5.72 -35.27 -28.15
N ASP C 360 -6.08 -34.55 -29.21
CA ASP C 360 -6.69 -35.16 -30.39
C ASP C 360 -5.97 -36.46 -30.79
N VAL C 361 -4.64 -36.47 -30.66
CA VAL C 361 -3.86 -37.61 -31.12
C VAL C 361 -3.61 -38.57 -29.97
N GLY C 362 -3.04 -38.06 -28.87
CA GLY C 362 -2.70 -38.90 -27.72
C GLY C 362 -3.89 -39.69 -27.18
N GLU C 363 -5.06 -39.02 -27.11
CA GLU C 363 -6.25 -39.59 -26.52
C GLU C 363 -6.56 -40.94 -27.17
N VAL C 364 -6.15 -41.10 -28.42
CA VAL C 364 -6.40 -42.30 -29.19
C VAL C 364 -5.23 -43.26 -29.06
N LEU C 365 -4.01 -42.77 -29.23
CA LEU C 365 -2.85 -43.64 -29.36
C LEU C 365 -2.42 -44.16 -28.00
N GLN C 366 -3.00 -43.61 -26.93
CA GLN C 366 -2.55 -43.94 -25.59
C GLN C 366 -3.00 -45.37 -25.28
N PHE C 367 -4.02 -45.86 -26.00
CA PHE C 367 -4.58 -47.16 -25.71
C PHE C 367 -3.75 -48.28 -26.33
N TYR C 368 -2.75 -47.93 -27.14
CA TYR C 368 -2.04 -48.93 -27.92
C TYR C 368 -0.63 -49.13 -27.38
N ASP C 369 -0.29 -48.42 -26.28
CA ASP C 369 0.94 -48.60 -25.55
C ASP C 369 0.59 -48.92 -24.11
N SER C 370 1.24 -49.95 -23.54
CA SER C 370 0.90 -50.47 -22.23
C SER C 370 1.67 -49.78 -21.11
N ASP C 371 2.89 -49.30 -21.38
CA ASP C 371 3.71 -48.63 -20.37
C ASP C 371 3.34 -47.15 -20.27
N LYS C 372 2.83 -46.58 -21.37
CA LYS C 372 2.46 -45.18 -21.44
C LYS C 372 3.65 -44.28 -21.07
N ARG C 373 4.87 -44.77 -21.34
CA ARG C 373 6.04 -43.92 -21.27
C ARG C 373 6.31 -43.33 -22.65
N PHE C 374 6.00 -42.04 -22.81
CA PHE C 374 5.98 -41.35 -24.10
C PHE C 374 7.09 -40.32 -24.14
N PRO C 375 8.07 -40.45 -25.07
CA PRO C 375 9.09 -39.42 -25.30
C PRO C 375 8.46 -38.09 -25.67
N ALA C 376 8.93 -37.02 -25.03
CA ALA C 376 8.42 -35.67 -25.27
C ALA C 376 9.61 -34.73 -25.44
N TRP C 377 9.64 -34.05 -26.59
CA TRP C 377 10.68 -33.08 -26.89
C TRP C 377 10.08 -31.72 -27.19
N GLY C 378 10.93 -30.70 -27.03
CA GLY C 378 10.73 -29.40 -27.63
C GLY C 378 11.91 -29.04 -28.53
N PHE C 379 11.70 -28.02 -29.38
CA PHE C 379 12.73 -27.59 -30.30
C PHE C 379 12.61 -26.08 -30.54
N GLY C 380 13.77 -25.43 -30.71
CA GLY C 380 13.83 -24.03 -31.06
C GLY C 380 13.73 -23.08 -29.86
N ALA C 381 14.28 -23.52 -28.72
CA ALA C 381 14.25 -22.68 -27.53
C ALA C 381 15.62 -22.69 -26.85
N ARG C 382 15.84 -21.66 -26.03
CA ARG C 382 17.08 -21.53 -25.30
C ARG C 382 16.78 -21.83 -23.84
N PRO C 383 17.27 -22.98 -23.30
CA PRO C 383 17.09 -23.28 -21.88
C PRO C 383 18.00 -22.35 -21.08
N ILE C 384 17.90 -22.41 -19.75
CA ILE C 384 18.57 -21.44 -18.89
C ILE C 384 20.08 -21.47 -19.14
N ASP C 385 20.62 -20.40 -19.72
CA ASP C 385 22.05 -20.13 -19.74
C ASP C 385 22.73 -20.87 -20.89
N ALA C 386 22.03 -21.83 -21.50
CA ALA C 386 22.57 -22.65 -22.57
C ALA C 386 22.31 -21.98 -23.92
N PRO C 387 22.90 -22.49 -25.03
CA PRO C 387 22.49 -22.06 -26.37
C PRO C 387 21.21 -22.77 -26.82
N VAL C 388 20.63 -22.28 -27.93
CA VAL C 388 19.39 -22.80 -28.48
C VAL C 388 19.52 -24.31 -28.65
N SER C 389 18.50 -25.05 -28.18
CA SER C 389 18.42 -26.49 -28.38
C SER C 389 17.37 -26.79 -29.45
N HIS C 390 17.65 -27.80 -30.29
CA HIS C 390 16.69 -28.18 -31.30
C HIS C 390 16.11 -29.56 -31.01
N CYS C 391 16.33 -30.00 -29.76
CA CYS C 391 15.78 -31.20 -29.19
C CYS C 391 16.13 -31.24 -27.71
N PHE C 392 15.33 -30.59 -26.86
CA PHE C 392 15.49 -30.72 -25.42
C PHE C 392 14.31 -31.49 -24.85
N ASN C 393 14.56 -32.28 -23.78
CA ASN C 393 13.51 -33.05 -23.13
C ASN C 393 12.55 -32.11 -22.42
N LEU C 394 11.25 -32.18 -22.74
CA LEU C 394 10.24 -31.31 -22.14
C LEU C 394 10.23 -31.49 -20.62
N ASN C 395 10.57 -32.69 -20.13
CA ASN C 395 10.51 -32.94 -18.71
C ASN C 395 11.66 -32.24 -18.01
N GLY C 396 12.60 -31.72 -18.80
CA GLY C 396 13.64 -30.83 -18.32
C GLY C 396 14.86 -31.58 -17.76
N SER C 397 14.96 -32.89 -18.02
CA SER C 397 16.11 -33.67 -17.62
C SER C 397 17.15 -33.63 -18.73
N SER C 398 18.25 -34.35 -18.53
CA SER C 398 19.36 -34.34 -19.47
C SER C 398 19.53 -35.73 -20.08
N SER C 399 18.87 -36.72 -19.46
CA SER C 399 19.20 -38.13 -19.71
C SER C 399 18.08 -38.86 -20.46
N TYR C 400 16.84 -38.40 -20.36
CA TYR C 400 15.74 -39.22 -20.86
C TYR C 400 14.51 -38.37 -21.10
N SER C 401 13.64 -38.82 -22.05
CA SER C 401 12.62 -37.95 -22.60
C SER C 401 11.22 -38.46 -22.28
N GLU C 402 11.14 -39.73 -21.86
CA GLU C 402 9.89 -40.38 -21.50
C GLU C 402 9.19 -39.60 -20.40
N VAL C 403 7.84 -39.49 -20.46
CA VAL C 403 6.98 -38.95 -19.41
C VAL C 403 5.79 -39.87 -19.21
N ASP C 404 5.19 -39.85 -18.01
CA ASP C 404 4.10 -40.76 -17.69
C ASP C 404 2.79 -40.21 -18.25
N GLY C 405 2.27 -40.85 -19.30
CA GLY C 405 0.92 -40.61 -19.78
C GLY C 405 0.76 -39.29 -20.52
N ILE C 406 -0.36 -39.14 -21.25
CA ILE C 406 -0.76 -37.87 -21.83
C ILE C 406 -0.63 -36.78 -20.76
N GLN C 407 -1.18 -37.02 -19.56
CA GLN C 407 -1.06 -36.07 -18.46
C GLN C 407 0.38 -35.60 -18.31
N GLY C 408 1.32 -36.55 -18.36
CA GLY C 408 2.75 -36.25 -18.27
C GLY C 408 3.22 -35.31 -19.37
N ILE C 409 2.72 -35.52 -20.60
CA ILE C 409 3.09 -34.63 -21.69
C ILE C 409 2.55 -33.24 -21.38
N MET C 410 1.28 -33.16 -20.94
CA MET C 410 0.68 -31.86 -20.77
C MET C 410 1.39 -31.08 -19.68
N THR C 411 1.76 -31.73 -18.58
CA THR C 411 2.40 -30.97 -17.52
C THR C 411 3.85 -30.65 -17.88
N SER C 412 4.55 -31.58 -18.56
CA SER C 412 5.90 -31.28 -19.04
C SER C 412 5.90 -30.04 -19.94
N TYR C 413 4.86 -29.94 -20.77
CA TYR C 413 4.70 -28.81 -21.68
C TYR C 413 4.54 -27.51 -20.90
N THR C 414 3.48 -27.38 -20.08
CA THR C 414 3.22 -26.13 -19.38
C THR C 414 4.44 -25.77 -18.54
N SER C 415 5.09 -26.79 -17.97
CA SER C 415 6.32 -26.59 -17.22
C SER C 415 7.42 -25.98 -18.09
N ALA C 416 7.78 -26.60 -19.22
CA ALA C 416 8.84 -26.08 -20.08
C ALA C 416 8.56 -24.64 -20.51
N LEU C 417 7.29 -24.35 -20.82
CA LEU C 417 6.89 -23.05 -21.36
C LEU C 417 7.45 -21.92 -20.51
N PHE C 418 7.48 -22.11 -19.19
CA PHE C 418 7.87 -21.01 -18.33
C PHE C 418 9.28 -21.19 -17.80
N ASN C 419 10.05 -22.11 -18.40
CA ASN C 419 11.41 -22.34 -17.93
C ASN C 419 12.41 -22.29 -19.08
N VAL C 420 12.02 -21.71 -20.24
CA VAL C 420 12.93 -21.56 -21.37
C VAL C 420 12.55 -20.33 -22.19
N SER C 421 13.47 -19.90 -23.09
CA SER C 421 13.28 -18.72 -23.90
C SER C 421 12.97 -19.13 -25.33
N LEU C 422 11.72 -18.85 -25.76
CA LEU C 422 11.34 -19.08 -27.13
C LEU C 422 12.41 -18.44 -28.04
N ALA C 423 12.98 -19.24 -28.94
CA ALA C 423 14.05 -18.72 -29.78
C ALA C 423 13.78 -19.03 -31.26
N GLY C 424 14.71 -19.75 -31.88
CA GLY C 424 14.65 -19.99 -33.31
C GLY C 424 16.01 -20.47 -33.84
N PRO C 425 16.09 -20.92 -35.12
CA PRO C 425 14.91 -20.99 -36.00
C PRO C 425 14.19 -22.34 -35.96
N THR C 426 13.17 -22.51 -36.82
CA THR C 426 12.31 -23.69 -36.79
C THR C 426 13.04 -24.84 -37.50
N LEU C 427 13.55 -25.85 -36.77
CA LEU C 427 14.22 -27.02 -37.37
C LEU C 427 13.61 -28.36 -36.91
N PHE C 428 13.50 -29.33 -37.82
CA PHE C 428 12.90 -30.63 -37.58
C PHE C 428 13.94 -31.75 -37.59
N GLY C 429 15.07 -31.49 -38.26
CA GLY C 429 16.11 -32.52 -38.39
C GLY C 429 16.41 -33.21 -37.07
N PRO C 430 16.95 -32.50 -36.06
CA PRO C 430 17.29 -33.09 -34.76
C PRO C 430 16.23 -33.95 -34.07
N VAL C 431 14.97 -33.49 -34.04
CA VAL C 431 13.94 -34.30 -33.38
C VAL C 431 13.73 -35.61 -34.14
N ILE C 432 13.66 -35.52 -35.47
CA ILE C 432 13.45 -36.71 -36.27
C ILE C 432 14.58 -37.72 -36.03
N ASN C 433 15.82 -37.25 -35.92
CA ASN C 433 16.94 -38.14 -35.60
C ASN C 433 16.77 -38.75 -34.21
N ALA C 434 16.38 -37.93 -33.23
CA ALA C 434 16.16 -38.41 -31.87
C ALA C 434 15.13 -39.53 -31.85
N ALA C 435 14.03 -39.35 -32.60
CA ALA C 435 12.99 -40.35 -32.67
C ALA C 435 13.54 -41.62 -33.32
N ALA C 436 14.19 -41.45 -34.48
CA ALA C 436 14.81 -42.53 -35.21
C ALA C 436 15.78 -43.30 -34.31
N MET C 437 16.60 -42.59 -33.55
CA MET C 437 17.53 -43.27 -32.67
C MET C 437 16.79 -44.24 -31.75
N ILE C 438 15.59 -43.85 -31.29
CA ILE C 438 14.81 -44.67 -30.36
C ILE C 438 14.19 -45.85 -31.11
N ALA C 439 13.61 -45.57 -32.30
CA ALA C 439 13.01 -46.59 -33.12
C ALA C 439 14.04 -47.69 -33.36
N SER C 440 15.16 -47.29 -33.97
CA SER C 440 16.30 -48.12 -34.29
C SER C 440 16.70 -48.98 -33.10
N ALA C 441 16.91 -48.34 -31.94
CA ALA C 441 17.35 -49.06 -30.75
C ALA C 441 16.33 -50.13 -30.38
N SER C 442 15.05 -49.84 -30.58
CA SER C 442 13.98 -50.76 -30.27
C SER C 442 14.01 -51.97 -31.22
N LEU C 443 14.26 -51.69 -32.51
CA LEU C 443 14.38 -52.71 -33.54
C LEU C 443 15.51 -53.68 -33.21
N ALA C 444 16.70 -53.16 -32.88
CA ALA C 444 17.88 -53.96 -32.63
C ALA C 444 17.68 -54.88 -31.41
N GLN C 445 16.93 -54.39 -30.42
CA GLN C 445 16.65 -55.13 -29.18
C GLN C 445 15.46 -56.05 -29.37
N GLY C 446 15.09 -56.30 -30.64
CA GLY C 446 13.99 -57.18 -31.01
C GLY C 446 12.70 -56.88 -30.23
N SER C 447 12.42 -55.59 -30.04
CA SER C 447 11.18 -55.14 -29.42
C SER C 447 10.07 -55.18 -30.46
N ARG C 448 8.81 -55.06 -30.01
CA ARG C 448 7.67 -55.11 -30.92
C ARG C 448 6.92 -53.79 -30.86
N LYS C 449 7.69 -52.70 -30.84
CA LYS C 449 7.11 -51.37 -30.78
C LYS C 449 7.20 -50.73 -32.17
N TYR C 450 6.13 -50.05 -32.54
CA TYR C 450 6.15 -49.14 -33.67
C TYR C 450 5.76 -47.77 -33.13
N TYR C 451 6.49 -46.74 -33.57
CA TYR C 451 6.52 -45.43 -32.93
C TYR C 451 5.83 -44.39 -33.79
N VAL C 452 5.03 -43.53 -33.16
CA VAL C 452 4.32 -42.48 -33.86
C VAL C 452 4.72 -41.14 -33.25
N LEU C 453 5.41 -40.30 -34.04
CA LEU C 453 5.89 -39.04 -33.53
C LEU C 453 4.97 -37.94 -34.04
N LEU C 454 4.50 -37.09 -33.11
CA LEU C 454 3.69 -35.97 -33.51
C LEU C 454 4.51 -34.70 -33.34
N ILE C 455 4.67 -33.96 -34.43
CA ILE C 455 5.41 -32.71 -34.45
C ILE C 455 4.41 -31.59 -34.71
N ILE C 456 4.48 -30.54 -33.88
CA ILE C 456 3.53 -29.45 -33.95
C ILE C 456 4.34 -28.17 -34.14
N THR C 457 4.07 -27.44 -35.25
CA THR C 457 4.85 -26.26 -35.56
C THR C 457 3.91 -25.14 -36.02
N ASP C 458 4.43 -23.90 -35.97
CA ASP C 458 3.66 -22.69 -36.16
C ASP C 458 4.10 -22.01 -37.46
N GLY C 459 5.27 -22.45 -37.96
CA GLY C 459 5.87 -21.94 -39.19
C GLY C 459 6.55 -23.04 -39.98
N VAL C 460 7.26 -22.64 -41.05
CA VAL C 460 7.88 -23.56 -41.99
C VAL C 460 9.31 -23.82 -41.54
N ILE C 461 9.84 -25.00 -41.89
CA ILE C 461 11.14 -25.42 -41.43
C ILE C 461 12.22 -24.70 -42.22
N THR C 462 13.42 -24.62 -41.62
CA THR C 462 14.59 -24.04 -42.24
C THR C 462 15.43 -25.12 -42.93
N ASP C 463 15.49 -26.32 -42.31
CA ASP C 463 16.43 -27.35 -42.72
C ASP C 463 15.76 -28.39 -43.61
N LEU C 464 15.04 -27.93 -44.64
CA LEU C 464 14.19 -28.79 -45.45
C LEU C 464 14.98 -29.97 -46.00
N GLN C 465 16.24 -29.74 -46.36
CA GLN C 465 17.04 -30.80 -46.95
C GLN C 465 17.39 -31.85 -45.92
N GLU C 466 18.00 -31.43 -44.80
CA GLU C 466 18.46 -32.37 -43.78
C GLU C 466 17.28 -33.10 -43.14
N THR C 467 16.07 -32.56 -43.35
CA THR C 467 14.82 -33.20 -42.93
C THR C 467 14.52 -34.38 -43.85
N LYS C 468 14.44 -34.11 -45.17
CA LYS C 468 14.28 -35.17 -46.18
C LYS C 468 15.26 -36.31 -45.90
N ASP C 469 16.54 -35.96 -45.69
CA ASP C 469 17.58 -36.95 -45.49
C ASP C 469 17.29 -37.78 -44.25
N ALA C 470 16.78 -37.13 -43.20
CA ALA C 470 16.48 -37.80 -41.95
C ALA C 470 15.29 -38.74 -42.13
N LEU C 471 14.26 -38.27 -42.86
CA LEU C 471 13.03 -39.00 -43.10
C LEU C 471 13.32 -40.25 -43.93
N VAL C 472 13.97 -40.05 -45.09
CA VAL C 472 14.37 -41.14 -45.97
C VAL C 472 15.06 -42.22 -45.16
N SER C 473 16.02 -41.82 -44.32
CA SER C 473 16.78 -42.72 -43.48
C SER C 473 15.88 -43.42 -42.46
N ALA C 474 14.85 -42.71 -41.99
CA ALA C 474 13.96 -43.20 -40.95
C ALA C 474 12.98 -44.22 -41.53
N SER C 475 12.67 -44.09 -42.83
CA SER C 475 11.66 -44.89 -43.49
C SER C 475 11.86 -46.40 -43.31
N ASP C 476 13.07 -46.81 -42.88
CA ASP C 476 13.40 -48.22 -42.69
C ASP C 476 13.12 -48.65 -41.26
N LEU C 477 12.80 -47.68 -40.39
CA LEU C 477 12.64 -47.97 -38.97
C LEU C 477 11.14 -47.96 -38.60
N PRO C 478 10.76 -48.60 -37.46
CA PRO C 478 9.36 -48.67 -37.03
C PRO C 478 8.86 -47.33 -36.52
N LEU C 479 8.49 -46.43 -37.44
CA LEU C 479 8.24 -45.05 -37.08
C LEU C 479 7.38 -44.37 -38.14
N SER C 480 6.24 -43.84 -37.68
CA SER C 480 5.39 -42.95 -38.47
C SER C 480 5.52 -41.55 -37.88
N ILE C 481 5.25 -40.54 -38.72
CA ILE C 481 5.39 -39.16 -38.28
C ILE C 481 4.16 -38.37 -38.72
N LEU C 482 3.59 -37.62 -37.76
CA LEU C 482 2.53 -36.69 -38.10
C LEU C 482 3.02 -35.29 -37.73
N ILE C 483 2.89 -34.38 -38.71
CA ILE C 483 3.16 -32.98 -38.53
C ILE C 483 1.85 -32.20 -38.56
N VAL C 484 1.68 -31.30 -37.60
CA VAL C 484 0.48 -30.48 -37.51
C VAL C 484 0.91 -29.03 -37.43
N GLY C 485 0.40 -28.21 -38.35
CA GLY C 485 0.66 -26.77 -38.33
C GLY C 485 -0.42 -26.05 -37.53
N VAL C 486 -0.01 -25.05 -36.74
CA VAL C 486 -0.95 -24.31 -35.93
C VAL C 486 -0.79 -22.83 -36.25
N GLY C 487 -1.88 -22.08 -36.04
CA GLY C 487 -1.95 -20.67 -36.42
C GLY C 487 -2.16 -20.53 -37.93
N GLY C 488 -2.01 -19.30 -38.43
CA GLY C 488 -2.45 -19.00 -39.79
C GLY C 488 -1.31 -18.92 -40.79
N ALA C 489 -0.12 -19.42 -40.42
CA ALA C 489 1.04 -19.30 -41.29
C ALA C 489 0.78 -20.05 -42.60
N ASP C 490 1.61 -19.76 -43.62
CA ASP C 490 1.44 -20.38 -44.92
C ASP C 490 2.29 -21.65 -44.99
N PHE C 491 1.60 -22.81 -45.05
CA PHE C 491 2.25 -24.09 -44.91
C PHE C 491 2.45 -24.77 -46.25
N LYS C 492 2.42 -23.97 -47.33
CA LYS C 492 2.51 -24.51 -48.69
C LYS C 492 3.74 -25.40 -48.83
N GLU C 493 4.87 -24.98 -48.26
CA GLU C 493 6.14 -25.65 -48.46
C GLU C 493 6.20 -26.98 -47.71
N MET C 494 5.19 -27.24 -46.88
CA MET C 494 5.15 -28.42 -46.03
C MET C 494 4.59 -29.60 -46.81
N GLU C 495 3.79 -29.30 -47.83
CA GLU C 495 2.93 -30.27 -48.48
C GLU C 495 3.74 -31.18 -49.40
N ILE C 496 5.01 -30.84 -49.62
CA ILE C 496 5.89 -31.70 -50.39
C ILE C 496 6.30 -32.91 -49.54
N LEU C 497 6.02 -32.82 -48.23
CA LEU C 497 6.38 -33.87 -47.29
C LEU C 497 5.23 -34.89 -47.12
N ASP C 498 3.99 -34.45 -47.35
CA ASP C 498 2.79 -35.26 -47.10
C ASP C 498 2.81 -36.49 -48.01
N ALA C 499 2.40 -37.64 -47.46
CA ALA C 499 2.30 -38.88 -48.21
C ALA C 499 1.28 -38.74 -49.33
N ASP C 500 0.13 -38.15 -48.99
CA ASP C 500 -0.98 -37.99 -49.92
C ASP C 500 -0.65 -36.91 -50.95
N LYS C 501 -0.45 -35.66 -50.49
CA LYS C 501 -0.35 -34.51 -51.38
C LYS C 501 1.02 -34.48 -52.07
N GLY C 502 2.05 -34.98 -51.38
CA GLY C 502 3.42 -34.82 -51.84
C GLY C 502 3.82 -35.87 -52.87
N GLU C 503 5.14 -36.11 -52.92
CA GLU C 503 5.75 -37.07 -53.83
C GLU C 503 6.80 -37.86 -53.05
N ARG C 504 7.09 -39.07 -53.55
CA ARG C 504 8.06 -39.98 -52.95
C ARG C 504 9.36 -39.24 -52.70
N LEU C 505 9.89 -39.37 -51.48
CA LEU C 505 10.97 -38.51 -51.01
C LEU C 505 12.32 -38.98 -51.53
N GLU C 506 13.15 -38.01 -51.90
CA GLU C 506 14.49 -38.28 -52.36
C GLU C 506 15.48 -37.62 -51.40
N SER C 507 16.34 -38.46 -50.83
CA SER C 507 17.56 -38.07 -50.13
C SER C 507 18.38 -37.15 -51.02
N SER C 508 19.28 -36.36 -50.42
CA SER C 508 20.24 -35.58 -51.19
C SER C 508 21.22 -36.50 -51.89
N SER C 509 21.65 -37.56 -51.18
CA SER C 509 22.57 -38.55 -51.71
C SER C 509 21.91 -39.41 -52.79
N GLY C 510 20.67 -39.07 -53.15
CA GLY C 510 19.99 -39.72 -54.26
C GLY C 510 19.03 -40.84 -53.86
N ARG C 511 19.22 -41.40 -52.65
CA ARG C 511 18.47 -42.55 -52.15
C ARG C 511 16.99 -42.21 -51.95
N LEU C 512 16.14 -43.24 -52.04
CA LEU C 512 14.69 -43.06 -52.01
C LEU C 512 14.11 -43.67 -50.75
N ALA C 513 12.93 -43.16 -50.34
CA ALA C 513 12.26 -43.65 -49.15
C ALA C 513 11.68 -45.04 -49.42
N SER C 514 11.89 -45.97 -48.49
CA SER C 514 11.28 -47.29 -48.58
C SER C 514 9.76 -47.18 -48.59
N ARG C 515 9.20 -46.20 -47.87
CA ARG C 515 7.75 -46.05 -47.76
C ARG C 515 7.40 -44.65 -47.27
N ASP C 516 6.12 -44.25 -47.44
CA ASP C 516 5.62 -43.00 -46.88
C ASP C 516 5.49 -43.14 -45.36
N ILE C 517 6.10 -42.22 -44.63
CA ILE C 517 6.00 -42.21 -43.17
C ILE C 517 5.55 -40.83 -42.68
N VAL C 518 5.41 -39.86 -43.58
CA VAL C 518 5.00 -38.53 -43.15
C VAL C 518 3.59 -38.22 -43.64
N GLN C 519 2.87 -37.46 -42.80
CA GLN C 519 1.63 -36.80 -43.17
C GLN C 519 1.66 -35.40 -42.58
N PHE C 520 1.02 -34.45 -43.25
CA PHE C 520 0.92 -33.11 -42.71
C PHE C 520 -0.51 -32.62 -42.81
N VAL C 521 -0.93 -31.82 -41.83
CA VAL C 521 -2.20 -31.12 -41.95
C VAL C 521 -2.13 -29.85 -41.12
N ALA C 522 -2.94 -28.86 -41.51
CA ALA C 522 -3.02 -27.59 -40.81
C ALA C 522 -4.25 -27.60 -39.93
N LEU C 523 -4.08 -27.46 -38.61
CA LEU C 523 -5.15 -27.66 -37.66
C LEU C 523 -6.14 -26.51 -37.82
N ARG C 524 -7.46 -26.78 -37.79
CA ARG C 524 -8.44 -25.76 -38.15
C ARG C 524 -8.94 -25.07 -36.88
N ASP C 525 -8.19 -24.03 -36.47
CA ASP C 525 -8.51 -23.17 -35.35
C ASP C 525 -9.66 -22.27 -35.79
N VAL C 526 -10.89 -22.77 -35.71
CA VAL C 526 -12.08 -21.98 -36.00
C VAL C 526 -13.08 -22.13 -34.85
N GLN C 527 -13.21 -23.36 -34.32
CA GLN C 527 -14.10 -23.73 -33.23
C GLN C 527 -14.28 -25.25 -33.23
N TYR C 528 -15.01 -25.75 -32.23
CA TYR C 528 -15.43 -27.14 -32.15
C TYR C 528 -16.90 -27.30 -32.55
N GLY C 529 -17.13 -27.63 -33.82
CA GLY C 529 -18.45 -28.04 -34.26
C GLY C 529 -18.46 -29.49 -34.76
N GLU C 530 -17.55 -29.78 -35.71
CA GLU C 530 -17.58 -31.01 -36.49
C GLU C 530 -16.50 -31.99 -36.05
N ILE C 531 -16.11 -32.89 -36.98
CA ILE C 531 -15.07 -33.89 -36.81
C ILE C 531 -13.68 -33.25 -36.90
N SER C 532 -12.65 -33.95 -36.39
CA SER C 532 -11.30 -33.41 -36.37
C SER C 532 -10.54 -33.75 -37.66
N VAL C 533 -9.56 -32.89 -37.97
CA VAL C 533 -8.78 -33.03 -39.20
C VAL C 533 -7.61 -33.96 -38.92
N VAL C 534 -7.43 -34.26 -37.64
CA VAL C 534 -6.42 -35.16 -37.12
C VAL C 534 -6.88 -36.61 -37.37
N GLN C 535 -8.14 -36.89 -37.06
CA GLN C 535 -8.74 -38.20 -37.30
C GLN C 535 -8.21 -38.83 -38.59
N ALA C 536 -8.19 -38.05 -39.68
CA ALA C 536 -7.82 -38.58 -40.99
C ALA C 536 -6.34 -38.94 -41.03
N LEU C 537 -5.52 -38.21 -40.27
CA LEU C 537 -4.11 -38.54 -40.13
C LEU C 537 -3.96 -39.89 -39.43
N LEU C 538 -4.74 -40.09 -38.37
CA LEU C 538 -4.67 -41.32 -37.59
C LEU C 538 -5.13 -42.51 -38.41
N ALA C 539 -6.02 -42.27 -39.38
CA ALA C 539 -6.66 -43.35 -40.11
C ALA C 539 -5.65 -44.09 -40.99
N GLU C 540 -4.56 -43.41 -41.32
CA GLU C 540 -3.58 -43.93 -42.26
C GLU C 540 -2.50 -44.73 -41.55
N LEU C 541 -2.43 -44.67 -40.22
CA LEU C 541 -1.30 -45.24 -39.51
C LEU C 541 -1.32 -46.76 -39.63
N PRO C 542 -2.46 -47.46 -39.43
CA PRO C 542 -2.48 -48.92 -39.59
C PRO C 542 -1.80 -49.33 -40.91
N SER C 543 -2.12 -48.62 -42.01
CA SER C 543 -1.59 -48.95 -43.33
C SER C 543 -0.08 -48.84 -43.31
N GLN C 544 0.43 -47.68 -42.85
CA GLN C 544 1.85 -47.46 -42.67
C GLN C 544 2.43 -48.57 -41.82
N PHE C 545 1.73 -48.86 -40.72
CA PHE C 545 2.20 -49.86 -39.78
C PHE C 545 2.47 -51.17 -40.51
N LEU C 546 1.53 -51.56 -41.38
CA LEU C 546 1.55 -52.87 -42.02
C LEU C 546 2.59 -52.83 -43.14
N THR C 547 2.63 -51.71 -43.87
CA THR C 547 3.65 -51.54 -44.88
C THR C 547 5.01 -51.86 -44.25
N TYR C 548 5.29 -51.28 -43.09
CA TYR C 548 6.59 -51.53 -42.49
C TYR C 548 6.81 -53.03 -42.31
N MET C 549 5.83 -53.69 -41.66
CA MET C 549 5.90 -55.10 -41.31
C MET C 549 6.07 -55.97 -42.54
N ARG C 550 5.44 -55.61 -43.66
CA ARG C 550 5.61 -56.34 -44.90
C ARG C 550 7.06 -56.18 -45.37
N ILE C 551 7.48 -54.93 -45.58
CA ILE C 551 8.79 -54.58 -46.11
C ILE C 551 9.93 -55.12 -45.25
N ARG C 552 9.78 -55.08 -43.92
CA ARG C 552 10.85 -55.38 -42.98
C ARG C 552 11.58 -56.69 -43.27
N ASN C 553 12.83 -56.73 -42.80
CA ASN C 553 13.86 -57.64 -43.27
C ASN C 553 14.86 -57.75 -42.14
N GLY D 1 -25.36 15.56 -20.53
CA GLY D 1 -25.05 16.56 -19.46
C GLY D 1 -23.81 17.40 -19.81
N THR D 2 -23.89 18.71 -19.51
CA THR D 2 -22.80 19.63 -19.76
C THR D 2 -22.17 20.07 -18.43
N SER D 3 -20.92 19.64 -18.20
CA SER D 3 -20.13 20.06 -17.06
C SER D 3 -18.80 19.29 -17.04
N SER D 4 -17.83 19.83 -16.31
CA SER D 4 -16.52 19.20 -16.13
C SER D 4 -16.57 18.26 -14.93
N MET D 5 -15.56 17.37 -14.83
CA MET D 5 -15.42 16.49 -13.68
C MET D 5 -15.32 17.30 -12.38
N ALA D 6 -14.78 18.52 -12.50
CA ALA D 6 -14.56 19.44 -11.39
C ALA D 6 -15.88 20.01 -10.89
N ASP D 7 -16.77 20.34 -11.83
CA ASP D 7 -18.12 20.83 -11.55
C ASP D 7 -18.92 19.77 -10.78
N ILE D 8 -18.77 18.51 -11.19
CA ILE D 8 -19.46 17.37 -10.62
C ILE D 8 -18.89 17.09 -9.24
N GLY D 9 -17.59 16.77 -9.18
CA GLY D 9 -16.87 16.58 -7.92
C GLY D 9 -17.31 17.55 -6.82
N SER D 10 -17.53 18.82 -7.18
CA SER D 10 -17.76 19.85 -6.17
C SER D 10 -19.24 19.91 -5.76
N THR D 11 -20.14 19.53 -6.68
CA THR D 11 -21.56 19.53 -6.36
C THR D 11 -21.88 18.33 -5.48
N ASN D 12 -21.11 17.24 -5.69
CA ASN D 12 -21.16 16.04 -4.87
C ASN D 12 -20.60 16.34 -3.48
N ASP D 13 -19.51 17.12 -3.42
CA ASP D 13 -18.89 17.46 -2.14
C ASP D 13 -19.88 18.27 -1.29
N ALA D 14 -20.57 19.20 -1.96
CA ALA D 14 -21.59 20.04 -1.34
C ALA D 14 -22.69 19.18 -0.73
N LEU D 15 -23.06 18.09 -1.43
CA LEU D 15 -24.15 17.22 -1.04
C LEU D 15 -23.75 16.40 0.18
N ASP D 16 -22.57 15.75 0.10
CA ASP D 16 -22.08 14.92 1.20
C ASP D 16 -22.22 15.69 2.51
N TYR D 17 -21.70 16.92 2.51
CA TYR D 17 -21.71 17.78 3.69
C TYR D 17 -23.13 18.08 4.13
N TYR D 18 -24.02 18.42 3.19
CA TYR D 18 -25.39 18.79 3.52
C TYR D 18 -26.13 17.62 4.17
N LEU D 19 -25.84 16.40 3.72
CA LEU D 19 -26.46 15.19 4.25
C LEU D 19 -26.03 14.99 5.69
N LYS D 20 -24.71 15.08 5.93
CA LYS D 20 -24.18 14.89 7.27
C LYS D 20 -24.74 15.94 8.24
N SER D 21 -25.22 17.07 7.69
CA SER D 21 -25.75 18.17 8.48
C SER D 21 -27.24 18.01 8.72
N LYS D 22 -27.74 16.77 8.82
CA LYS D 22 -29.19 16.64 8.66
C LYS D 22 -29.87 15.60 9.57
N GLY D 23 -30.72 16.12 10.47
CA GLY D 23 -31.96 15.49 10.87
C GLY D 23 -33.09 16.42 10.42
N PHE D 24 -33.91 15.97 9.47
CA PHE D 24 -34.87 16.83 8.81
C PHE D 24 -35.88 17.38 9.82
N ASN D 25 -36.45 18.56 9.49
CA ASN D 25 -37.22 19.41 10.39
C ASN D 25 -38.61 18.83 10.64
N GLY D 26 -39.00 18.76 11.92
CA GLY D 26 -39.99 17.80 12.38
C GLY D 26 -39.41 16.38 12.40
N LEU D 27 -38.14 16.23 12.86
CA LEU D 27 -37.60 14.98 13.32
C LEU D 27 -37.78 14.93 14.84
N PHE D 28 -38.93 15.47 15.25
CA PHE D 28 -39.46 15.25 16.59
C PHE D 28 -39.70 13.76 16.74
N SER D 29 -39.04 13.18 17.76
CA SER D 29 -39.30 11.80 18.14
C SER D 29 -40.50 11.73 19.07
N GLN D 30 -40.86 10.48 19.44
CA GLN D 30 -42.06 10.24 20.23
C GLN D 30 -41.70 9.31 21.39
N ILE D 31 -42.34 9.60 22.53
CA ILE D 31 -42.02 8.90 23.76
C ILE D 31 -43.31 8.26 24.28
N GLU D 32 -43.13 7.09 24.89
CA GLU D 32 -44.23 6.34 25.46
C GLU D 32 -44.01 6.35 26.97
N LEU D 33 -44.80 7.14 27.69
CA LEU D 33 -44.73 7.02 29.15
C LEU D 33 -45.75 5.96 29.59
N SER D 34 -45.33 5.12 30.53
CA SER D 34 -46.17 4.09 31.11
C SER D 34 -46.09 4.22 32.62
N PHE D 35 -47.14 3.82 33.32
CA PHE D 35 -47.32 4.32 34.68
C PHE D 35 -47.66 3.17 35.62
N SER D 36 -47.30 3.37 36.88
CA SER D 36 -47.60 2.43 37.93
C SER D 36 -47.42 3.20 39.22
N ALA D 37 -48.02 2.69 40.31
CA ALA D 37 -47.93 3.40 41.58
C ALA D 37 -47.82 2.38 42.71
N SER D 38 -47.38 2.88 43.88
CA SER D 38 -47.46 2.14 45.12
C SER D 38 -47.99 3.06 46.22
N ASN D 39 -48.59 2.43 47.25
CA ASN D 39 -48.88 3.11 48.51
C ASN D 39 -49.90 4.23 48.34
N LEU D 40 -50.86 4.06 47.42
CA LEU D 40 -51.87 5.09 47.24
C LEU D 40 -52.78 5.10 48.46
N ARG D 41 -52.91 6.29 49.05
CA ARG D 41 -53.64 6.43 50.30
C ARG D 41 -54.23 7.83 50.42
N ASP D 42 -55.56 7.91 50.62
CA ASP D 42 -56.19 9.20 50.82
C ASP D 42 -55.83 9.77 52.18
N ARG D 43 -55.79 8.91 53.22
CA ARG D 43 -55.39 9.28 54.57
C ARG D 43 -54.20 8.43 55.02
N ASP D 44 -54.37 7.62 56.08
CA ASP D 44 -53.23 6.93 56.67
C ASP D 44 -53.36 5.43 56.46
N VAL D 45 -54.38 5.04 55.70
CA VAL D 45 -54.72 3.63 55.52
C VAL D 45 -54.51 3.28 54.05
N LEU D 46 -53.88 2.11 53.83
CA LEU D 46 -53.61 1.65 52.49
C LEU D 46 -54.45 0.38 52.27
N SER D 47 -55.46 0.51 51.40
CA SER D 47 -56.39 -0.55 51.09
C SER D 47 -56.65 -0.52 49.59
N LYS D 48 -57.14 -1.63 49.03
CA LYS D 48 -57.58 -1.66 47.64
C LYS D 48 -58.31 -0.35 47.29
N SER D 49 -57.80 0.31 46.26
CA SER D 49 -58.43 1.45 45.60
C SER D 49 -58.67 1.06 44.14
N ASP D 50 -59.09 2.05 43.33
CA ASP D 50 -59.42 1.89 41.93
C ASP D 50 -58.72 3.02 41.18
N PRO D 51 -57.37 2.96 41.02
CA PRO D 51 -56.57 4.14 40.69
C PRO D 51 -56.64 4.49 39.22
N MET D 52 -56.41 5.77 38.94
CA MET D 52 -56.42 6.31 37.59
C MET D 52 -55.45 7.48 37.61
N VAL D 53 -54.54 7.53 36.62
CA VAL D 53 -53.70 8.69 36.52
C VAL D 53 -54.16 9.52 35.36
N VAL D 54 -54.04 10.84 35.49
CA VAL D 54 -54.50 11.86 34.58
C VAL D 54 -53.36 12.86 34.44
N VAL D 55 -53.09 13.28 33.21
CA VAL D 55 -51.86 13.96 32.88
C VAL D 55 -52.24 15.25 32.17
N TYR D 56 -51.81 16.36 32.77
CA TYR D 56 -52.04 17.69 32.23
C TYR D 56 -50.73 18.26 31.69
N GLN D 57 -50.86 19.15 30.72
CA GLN D 57 -49.78 19.90 30.11
C GLN D 57 -49.84 21.33 30.64
N LYS D 58 -48.75 21.77 31.23
CA LYS D 58 -48.72 23.07 31.89
C LYS D 58 -48.18 24.07 30.89
N GLU D 59 -49.00 25.09 30.60
CA GLU D 59 -48.62 26.22 29.78
C GLU D 59 -47.80 27.20 30.62
N LYS D 60 -47.16 28.19 29.98
CA LYS D 60 -46.30 29.12 30.72
C LYS D 60 -47.13 29.97 31.69
N ASP D 61 -48.38 30.26 31.30
CA ASP D 61 -49.30 31.00 32.13
C ASP D 61 -49.90 30.09 33.21
N ALA D 62 -49.34 28.89 33.36
CA ALA D 62 -49.66 27.95 34.42
C ALA D 62 -51.05 27.33 34.24
N THR D 63 -51.63 27.51 33.05
CA THR D 63 -52.86 26.84 32.65
C THR D 63 -52.61 25.34 32.41
N LEU D 64 -53.63 24.50 32.62
CA LEU D 64 -53.48 23.05 32.56
C LEU D 64 -54.39 22.50 31.49
N SER D 65 -53.85 21.68 30.57
CA SER D 65 -54.61 20.98 29.55
C SER D 65 -54.57 19.49 29.83
N GLU D 66 -55.70 18.78 29.74
CA GLU D 66 -55.65 17.34 29.93
C GLU D 66 -55.20 16.73 28.61
N VAL D 67 -54.19 15.85 28.65
CA VAL D 67 -53.67 15.34 27.39
C VAL D 67 -53.73 13.82 27.37
N PHE D 68 -54.03 13.23 28.53
CA PHE D 68 -54.04 11.79 28.65
C PHE D 68 -54.71 11.43 29.96
N ARG D 69 -55.16 10.17 30.04
CA ARG D 69 -55.99 9.66 31.11
C ARG D 69 -55.93 8.14 31.03
N SER D 70 -55.37 7.51 32.06
CA SER D 70 -55.23 6.06 32.09
C SER D 70 -56.58 5.40 32.28
N GLU D 71 -56.64 4.10 32.00
CA GLU D 71 -57.78 3.28 32.33
C GLU D 71 -57.80 3.11 33.84
N VAL D 72 -58.93 2.63 34.36
CA VAL D 72 -59.08 2.46 35.81
C VAL D 72 -58.61 1.06 36.14
N VAL D 73 -57.66 0.93 37.04
CA VAL D 73 -57.29 -0.39 37.53
C VAL D 73 -58.18 -0.68 38.74
N LEU D 74 -58.80 -1.85 38.75
CA LEU D 74 -59.82 -2.12 39.76
C LEU D 74 -59.20 -2.90 40.90
N ASN D 75 -59.39 -2.39 42.12
CA ASN D 75 -59.26 -3.19 43.31
C ASN D 75 -57.80 -3.58 43.46
N SER D 76 -56.93 -2.58 43.66
CA SER D 76 -55.50 -2.83 43.60
C SER D 76 -54.75 -2.05 44.67
N LEU D 77 -53.67 -2.66 45.18
CA LEU D 77 -52.85 -2.02 46.20
C LEU D 77 -51.58 -1.44 45.58
N ALA D 78 -51.35 -1.78 44.30
CA ALA D 78 -50.25 -1.26 43.52
C ALA D 78 -50.63 -1.39 42.05
N PRO D 79 -51.26 -0.39 41.41
CA PRO D 79 -51.74 -0.59 40.05
C PRO D 79 -50.59 -0.42 39.07
N LYS D 80 -50.71 -1.13 37.95
CA LYS D 80 -49.74 -1.10 36.85
C LYS D 80 -50.59 -0.87 35.61
N TRP D 81 -50.61 0.35 35.08
CA TRP D 81 -51.60 0.70 34.08
C TRP D 81 -51.15 0.16 32.72
N ILE D 82 -52.12 -0.34 31.95
CA ILE D 82 -51.86 -0.90 30.64
C ILE D 82 -51.71 0.22 29.60
N LYS D 83 -52.60 1.22 29.66
CA LYS D 83 -52.71 2.27 28.65
C LYS D 83 -51.49 3.19 28.77
N LYS D 84 -50.80 3.41 27.64
CA LYS D 84 -49.59 4.21 27.60
C LYS D 84 -49.93 5.57 26.99
N PHE D 85 -49.14 6.58 27.37
CA PHE D 85 -49.32 7.93 26.87
C PHE D 85 -48.14 8.27 25.95
N ILE D 86 -48.48 8.47 24.67
CA ILE D 86 -47.53 8.76 23.61
C ILE D 86 -47.52 10.27 23.47
N VAL D 87 -46.39 10.90 23.84
CA VAL D 87 -46.27 12.33 23.72
C VAL D 87 -45.05 12.61 22.84
N ALA D 88 -45.20 13.61 21.97
CA ALA D 88 -44.11 14.05 21.12
C ALA D 88 -43.08 14.75 22.00
N TYR D 89 -41.80 14.64 21.61
CA TYR D 89 -40.71 15.25 22.33
C TYR D 89 -40.18 16.42 21.54
N HIS D 90 -40.11 17.57 22.20
CA HIS D 90 -39.65 18.81 21.61
C HIS D 90 -38.46 19.35 22.39
N PHE D 91 -37.25 19.08 21.89
CA PHE D 91 -36.04 19.36 22.63
C PHE D 91 -35.96 20.84 23.03
N GLU D 92 -36.49 21.71 22.16
CA GLU D 92 -36.35 23.16 22.28
C GLU D 92 -37.38 23.77 23.22
N THR D 93 -38.27 22.96 23.82
CA THR D 93 -39.15 23.57 24.81
C THR D 93 -39.20 22.70 26.05
N VAL D 94 -39.35 23.33 27.21
CA VAL D 94 -39.62 22.60 28.44
C VAL D 94 -41.04 22.07 28.35
N GLN D 95 -41.22 20.75 28.48
CA GLN D 95 -42.58 20.22 28.50
C GLN D 95 -42.94 19.81 29.92
N THR D 96 -43.44 20.80 30.69
CA THR D 96 -43.94 20.56 32.03
C THR D 96 -45.20 19.73 31.92
N LEU D 97 -45.28 18.67 32.72
CA LEU D 97 -46.43 17.80 32.80
C LEU D 97 -46.83 17.68 34.27
N VAL D 98 -48.13 17.51 34.50
CA VAL D 98 -48.66 17.44 35.86
C VAL D 98 -49.49 16.17 35.96
N PHE D 99 -49.18 15.34 36.96
CA PHE D 99 -49.82 14.05 37.11
C PHE D 99 -50.77 14.10 38.29
N ARG D 100 -51.93 13.47 38.12
CA ARG D 100 -52.95 13.54 39.14
C ARG D 100 -53.57 12.16 39.24
N VAL D 101 -53.53 11.62 40.46
CA VAL D 101 -53.99 10.27 40.67
C VAL D 101 -55.31 10.34 41.42
N TYR D 102 -56.27 9.53 40.99
CA TYR D 102 -57.60 9.58 41.57
C TYR D 102 -58.00 8.17 41.99
N ASP D 103 -58.77 8.08 43.08
CA ASP D 103 -59.38 6.82 43.48
C ASP D 103 -60.82 6.84 42.99
N VAL D 104 -61.09 6.08 41.90
CA VAL D 104 -62.40 6.15 41.28
C VAL D 104 -63.41 5.40 42.14
N ASP D 105 -64.52 6.08 42.43
CA ASP D 105 -65.64 5.54 43.16
C ASP D 105 -66.03 4.19 42.54
N THR D 106 -66.49 3.25 43.38
CA THR D 106 -66.73 1.90 42.92
C THR D 106 -68.02 1.85 42.10
N LYS D 107 -68.86 2.87 42.20
CA LYS D 107 -70.13 2.87 41.48
C LYS D 107 -69.86 3.00 39.99
N PHE D 108 -68.61 3.30 39.63
CA PHE D 108 -68.26 3.57 38.24
C PHE D 108 -67.46 2.43 37.61
N GLN D 109 -67.41 1.27 38.27
CA GLN D 109 -66.53 0.18 37.87
C GLN D 109 -66.71 -0.23 36.42
N ASN D 110 -67.86 0.08 35.84
CA ASN D 110 -68.18 -0.33 34.48
C ASN D 110 -68.05 0.85 33.50
N SER D 111 -67.73 2.05 34.00
CA SER D 111 -67.66 3.22 33.14
C SER D 111 -66.35 3.26 32.37
N ARG D 112 -66.42 3.71 31.12
CA ARG D 112 -65.26 4.10 30.34
C ARG D 112 -64.66 5.32 31.03
N GLU D 113 -63.33 5.39 31.14
CA GLU D 113 -62.67 6.45 31.88
C GLU D 113 -63.01 7.81 31.28
N GLU D 114 -63.25 7.85 29.97
CA GLU D 114 -63.47 9.10 29.27
C GLU D 114 -64.68 9.81 29.88
N MET D 115 -65.61 9.04 30.46
CA MET D 115 -66.90 9.52 30.92
C MET D 115 -66.88 9.93 32.39
N LEU D 116 -65.73 9.87 33.07
CA LEU D 116 -65.70 10.12 34.50
C LEU D 116 -65.50 11.61 34.76
N LYS D 117 -66.25 12.12 35.74
CA LYS D 117 -66.06 13.47 36.24
C LYS D 117 -65.10 13.38 37.41
N LEU D 118 -64.06 14.22 37.42
CA LEU D 118 -63.03 14.05 38.42
C LEU D 118 -63.52 14.54 39.78
N ASP D 119 -64.48 15.47 39.76
CA ASP D 119 -65.09 16.00 40.99
C ASP D 119 -65.79 14.87 41.73
N GLU D 120 -66.10 13.77 41.04
CA GLU D 120 -66.90 12.71 41.63
C GLU D 120 -66.03 11.60 42.20
N GLN D 121 -64.70 11.82 42.24
CA GLN D 121 -63.76 10.77 42.64
C GLN D 121 -62.86 11.32 43.73
N GLN D 122 -62.06 10.45 44.35
CA GLN D 122 -61.21 10.88 45.46
C GLN D 122 -59.84 11.28 44.91
N PHE D 123 -59.50 12.58 45.00
CA PHE D 123 -58.20 13.07 44.60
C PHE D 123 -57.16 12.62 45.61
N LEU D 124 -56.28 11.69 45.20
CA LEU D 124 -55.24 11.17 46.07
C LEU D 124 -54.08 12.16 46.12
N GLY D 125 -53.63 12.66 44.96
CA GLY D 125 -52.50 13.56 44.99
C GLY D 125 -51.91 13.83 43.61
N GLU D 126 -50.92 14.72 43.59
CA GLU D 126 -50.43 15.40 42.41
C GLU D 126 -48.91 15.47 42.45
N ALA D 127 -48.26 15.41 41.28
CA ALA D 127 -46.85 15.71 41.14
C ALA D 127 -46.61 16.28 39.75
N THR D 128 -45.44 16.90 39.55
CA THR D 128 -45.12 17.66 38.36
C THR D 128 -43.65 17.41 37.97
N CYS D 129 -43.36 17.38 36.68
CA CYS D 129 -41.98 17.45 36.24
C CYS D 129 -41.95 17.65 34.74
N ALA D 130 -40.74 17.98 34.24
CA ALA D 130 -40.53 18.10 32.81
C ALA D 130 -40.29 16.71 32.24
N LEU D 131 -40.62 16.58 30.97
CA LEU D 131 -40.32 15.38 30.20
C LEU D 131 -38.80 15.13 30.19
N SER D 132 -38.05 16.24 30.14
CA SER D 132 -36.60 16.24 30.09
C SER D 132 -36.02 15.50 31.29
N GLU D 133 -36.73 15.56 32.43
CA GLU D 133 -36.26 14.98 33.67
C GLU D 133 -36.39 13.46 33.66
N ILE D 134 -37.28 12.93 32.82
CA ILE D 134 -37.55 11.49 32.86
C ILE D 134 -36.62 10.79 31.86
N ILE D 135 -36.46 11.37 30.66
CA ILE D 135 -35.71 10.70 29.60
C ILE D 135 -34.21 10.88 29.77
N THR D 136 -33.78 11.67 30.77
CA THR D 136 -32.34 11.81 31.02
C THR D 136 -31.91 10.99 32.21
N LYS D 137 -32.82 10.19 32.78
CA LYS D 137 -32.42 9.27 33.83
C LYS D 137 -31.85 8.02 33.18
N SER D 138 -30.89 7.38 33.86
CA SER D 138 -30.23 6.21 33.32
C SER D 138 -31.26 5.11 33.05
N THR D 139 -32.16 4.90 34.02
CA THR D 139 -33.16 3.84 33.97
C THR D 139 -34.43 4.32 33.28
N ARG D 140 -34.44 5.59 32.84
CA ARG D 140 -35.57 6.22 32.19
C ARG D 140 -36.83 6.10 33.03
N THR D 141 -36.67 5.96 34.36
CA THR D 141 -37.79 5.89 35.29
C THR D 141 -37.66 6.94 36.37
N SER D 142 -38.73 7.71 36.58
CA SER D 142 -38.82 8.59 37.74
C SER D 142 -39.86 8.04 38.71
N THR D 143 -39.65 8.33 39.98
CA THR D 143 -40.61 8.09 41.04
C THR D 143 -40.99 9.42 41.67
N LEU D 144 -42.29 9.78 41.62
CA LEU D 144 -42.66 11.07 42.20
C LEU D 144 -43.61 10.86 43.36
N GLU D 145 -43.35 11.62 44.43
CA GLU D 145 -44.23 11.61 45.58
C GLU D 145 -45.47 12.43 45.24
N LEU D 146 -46.63 11.80 45.38
CA LEU D 146 -47.86 12.53 45.16
C LEU D 146 -48.14 13.36 46.42
N LYS D 147 -48.37 14.66 46.24
CA LYS D 147 -48.64 15.54 47.36
C LYS D 147 -49.97 16.26 47.16
N ARG D 148 -50.60 16.68 48.25
CA ARG D 148 -51.76 17.57 48.21
C ARG D 148 -51.46 18.85 48.98
N LYS D 149 -52.31 19.87 48.81
CA LYS D 149 -52.40 20.93 49.80
C LYS D 149 -53.35 20.45 50.90
N ASP D 150 -52.76 20.09 52.06
CA ASP D 150 -53.52 19.61 53.21
C ASP D 150 -53.78 20.74 54.19
N GLY D 151 -55.03 21.24 54.20
CA GLY D 151 -55.37 22.50 54.85
C GLY D 151 -54.19 23.47 54.86
N PHE D 152 -53.36 23.40 53.80
CA PHE D 152 -52.09 24.12 53.70
C PHE D 152 -51.12 23.72 54.83
N ALA D 153 -50.59 22.50 54.72
CA ALA D 153 -49.68 21.93 55.70
C ALA D 153 -48.24 22.39 55.43
N PRO D 154 -47.38 22.53 56.47
CA PRO D 154 -46.16 23.34 56.33
C PRO D 154 -45.12 22.79 55.34
N GLN D 155 -44.07 22.18 55.89
CA GLN D 155 -42.96 21.65 55.11
C GLN D 155 -43.21 20.18 54.80
N ALA D 156 -43.04 19.30 55.82
CA ALA D 156 -43.31 17.88 55.73
C ALA D 156 -44.82 17.55 55.84
N GLN D 157 -45.51 17.79 54.74
CA GLN D 157 -46.92 17.46 54.51
C GLN D 157 -47.01 15.97 54.18
N PRO D 158 -48.17 15.30 54.44
CA PRO D 158 -48.29 13.86 54.26
C PRO D 158 -48.22 13.41 52.80
N HIS D 159 -47.83 12.15 52.59
CA HIS D 159 -47.71 11.57 51.26
C HIS D 159 -49.04 10.94 50.89
N HIS D 160 -49.30 10.83 49.57
CA HIS D 160 -50.45 10.05 49.15
C HIS D 160 -50.04 8.91 48.22
N GLY D 161 -48.76 8.52 48.34
CA GLY D 161 -48.21 7.45 47.53
C GLY D 161 -47.12 7.93 46.59
N LYS D 162 -46.64 6.99 45.75
CA LYS D 162 -45.58 7.27 44.79
C LYS D 162 -46.08 6.88 43.40
N LEU D 163 -45.78 7.71 42.42
CA LEU D 163 -46.16 7.45 41.04
C LEU D 163 -44.88 7.24 40.24
N ILE D 164 -44.89 6.18 39.41
CA ILE D 164 -43.68 5.65 38.80
C ILE D 164 -43.85 5.67 37.29
N ILE D 165 -43.03 6.48 36.64
CA ILE D 165 -43.21 6.81 35.24
C ILE D 165 -42.02 6.26 34.47
N HIS D 166 -42.30 5.38 33.51
CA HIS D 166 -41.28 4.86 32.63
C HIS D 166 -41.43 5.47 31.26
N ALA D 167 -40.32 5.95 30.69
CA ALA D 167 -40.32 6.56 29.36
C ALA D 167 -39.47 5.74 28.41
N GLU D 168 -40.02 5.46 27.21
CA GLU D 168 -39.39 4.66 26.18
C GLU D 168 -39.64 5.34 24.84
N GLU D 169 -38.58 5.63 24.09
CA GLU D 169 -38.74 6.14 22.73
C GLU D 169 -39.44 5.08 21.89
N SER D 170 -40.44 5.49 21.11
CA SER D 170 -41.25 4.52 20.40
C SER D 170 -40.47 3.99 19.19
N LEU D 171 -40.51 2.65 19.03
CA LEU D 171 -39.65 1.97 18.07
C LEU D 171 -39.85 2.51 16.66
N ALA D 172 -41.10 2.72 16.24
CA ALA D 172 -41.33 3.13 14.86
C ALA D 172 -40.58 4.42 14.53
N SER D 173 -40.44 5.30 15.52
CA SER D 173 -39.84 6.60 15.27
C SER D 173 -38.32 6.52 15.24
N LYS D 174 -37.74 5.34 15.45
CA LYS D 174 -36.29 5.20 15.42
C LYS D 174 -35.83 4.61 14.09
N ILE D 175 -36.79 4.27 13.21
CA ILE D 175 -36.51 3.52 12.01
C ILE D 175 -36.21 4.46 10.85
N SER D 176 -35.05 4.23 10.21
CA SER D 176 -34.80 4.78 8.90
C SER D 176 -34.58 3.63 7.92
N THR D 177 -34.88 3.90 6.65
CA THR D 177 -34.87 2.94 5.56
C THR D 177 -33.76 3.30 4.59
N GLU D 178 -32.72 2.46 4.53
CA GLU D 178 -31.66 2.64 3.53
C GLU D 178 -32.16 2.07 2.19
N ILE D 179 -31.96 2.83 1.11
CA ILE D 179 -32.38 2.42 -0.22
C ILE D 179 -31.19 2.56 -1.18
N VAL D 180 -31.01 1.55 -2.05
CA VAL D 180 -30.11 1.72 -3.18
C VAL D 180 -30.94 1.67 -4.45
N PHE D 181 -30.98 2.79 -5.17
CA PHE D 181 -31.64 2.84 -6.46
C PHE D 181 -30.65 2.51 -7.58
N ARG D 182 -31.21 1.99 -8.67
CA ARG D 182 -30.51 1.74 -9.92
C ARG D 182 -31.49 2.04 -11.03
N CYS D 183 -31.01 2.69 -12.09
CA CYS D 183 -31.80 2.87 -13.30
C CYS D 183 -31.21 2.10 -14.47
N SER D 184 -31.98 2.10 -15.56
CA SER D 184 -31.77 1.21 -16.69
C SER D 184 -32.19 1.96 -17.94
N ASN D 185 -31.22 2.20 -18.83
CA ASN D 185 -31.42 2.84 -20.12
C ASN D 185 -32.04 4.23 -19.96
N LEU D 186 -31.26 5.14 -19.36
CA LEU D 186 -31.68 6.51 -19.23
C LEU D 186 -31.46 7.21 -20.56
N GLU D 187 -32.39 8.11 -20.91
CA GLU D 187 -32.25 8.95 -22.09
C GLU D 187 -32.28 10.42 -21.69
N SER D 188 -31.16 11.10 -21.97
CA SER D 188 -31.02 12.52 -21.82
C SER D 188 -31.92 13.21 -22.85
N LYS D 189 -32.42 14.40 -22.52
CA LYS D 189 -33.13 15.23 -23.50
C LYS D 189 -32.12 15.78 -24.50
N ASP D 190 -30.89 16.04 -24.02
CA ASP D 190 -29.77 16.45 -24.86
C ASP D 190 -29.35 15.27 -25.73
N LEU D 191 -29.72 15.35 -27.01
CA LEU D 191 -29.53 14.26 -27.94
C LEU D 191 -28.04 14.07 -28.27
N PHE D 192 -27.69 12.85 -28.68
CA PHE D 192 -26.33 12.47 -29.08
C PHE D 192 -25.35 12.58 -27.91
N SER D 193 -25.87 12.76 -26.69
CA SER D 193 -25.03 12.78 -25.52
C SER D 193 -25.56 11.80 -24.46
N LYS D 194 -24.63 11.26 -23.68
CA LYS D 194 -25.01 10.45 -22.53
C LYS D 194 -25.36 11.37 -21.37
N SER D 195 -26.10 10.82 -20.40
CA SER D 195 -26.58 11.58 -19.27
C SER D 195 -25.60 11.54 -18.10
N ASP D 196 -25.64 12.60 -17.30
CA ASP D 196 -24.97 12.63 -16.01
C ASP D 196 -26.06 12.71 -14.94
N PRO D 197 -26.60 11.55 -14.49
CA PRO D 197 -27.89 11.52 -13.80
C PRO D 197 -27.81 11.51 -12.29
N PHE D 198 -28.84 12.11 -11.66
CA PHE D 198 -29.03 12.04 -10.22
C PHE D 198 -30.53 11.94 -9.93
N LEU D 199 -30.87 11.60 -8.68
CA LEU D 199 -32.23 11.36 -8.24
C LEU D 199 -32.60 12.31 -7.11
N VAL D 200 -33.84 12.81 -7.15
CA VAL D 200 -34.38 13.67 -6.10
C VAL D 200 -35.66 13.03 -5.61
N VAL D 201 -35.72 12.75 -4.29
CA VAL D 201 -36.92 12.19 -3.67
C VAL D 201 -37.66 13.31 -2.94
N SER D 202 -38.95 13.48 -3.28
CA SER D 202 -39.72 14.62 -2.79
C SER D 202 -41.02 14.13 -2.16
N LYS D 203 -41.27 14.56 -0.91
CA LYS D 203 -42.55 14.36 -0.25
C LYS D 203 -43.61 15.16 -0.99
N ILE D 204 -44.84 14.63 -1.02
CA ILE D 204 -45.98 15.29 -1.65
C ILE D 204 -46.75 16.06 -0.58
N VAL D 205 -46.99 17.36 -0.84
CA VAL D 205 -48.08 18.07 -0.16
C VAL D 205 -49.27 18.07 -1.11
N GLU D 206 -50.48 18.14 -0.57
CA GLU D 206 -51.66 18.31 -1.42
C GLU D 206 -51.93 19.81 -1.56
N HIS D 207 -51.34 20.57 -0.63
CA HIS D 207 -51.56 21.99 -0.46
C HIS D 207 -50.41 22.74 -1.13
N GLY D 208 -49.61 22.06 -1.99
CA GLY D 208 -48.71 22.79 -2.86
C GLY D 208 -47.38 22.10 -3.17
N THR D 209 -46.37 22.90 -3.51
CA THR D 209 -45.14 22.44 -4.16
C THR D 209 -44.41 21.38 -3.32
N PRO D 210 -43.99 20.26 -3.94
CA PRO D 210 -43.33 19.16 -3.24
C PRO D 210 -41.97 19.53 -2.64
N ILE D 211 -41.71 18.98 -1.45
CA ILE D 211 -40.56 19.33 -0.64
C ILE D 211 -39.48 18.27 -0.87
N PRO D 212 -38.39 18.60 -1.61
CA PRO D 212 -37.22 17.72 -1.69
C PRO D 212 -36.82 17.18 -0.32
N VAL D 213 -36.61 15.87 -0.25
CA VAL D 213 -36.34 15.18 1.00
C VAL D 213 -35.00 14.45 0.91
N SER D 214 -34.65 14.01 -0.29
CA SER D 214 -33.36 13.37 -0.50
C SER D 214 -32.87 13.52 -1.94
N LYS D 215 -31.56 13.30 -2.12
CA LYS D 215 -30.87 13.54 -3.37
C LYS D 215 -29.70 12.57 -3.43
N THR D 216 -29.49 11.96 -4.61
CA THR D 216 -28.36 11.09 -4.83
C THR D 216 -27.22 11.92 -5.40
N GLU D 217 -26.00 11.36 -5.40
CA GLU D 217 -24.87 12.03 -6.03
C GLU D 217 -25.10 12.06 -7.54
N VAL D 218 -24.31 12.86 -8.25
CA VAL D 218 -24.35 12.89 -9.71
C VAL D 218 -23.30 11.90 -10.23
N ARG D 219 -23.67 11.11 -11.23
CA ARG D 219 -22.77 10.15 -11.84
C ARG D 219 -22.48 10.57 -13.27
N LYS D 220 -21.23 10.37 -13.71
CA LYS D 220 -20.76 10.86 -15.00
C LYS D 220 -20.92 9.78 -16.06
N ASN D 221 -21.52 10.15 -17.20
CA ASN D 221 -21.64 9.29 -18.37
C ASN D 221 -22.09 7.90 -17.96
N ASP D 222 -23.30 7.82 -17.39
CA ASP D 222 -23.87 6.54 -16.96
C ASP D 222 -25.32 6.50 -17.42
N LEU D 223 -25.66 5.46 -18.17
CA LEU D 223 -26.99 5.26 -18.73
C LEU D 223 -27.73 4.21 -17.90
N ASN D 224 -27.00 3.58 -16.97
CA ASN D 224 -27.53 2.55 -16.09
C ASN D 224 -26.94 2.75 -14.70
N PRO D 225 -27.23 3.91 -14.07
CA PRO D 225 -26.57 4.28 -12.82
C PRO D 225 -26.99 3.40 -11.65
N ILE D 226 -26.02 3.10 -10.77
CA ILE D 226 -26.27 2.54 -9.46
C ILE D 226 -25.67 3.51 -8.44
N TRP D 227 -26.55 4.33 -7.83
CA TRP D 227 -26.13 5.36 -6.91
C TRP D 227 -25.74 4.75 -5.56
N LYS D 228 -25.09 5.59 -4.74
CA LYS D 228 -24.82 5.26 -3.35
C LYS D 228 -26.12 5.30 -2.57
N PRO D 229 -26.16 4.72 -1.35
CA PRO D 229 -27.40 4.58 -0.61
C PRO D 229 -27.92 5.94 -0.13
N VAL D 230 -29.22 6.14 -0.25
CA VAL D 230 -29.88 7.26 0.41
C VAL D 230 -30.70 6.68 1.56
N PHE D 231 -30.88 7.47 2.63
CA PHE D 231 -31.58 7.06 3.85
C PHE D 231 -32.83 7.92 4.04
N LEU D 232 -33.97 7.28 4.37
CA LEU D 232 -35.19 8.03 4.62
C LEU D 232 -35.86 7.55 5.92
N SER D 233 -36.04 8.50 6.85
CA SER D 233 -36.86 8.29 8.03
C SER D 233 -38.33 8.46 7.64
N VAL D 234 -39.23 7.96 8.50
CA VAL D 234 -40.66 7.91 8.20
C VAL D 234 -41.22 9.33 8.20
N GLN D 235 -40.64 10.18 9.06
CA GLN D 235 -41.08 11.56 9.26
C GLN D 235 -40.78 12.38 8.00
N GLN D 236 -39.74 11.99 7.24
CA GLN D 236 -39.35 12.67 6.02
C GLN D 236 -40.39 12.40 4.92
N VAL D 237 -41.02 11.21 4.98
CA VAL D 237 -41.90 10.72 3.93
C VAL D 237 -43.37 10.89 4.34
N GLY D 238 -43.62 10.84 5.65
CA GLY D 238 -44.99 10.78 6.18
C GLY D 238 -45.25 9.41 6.79
N SER D 239 -45.84 8.52 5.98
CA SER D 239 -45.96 7.12 6.35
C SER D 239 -45.37 6.24 5.25
N LYS D 240 -45.19 4.96 5.57
CA LYS D 240 -44.58 4.00 4.66
C LYS D 240 -45.50 3.76 3.47
N ASP D 241 -46.78 4.15 3.57
CA ASP D 241 -47.74 3.94 2.50
C ASP D 241 -48.01 5.24 1.75
N SER D 242 -47.32 6.32 2.14
CA SER D 242 -47.46 7.64 1.52
C SER D 242 -46.63 7.70 0.24
N PRO D 243 -47.25 7.93 -0.94
CA PRO D 243 -46.51 8.07 -2.19
C PRO D 243 -45.58 9.29 -2.18
N VAL D 244 -44.36 9.10 -2.69
CA VAL D 244 -43.36 10.14 -2.85
C VAL D 244 -43.09 10.30 -4.36
N ILE D 245 -42.40 11.38 -4.73
CA ILE D 245 -42.03 11.59 -6.12
C ILE D 245 -40.54 11.31 -6.29
N ILE D 246 -40.21 10.54 -7.33
CA ILE D 246 -38.82 10.27 -7.64
C ILE D 246 -38.55 10.79 -9.05
N GLU D 247 -37.71 11.84 -9.13
CA GLU D 247 -37.33 12.44 -10.40
C GLU D 247 -35.86 12.11 -10.69
N CYS D 248 -35.63 11.60 -11.88
CA CYS D 248 -34.29 11.42 -12.43
C CYS D 248 -33.99 12.62 -13.32
N SER D 249 -32.82 13.24 -13.10
CA SER D 249 -32.45 14.46 -13.81
C SER D 249 -31.03 14.36 -14.35
N ASP D 250 -30.78 15.11 -15.42
CA ASP D 250 -29.48 15.21 -16.07
C ASP D 250 -28.82 16.51 -15.59
N PHE D 251 -27.61 16.38 -15.03
CA PHE D 251 -26.92 17.49 -14.40
C PHE D 251 -26.29 18.41 -15.43
N ASN D 252 -26.42 19.72 -15.20
CA ASN D 252 -25.83 20.76 -16.04
C ASN D 252 -25.20 21.80 -15.12
N SER D 253 -23.89 22.04 -15.27
CA SER D 253 -23.17 22.95 -14.40
C SER D 253 -23.79 24.35 -14.42
N ASN D 254 -24.46 24.69 -15.53
CA ASN D 254 -25.12 25.97 -15.66
C ASN D 254 -26.31 26.10 -14.70
N GLY D 255 -26.62 25.00 -13.99
CA GLY D 255 -27.62 25.05 -12.93
C GLY D 255 -29.03 24.64 -13.38
N LYS D 256 -29.28 24.64 -14.69
CA LYS D 256 -30.57 24.21 -15.21
C LYS D 256 -30.51 22.77 -15.67
N HIS D 257 -31.00 21.86 -14.80
CA HIS D 257 -30.96 20.44 -15.04
C HIS D 257 -32.23 20.01 -15.75
N SER D 258 -32.11 19.00 -16.63
CA SER D 258 -33.20 18.55 -17.46
C SER D 258 -33.75 17.22 -16.94
N LEU D 259 -35.08 17.16 -16.81
CA LEU D 259 -35.78 16.00 -16.31
C LEU D 259 -35.63 14.85 -17.31
N ILE D 260 -35.27 13.67 -16.80
CA ILE D 260 -35.08 12.48 -17.60
C ILE D 260 -36.35 11.63 -17.49
N GLY D 261 -36.86 11.50 -16.26
CA GLY D 261 -38.07 10.76 -15.99
C GLY D 261 -38.50 10.92 -14.54
N LYS D 262 -39.70 10.40 -14.24
CA LYS D 262 -40.34 10.60 -12.95
C LYS D 262 -41.30 9.46 -12.72
N VAL D 263 -41.31 8.95 -11.48
CA VAL D 263 -42.31 7.98 -11.04
C VAL D 263 -42.83 8.43 -9.68
N GLN D 264 -43.99 7.91 -9.30
CA GLN D 264 -44.62 8.22 -8.03
C GLN D 264 -45.02 6.92 -7.34
N LYS D 265 -44.42 6.66 -6.17
CA LYS D 265 -44.57 5.38 -5.49
C LYS D 265 -44.34 5.59 -4.00
N SER D 266 -44.96 4.75 -3.16
CA SER D 266 -44.75 4.79 -1.72
C SER D 266 -43.50 4.00 -1.35
N LEU D 267 -43.04 4.17 -0.10
CA LEU D 267 -41.84 3.48 0.37
C LEU D 267 -42.16 2.00 0.51
N SER D 268 -43.46 1.69 0.69
CA SER D 268 -43.94 0.31 0.75
C SER D 268 -43.87 -0.31 -0.65
N ASP D 269 -44.36 0.45 -1.65
CA ASP D 269 -44.35 0.08 -3.05
C ASP D 269 -42.93 -0.27 -3.50
N LEU D 270 -41.93 0.49 -3.00
CA LEU D 270 -40.55 0.29 -3.40
C LEU D 270 -40.06 -1.05 -2.86
N GLU D 271 -40.51 -1.40 -1.65
CA GLU D 271 -40.07 -2.61 -0.98
C GLU D 271 -40.55 -3.83 -1.78
N LYS D 272 -41.80 -3.76 -2.25
CA LYS D 272 -42.38 -4.83 -3.05
C LYS D 272 -41.58 -5.00 -4.33
N LEU D 273 -41.23 -3.88 -4.99
CA LEU D 273 -40.38 -3.91 -6.16
C LEU D 273 -39.04 -4.58 -5.82
N HIS D 274 -38.44 -4.17 -4.70
CA HIS D 274 -37.15 -4.74 -4.31
C HIS D 274 -37.24 -6.26 -4.25
N LEU D 275 -38.28 -6.75 -3.54
CA LEU D 275 -38.36 -8.16 -3.21
C LEU D 275 -38.60 -8.96 -4.49
N ALA D 276 -39.47 -8.42 -5.35
CA ALA D 276 -39.90 -9.05 -6.59
C ALA D 276 -38.79 -9.02 -7.63
N GLY D 277 -37.87 -8.06 -7.54
CA GLY D 277 -36.82 -7.87 -8.51
C GLY D 277 -37.30 -7.11 -9.74
N GLN D 278 -38.53 -6.57 -9.66
CA GLN D 278 -39.12 -5.83 -10.77
C GLN D 278 -38.72 -4.36 -10.70
N GLY D 279 -38.55 -3.77 -11.89
CA GLY D 279 -38.41 -2.33 -12.08
C GLY D 279 -39.73 -1.70 -12.49
N ILE D 280 -39.77 -0.38 -12.53
CA ILE D 280 -40.95 0.36 -12.91
C ILE D 280 -40.53 1.42 -13.94
N ASN D 281 -41.32 1.54 -15.02
CA ASN D 281 -41.04 2.49 -16.09
C ASN D 281 -41.25 3.91 -15.61
N PHE D 282 -40.35 4.81 -16.03
CA PHE D 282 -40.43 6.24 -15.78
C PHE D 282 -41.42 6.87 -16.76
N SER D 283 -41.85 8.11 -16.44
CA SER D 283 -42.75 8.91 -17.27
C SER D 283 -42.25 10.34 -17.39
N LEU D 284 -42.52 10.97 -18.54
CA LEU D 284 -42.36 12.41 -18.72
C LEU D 284 -43.74 13.04 -18.91
N PRO D 285 -43.99 14.25 -18.39
CA PRO D 285 -45.26 14.95 -18.66
C PRO D 285 -45.33 15.44 -20.11
N THR D 286 -46.55 15.36 -20.69
CA THR D 286 -46.81 15.94 -22.00
C THR D 286 -47.92 17.01 -21.94
N GLY D 287 -47.67 18.14 -22.63
CA GLY D 287 -48.46 19.34 -22.47
C GLY D 287 -49.90 19.00 -22.81
N ALA D 288 -50.69 18.67 -21.78
CA ALA D 288 -52.06 18.24 -21.93
C ALA D 288 -52.68 18.04 -20.54
N GLY D 289 -52.00 17.21 -19.72
CA GLY D 289 -52.54 16.74 -18.45
C GLY D 289 -52.22 15.25 -18.18
N GLN D 290 -51.51 14.61 -19.10
CA GLN D 290 -51.16 13.20 -19.02
C GLN D 290 -49.66 13.01 -19.29
N ASN D 291 -49.24 11.74 -19.28
CA ASN D 291 -47.84 11.36 -19.20
C ASN D 291 -47.50 10.38 -20.33
N LYS D 292 -46.20 10.27 -20.62
CA LYS D 292 -45.67 9.34 -21.60
C LYS D 292 -44.70 8.38 -20.91
N VAL D 293 -44.97 7.08 -21.03
CA VAL D 293 -44.17 6.03 -20.42
C VAL D 293 -42.90 5.81 -21.26
N LEU D 294 -41.74 5.91 -20.59
CA LEU D 294 -40.44 5.76 -21.22
C LEU D 294 -40.00 4.30 -21.19
N LYS D 295 -38.97 3.98 -22.00
CA LYS D 295 -38.32 2.68 -21.98
C LYS D 295 -37.49 2.54 -20.70
N SER D 296 -36.98 3.67 -20.19
CA SER D 296 -36.15 3.70 -19.00
C SER D 296 -36.91 3.22 -17.76
N GLN D 297 -36.18 2.56 -16.86
CA GLN D 297 -36.79 1.94 -15.69
C GLN D 297 -36.01 2.26 -14.43
N LEU D 298 -36.69 2.16 -13.29
CA LEU D 298 -36.14 2.35 -11.96
C LEU D 298 -36.15 1.00 -11.25
N PHE D 299 -35.17 0.82 -10.36
CA PHE D 299 -35.00 -0.43 -9.66
C PHE D 299 -34.57 -0.12 -8.23
N VAL D 300 -34.90 -1.03 -7.30
CA VAL D 300 -34.50 -0.87 -5.92
C VAL D 300 -33.61 -2.07 -5.56
N ASP D 301 -32.29 -1.92 -5.77
CA ASP D 301 -31.33 -2.99 -5.54
C ASP D 301 -31.26 -3.39 -4.07
N LYS D 302 -31.37 -2.43 -3.16
CA LYS D 302 -31.31 -2.71 -1.72
C LYS D 302 -32.35 -1.85 -1.00
N PHE D 303 -32.78 -2.31 0.18
CA PHE D 303 -33.86 -1.68 0.91
C PHE D 303 -33.97 -2.29 2.32
N THR D 304 -33.40 -1.61 3.32
CA THR D 304 -33.24 -2.17 4.64
C THR D 304 -33.71 -1.17 5.69
N GLU D 305 -34.76 -1.52 6.43
CA GLU D 305 -35.15 -0.76 7.60
C GLU D 305 -34.17 -1.08 8.73
N THR D 306 -33.58 -0.01 9.29
CA THR D 306 -32.62 -0.11 10.39
C THR D 306 -33.05 0.77 11.57
N VAL D 307 -32.63 0.36 12.77
CA VAL D 307 -32.83 1.18 13.95
C VAL D 307 -31.63 2.10 14.11
N HIS D 308 -31.84 3.41 13.85
CA HIS D 308 -30.76 4.37 13.99
C HIS D 308 -30.60 4.77 15.46
N HIS D 309 -29.37 4.93 15.92
CA HIS D 309 -29.11 5.54 17.21
C HIS D 309 -29.58 6.99 17.21
N THR D 310 -30.60 7.27 18.03
CA THR D 310 -31.23 8.59 18.00
C THR D 310 -30.70 9.46 19.15
N PHE D 311 -31.00 10.76 19.06
CA PHE D 311 -30.68 11.67 20.15
C PHE D 311 -31.05 11.03 21.48
N LEU D 312 -32.34 10.64 21.62
CA LEU D 312 -32.82 10.12 22.89
C LEU D 312 -32.06 8.87 23.31
N GLU D 313 -31.57 8.07 22.33
CA GLU D 313 -30.77 6.90 22.68
C GLU D 313 -29.55 7.39 23.46
N TYR D 314 -28.90 8.44 22.95
CA TYR D 314 -27.69 8.93 23.59
C TYR D 314 -27.96 9.51 24.98
N LEU D 315 -29.05 10.26 25.13
CA LEU D 315 -29.37 10.85 26.43
C LEU D 315 -29.58 9.76 27.49
N ALA D 316 -30.18 8.65 27.07
CA ALA D 316 -30.49 7.55 27.97
C ALA D 316 -29.23 6.74 28.28
N SER D 317 -28.13 7.03 27.55
CA SER D 317 -26.86 6.36 27.79
C SER D 317 -25.93 7.25 28.59
N GLY D 318 -26.51 8.26 29.26
CA GLY D 318 -25.78 9.15 30.16
C GLY D 318 -24.86 10.13 29.43
N PHE D 319 -25.32 10.67 28.30
CA PHE D 319 -24.62 11.76 27.63
C PHE D 319 -25.33 13.06 27.98
N GLU D 320 -24.54 14.10 28.17
CA GLU D 320 -25.08 15.34 28.69
C GLU D 320 -24.83 16.47 27.71
N LEU D 321 -25.67 17.51 27.84
CA LEU D 321 -25.45 18.77 27.18
C LEU D 321 -25.08 19.77 28.26
N ASN D 322 -23.85 20.29 28.16
CA ASN D 322 -23.31 21.15 29.20
C ASN D 322 -23.31 22.58 28.68
N PHE D 323 -24.13 23.42 29.33
CA PHE D 323 -24.40 24.79 28.94
C PHE D 323 -23.25 25.63 29.46
N MET D 324 -22.79 26.53 28.57
CA MET D 324 -21.75 27.48 28.87
C MET D 324 -22.27 28.81 28.41
N VAL D 325 -21.74 29.89 29.02
CA VAL D 325 -22.20 31.21 28.66
C VAL D 325 -21.00 32.14 28.60
N ALA D 326 -21.02 33.07 27.65
CA ALA D 326 -20.01 34.12 27.57
C ALA D 326 -20.72 35.42 27.18
N ILE D 327 -20.39 36.50 27.90
CA ILE D 327 -21.17 37.73 27.90
C ILE D 327 -20.27 38.92 27.58
N ASP D 328 -20.63 39.67 26.52
CA ASP D 328 -19.96 40.90 26.12
C ASP D 328 -20.07 41.89 27.27
N PHE D 329 -18.91 42.30 27.80
CA PHE D 329 -18.78 43.35 28.80
C PHE D 329 -18.06 44.55 28.18
N THR D 330 -18.15 44.72 26.85
CA THR D 330 -17.58 45.89 26.20
C THR D 330 -18.41 47.11 26.55
N ALA D 331 -17.72 48.26 26.62
CA ALA D 331 -18.36 49.53 26.92
C ALA D 331 -19.40 49.88 25.86
N SER D 332 -19.29 49.28 24.66
CA SER D 332 -20.35 49.35 23.67
C SER D 332 -21.71 49.53 24.38
N ASN D 333 -21.86 48.87 25.54
CA ASN D 333 -23.11 48.57 26.21
C ASN D 333 -23.63 49.74 27.07
N GLY D 334 -22.71 50.58 27.57
CA GLY D 334 -23.10 51.69 28.41
C GLY D 334 -23.04 51.28 29.88
N ASN D 335 -22.73 52.26 30.75
CA ASN D 335 -22.54 51.94 32.15
C ASN D 335 -23.76 51.22 32.74
N PRO D 336 -23.54 50.06 33.39
CA PRO D 336 -24.60 49.35 34.12
C PRO D 336 -25.52 50.22 34.98
N ARG D 337 -25.03 51.38 35.41
CA ARG D 337 -25.78 52.14 36.40
C ARG D 337 -26.76 53.08 35.69
N LEU D 338 -26.79 53.01 34.36
CA LEU D 338 -27.57 53.91 33.52
C LEU D 338 -28.81 53.18 33.04
N PRO D 339 -30.01 53.76 33.25
CA PRO D 339 -31.28 53.15 32.79
C PRO D 339 -31.29 52.65 31.36
N ASP D 340 -30.51 53.28 30.48
CA ASP D 340 -30.51 52.93 29.07
C ASP D 340 -29.28 52.10 28.71
N SER D 341 -28.56 51.60 29.73
CA SER D 341 -27.52 50.64 29.46
C SER D 341 -28.16 49.28 29.14
N LEU D 342 -27.58 48.56 28.16
CA LEU D 342 -28.01 47.21 27.86
C LEU D 342 -27.79 46.28 29.06
N HIS D 343 -26.99 46.71 30.07
CA HIS D 343 -26.71 45.83 31.18
C HIS D 343 -27.45 46.30 32.43
N TYR D 344 -28.34 47.29 32.23
CA TYR D 344 -29.05 47.89 33.35
C TYR D 344 -29.81 46.80 34.08
N ILE D 345 -29.64 46.72 35.40
CA ILE D 345 -30.36 45.76 36.24
C ILE D 345 -31.61 46.43 36.82
N ASP D 346 -32.76 46.24 36.18
CA ASP D 346 -34.00 46.94 36.52
C ASP D 346 -34.37 46.61 37.97
N PRO D 347 -34.70 47.63 38.82
CA PRO D 347 -35.04 47.38 40.22
C PRO D 347 -36.33 46.57 40.34
N SER D 348 -37.21 46.72 39.33
CA SER D 348 -38.50 46.06 39.29
C SER D 348 -38.32 44.56 39.06
N GLY D 349 -37.11 44.15 38.63
CA GLY D 349 -36.78 42.75 38.41
C GLY D 349 -37.05 42.29 36.97
N ARG D 350 -37.39 43.22 36.07
CA ARG D 350 -37.45 42.98 34.64
C ARG D 350 -36.04 42.66 34.13
N LEU D 351 -35.94 41.54 33.40
CA LEU D 351 -34.68 41.06 32.88
C LEU D 351 -34.25 41.91 31.67
N ASN D 352 -32.95 42.23 31.60
CA ASN D 352 -32.43 42.90 30.42
C ASN D 352 -32.17 41.84 29.36
N ALA D 353 -31.67 42.26 28.19
CA ALA D 353 -31.50 41.37 27.06
C ALA D 353 -30.54 40.23 27.41
N TYR D 354 -29.50 40.51 28.19
CA TYR D 354 -28.55 39.46 28.48
C TYR D 354 -29.22 38.45 29.42
N GLN D 355 -30.01 38.94 30.36
CA GLN D 355 -30.75 38.06 31.26
C GLN D 355 -31.82 37.27 30.52
N ARG D 356 -32.55 37.91 29.60
CA ARG D 356 -33.57 37.22 28.81
C ARG D 356 -32.93 36.07 28.04
N ALA D 357 -31.84 36.37 27.30
CA ALA D 357 -31.25 35.34 26.46
C ALA D 357 -30.68 34.21 27.33
N ILE D 358 -30.08 34.57 28.47
CA ILE D 358 -29.58 33.51 29.33
C ILE D 358 -30.70 32.58 29.76
N MET D 359 -31.81 33.15 30.24
CA MET D 359 -32.95 32.35 30.70
C MET D 359 -33.55 31.56 29.55
N ASP D 360 -33.91 32.25 28.46
CA ASP D 360 -34.49 31.61 27.30
C ASP D 360 -33.74 30.33 26.93
N VAL D 361 -32.41 30.33 27.08
CA VAL D 361 -31.60 29.19 26.67
C VAL D 361 -31.37 28.26 27.85
N GLY D 362 -30.85 28.79 28.95
CA GLY D 362 -30.51 28.01 30.13
C GLY D 362 -31.68 27.19 30.67
N GLU D 363 -32.86 27.83 30.72
CA GLU D 363 -34.06 27.24 31.28
C GLU D 363 -34.30 25.86 30.66
N VAL D 364 -33.87 25.68 29.42
CA VAL D 364 -34.08 24.47 28.65
C VAL D 364 -32.89 23.52 28.82
N LEU D 365 -31.68 24.06 28.67
CA LEU D 365 -30.50 23.22 28.58
C LEU D 365 -30.06 22.73 29.96
N GLN D 366 -30.68 23.30 31.00
CA GLN D 366 -30.25 23.00 32.35
C GLN D 366 -30.61 21.57 32.70
N PHE D 367 -31.61 21.04 31.98
CA PHE D 367 -32.14 19.73 32.31
C PHE D 367 -31.28 18.63 31.71
N TYR D 368 -30.28 18.98 30.91
CA TYR D 368 -29.51 17.97 30.18
C TYR D 368 -28.10 17.83 30.76
N ASP D 369 -27.82 18.58 31.85
CA ASP D 369 -26.60 18.48 32.65
C ASP D 369 -27.00 18.04 34.07
N SER D 370 -26.25 17.06 34.60
CA SER D 370 -26.63 16.40 35.85
C SER D 370 -26.05 17.09 37.08
N ASP D 371 -24.87 17.70 36.94
CA ASP D 371 -24.16 18.39 38.00
C ASP D 371 -24.66 19.82 38.12
N LYS D 372 -25.17 20.37 37.02
CA LYS D 372 -25.66 21.74 36.91
C LYS D 372 -24.53 22.70 37.26
N ARG D 373 -23.29 22.28 37.03
CA ARG D 373 -22.15 23.17 37.05
C ARG D 373 -21.91 23.67 35.63
N PHE D 374 -22.20 24.96 35.42
CA PHE D 374 -22.10 25.62 34.13
C PHE D 374 -20.99 26.66 34.15
N PRO D 375 -19.97 26.54 33.28
CA PRO D 375 -19.00 27.63 33.08
C PRO D 375 -19.71 28.90 32.58
N ALA D 376 -19.34 30.03 33.19
CA ALA D 376 -19.80 31.35 32.82
C ALA D 376 -18.60 32.29 32.71
N TRP D 377 -18.47 32.92 31.54
CA TRP D 377 -17.42 33.88 31.28
C TRP D 377 -17.94 35.23 30.85
N GLY D 378 -17.09 36.25 30.99
CA GLY D 378 -17.25 37.51 30.31
C GLY D 378 -16.05 37.82 29.42
N PHE D 379 -16.22 38.83 28.55
CA PHE D 379 -15.15 39.26 27.67
C PHE D 379 -15.26 40.76 27.43
N GLY D 380 -14.09 41.40 27.29
CA GLY D 380 -14.00 42.81 26.91
C GLY D 380 -14.13 43.76 28.10
N ALA D 381 -13.63 43.34 29.26
CA ALA D 381 -13.67 44.19 30.45
C ALA D 381 -12.31 44.18 31.16
N ARG D 382 -12.08 45.20 31.99
CA ARG D 382 -10.89 45.30 32.79
C ARG D 382 -11.24 44.96 34.23
N PRO D 383 -10.81 43.80 34.77
CA PRO D 383 -11.04 43.46 36.17
C PRO D 383 -10.16 44.35 37.03
N ILE D 384 -10.33 44.24 38.35
CA ILE D 384 -9.64 45.12 39.29
C ILE D 384 -8.12 45.02 39.08
N ASP D 385 -7.54 46.12 38.61
CA ASP D 385 -6.09 46.34 38.67
C ASP D 385 -5.39 45.70 37.48
N ALA D 386 -6.09 44.79 36.78
CA ALA D 386 -5.51 44.02 35.69
C ALA D 386 -5.71 44.75 34.36
N PRO D 387 -5.10 44.27 33.24
CA PRO D 387 -5.47 44.73 31.90
C PRO D 387 -6.75 44.05 31.40
N VAL D 388 -7.29 44.55 30.27
CA VAL D 388 -8.51 44.02 29.66
C VAL D 388 -8.39 42.50 29.50
N SER D 389 -9.42 41.77 29.95
CA SER D 389 -9.52 40.34 29.75
C SER D 389 -10.53 40.04 28.65
N HIS D 390 -10.23 39.03 27.82
CA HIS D 390 -11.17 38.65 26.79
C HIS D 390 -11.77 37.27 27.07
N CYS D 391 -11.62 36.86 28.33
CA CYS D 391 -12.21 35.66 28.90
C CYS D 391 -11.90 35.62 30.39
N PHE D 392 -12.71 36.28 31.22
CA PHE D 392 -12.57 36.16 32.67
C PHE D 392 -13.78 35.43 33.24
N ASN D 393 -13.60 34.67 34.33
CA ASN D 393 -14.71 33.95 34.95
C ASN D 393 -15.64 34.96 35.63
N LEU D 394 -16.92 34.93 35.28
CA LEU D 394 -17.96 35.79 35.89
C LEU D 394 -17.99 35.59 37.40
N ASN D 395 -17.66 34.39 37.90
CA ASN D 395 -17.75 34.17 39.34
C ASN D 395 -16.60 34.88 40.05
N GLY D 396 -15.66 35.38 39.25
CA GLY D 396 -14.62 36.27 39.73
C GLY D 396 -13.39 35.53 40.25
N SER D 397 -13.31 34.20 40.06
CA SER D 397 -12.11 33.46 40.38
C SER D 397 -11.19 33.44 39.16
N SER D 398 -10.04 32.78 39.31
CA SER D 398 -9.04 32.77 38.27
C SER D 398 -8.85 31.34 37.76
N SER D 399 -9.39 30.38 38.51
CA SER D 399 -9.14 28.98 38.23
C SER D 399 -10.42 28.33 37.74
N TYR D 400 -10.34 27.65 36.59
CA TYR D 400 -11.59 27.29 35.90
C TYR D 400 -12.74 27.39 36.91
N SER D 401 -13.91 27.76 36.41
CA SER D 401 -15.04 27.80 37.33
C SER D 401 -16.37 27.58 36.64
N GLU D 402 -17.02 26.47 37.04
CA GLU D 402 -18.46 26.32 36.95
C GLU D 402 -19.11 27.25 37.99
N VAL D 403 -20.43 27.45 37.86
CA VAL D 403 -21.32 28.04 38.87
C VAL D 403 -22.56 27.14 39.03
N ASP D 404 -23.17 27.18 40.22
CA ASP D 404 -24.29 26.31 40.55
C ASP D 404 -25.57 26.87 39.91
N GLY D 405 -26.05 26.17 38.88
CA GLY D 405 -27.37 26.41 38.30
C GLY D 405 -27.43 27.71 37.50
N ILE D 406 -28.51 27.83 36.71
CA ILE D 406 -28.86 29.08 36.06
C ILE D 406 -28.79 30.21 37.10
N GLN D 407 -29.42 30.02 38.27
CA GLN D 407 -29.34 31.00 39.34
C GLN D 407 -27.91 31.48 39.55
N GLY D 408 -26.97 30.55 39.57
CA GLY D 408 -25.55 30.84 39.72
C GLY D 408 -25.02 31.74 38.59
N ILE D 409 -25.48 31.49 37.36
CA ILE D 409 -25.08 32.34 36.25
C ILE D 409 -25.64 33.74 36.47
N MET D 410 -26.91 33.83 36.86
CA MET D 410 -27.54 35.14 36.97
C MET D 410 -26.85 35.97 38.04
N THR D 411 -26.51 35.35 39.18
CA THR D 411 -25.91 36.15 40.24
C THR D 411 -24.45 36.44 39.91
N SER D 412 -23.73 35.50 39.30
CA SER D 412 -22.37 35.78 38.84
C SER D 412 -22.35 36.98 37.89
N TYR D 413 -23.35 37.07 37.03
CA TYR D 413 -23.48 38.18 36.10
C TYR D 413 -23.66 39.50 36.83
N THR D 414 -24.75 39.65 37.61
CA THR D 414 -25.02 40.92 38.26
C THR D 414 -23.83 41.29 39.16
N SER D 415 -23.21 40.28 39.76
CA SER D 415 -22.01 40.48 40.56
C SER D 415 -20.87 41.07 39.72
N ALA D 416 -20.49 40.42 38.61
CA ALA D 416 -19.39 40.92 37.78
C ALA D 416 -19.64 42.35 37.31
N LEU D 417 -20.90 42.64 36.96
CA LEU D 417 -21.26 43.93 36.39
C LEU D 417 -20.71 45.08 37.24
N PHE D 418 -20.74 44.91 38.56
CA PHE D 418 -20.37 46.02 39.41
C PHE D 418 -18.96 45.82 39.98
N ASN D 419 -18.20 44.88 39.43
CA ASN D 419 -16.86 44.62 39.94
C ASN D 419 -15.82 44.59 38.83
N VAL D 420 -16.13 45.15 37.66
CA VAL D 420 -15.18 45.28 36.56
C VAL D 420 -15.53 46.48 35.68
N SER D 421 -14.58 46.89 34.84
CA SER D 421 -14.72 48.10 34.04
C SER D 421 -14.97 47.75 32.57
N LEU D 422 -16.21 48.00 32.10
CA LEU D 422 -16.54 47.77 30.72
C LEU D 422 -15.46 48.40 29.84
N ALA D 423 -14.86 47.62 28.96
CA ALA D 423 -13.77 48.11 28.13
C ALA D 423 -14.02 47.78 26.67
N GLY D 424 -13.07 47.04 26.06
CA GLY D 424 -13.08 46.80 24.64
C GLY D 424 -11.72 46.30 24.15
N PRO D 425 -11.61 45.87 22.87
CA PRO D 425 -12.74 45.81 21.94
C PRO D 425 -13.48 44.47 21.96
N THR D 426 -14.48 44.30 21.06
CA THR D 426 -15.36 43.14 21.07
C THR D 426 -14.61 41.99 20.38
N LEU D 427 -14.14 40.96 21.13
CA LEU D 427 -13.45 39.80 20.55
C LEU D 427 -14.09 38.47 21.01
N PHE D 428 -14.16 37.51 20.07
CA PHE D 428 -14.75 36.20 20.32
C PHE D 428 -13.69 35.12 20.32
N GLY D 429 -12.55 35.36 19.67
CA GLY D 429 -11.49 34.38 19.56
C GLY D 429 -11.20 33.73 20.91
N PRO D 430 -10.68 34.47 21.92
CA PRO D 430 -10.36 33.88 23.23
C PRO D 430 -11.43 33.01 23.91
N VAL D 431 -12.70 33.44 23.91
CA VAL D 431 -13.72 32.62 24.56
C VAL D 431 -13.89 31.32 23.79
N ILE D 432 -13.94 31.39 22.46
CA ILE D 432 -14.12 30.18 21.67
C ILE D 432 -12.98 29.19 21.93
N ASN D 433 -11.73 29.69 22.06
CA ASN D 433 -10.62 28.82 22.40
C ASN D 433 -10.78 28.23 23.79
N ALA D 434 -11.18 29.07 24.76
CA ALA D 434 -11.42 28.62 26.13
C ALA D 434 -12.45 27.51 26.16
N ALA D 435 -13.53 27.64 25.39
CA ALA D 435 -14.58 26.63 25.32
C ALA D 435 -13.98 25.36 24.74
N ALA D 436 -13.31 25.49 23.59
CA ALA D 436 -12.66 24.38 22.92
C ALA D 436 -11.71 23.65 23.89
N MET D 437 -10.91 24.42 24.64
CA MET D 437 -9.98 23.81 25.57
C MET D 437 -10.73 22.89 26.53
N ILE D 438 -11.94 23.29 26.95
CA ILE D 438 -12.73 22.52 27.90
C ILE D 438 -13.34 21.29 27.21
N ALA D 439 -13.89 21.50 26.01
CA ALA D 439 -14.46 20.41 25.23
C ALA D 439 -13.41 19.30 25.10
N SER D 440 -12.29 19.69 24.49
CA SER D 440 -11.15 18.84 24.23
C SER D 440 -10.75 18.07 25.51
N ALA D 441 -10.57 18.80 26.61
CA ALA D 441 -10.16 18.19 27.87
C ALA D 441 -11.17 17.13 28.30
N SER D 442 -12.45 17.38 28.04
CA SER D 442 -13.51 16.47 28.41
C SER D 442 -13.44 15.20 27.55
N LEU D 443 -13.15 15.37 26.25
CA LEU D 443 -12.98 14.27 25.32
C LEU D 443 -11.83 13.35 25.77
N ALA D 444 -10.68 13.94 26.08
CA ALA D 444 -9.49 13.18 26.45
C ALA D 444 -9.70 12.37 27.73
N GLN D 445 -10.51 12.92 28.66
CA GLN D 445 -10.81 12.26 29.92
C GLN D 445 -11.98 11.29 29.76
N GLY D 446 -12.28 10.94 28.50
CA GLY D 446 -13.33 10.00 28.15
C GLY D 446 -14.67 10.33 28.81
N SER D 447 -14.98 11.63 28.91
CA SER D 447 -16.28 12.07 29.41
C SER D 447 -17.30 11.96 28.28
N ARG D 448 -18.58 12.08 28.63
CA ARG D 448 -19.65 12.00 27.65
C ARG D 448 -20.42 13.33 27.63
N LYS D 449 -19.66 14.42 27.64
CA LYS D 449 -20.27 15.74 27.62
C LYS D 449 -20.18 16.33 26.21
N TYR D 450 -21.25 16.97 25.78
CA TYR D 450 -21.27 17.81 24.60
C TYR D 450 -21.69 19.19 25.07
N TYR D 451 -20.97 20.22 24.62
CA TYR D 451 -20.98 21.55 25.23
C TYR D 451 -21.68 22.53 24.31
N VAL D 452 -22.53 23.38 24.91
CA VAL D 452 -23.26 24.37 24.16
C VAL D 452 -22.92 25.73 24.76
N LEU D 453 -22.23 26.56 23.96
CA LEU D 453 -21.78 27.84 24.48
C LEU D 453 -22.68 28.91 23.90
N LEU D 454 -23.20 29.77 24.79
CA LEU D 454 -24.02 30.88 24.36
C LEU D 454 -23.21 32.15 24.51
N ILE D 455 -23.03 32.87 23.39
CA ILE D 455 -22.30 34.13 23.36
C ILE D 455 -23.30 35.23 23.06
N ILE D 456 -23.26 36.29 23.87
CA ILE D 456 -24.21 37.38 23.76
C ILE D 456 -23.41 38.67 23.57
N THR D 457 -23.65 39.39 22.47
CA THR D 457 -22.86 40.57 22.16
C THR D 457 -23.78 41.68 21.66
N ASP D 458 -23.27 42.92 21.71
CA ASP D 458 -24.03 44.12 21.46
C ASP D 458 -23.56 44.77 20.16
N GLY D 459 -22.38 44.32 19.71
CA GLY D 459 -21.74 44.81 18.49
C GLY D 459 -21.04 43.69 17.73
N VAL D 460 -20.32 44.09 16.68
CA VAL D 460 -19.66 43.17 15.77
C VAL D 460 -18.24 42.93 16.24
N ILE D 461 -17.69 41.75 15.91
CA ILE D 461 -16.41 41.34 16.43
C ILE D 461 -15.31 42.06 15.66
N THR D 462 -14.13 42.15 16.28
CA THR D 462 -12.94 42.75 15.69
C THR D 462 -12.09 41.68 15.02
N ASP D 463 -12.02 40.48 15.64
CA ASP D 463 -11.07 39.46 15.25
C ASP D 463 -11.72 38.41 14.35
N LEU D 464 -12.43 38.86 13.31
CA LEU D 464 -13.24 37.96 12.49
C LEU D 464 -12.43 36.76 11.99
N GLN D 465 -11.16 36.99 11.65
CA GLN D 465 -10.35 35.92 11.09
C GLN D 465 -10.03 34.88 12.16
N GLU D 466 -9.46 35.33 13.29
CA GLU D 466 -9.02 34.41 14.33
C GLU D 466 -10.22 33.68 14.95
N THR D 467 -11.41 34.21 14.70
CA THR D 467 -12.67 33.58 15.10
C THR D 467 -12.94 32.38 14.19
N LYS D 468 -12.99 32.61 12.87
CA LYS D 468 -13.12 31.55 11.89
C LYS D 468 -12.14 30.41 12.20
N ASP D 469 -10.88 30.77 12.43
CA ASP D 469 -9.83 29.80 12.67
C ASP D 469 -10.14 28.99 13.93
N ALA D 470 -10.68 29.66 14.96
CA ALA D 470 -11.00 29.02 16.22
C ALA D 470 -12.18 28.07 16.04
N LEU D 471 -13.19 28.51 15.27
CA LEU D 471 -14.40 27.75 15.02
C LEU D 471 -14.07 26.47 14.25
N VAL D 472 -13.41 26.67 13.09
CA VAL D 472 -12.98 25.56 12.25
C VAL D 472 -12.28 24.50 13.10
N SER D 473 -11.35 24.94 13.94
CA SER D 473 -10.59 24.08 14.82
C SER D 473 -11.48 23.38 15.85
N ALA D 474 -12.54 24.09 16.28
CA ALA D 474 -13.44 23.60 17.31
C ALA D 474 -14.39 22.54 16.74
N SER D 475 -14.68 22.65 15.43
CA SER D 475 -15.67 21.82 14.77
C SER D 475 -15.45 20.31 14.99
N ASP D 476 -14.25 19.92 15.44
CA ASP D 476 -13.91 18.54 15.66
C ASP D 476 -14.22 18.11 17.10
N LEU D 477 -14.55 19.10 17.94
CA LEU D 477 -14.76 18.84 19.37
C LEU D 477 -16.25 18.84 19.71
N PRO D 478 -16.65 18.26 20.85
CA PRO D 478 -18.05 18.18 21.27
C PRO D 478 -18.56 19.54 21.73
N LEU D 479 -18.94 20.40 20.77
CA LEU D 479 -19.22 21.79 21.08
C LEU D 479 -20.06 22.42 19.98
N SER D 480 -21.21 22.96 20.40
CA SER D 480 -22.04 23.81 19.57
C SER D 480 -21.97 25.22 20.14
N ILE D 481 -22.25 26.21 19.28
CA ILE D 481 -22.15 27.60 19.69
C ILE D 481 -23.38 28.36 19.21
N LEU D 482 -23.97 29.14 20.13
CA LEU D 482 -25.05 30.05 19.76
C LEU D 482 -24.62 31.46 20.10
N ILE D 483 -24.74 32.34 19.12
CA ILE D 483 -24.45 33.77 19.27
C ILE D 483 -25.76 34.54 19.18
N VAL D 484 -25.96 35.47 20.13
CA VAL D 484 -27.16 36.27 20.16
C VAL D 484 -26.73 37.73 20.23
N GLY D 485 -27.22 38.53 19.27
CA GLY D 485 -26.96 39.96 19.27
C GLY D 485 -28.07 40.71 20.02
N VAL D 486 -27.68 41.73 20.80
CA VAL D 486 -28.64 42.49 21.58
C VAL D 486 -28.47 43.96 21.23
N GLY D 487 -29.56 44.73 21.41
CA GLY D 487 -29.61 46.12 21.00
C GLY D 487 -29.82 46.22 19.49
N GLY D 488 -29.68 47.44 18.96
CA GLY D 488 -30.05 47.70 17.58
C GLY D 488 -28.86 47.78 16.63
N ALA D 489 -27.70 47.25 17.05
CA ALA D 489 -26.50 47.36 16.20
C ALA D 489 -26.73 46.59 14.90
N ASP D 490 -25.87 46.86 13.91
CA ASP D 490 -26.00 46.22 12.61
C ASP D 490 -25.17 44.93 12.58
N PHE D 491 -25.86 43.79 12.53
CA PHE D 491 -25.22 42.50 12.71
C PHE D 491 -25.01 41.80 11.37
N LYS D 492 -25.00 42.58 10.27
CA LYS D 492 -24.88 42.04 8.93
C LYS D 492 -23.65 41.14 8.83
N GLU D 493 -22.53 41.58 9.43
CA GLU D 493 -21.25 40.92 9.27
C GLU D 493 -21.22 39.59 10.03
N MET D 494 -22.25 39.34 10.85
CA MET D 494 -22.28 38.17 11.71
C MET D 494 -22.85 36.98 10.95
N GLU D 495 -23.62 37.26 9.90
CA GLU D 495 -24.48 36.26 9.28
C GLU D 495 -23.65 35.33 8.40
N ILE D 496 -22.38 35.67 8.19
CA ILE D 496 -21.48 34.80 7.44
C ILE D 496 -21.08 33.62 8.32
N LEU D 497 -21.37 33.73 9.63
CA LEU D 497 -21.03 32.70 10.61
C LEU D 497 -22.16 31.69 10.78
N ASP D 498 -23.42 32.10 10.52
CA ASP D 498 -24.59 31.27 10.76
C ASP D 498 -24.53 30.03 9.87
N ALA D 499 -24.92 28.88 10.43
CA ALA D 499 -24.96 27.61 9.71
C ALA D 499 -25.98 27.71 8.57
N ASP D 500 -27.15 28.26 8.88
CA ASP D 500 -28.25 28.37 7.95
C ASP D 500 -27.95 29.45 6.90
N LYS D 501 -27.80 30.70 7.33
CA LYS D 501 -27.69 31.85 6.45
C LYS D 501 -26.32 31.90 5.77
N GLY D 502 -25.29 31.45 6.48
CA GLY D 502 -23.91 31.63 6.02
C GLY D 502 -23.46 30.57 5.01
N GLU D 503 -22.16 30.31 5.00
CA GLU D 503 -21.52 29.29 4.18
C GLU D 503 -20.49 28.55 5.01
N ARG D 504 -20.20 27.30 4.61
CA ARG D 504 -19.19 26.45 5.24
C ARG D 504 -17.91 27.23 5.42
N LEU D 505 -17.36 27.18 6.63
CA LEU D 505 -16.28 28.08 7.04
C LEU D 505 -14.95 27.55 6.54
N GLU D 506 -14.11 28.51 6.10
CA GLU D 506 -12.74 28.22 5.73
C GLU D 506 -11.80 28.92 6.71
N SER D 507 -10.95 28.11 7.35
CA SER D 507 -9.76 28.54 8.08
C SER D 507 -8.90 29.42 7.18
N SER D 508 -8.04 30.23 7.79
CA SER D 508 -7.05 30.99 7.02
C SER D 508 -6.03 30.03 6.41
N SER D 509 -5.64 29.00 7.18
CA SER D 509 -4.69 27.99 6.73
C SER D 509 -5.30 27.09 5.66
N GLY D 510 -6.53 27.40 5.23
CA GLY D 510 -7.16 26.72 4.12
C GLY D 510 -8.13 25.61 4.52
N ARG D 511 -7.99 25.10 5.75
CA ARG D 511 -8.77 23.97 6.27
C ARG D 511 -10.25 24.31 6.38
N LEU D 512 -11.10 23.28 6.27
CA LEU D 512 -12.55 23.46 6.25
C LEU D 512 -13.15 22.86 7.52
N ALA D 513 -14.34 23.37 7.88
CA ALA D 513 -15.03 22.92 9.08
C ALA D 513 -15.58 21.52 8.84
N SER D 514 -15.38 20.61 9.81
CA SER D 514 -15.94 19.28 9.75
C SER D 514 -17.46 19.34 9.70
N ARG D 515 -18.07 20.34 10.36
CA ARG D 515 -19.52 20.47 10.43
C ARG D 515 -19.87 21.89 10.86
N ASP D 516 -21.14 22.28 10.67
CA ASP D 516 -21.68 23.54 11.17
C ASP D 516 -21.81 23.45 12.70
N ILE D 517 -21.22 24.42 13.41
CA ILE D 517 -21.36 24.45 14.86
C ILE D 517 -21.84 25.83 15.32
N VAL D 518 -21.98 26.79 14.41
CA VAL D 518 -22.40 28.12 14.82
C VAL D 518 -23.80 28.40 14.29
N GLN D 519 -24.54 29.18 15.08
CA GLN D 519 -25.79 29.80 14.67
C GLN D 519 -25.80 31.23 15.22
N PHE D 520 -26.45 32.15 14.52
CA PHE D 520 -26.57 33.51 15.03
C PHE D 520 -28.00 34.00 14.88
N VAL D 521 -28.46 34.80 15.84
CA VAL D 521 -29.73 35.49 15.68
C VAL D 521 -29.69 36.78 16.50
N ALA D 522 -30.52 37.74 16.11
CA ALA D 522 -30.62 39.04 16.76
C ALA D 522 -31.88 39.03 17.64
N LEU D 523 -31.70 39.24 18.94
CA LEU D 523 -32.78 39.07 19.90
C LEU D 523 -33.86 40.14 19.68
N ARG D 524 -34.35 40.28 18.44
CA ARG D 524 -35.64 40.94 18.22
C ARG D 524 -36.47 40.86 19.49
N ASP D 525 -37.33 41.87 19.69
CA ASP D 525 -38.33 41.90 20.76
C ASP D 525 -39.38 40.82 20.53
N VAL D 526 -39.94 40.31 21.65
CA VAL D 526 -40.91 39.23 21.64
C VAL D 526 -42.25 39.69 22.23
N GLN D 527 -43.34 39.21 21.61
CA GLN D 527 -44.68 39.78 21.67
C GLN D 527 -45.30 39.48 23.04
N TYR D 528 -46.64 39.45 23.12
CA TYR D 528 -47.34 39.41 24.40
C TYR D 528 -46.95 38.19 25.24
N GLY D 529 -47.42 36.99 24.90
CA GLY D 529 -47.00 35.82 25.64
C GLY D 529 -46.36 34.78 24.73
N GLU D 530 -45.69 35.20 23.65
CA GLU D 530 -45.41 34.30 22.53
C GLU D 530 -43.98 33.74 22.52
N ILE D 531 -43.73 32.93 21.48
CA ILE D 531 -42.59 32.05 21.38
C ILE D 531 -41.34 32.81 20.96
N SER D 532 -40.18 32.21 21.26
CA SER D 532 -38.93 32.94 21.26
C SER D 532 -38.18 32.73 19.95
N VAL D 533 -37.20 33.62 19.68
CA VAL D 533 -36.38 33.53 18.48
C VAL D 533 -35.20 32.60 18.75
N VAL D 534 -35.02 32.29 20.04
CA VAL D 534 -34.02 31.42 20.58
C VAL D 534 -34.44 29.97 20.33
N GLN D 535 -35.70 29.67 20.62
CA GLN D 535 -36.28 28.36 20.37
C GLN D 535 -35.72 27.71 19.10
N ALA D 536 -35.68 28.48 18.01
CA ALA D 536 -35.28 27.92 16.72
C ALA D 536 -33.80 27.58 16.71
N LEU D 537 -33.01 28.35 17.47
CA LEU D 537 -31.59 28.04 17.63
C LEU D 537 -31.44 26.71 18.36
N LEU D 538 -32.24 26.52 19.41
CA LEU D 538 -32.17 25.32 20.24
C LEU D 538 -32.58 24.09 19.43
N ALA D 539 -33.46 24.30 18.43
CA ALA D 539 -34.05 23.18 17.72
C ALA D 539 -33.01 22.44 16.87
N GLU D 540 -31.92 23.13 16.53
CA GLU D 540 -30.91 22.61 15.63
C GLU D 540 -29.84 21.82 16.38
N LEU D 541 -29.80 21.91 17.71
CA LEU D 541 -28.68 21.37 18.46
C LEU D 541 -28.66 19.84 18.36
N PRO D 542 -29.80 19.13 18.56
CA PRO D 542 -29.79 17.67 18.43
C PRO D 542 -29.09 17.24 17.14
N SER D 543 -29.40 17.92 16.02
CA SER D 543 -28.82 17.55 14.72
C SER D 543 -27.30 17.66 14.77
N GLN D 544 -26.83 18.85 15.21
CA GLN D 544 -25.41 19.10 15.38
C GLN D 544 -24.85 18.01 16.30
N PHE D 545 -25.57 17.75 17.40
CA PHE D 545 -25.09 16.80 18.39
C PHE D 545 -24.80 15.46 17.72
N LEU D 546 -25.71 15.02 16.85
CA LEU D 546 -25.65 13.70 16.26
C LEU D 546 -24.60 13.69 15.18
N THR D 547 -24.54 14.78 14.40
CA THR D 547 -23.49 14.92 13.41
C THR D 547 -22.15 14.64 14.08
N TYR D 548 -21.91 15.27 15.23
CA TYR D 548 -20.63 15.06 15.88
C TYR D 548 -20.42 13.56 16.15
N MET D 549 -21.40 12.92 16.79
CA MET D 549 -21.34 11.53 17.20
C MET D 549 -21.13 10.59 16.00
N ARG D 550 -21.73 10.92 14.86
CA ARG D 550 -21.50 10.14 13.64
C ARG D 550 -20.03 10.28 13.23
N ILE D 551 -19.60 11.53 12.99
CA ILE D 551 -18.28 11.88 12.49
C ILE D 551 -17.18 11.35 13.42
N ARG D 552 -17.39 11.46 14.75
CA ARG D 552 -16.56 10.80 15.75
C ARG D 552 -16.58 9.29 15.52
N ASN D 553 -17.28 8.57 16.41
CA ASN D 553 -17.25 7.12 16.48
C ASN D 553 -18.09 6.51 15.35
N ALA E 1 -1.36 45.61 -40.94
CA ALA E 1 -1.60 44.16 -40.65
C ALA E 1 -1.24 43.33 -41.88
N ASP E 2 -1.62 43.84 -43.06
CA ASP E 2 -1.37 43.20 -44.34
C ASP E 2 0.13 43.11 -44.60
N ILE E 3 0.84 44.19 -44.26
CA ILE E 3 2.28 44.33 -44.46
C ILE E 3 2.99 43.44 -43.45
N GLY E 4 2.77 43.70 -42.15
CA GLY E 4 3.30 42.88 -41.07
C GLY E 4 3.27 41.38 -41.37
N SER E 5 2.20 40.90 -41.99
CA SER E 5 2.01 39.47 -42.16
C SER E 5 2.71 38.95 -43.41
N THR E 6 2.89 39.81 -44.42
CA THR E 6 3.59 39.40 -45.62
C THR E 6 5.09 39.35 -45.35
N ASN E 7 5.53 40.25 -44.45
CA ASN E 7 6.89 40.29 -43.95
C ASN E 7 7.17 39.05 -43.08
N ASP E 8 6.18 38.68 -42.25
CA ASP E 8 6.33 37.53 -41.36
C ASP E 8 6.47 36.26 -42.19
N ALA E 9 5.70 36.16 -43.27
CA ALA E 9 5.74 35.04 -44.20
C ALA E 9 7.14 34.89 -44.80
N LEU E 10 7.78 36.05 -45.08
CA LEU E 10 9.09 36.09 -45.72
C LEU E 10 10.17 35.63 -44.73
N ASP E 11 10.17 36.24 -43.54
CA ASP E 11 11.13 35.92 -42.51
C ASP E 11 11.23 34.40 -42.36
N TYR E 12 10.07 33.75 -42.21
CA TYR E 12 9.97 32.31 -42.02
C TYR E 12 10.58 31.57 -43.21
N TYR E 13 10.20 31.98 -44.43
CA TYR E 13 10.66 31.30 -45.63
C TYR E 13 12.19 31.34 -45.74
N LEU E 14 12.79 32.48 -45.33
CA LEU E 14 14.22 32.67 -45.40
C LEU E 14 14.92 31.73 -44.42
N LYS E 15 14.41 31.68 -43.18
CA LYS E 15 14.99 30.82 -42.15
C LYS E 15 14.90 29.35 -42.55
N SER E 16 13.98 29.04 -43.47
CA SER E 16 13.77 27.67 -43.94
C SER E 16 14.66 27.33 -45.14
N LYS E 17 15.83 27.96 -45.19
CA LYS E 17 16.97 27.46 -45.92
C LYS E 17 18.25 28.07 -45.31
N GLY E 21 21.89 24.56 -46.64
CA GLY E 21 22.13 24.59 -48.10
C GLY E 21 23.48 23.97 -48.48
N LEU E 22 23.63 22.70 -48.10
CA LEU E 22 24.86 21.91 -48.23
C LEU E 22 24.90 21.10 -49.52
N PHE E 23 25.71 21.56 -50.51
CA PHE E 23 26.11 20.72 -51.64
C PHE E 23 27.62 20.92 -51.79
N SER E 24 28.32 20.76 -50.66
CA SER E 24 29.61 21.39 -50.44
C SER E 24 30.74 20.50 -50.94
N GLN E 25 31.98 21.01 -50.85
CA GLN E 25 33.13 20.34 -51.44
C GLN E 25 34.26 20.26 -50.43
N ILE E 26 34.96 19.13 -50.42
CA ILE E 26 36.01 18.88 -49.46
C ILE E 26 37.34 18.66 -50.19
N GLU E 27 38.41 19.14 -49.57
CA GLU E 27 39.76 19.01 -50.11
C GLU E 27 40.53 18.07 -49.20
N LEU E 28 40.73 16.83 -49.65
CA LEU E 28 41.59 15.95 -48.87
C LEU E 28 43.03 16.13 -49.33
N SER E 29 43.96 16.15 -48.37
CA SER E 29 45.39 16.19 -48.64
C SER E 29 46.06 15.07 -47.85
N PHE E 30 47.20 14.57 -48.34
CA PHE E 30 47.66 13.26 -47.90
C PHE E 30 49.12 13.30 -47.53
N SER E 31 49.49 12.40 -46.62
CA SER E 31 50.87 12.24 -46.20
C SER E 31 50.92 10.90 -45.51
N ALA E 32 52.13 10.34 -45.39
CA ALA E 32 52.27 9.02 -44.79
C ALA E 32 53.56 8.99 -43.97
N SER E 33 53.62 8.03 -43.05
CA SER E 33 54.82 7.73 -42.28
C SER E 33 55.06 6.22 -42.27
N ASN E 34 56.33 5.83 -42.13
CA ASN E 34 56.72 4.48 -41.79
C ASN E 34 56.34 3.48 -42.88
N LEU E 35 56.41 3.89 -44.15
CA LEU E 35 56.07 2.97 -45.23
C LEU E 35 57.11 1.84 -45.30
N ARG E 36 56.64 0.60 -45.23
CA ARG E 36 57.45 -0.55 -44.88
C ARG E 36 58.16 -0.32 -43.53
N ASP E 37 57.42 -0.62 -42.45
CA ASP E 37 57.82 -0.18 -41.12
C ASP E 37 58.97 -1.04 -40.62
N ARG E 38 58.89 -2.36 -40.85
CA ARG E 38 59.94 -3.29 -40.47
C ARG E 38 60.32 -4.10 -41.71
N ASP E 39 60.73 -3.41 -42.79
CA ASP E 39 61.14 -4.10 -44.00
C ASP E 39 62.65 -3.91 -44.20
N VAL E 40 63.13 -4.22 -45.40
CA VAL E 40 64.46 -3.83 -45.84
C VAL E 40 64.32 -2.69 -46.86
N LEU E 41 65.13 -2.70 -47.92
CA LEU E 41 65.00 -1.74 -49.03
C LEU E 41 65.24 -0.32 -48.51
N SER E 42 64.24 0.14 -47.76
CA SER E 42 64.20 1.44 -47.10
C SER E 42 64.60 2.59 -48.03
N LYS E 43 64.01 2.65 -49.24
CA LYS E 43 63.86 3.91 -49.97
C LYS E 43 62.77 3.79 -51.04
N SER E 44 61.72 4.60 -50.86
CA SER E 44 60.54 4.49 -51.69
C SER E 44 60.19 5.75 -52.44
N ASP E 45 59.24 5.62 -53.35
CA ASP E 45 58.78 6.64 -54.28
C ASP E 45 57.24 6.60 -54.23
N PRO E 46 56.62 7.08 -53.13
CA PRO E 46 55.24 6.73 -52.81
C PRO E 46 54.22 7.54 -53.63
N MET E 47 53.06 6.93 -53.79
CA MET E 47 51.94 7.49 -54.54
C MET E 47 50.68 6.94 -53.91
N VAL E 48 49.73 7.83 -53.61
CA VAL E 48 48.47 7.32 -53.10
C VAL E 48 47.45 7.45 -54.22
N VAL E 49 46.55 6.46 -54.24
CA VAL E 49 45.51 6.31 -55.24
C VAL E 49 44.23 6.01 -54.47
N VAL E 50 43.14 6.68 -54.89
CA VAL E 50 41.95 6.76 -54.07
C VAL E 50 40.80 6.32 -54.95
N TYR E 51 40.12 5.28 -54.47
CA TYR E 51 38.99 4.70 -55.18
C TYR E 51 37.72 4.98 -54.37
N GLN E 52 36.61 4.93 -55.10
CA GLN E 52 35.27 5.08 -54.59
C GLN E 52 34.63 3.71 -54.65
N LYS E 53 34.10 3.23 -53.52
CA LYS E 53 33.48 1.91 -53.50
C LYS E 53 32.00 2.04 -53.88
N GLU E 54 31.63 1.37 -54.98
CA GLU E 54 30.28 1.33 -55.50
C GLU E 54 29.52 0.25 -54.73
N LYS E 55 28.19 0.22 -54.90
CA LYS E 55 27.33 -0.71 -54.17
C LYS E 55 27.69 -2.15 -54.52
N ASP E 56 28.06 -2.38 -55.79
CA ASP E 56 28.44 -3.68 -56.29
C ASP E 56 29.87 -4.01 -55.86
N ALA E 57 30.44 -3.20 -54.95
CA ALA E 57 31.72 -3.45 -54.31
C ALA E 57 32.88 -3.26 -55.29
N THR E 58 32.61 -2.68 -56.47
CA THR E 58 33.65 -2.32 -57.40
C THR E 58 34.27 -0.99 -56.93
N LEU E 59 35.48 -0.74 -57.44
CA LEU E 59 36.28 0.44 -57.15
C LEU E 59 36.37 1.30 -58.41
N SER E 60 36.11 2.60 -58.23
CA SER E 60 36.33 3.62 -59.24
C SER E 60 37.52 4.49 -58.80
N GLU E 61 38.46 4.73 -59.73
CA GLU E 61 39.59 5.56 -59.35
C GLU E 61 39.13 7.00 -59.50
N VAL E 62 39.34 7.83 -58.48
CA VAL E 62 38.77 9.17 -58.55
C VAL E 62 39.87 10.20 -58.36
N PHE E 63 41.06 9.73 -57.97
CA PHE E 63 42.16 10.62 -57.71
C PHE E 63 43.41 9.78 -57.54
N ARG E 64 44.54 10.46 -57.71
CA ARG E 64 45.86 9.86 -57.81
C ARG E 64 46.87 10.97 -57.55
N SER E 65 47.61 10.84 -56.44
CA SER E 65 48.63 11.82 -56.10
C SER E 65 49.80 11.74 -57.08
N GLU E 66 50.62 12.78 -57.06
CA GLU E 66 51.89 12.81 -57.74
C GLU E 66 52.84 11.88 -56.98
N VAL E 67 53.97 11.55 -57.61
CA VAL E 67 54.95 10.64 -57.03
C VAL E 67 55.93 11.48 -56.23
N VAL E 68 56.08 11.17 -54.93
CA VAL E 68 57.14 11.80 -54.16
C VAL E 68 58.38 10.91 -54.30
N LEU E 69 59.52 11.51 -54.59
CA LEU E 69 60.71 10.73 -54.87
C LEU E 69 61.56 10.57 -53.61
N ASN E 70 61.89 9.32 -53.30
CA ASN E 70 62.92 9.00 -52.34
C ASN E 70 62.53 9.53 -50.96
N SER E 71 61.44 8.99 -50.42
CA SER E 71 60.92 9.41 -49.15
C SER E 71 60.12 8.26 -48.55
N LEU E 72 60.26 8.09 -47.23
CA LEU E 72 59.51 7.09 -46.48
C LEU E 72 58.43 7.79 -45.68
N ALA E 73 58.49 9.13 -45.64
CA ALA E 73 57.49 9.99 -45.01
C ALA E 73 57.06 11.09 -46.00
N PRO E 74 56.36 10.71 -47.08
CA PRO E 74 56.07 11.66 -48.16
C PRO E 74 54.87 12.52 -47.75
N LYS E 75 54.85 13.74 -48.29
CA LYS E 75 53.84 14.75 -47.97
C LYS E 75 53.35 15.27 -49.32
N TRP E 76 52.20 14.80 -49.79
CA TRP E 76 51.86 14.98 -51.19
C TRP E 76 51.30 16.39 -51.39
N ILE E 77 51.67 17.00 -52.51
CA ILE E 77 51.27 18.37 -52.82
C ILE E 77 49.85 18.36 -53.41
N LYS E 78 49.57 17.42 -54.31
CA LYS E 78 48.33 17.34 -55.06
C LYS E 78 47.16 17.03 -54.12
N LYS E 79 46.11 17.85 -54.15
CA LYS E 79 44.94 17.69 -53.28
C LYS E 79 43.79 17.11 -54.09
N PHE E 80 42.90 16.39 -53.41
CA PHE E 80 41.75 15.74 -54.03
C PHE E 80 40.48 16.45 -53.55
N ILE E 81 39.75 17.04 -54.50
CA ILE E 81 38.48 17.72 -54.23
C ILE E 81 37.36 16.74 -54.50
N VAL E 82 36.65 16.31 -53.46
CA VAL E 82 35.49 15.43 -53.63
C VAL E 82 34.25 16.12 -53.07
N ALA E 83 33.12 15.92 -53.72
CA ALA E 83 31.85 16.46 -53.27
C ALA E 83 31.43 15.72 -52.01
N TYR E 84 30.74 16.44 -51.09
CA TYR E 84 30.23 15.85 -49.87
C TYR E 84 28.73 15.69 -49.97
N HIS E 85 28.28 14.45 -49.73
CA HIS E 85 26.87 14.10 -49.79
C HIS E 85 26.45 13.55 -48.44
N PHE E 86 25.81 14.40 -47.63
CA PHE E 86 25.43 14.03 -46.28
C PHE E 86 24.59 12.76 -46.27
N GLU E 87 23.76 12.62 -47.31
CA GLU E 87 22.72 11.61 -47.38
C GLU E 87 23.25 10.27 -47.89
N THR E 88 24.54 10.16 -48.22
CA THR E 88 25.03 8.84 -48.59
C THR E 88 26.35 8.57 -47.88
N VAL E 89 26.59 7.30 -47.56
CA VAL E 89 27.89 6.86 -47.08
C VAL E 89 28.85 6.92 -48.26
N GLN E 90 29.95 7.67 -48.15
CA GLN E 90 30.91 7.67 -49.24
C GLN E 90 32.16 6.89 -48.79
N THR E 91 32.12 5.57 -48.99
CA THR E 91 33.27 4.71 -48.73
C THR E 91 34.37 5.05 -49.73
N LEU E 92 35.58 5.23 -49.22
CA LEU E 92 36.75 5.51 -50.04
C LEU E 92 37.84 4.51 -49.66
N VAL E 93 38.64 4.12 -50.67
CA VAL E 93 39.67 3.11 -50.46
C VAL E 93 40.98 3.70 -50.93
N PHE E 94 41.99 3.68 -50.04
CA PHE E 94 43.26 4.31 -50.34
C PHE E 94 44.30 3.21 -50.56
N ARG E 95 45.14 3.44 -51.56
CA ARG E 95 46.13 2.44 -51.93
C ARG E 95 47.45 3.16 -52.19
N VAL E 96 48.47 2.71 -51.48
CA VAL E 96 49.76 3.38 -51.58
C VAL E 96 50.70 2.45 -52.36
N TYR E 97 51.47 3.03 -53.28
CA TYR E 97 52.32 2.23 -54.15
C TYR E 97 53.72 2.80 -54.14
N ASP E 98 54.72 1.93 -54.26
CA ASP E 98 56.11 2.35 -54.42
C ASP E 98 56.44 2.32 -55.91
N VAL E 99 56.51 3.49 -56.53
CA VAL E 99 56.67 3.55 -57.98
C VAL E 99 58.12 3.21 -58.34
N ASP E 100 58.27 2.25 -59.25
CA ASP E 100 59.55 1.82 -59.79
C ASP E 100 60.33 3.06 -60.23
N THR E 101 61.66 3.00 -60.09
CA THR E 101 62.48 4.17 -60.33
C THR E 101 62.63 4.43 -61.83
N LYS E 102 62.30 3.43 -62.65
CA LYS E 102 62.46 3.60 -64.09
C LYS E 102 61.41 4.58 -64.61
N PHE E 103 60.46 4.93 -63.74
CA PHE E 103 59.34 5.77 -64.15
C PHE E 103 59.44 7.19 -63.58
N GLN E 104 60.60 7.56 -63.03
CA GLN E 104 60.73 8.75 -62.20
C GLN E 104 60.26 10.02 -62.92
N ASN E 105 60.23 9.99 -64.26
CA ASN E 105 59.87 11.17 -65.02
C ASN E 105 58.46 11.06 -65.58
N SER E 106 57.78 9.93 -65.34
CA SER E 106 56.45 9.74 -65.91
C SER E 106 55.39 10.49 -65.11
N ARG E 107 54.43 11.07 -65.85
CA ARG E 107 53.24 11.66 -65.30
C ARG E 107 52.46 10.53 -64.68
N GLU E 108 51.88 10.77 -63.49
CA GLU E 108 51.30 9.69 -62.71
C GLU E 108 50.16 9.03 -63.48
N GLU E 109 49.49 9.80 -64.34
CA GLU E 109 48.31 9.32 -65.04
C GLU E 109 48.68 8.09 -65.87
N MET E 110 49.96 8.01 -66.28
CA MET E 110 50.43 7.02 -67.24
C MET E 110 50.98 5.76 -66.57
N LEU E 111 50.89 5.66 -65.24
CA LEU E 111 51.50 4.55 -64.53
C LEU E 111 50.52 3.40 -64.45
N LYS E 112 51.00 2.18 -64.72
CA LYS E 112 50.20 0.98 -64.53
C LYS E 112 50.52 0.46 -63.13
N LEU E 113 49.49 0.17 -62.34
CA LEU E 113 49.76 -0.13 -60.95
C LEU E 113 50.36 -1.52 -60.81
N ASP E 114 50.09 -2.41 -61.77
CA ASP E 114 50.65 -3.75 -61.78
C ASP E 114 52.17 -3.68 -61.85
N GLU E 115 52.71 -2.55 -62.30
CA GLU E 115 54.12 -2.43 -62.59
C GLU E 115 54.87 -1.84 -61.38
N GLN E 116 54.17 -1.64 -60.27
CA GLN E 116 54.72 -0.95 -59.11
C GLN E 116 54.52 -1.82 -57.86
N GLN E 117 55.14 -1.42 -56.75
CA GLN E 117 55.13 -2.23 -55.55
C GLN E 117 53.98 -1.81 -54.63
N PHE E 118 52.99 -2.68 -54.45
CA PHE E 118 51.85 -2.37 -53.59
C PHE E 118 52.28 -2.39 -52.12
N LEU E 119 52.30 -1.22 -51.48
CA LEU E 119 52.71 -1.11 -50.08
C LEU E 119 51.54 -1.48 -49.17
N GLY E 120 50.35 -0.96 -49.41
CA GLY E 120 49.24 -1.29 -48.54
C GLY E 120 48.00 -0.43 -48.77
N GLU E 121 46.91 -0.78 -48.08
CA GLU E 121 45.56 -0.35 -48.37
C GLU E 121 44.85 0.00 -47.06
N ALA E 122 44.02 1.04 -47.08
CA ALA E 122 43.08 1.32 -46.00
C ALA E 122 41.78 1.88 -46.58
N THR E 123 40.74 1.93 -45.74
CA THR E 123 39.39 2.28 -46.14
C THR E 123 38.76 3.12 -45.04
N CYS E 124 37.94 4.10 -45.43
CA CYS E 124 36.98 4.65 -44.48
C CYS E 124 35.96 5.48 -45.22
N ALA E 125 34.91 5.88 -44.50
CA ALA E 125 33.93 6.79 -45.04
C ALA E 125 34.45 8.21 -44.91
N LEU E 126 33.98 9.08 -45.81
CA LEU E 126 34.29 10.50 -45.74
C LEU E 126 33.76 11.06 -44.43
N SER E 127 32.63 10.53 -43.98
CA SER E 127 31.96 10.92 -42.73
C SER E 127 32.93 10.83 -41.56
N GLU E 128 33.83 9.86 -41.61
CA GLU E 128 34.73 9.55 -40.51
C GLU E 128 35.86 10.58 -40.43
N ILE E 129 36.14 11.28 -41.53
CA ILE E 129 37.27 12.20 -41.56
C ILE E 129 36.82 13.60 -41.15
N ILE E 130 35.66 14.03 -41.68
CA ILE E 130 35.22 15.40 -41.47
C ILE E 130 34.52 15.56 -40.12
N THR E 131 34.34 14.47 -39.36
CA THR E 131 33.75 14.59 -38.05
C THR E 131 34.81 14.51 -36.96
N LYS E 132 36.09 14.45 -37.34
CA LYS E 132 37.15 14.50 -36.35
C LYS E 132 37.41 15.96 -35.99
N SER E 133 37.81 16.20 -34.74
CA SER E 133 38.03 17.56 -34.28
C SER E 133 39.12 18.22 -35.12
N THR E 134 40.21 17.47 -35.36
CA THR E 134 41.37 17.96 -36.08
C THR E 134 41.21 17.77 -37.59
N ARG E 135 40.08 17.18 -38.01
CA ARG E 135 39.78 16.89 -39.40
C ARG E 135 40.89 16.05 -40.03
N THR E 136 41.62 15.29 -39.20
CA THR E 136 42.67 14.41 -39.69
C THR E 136 42.44 12.98 -39.19
N SER E 137 42.48 12.02 -40.12
CA SER E 137 42.50 10.61 -39.75
C SER E 137 43.87 10.03 -40.07
N THR E 138 44.24 9.01 -39.29
CA THR E 138 45.41 8.21 -39.53
C THR E 138 44.98 6.77 -39.74
N LEU E 139 45.27 6.19 -40.91
CA LEU E 139 44.84 4.82 -41.13
C LEU E 139 46.05 3.91 -41.32
N GLU E 140 45.98 2.74 -40.71
CA GLU E 140 47.02 1.75 -40.85
C GLU E 140 46.85 1.08 -42.21
N LEU E 141 47.90 1.12 -43.02
CA LEU E 141 47.88 0.42 -44.29
C LEU E 141 48.09 -1.06 -44.01
N LYS E 142 47.19 -1.89 -44.55
CA LYS E 142 47.29 -3.33 -44.38
C LYS E 142 47.37 -4.00 -45.74
N ARG E 143 48.10 -5.12 -45.75
CA ARG E 143 48.44 -5.88 -46.94
C ARG E 143 48.03 -7.32 -46.66
N ALA E 151 46.06 -10.23 -36.26
CA ALA E 151 47.36 -10.05 -35.57
C ALA E 151 48.50 -10.19 -36.58
N GLN E 152 49.03 -9.06 -37.07
CA GLN E 152 50.00 -9.00 -38.15
C GLN E 152 50.64 -7.61 -38.19
N PRO E 153 51.92 -7.48 -38.64
CA PRO E 153 52.68 -6.24 -38.50
C PRO E 153 52.15 -5.08 -39.32
N HIS E 154 52.49 -3.87 -38.88
CA HIS E 154 52.32 -2.57 -39.50
C HIS E 154 52.07 -2.43 -41.02
N HIS E 155 53.05 -1.90 -41.79
CA HIS E 155 53.07 -1.52 -43.19
C HIS E 155 53.17 -0.01 -43.34
N GLY E 156 52.90 0.75 -42.26
CA GLY E 156 52.89 2.20 -42.30
C GLY E 156 51.50 2.80 -42.13
N LYS E 157 51.45 4.14 -42.07
CA LYS E 157 50.23 4.87 -41.75
C LYS E 157 49.99 5.91 -42.85
N LEU E 158 48.72 6.06 -43.24
CA LEU E 158 48.32 7.11 -44.18
C LEU E 158 47.48 8.16 -43.43
N ILE E 159 47.80 9.43 -43.70
CA ILE E 159 47.30 10.54 -42.91
C ILE E 159 46.55 11.49 -43.83
N ILE E 160 45.24 11.61 -43.58
CA ILE E 160 44.33 12.31 -44.48
C ILE E 160 43.78 13.53 -43.78
N HIS E 161 44.01 14.70 -44.37
CA HIS E 161 43.48 15.94 -43.84
C HIS E 161 42.36 16.43 -44.74
N ALA E 162 41.22 16.80 -44.14
CA ALA E 162 40.06 17.29 -44.88
C ALA E 162 39.75 18.74 -44.52
N GLU E 163 39.50 19.56 -45.54
CA GLU E 163 39.21 20.98 -45.40
C GLU E 163 38.09 21.34 -46.38
N GLU E 164 36.97 21.88 -45.87
CA GLU E 164 35.91 22.37 -46.74
C GLU E 164 36.47 23.48 -47.60
N SER E 165 36.18 23.46 -48.90
CA SER E 165 36.79 24.43 -49.81
C SER E 165 36.15 25.81 -49.62
N LEU E 166 37.04 26.82 -49.54
CA LEU E 166 36.63 28.15 -49.12
C LEU E 166 35.55 28.70 -50.04
N ALA E 167 35.74 28.54 -51.36
CA ALA E 167 34.83 29.20 -52.28
C ALA E 167 33.38 28.73 -52.05
N SER E 168 33.23 27.46 -51.62
CA SER E 168 31.89 26.91 -51.49
C SER E 168 31.21 27.38 -50.21
N LYS E 169 31.91 28.18 -49.39
CA LYS E 169 31.30 28.63 -48.14
C LYS E 169 30.78 30.06 -48.28
N ILE E 170 31.01 30.68 -49.43
CA ILE E 170 30.83 32.13 -49.58
C ILE E 170 29.40 32.49 -49.99
N SER E 171 28.76 33.37 -49.22
CA SER E 171 27.59 34.12 -49.69
C SER E 171 27.88 35.62 -49.60
N THR E 172 27.09 36.44 -50.34
CA THR E 172 27.26 37.88 -50.44
C THR E 172 26.09 38.60 -49.78
N GLU E 173 26.33 39.27 -48.65
CA GLU E 173 25.31 40.10 -48.03
C GLU E 173 25.23 41.44 -48.77
N ILE E 174 24.01 41.89 -49.09
CA ILE E 174 23.80 43.16 -49.76
C ILE E 174 22.77 44.00 -49.00
N VAL E 175 23.03 45.30 -48.84
CA VAL E 175 22.01 46.22 -48.38
C VAL E 175 21.73 47.21 -49.50
N PHE E 176 20.49 47.18 -49.99
CA PHE E 176 20.04 48.13 -50.99
C PHE E 176 19.41 49.34 -50.33
N ARG E 177 19.46 50.46 -51.04
CA ARG E 177 18.79 51.70 -50.68
C ARG E 177 18.35 52.34 -52.00
N CYS E 178 17.12 52.89 -52.01
CA CYS E 178 16.66 53.68 -53.14
C CYS E 178 16.47 55.15 -52.76
N SER E 179 16.23 55.95 -53.79
CA SER E 179 16.29 57.39 -53.71
C SER E 179 15.22 57.95 -54.64
N ASN E 180 14.24 58.65 -54.05
CA ASN E 180 13.17 59.32 -54.77
C ASN E 180 12.36 58.34 -55.62
N LEU E 181 11.64 57.45 -54.93
CA LEU E 181 10.79 56.50 -55.61
C LEU E 181 9.52 57.18 -56.11
N GLU E 182 9.07 56.74 -57.27
CA GLU E 182 7.91 57.24 -57.97
C GLU E 182 6.63 56.86 -57.23
N SER E 183 5.84 57.90 -56.91
CA SER E 183 4.50 57.75 -56.39
C SER E 183 3.61 57.17 -57.49
N LYS E 184 2.57 56.40 -57.10
CA LYS E 184 1.67 55.82 -58.09
C LYS E 184 0.51 55.15 -57.36
N ASP E 185 -0.66 55.12 -58.00
CA ASP E 185 -1.87 54.57 -57.42
C ASP E 185 -2.39 55.41 -56.27
N LEU E 186 -1.67 55.47 -55.15
CA LEU E 186 -2.22 56.02 -53.92
C LEU E 186 -2.34 57.54 -54.03
N PHE E 187 -3.20 58.13 -53.20
CA PHE E 187 -3.09 59.55 -52.86
C PHE E 187 -1.88 59.82 -51.96
N SER E 188 -0.91 58.91 -51.96
CA SER E 188 0.13 58.86 -50.94
C SER E 188 1.48 58.53 -51.58
N LYS E 189 2.40 58.10 -50.72
CA LYS E 189 3.70 57.60 -51.11
C LYS E 189 3.58 56.13 -51.48
N SER E 190 4.74 55.55 -51.82
CA SER E 190 4.89 54.14 -52.12
C SER E 190 5.19 53.32 -50.86
N ASP E 191 4.79 52.05 -50.92
CA ASP E 191 5.18 51.06 -49.94
C ASP E 191 6.05 50.02 -50.64
N PRO E 192 7.38 50.26 -50.73
CA PRO E 192 8.23 49.58 -51.71
C PRO E 192 8.97 48.36 -51.19
N PHE E 193 9.18 47.40 -52.09
CA PHE E 193 10.03 46.24 -51.85
C PHE E 193 10.81 45.91 -53.12
N LEU E 194 11.83 45.04 -52.99
CA LEU E 194 12.70 44.64 -54.08
C LEU E 194 12.60 43.14 -54.32
N VAL E 195 12.63 42.75 -55.60
CA VAL E 195 12.72 41.35 -55.99
C VAL E 195 13.95 41.19 -56.87
N VAL E 196 14.84 40.27 -56.48
CA VAL E 196 16.02 39.95 -57.27
C VAL E 196 15.79 38.63 -58.00
N SER E 197 15.95 38.67 -59.32
CA SER E 197 15.59 37.54 -60.17
C SER E 197 16.77 37.15 -61.06
N LYS E 198 17.13 35.85 -61.02
CA LYS E 198 18.09 35.27 -61.94
C LYS E 198 17.49 35.30 -63.35
N ILE E 199 18.36 35.47 -64.36
CA ILE E 199 17.95 35.45 -65.75
C ILE E 199 18.14 34.04 -66.32
N VAL E 200 17.08 33.51 -66.93
CA VAL E 200 17.14 32.28 -67.70
C VAL E 200 17.25 32.67 -69.18
N GLU E 201 17.73 31.75 -70.02
CA GLU E 201 17.93 32.02 -71.43
C GLU E 201 16.71 31.57 -72.24
N HIS E 202 15.96 32.58 -72.70
CA HIS E 202 14.77 32.49 -73.52
C HIS E 202 13.54 32.11 -72.69
N GLY E 203 13.67 32.22 -71.36
CA GLY E 203 12.61 31.86 -70.45
C GLY E 203 12.46 32.81 -69.25
N THR E 204 11.29 32.72 -68.61
CA THR E 204 10.86 33.63 -67.54
C THR E 204 11.84 33.60 -66.37
N PRO E 205 12.22 34.80 -65.87
CA PRO E 205 13.16 34.92 -64.75
C PRO E 205 12.66 34.33 -63.43
N ILE E 206 13.58 33.71 -62.69
CA ILE E 206 13.27 33.01 -61.45
C ILE E 206 13.57 33.94 -60.28
N PRO E 207 12.54 34.50 -59.59
CA PRO E 207 12.76 35.18 -58.31
C PRO E 207 13.69 34.40 -57.40
N VAL E 208 14.70 35.10 -56.85
CA VAL E 208 15.74 34.47 -56.05
C VAL E 208 15.78 35.11 -54.67
N SER E 209 15.42 36.39 -54.59
CA SER E 209 15.38 37.07 -53.31
C SER E 209 14.40 38.23 -53.33
N LYS E 210 13.98 38.61 -52.12
CA LYS E 210 12.91 39.58 -51.91
C LYS E 210 13.23 40.30 -50.61
N THR E 211 13.04 41.63 -50.63
CA THR E 211 13.23 42.43 -49.44
C THR E 211 11.88 42.53 -48.74
N GLU E 212 11.90 42.96 -47.48
CA GLU E 212 10.67 43.24 -46.77
C GLU E 212 9.98 44.44 -47.41
N VAL E 213 8.69 44.64 -47.08
CA VAL E 213 7.94 45.80 -47.54
C VAL E 213 8.08 46.91 -46.50
N ARG E 214 8.33 48.13 -46.96
CA ARG E 214 8.44 49.27 -46.08
C ARG E 214 7.27 50.22 -46.33
N LYS E 215 6.75 50.82 -45.26
CA LYS E 215 5.56 51.65 -45.31
C LYS E 215 5.96 53.11 -45.52
N ASN E 216 5.29 53.77 -46.48
CA ASN E 216 5.41 55.21 -46.69
C ASN E 216 6.87 55.64 -46.69
N ASP E 217 7.65 55.12 -47.65
CA ASP E 217 9.06 55.44 -47.75
C ASP E 217 9.39 55.71 -49.22
N LEU E 218 9.97 56.88 -49.48
CA LEU E 218 10.36 57.32 -50.81
C LEU E 218 11.86 57.14 -51.01
N ASN E 219 12.55 56.81 -49.90
CA ASN E 219 14.00 56.61 -49.90
C ASN E 219 14.30 55.41 -49.01
N PRO E 220 13.81 54.21 -49.37
CA PRO E 220 13.91 53.04 -48.49
C PRO E 220 15.34 52.54 -48.32
N ILE E 221 15.66 52.10 -47.11
CA ILE E 221 16.85 51.32 -46.82
C ILE E 221 16.40 50.00 -46.21
N TRP E 222 16.40 48.95 -47.04
CA TRP E 222 15.92 47.62 -46.63
C TRP E 222 16.94 46.93 -45.73
N LYS E 223 16.47 45.86 -45.08
CA LYS E 223 17.34 44.96 -44.35
C LYS E 223 18.17 44.15 -45.33
N PRO E 224 19.25 43.49 -44.87
CA PRO E 224 20.17 42.80 -45.76
C PRO E 224 19.51 41.58 -46.40
N VAL E 225 19.76 41.38 -47.69
CA VAL E 225 19.46 40.12 -48.34
C VAL E 225 20.80 39.43 -48.61
N PHE E 226 20.80 38.10 -48.64
CA PHE E 226 22.00 37.28 -48.82
C PHE E 226 21.89 36.45 -50.08
N LEU E 227 22.96 36.39 -50.89
CA LEU E 227 22.92 35.64 -52.13
C LEU E 227 24.19 34.78 -52.27
N SER E 228 23.95 33.47 -52.41
CA SER E 228 24.98 32.51 -52.80
C SER E 228 25.16 32.58 -54.31
N VAL E 229 26.29 32.04 -54.80
CA VAL E 229 26.68 32.15 -56.20
C VAL E 229 25.72 31.32 -57.05
N GLN E 230 25.26 30.20 -56.47
CA GLN E 230 24.39 29.24 -57.13
C GLN E 230 23.03 29.86 -57.41
N GLN E 231 22.61 30.81 -56.55
CA GLN E 231 21.34 31.50 -56.70
C GLN E 231 21.38 32.42 -57.91
N VAL E 232 22.57 32.96 -58.20
CA VAL E 232 22.75 33.99 -59.22
C VAL E 232 23.34 33.41 -60.50
N GLY E 233 24.11 32.32 -60.36
CA GLY E 233 24.89 31.77 -61.46
C GLY E 233 26.37 32.00 -61.22
N SER E 234 26.90 33.09 -61.78
CA SER E 234 28.22 33.58 -61.42
C SER E 234 28.15 35.05 -60.99
N LYS E 235 29.26 35.53 -60.41
CA LYS E 235 29.33 36.89 -59.90
C LYS E 235 29.26 37.90 -61.06
N ASP E 236 29.48 37.43 -62.29
CA ASP E 236 29.48 38.31 -63.46
C ASP E 236 28.18 38.15 -64.25
N SER E 237 27.27 37.30 -63.76
CA SER E 237 25.97 37.05 -64.39
C SER E 237 24.99 38.16 -64.03
N PRO E 238 24.45 38.91 -65.02
CA PRO E 238 23.46 39.96 -64.75
C PRO E 238 22.16 39.39 -64.17
N VAL E 239 21.64 40.07 -63.15
CA VAL E 239 20.38 39.74 -62.51
C VAL E 239 19.40 40.90 -62.76
N ILE E 240 18.12 40.65 -62.47
CA ILE E 240 17.11 41.70 -62.57
C ILE E 240 16.74 42.16 -61.17
N ILE E 241 16.69 43.48 -60.99
CA ILE E 241 16.25 44.06 -59.73
C ILE E 241 15.04 44.94 -60.01
N GLU E 242 13.87 44.51 -59.52
CA GLU E 242 12.63 45.24 -59.68
C GLU E 242 12.21 45.83 -58.34
N CYS E 243 11.93 47.13 -58.35
CA CYS E 243 11.32 47.82 -57.22
C CYS E 243 9.82 47.91 -57.49
N SER E 244 9.02 47.50 -56.50
CA SER E 244 7.58 47.42 -56.65
C SER E 244 6.88 48.06 -55.47
N ASP E 245 5.65 48.54 -55.74
CA ASP E 245 4.77 49.13 -54.74
C ASP E 245 3.77 48.07 -54.30
N PHE E 246 3.72 47.80 -52.99
CA PHE E 246 2.94 46.71 -52.43
C PHE E 246 1.46 47.07 -52.35
N ASN E 247 0.61 46.12 -52.73
CA ASN E 247 -0.84 46.25 -52.66
C ASN E 247 -1.39 44.96 -52.07
N SER E 248 -2.12 45.08 -50.96
CA SER E 248 -2.64 43.92 -50.23
C SER E 248 -3.51 43.05 -51.15
N ASN E 249 -4.10 43.68 -52.18
CA ASN E 249 -4.96 42.99 -53.13
C ASN E 249 -4.13 42.01 -53.97
N GLY E 250 -2.80 42.05 -53.82
CA GLY E 250 -1.95 41.07 -54.46
C GLY E 250 -1.37 41.53 -55.80
N LYS E 251 -1.94 42.58 -56.39
CA LYS E 251 -1.43 43.11 -57.65
C LYS E 251 -0.55 44.33 -57.37
N HIS E 252 0.76 44.10 -57.36
CA HIS E 252 1.74 45.14 -57.06
C HIS E 252 2.15 45.83 -58.35
N SER E 253 2.46 47.13 -58.24
CA SER E 253 2.79 47.95 -59.40
C SER E 253 4.29 48.21 -59.43
N LEU E 254 4.88 47.99 -60.62
CA LEU E 254 6.30 48.17 -60.86
C LEU E 254 6.64 49.65 -60.73
N ILE E 255 7.69 49.96 -59.98
CA ILE E 255 8.15 51.32 -59.77
C ILE E 255 9.32 51.57 -60.73
N GLY E 256 10.23 50.59 -60.79
CA GLY E 256 11.40 50.66 -61.64
C GLY E 256 12.17 49.35 -61.63
N LYS E 257 13.16 49.26 -62.52
CA LYS E 257 13.88 48.02 -62.76
C LYS E 257 15.26 48.37 -63.32
N VAL E 258 16.29 47.67 -62.83
CA VAL E 258 17.62 47.73 -63.40
C VAL E 258 18.13 46.30 -63.59
N GLN E 259 19.15 46.17 -64.45
CA GLN E 259 19.76 44.89 -64.74
C GLN E 259 21.27 45.04 -64.61
N LYS E 260 21.86 44.31 -63.65
CA LYS E 260 23.27 44.43 -63.32
C LYS E 260 23.75 43.11 -62.70
N SER E 261 25.04 42.81 -62.82
CA SER E 261 25.63 41.63 -62.19
C SER E 261 25.99 41.93 -60.73
N LEU E 262 26.29 40.88 -59.96
CA LEU E 262 26.64 41.02 -58.56
C LEU E 262 28.01 41.72 -58.47
N SER E 263 28.81 41.59 -59.53
CA SER E 263 30.09 42.26 -59.64
C SER E 263 29.87 43.75 -59.86
N ASP E 264 28.96 44.07 -60.77
CA ASP E 264 28.55 45.43 -61.10
C ASP E 264 28.07 46.16 -59.84
N LEU E 265 27.36 45.45 -58.96
CA LEU E 265 26.82 46.05 -57.74
C LEU E 265 27.96 46.43 -56.81
N GLU E 266 29.01 45.58 -56.79
CA GLU E 266 30.14 45.79 -55.90
C GLU E 266 30.87 47.07 -56.29
N LYS E 267 31.03 47.28 -57.61
CA LYS E 267 31.69 48.46 -58.12
C LYS E 267 30.89 49.71 -57.73
N LEU E 268 29.56 49.64 -57.86
CA LEU E 268 28.69 50.71 -57.42
C LEU E 268 28.91 50.97 -55.92
N HIS E 269 28.92 49.90 -55.12
CA HIS E 269 29.10 50.06 -53.68
C HIS E 269 30.38 50.84 -53.40
N LEU E 270 31.48 50.43 -54.03
CA LEU E 270 32.80 50.94 -53.69
C LEU E 270 32.88 52.40 -54.09
N ALA E 271 32.33 52.71 -55.28
CA ALA E 271 32.36 54.03 -55.88
C ALA E 271 31.42 55.00 -55.15
N GLY E 272 30.38 54.45 -54.50
CA GLY E 272 29.37 55.26 -53.83
C GLY E 272 28.32 55.78 -54.80
N GLN E 273 28.38 55.29 -56.06
CA GLN E 273 27.46 55.71 -57.10
C GLN E 273 26.19 54.85 -57.08
N GLY E 274 25.08 55.51 -57.41
CA GLY E 274 23.80 54.87 -57.67
C GLY E 274 23.57 54.69 -59.18
N ILE E 275 22.50 53.97 -59.53
CA ILE E 275 22.15 53.74 -60.93
C ILE E 275 20.67 54.04 -61.08
N ASN E 276 20.31 54.75 -62.16
CA ASN E 276 18.93 55.13 -62.42
C ASN E 276 18.12 53.90 -62.82
N PHE E 277 16.88 53.85 -62.32
CA PHE E 277 15.91 52.82 -62.67
C PHE E 277 15.30 53.12 -64.03
N SER E 278 14.67 52.10 -64.63
CA SER E 278 13.98 52.21 -65.91
C SER E 278 12.61 51.53 -65.84
N LEU E 279 11.64 52.07 -66.60
CA LEU E 279 10.38 51.40 -66.88
C LEU E 279 10.35 51.02 -68.36
N PRO E 280 9.88 49.79 -68.70
CA PRO E 280 10.03 49.26 -70.05
C PRO E 280 9.13 49.91 -71.07
N THR E 281 7.87 50.26 -70.75
CA THR E 281 6.98 50.99 -71.64
C THR E 281 7.14 50.63 -73.12
N GLY E 282 8.34 50.79 -73.68
CA GLY E 282 8.69 50.31 -75.02
C GLY E 282 9.11 48.84 -75.01
N ALA E 283 8.84 48.17 -76.14
CA ALA E 283 9.16 46.77 -76.33
C ALA E 283 10.49 46.60 -77.07
N GLY E 284 11.53 47.20 -76.50
CA GLY E 284 12.86 47.23 -77.07
C GLY E 284 13.70 48.36 -76.46
N GLN E 285 13.02 49.46 -76.09
CA GLN E 285 13.66 50.56 -75.39
C GLN E 285 12.88 50.95 -74.13
N ASN E 286 13.50 51.81 -73.32
CA ASN E 286 13.13 52.02 -71.91
C ASN E 286 13.01 53.52 -71.64
N LYS E 287 12.45 53.84 -70.47
CA LYS E 287 12.45 55.21 -69.96
C LYS E 287 13.24 55.28 -68.65
N VAL E 288 14.27 56.14 -68.64
CA VAL E 288 15.13 56.32 -67.47
C VAL E 288 14.41 57.23 -66.47
N LEU E 289 14.26 56.74 -65.23
CA LEU E 289 13.58 57.47 -64.16
C LEU E 289 14.58 58.34 -63.40
N LYS E 290 14.04 59.30 -62.63
CA LYS E 290 14.86 60.10 -61.73
C LYS E 290 15.29 59.26 -60.53
N SER E 291 14.47 58.26 -60.17
CA SER E 291 14.74 57.38 -59.04
C SER E 291 16.01 56.55 -59.27
N GLN E 292 16.71 56.27 -58.18
CA GLN E 292 18.01 55.61 -58.26
C GLN E 292 18.09 54.48 -57.24
N LEU E 293 18.99 53.52 -57.53
CA LEU E 293 19.31 52.40 -56.66
C LEU E 293 20.74 52.58 -56.13
N PHE E 294 20.96 52.09 -54.92
CA PHE E 294 22.24 52.25 -54.25
C PHE E 294 22.55 50.95 -53.53
N VAL E 295 23.85 50.69 -53.35
CA VAL E 295 24.30 49.51 -52.63
C VAL E 295 25.08 49.99 -51.42
N ASP E 296 24.37 50.21 -50.29
CA ASP E 296 24.98 50.74 -49.07
C ASP E 296 26.01 49.78 -48.49
N LYS E 297 25.73 48.47 -48.56
CA LYS E 297 26.63 47.46 -48.03
C LYS E 297 26.69 46.28 -48.99
N PHE E 298 27.81 45.56 -48.97
CA PHE E 298 28.08 44.46 -49.88
C PHE E 298 29.32 43.72 -49.42
N THR E 299 29.11 42.58 -48.74
CA THR E 299 30.19 41.88 -48.07
C THR E 299 30.11 40.41 -48.47
N GLU E 300 31.16 39.90 -49.13
CA GLU E 300 31.28 38.46 -49.30
C GLU E 300 31.78 37.87 -47.97
N THR E 301 30.99 36.92 -47.44
CA THR E 301 31.19 36.39 -46.09
C THR E 301 31.26 34.88 -46.16
N VAL E 302 32.05 34.33 -45.23
CA VAL E 302 32.14 32.89 -45.07
C VAL E 302 31.07 32.48 -44.07
N HIS E 303 30.08 31.74 -44.55
CA HIS E 303 28.99 31.20 -43.73
C HIS E 303 29.50 30.04 -42.89
N HIS E 304 29.09 29.99 -41.61
CA HIS E 304 29.34 28.82 -40.80
C HIS E 304 28.47 27.68 -41.32
N THR E 305 29.10 26.65 -41.87
CA THR E 305 28.38 25.62 -42.59
C THR E 305 28.17 24.39 -41.71
N PHE E 306 27.31 23.48 -42.19
CA PHE E 306 27.14 22.20 -41.53
C PHE E 306 28.51 21.64 -41.14
N LEU E 307 29.40 21.48 -42.13
CA LEU E 307 30.71 20.88 -41.91
C LEU E 307 31.49 21.62 -40.81
N GLU E 308 31.30 22.94 -40.72
CA GLU E 308 31.98 23.71 -39.69
C GLU E 308 31.53 23.18 -38.33
N TYR E 309 30.21 22.95 -38.18
CA TYR E 309 29.67 22.47 -36.91
C TYR E 309 30.16 21.06 -36.57
N LEU E 310 30.21 20.16 -37.57
CA LEU E 310 30.65 18.79 -37.31
C LEU E 310 32.09 18.79 -36.81
N ALA E 311 32.91 19.70 -37.34
CA ALA E 311 34.31 19.79 -36.98
C ALA E 311 34.48 20.44 -35.59
N SER E 312 33.38 21.00 -35.05
CA SER E 312 33.39 21.60 -33.73
C SER E 312 32.78 20.65 -32.70
N GLY E 313 32.71 19.36 -33.06
CA GLY E 313 32.24 18.32 -32.15
C GLY E 313 30.73 18.33 -31.91
N PHE E 314 29.94 18.63 -32.94
CA PHE E 314 28.49 18.54 -32.84
C PHE E 314 28.05 17.24 -33.51
N GLU E 315 27.07 16.57 -32.92
CA GLU E 315 26.72 15.22 -33.32
C GLU E 315 25.25 15.18 -33.72
N LEU E 316 24.95 14.17 -34.55
CA LEU E 316 23.58 13.85 -34.90
C LEU E 316 23.26 12.51 -34.25
N ASN E 317 22.30 12.54 -33.31
CA ASN E 317 21.99 11.36 -32.53
C ASN E 317 20.67 10.77 -33.04
N PHE E 318 20.75 9.55 -33.55
CA PHE E 318 19.64 8.85 -34.18
C PHE E 318 18.76 8.24 -33.10
N MET E 319 17.44 8.37 -33.30
CA MET E 319 16.42 7.78 -32.45
C MET E 319 15.46 7.05 -33.38
N VAL E 320 14.75 6.04 -32.84
CA VAL E 320 13.83 5.28 -33.67
C VAL E 320 12.56 4.98 -32.87
N ALA E 321 11.41 4.99 -33.54
CA ALA E 321 10.14 4.59 -32.95
C ALA E 321 9.34 3.82 -34.00
N ILE E 322 8.77 2.68 -33.60
CA ILE E 322 8.26 1.67 -34.50
C ILE E 322 6.82 1.33 -34.14
N ASP E 323 5.90 1.50 -35.11
CA ASP E 323 4.50 1.14 -35.00
C ASP E 323 4.41 -0.37 -34.77
N PHE E 324 3.84 -0.74 -33.62
CA PHE E 324 3.51 -2.12 -33.28
C PHE E 324 2.00 -2.32 -33.23
N THR E 325 1.24 -1.50 -33.98
CA THR E 325 -0.20 -1.65 -34.07
C THR E 325 -0.54 -2.90 -34.88
N ALA E 326 -1.64 -3.54 -34.52
CA ALA E 326 -2.12 -4.74 -35.18
C ALA E 326 -2.44 -4.45 -36.64
N SER E 327 -2.65 -3.17 -36.99
CA SER E 327 -2.72 -2.76 -38.38
C SER E 327 -1.85 -3.68 -39.24
N ASN E 328 -0.70 -4.11 -38.67
CA ASN E 328 0.45 -4.70 -39.34
C ASN E 328 0.27 -6.19 -39.62
N GLY E 329 -0.49 -6.89 -38.79
CA GLY E 329 -0.66 -8.32 -38.94
C GLY E 329 0.37 -9.10 -38.12
N ASN E 330 -0.01 -10.30 -37.66
CA ASN E 330 0.88 -11.06 -36.80
C ASN E 330 2.24 -11.30 -37.45
N PRO E 331 3.32 -10.96 -36.73
CA PRO E 331 4.68 -11.28 -37.17
C PRO E 331 4.92 -12.68 -37.72
N ARG E 332 4.05 -13.65 -37.38
CA ARG E 332 4.35 -15.01 -37.78
C ARG E 332 3.78 -15.30 -39.17
N LEU E 333 3.13 -14.29 -39.77
CA LEU E 333 2.36 -14.44 -40.99
C LEU E 333 3.14 -13.87 -42.16
N PRO E 334 3.39 -14.65 -43.23
CA PRO E 334 4.20 -14.22 -44.37
C PRO E 334 3.86 -12.84 -44.94
N ASP E 335 2.60 -12.43 -44.83
CA ASP E 335 2.16 -11.16 -45.39
C ASP E 335 2.03 -10.10 -44.31
N SER E 336 2.56 -10.37 -43.11
CA SER E 336 2.64 -9.33 -42.11
C SER E 336 3.76 -8.37 -42.47
N LEU E 337 3.52 -7.08 -42.24
CA LEU E 337 4.54 -6.07 -42.48
C LEU E 337 5.72 -6.29 -41.53
N HIS E 338 5.55 -7.11 -40.47
CA HIS E 338 6.61 -7.31 -39.50
C HIS E 338 7.22 -8.70 -39.66
N TYR E 339 6.84 -9.38 -40.75
CA TYR E 339 7.26 -10.75 -40.98
C TYR E 339 8.78 -10.81 -40.98
N ILE E 340 9.34 -11.68 -40.15
CA ILE E 340 10.77 -11.93 -40.07
C ILE E 340 11.09 -13.14 -40.94
N ASP E 341 11.54 -12.87 -42.18
CA ASP E 341 11.77 -13.91 -43.16
C ASP E 341 12.84 -14.87 -42.65
N PRO E 342 12.66 -16.19 -42.75
CA PRO E 342 13.68 -17.15 -42.31
C PRO E 342 14.96 -17.03 -43.14
N SER E 343 14.81 -16.60 -44.39
CA SER E 343 15.90 -16.43 -45.33
C SER E 343 16.79 -15.26 -44.93
N GLY E 344 16.29 -14.40 -44.03
CA GLY E 344 17.04 -13.25 -43.53
C GLY E 344 16.79 -11.96 -44.32
N ARG E 345 15.83 -12.00 -45.25
CA ARG E 345 15.39 -10.82 -45.98
C ARG E 345 14.73 -9.82 -45.03
N LEU E 346 15.17 -8.57 -45.11
CA LEU E 346 14.65 -7.49 -44.28
C LEU E 346 13.24 -7.08 -44.69
N ASN E 347 12.36 -6.87 -43.71
CA ASN E 347 11.04 -6.31 -44.01
C ASN E 347 11.17 -4.81 -44.08
N ALA E 348 10.04 -4.12 -44.32
CA ALA E 348 10.03 -2.68 -44.52
C ALA E 348 10.58 -1.97 -43.29
N TYR E 349 10.27 -2.45 -42.09
CA TYR E 349 10.73 -1.74 -40.91
C TYR E 349 12.25 -1.91 -40.79
N GLN E 350 12.74 -3.10 -41.13
CA GLN E 350 14.17 -3.34 -41.11
C GLN E 350 14.89 -2.54 -42.20
N ARG E 351 14.31 -2.50 -43.41
CA ARG E 351 14.89 -1.71 -44.49
C ARG E 351 15.00 -0.26 -44.07
N ALA E 352 13.92 0.33 -43.58
CA ALA E 352 13.93 1.76 -43.28
C ALA E 352 14.92 2.03 -42.14
N ILE E 353 14.97 1.14 -41.14
CA ILE E 353 15.93 1.37 -40.08
C ILE E 353 17.35 1.39 -40.65
N MET E 354 17.71 0.40 -41.47
CA MET E 354 19.05 0.34 -42.05
C MET E 354 19.29 1.53 -42.99
N ASP E 355 18.40 1.73 -43.96
CA ASP E 355 18.51 2.84 -44.90
C ASP E 355 18.89 4.14 -44.19
N VAL E 356 18.36 4.36 -42.98
CA VAL E 356 18.56 5.62 -42.29
C VAL E 356 19.73 5.49 -41.32
N GLY E 357 19.68 4.50 -40.43
CA GLY E 357 20.70 4.30 -39.42
C GLY E 357 22.10 4.19 -40.02
N GLU E 358 22.22 3.44 -41.12
CA GLU E 358 23.48 3.13 -41.75
C GLU E 358 24.25 4.41 -42.02
N VAL E 359 23.52 5.50 -42.24
CA VAL E 359 24.08 6.80 -42.58
C VAL E 359 24.32 7.61 -41.32
N LEU E 360 23.31 7.67 -40.44
CA LEU E 360 23.33 8.60 -39.33
C LEU E 360 24.22 8.07 -38.20
N GLN E 361 24.64 6.81 -38.32
CA GLN E 361 25.39 6.18 -37.24
C GLN E 361 26.79 6.80 -37.20
N PHE E 362 27.21 7.40 -38.31
CA PHE E 362 28.55 7.94 -38.40
C PHE E 362 28.66 9.31 -37.74
N TYR E 363 27.52 9.88 -37.32
CA TYR E 363 27.51 11.26 -36.86
C TYR E 363 27.32 11.31 -35.35
N ASP E 364 27.23 10.14 -34.70
CA ASP E 364 27.20 10.03 -33.25
C ASP E 364 28.34 9.11 -32.83
N SER E 365 29.08 9.50 -31.78
CA SER E 365 30.29 8.81 -31.37
C SER E 365 30.02 7.70 -30.36
N ASP E 366 28.99 7.84 -29.52
CA ASP E 366 28.67 6.84 -28.50
C ASP E 366 27.82 5.72 -29.08
N LYS E 367 27.04 6.04 -30.13
CA LYS E 367 26.17 5.07 -30.77
C LYS E 367 25.19 4.48 -29.77
N ARG E 368 24.86 5.25 -28.74
CA ARG E 368 23.74 4.91 -27.87
C ARG E 368 22.48 5.60 -28.40
N PHE E 369 21.59 4.80 -29.02
CA PHE E 369 20.44 5.29 -29.76
C PHE E 369 19.16 4.88 -29.04
N PRO E 370 18.34 5.85 -28.60
CA PRO E 370 17.00 5.56 -28.05
C PRO E 370 16.13 4.86 -29.07
N ALA E 371 15.45 3.79 -28.62
CA ALA E 371 14.62 2.98 -29.47
C ALA E 371 13.30 2.71 -28.74
N TRP E 372 12.20 3.08 -29.38
CA TRP E 372 10.86 2.88 -28.83
C TRP E 372 9.99 2.07 -29.79
N GLY E 373 8.94 1.47 -29.23
CA GLY E 373 7.77 1.03 -29.97
C GLY E 373 6.51 1.72 -29.43
N PHE E 374 5.43 1.62 -30.21
CA PHE E 374 4.17 2.21 -29.82
C PHE E 374 3.01 1.38 -30.36
N GLY E 375 1.92 1.34 -29.59
CA GLY E 375 0.68 0.71 -30.01
C GLY E 375 0.66 -0.80 -29.77
N ALA E 376 1.29 -1.24 -28.68
CA ALA E 376 1.30 -2.66 -28.33
C ALA E 376 1.00 -2.85 -26.85
N ARG E 377 0.59 -4.06 -26.51
CA ARG E 377 0.31 -4.40 -25.13
C ARG E 377 1.45 -5.30 -24.63
N PRO E 378 2.33 -4.79 -23.74
CA PRO E 378 3.41 -5.63 -23.18
C PRO E 378 2.75 -6.59 -22.19
N ILE E 379 3.55 -7.50 -21.64
CA ILE E 379 3.06 -8.63 -20.87
C ILE E 379 2.20 -8.13 -19.70
N ASP E 380 0.88 -8.38 -19.77
CA ASP E 380 -0.03 -8.27 -18.64
C ASP E 380 -0.47 -6.82 -18.39
N ALA E 381 0.21 -5.87 -19.04
CA ALA E 381 -0.07 -4.45 -18.87
C ALA E 381 -1.12 -3.99 -19.88
N PRO E 382 -1.62 -2.73 -19.80
CA PRO E 382 -2.40 -2.13 -20.88
C PRO E 382 -1.50 -1.62 -22.01
N VAL E 383 -2.14 -1.26 -23.13
CA VAL E 383 -1.47 -0.77 -24.32
C VAL E 383 -0.51 0.36 -23.95
N SER E 384 0.73 0.27 -24.44
CA SER E 384 1.72 1.33 -24.30
C SER E 384 1.86 2.09 -25.61
N HIS E 385 2.05 3.41 -25.52
CA HIS E 385 2.25 4.18 -26.74
C HIS E 385 3.68 4.73 -26.79
N CYS E 386 4.52 4.16 -25.94
CA CYS E 386 5.94 4.41 -25.89
C CYS E 386 6.57 3.43 -24.91
N PHE E 387 6.89 2.22 -25.37
CA PHE E 387 7.66 1.28 -24.55
C PHE E 387 9.04 1.12 -25.17
N ASN E 388 10.06 0.92 -24.32
CA ASN E 388 11.42 0.74 -24.77
C ASN E 388 11.53 -0.60 -25.50
N LEU E 389 12.03 -0.57 -26.75
CA LEU E 389 12.21 -1.78 -27.55
C LEU E 389 13.11 -2.79 -26.82
N ASN E 390 14.06 -2.29 -26.01
CA ASN E 390 15.01 -3.18 -25.37
C ASN E 390 14.33 -3.90 -24.22
N GLY E 391 13.10 -3.48 -23.92
CA GLY E 391 12.21 -4.20 -23.01
C GLY E 391 12.39 -3.83 -21.55
N SER E 392 13.15 -2.75 -21.28
CA SER E 392 13.35 -2.30 -19.90
C SER E 392 12.27 -1.30 -19.53
N SER E 393 12.38 -0.73 -18.33
CA SER E 393 11.37 0.19 -17.82
C SER E 393 11.98 1.57 -17.63
N SER E 394 13.33 1.62 -17.66
CA SER E 394 14.01 2.81 -17.17
C SER E 394 14.73 3.56 -18.28
N TYR E 395 15.09 2.89 -19.39
CA TYR E 395 16.00 3.54 -20.33
C TYR E 395 15.85 2.92 -21.72
N SER E 396 16.12 3.71 -22.76
CA SER E 396 15.69 3.39 -24.11
C SER E 396 16.87 3.19 -25.05
N GLU E 397 18.02 3.68 -24.65
CA GLU E 397 19.27 3.60 -25.42
C GLU E 397 19.61 2.14 -25.70
N VAL E 398 20.09 1.82 -26.92
CA VAL E 398 20.62 0.51 -27.29
C VAL E 398 21.95 0.71 -28.03
N ASP E 399 22.82 -0.31 -27.97
CA ASP E 399 24.16 -0.20 -28.57
C ASP E 399 24.07 -0.44 -30.07
N GLY E 400 24.25 0.62 -30.86
CA GLY E 400 24.45 0.52 -32.30
C GLY E 400 23.17 0.17 -33.06
N ILE E 401 23.24 0.36 -34.40
CA ILE E 401 22.20 -0.14 -35.29
C ILE E 401 21.89 -1.59 -34.94
N GLN E 402 22.94 -2.42 -34.81
CA GLN E 402 22.75 -3.82 -34.44
C GLN E 402 21.82 -3.94 -33.24
N GLY E 403 22.05 -3.08 -32.24
CA GLY E 403 21.22 -3.05 -31.04
C GLY E 403 19.75 -2.74 -31.36
N ILE E 404 19.51 -1.83 -32.30
CA ILE E 404 18.15 -1.55 -32.70
C ILE E 404 17.55 -2.79 -33.35
N MET E 405 18.30 -3.43 -34.24
CA MET E 405 17.74 -4.54 -35.01
C MET E 405 17.36 -5.68 -34.08
N THR E 406 18.22 -5.97 -33.09
CA THR E 406 17.92 -7.11 -32.24
C THR E 406 16.83 -6.72 -31.23
N SER E 407 16.84 -5.48 -30.73
CA SER E 407 15.74 -5.02 -29.87
C SER E 407 14.39 -5.16 -30.58
N TYR E 408 14.37 -4.87 -31.88
CA TYR E 408 13.17 -4.99 -32.68
C TYR E 408 12.69 -6.44 -32.73
N THR E 409 13.49 -7.35 -33.29
CA THR E 409 13.05 -8.73 -33.45
C THR E 409 12.67 -9.30 -32.09
N SER E 410 13.39 -8.89 -31.04
CA SER E 410 13.07 -9.29 -29.69
C SER E 410 11.66 -8.80 -29.28
N ALA E 411 11.38 -7.49 -29.38
CA ALA E 411 10.08 -6.97 -28.98
C ALA E 411 8.94 -7.66 -29.73
N LEU E 412 9.15 -7.92 -31.04
CA LEU E 412 8.12 -8.45 -31.91
C LEU E 412 7.46 -9.67 -31.27
N PHE E 413 8.26 -10.51 -30.62
CA PHE E 413 7.71 -11.77 -30.15
C PHE E 413 7.46 -11.73 -28.65
N ASN E 414 7.50 -10.53 -28.04
CA ASN E 414 7.32 -10.43 -26.61
C ASN E 414 6.29 -9.37 -26.24
N VAL E 415 5.45 -8.96 -27.18
CA VAL E 415 4.34 -8.04 -26.92
C VAL E 415 3.20 -8.30 -27.92
N SER E 416 2.01 -7.77 -27.61
CA SER E 416 0.82 -8.03 -28.39
C SER E 416 0.45 -6.82 -29.24
N LEU E 417 0.59 -6.97 -30.56
CA LEU E 417 0.21 -5.91 -31.48
C LEU E 417 -1.19 -5.43 -31.11
N ALA E 418 -1.34 -4.13 -30.84
CA ALA E 418 -2.63 -3.61 -30.42
C ALA E 418 -3.02 -2.39 -31.24
N GLY E 419 -3.22 -1.26 -30.57
CA GLY E 419 -3.75 -0.07 -31.22
C GLY E 419 -4.34 0.91 -30.20
N PRO E 420 -4.71 2.15 -30.61
CA PRO E 420 -4.57 2.59 -32.00
C PRO E 420 -3.23 3.28 -32.30
N THR E 421 -3.07 3.80 -33.52
CA THR E 421 -1.80 4.36 -33.97
C THR E 421 -1.71 5.79 -33.39
N LEU E 422 -0.82 6.02 -32.40
CA LEU E 422 -0.59 7.35 -31.82
C LEU E 422 0.89 7.75 -31.86
N PHE E 423 1.16 9.04 -32.15
CA PHE E 423 2.52 9.57 -32.23
C PHE E 423 2.84 10.48 -31.05
N GLY E 424 1.79 11.05 -30.43
CA GLY E 424 1.99 12.00 -29.35
C GLY E 424 3.07 11.55 -28.35
N PRO E 425 2.82 10.47 -27.59
CA PRO E 425 3.78 9.99 -26.59
C PRO E 425 5.24 9.80 -27.02
N VAL E 426 5.49 9.22 -28.20
CA VAL E 426 6.88 9.05 -28.63
C VAL E 426 7.52 10.41 -28.86
N ILE E 427 6.79 11.29 -29.55
CA ILE E 427 7.36 12.62 -29.83
C ILE E 427 7.70 13.34 -28.52
N ASN E 428 6.87 13.21 -27.48
CA ASN E 428 7.18 13.81 -26.18
C ASN E 428 8.43 13.15 -25.58
N ALA E 429 8.51 11.83 -25.64
CA ALA E 429 9.68 11.09 -25.13
C ALA E 429 10.96 11.59 -25.78
N ALA E 430 10.91 11.78 -27.11
CA ALA E 430 12.07 12.27 -27.85
C ALA E 430 12.41 13.68 -27.38
N ALA E 431 11.38 14.55 -27.38
CA ALA E 431 11.52 15.93 -26.92
C ALA E 431 12.13 15.97 -25.52
N MET E 432 11.65 15.13 -24.62
CA MET E 432 12.18 15.14 -23.26
C MET E 432 13.70 14.94 -23.29
N ILE E 433 14.20 14.09 -24.20
CA ILE E 433 15.63 13.81 -24.29
C ILE E 433 16.37 14.97 -24.94
N ALA E 434 15.80 15.50 -26.04
CA ALA E 434 16.37 16.67 -26.69
C ALA E 434 16.59 17.77 -25.66
N SER E 435 15.48 18.18 -25.06
CA SER E 435 15.40 19.21 -24.04
C SER E 435 16.45 18.99 -22.97
N ALA E 436 16.52 17.78 -22.41
CA ALA E 436 17.48 17.47 -21.35
C ALA E 436 18.90 17.72 -21.84
N SER E 437 19.15 17.40 -23.11
CA SER E 437 20.47 17.58 -23.71
C SER E 437 20.79 19.07 -23.85
N LEU E 438 19.80 19.86 -24.26
CA LEU E 438 19.90 21.31 -24.41
C LEU E 438 20.29 21.95 -23.06
N ALA E 439 19.56 21.59 -22.00
CA ALA E 439 19.75 22.18 -20.67
C ALA E 439 21.16 21.88 -20.13
N GLN E 440 21.69 20.69 -20.45
CA GLN E 440 23.01 20.26 -20.01
C GLN E 440 24.08 20.77 -20.96
N GLY E 441 23.73 21.78 -21.77
CA GLY E 441 24.62 22.44 -22.72
C GLY E 441 25.40 21.45 -23.58
N SER E 442 24.70 20.40 -24.02
CA SER E 442 25.29 19.41 -24.92
C SER E 442 25.30 19.95 -26.34
N ARG E 443 26.03 19.27 -27.22
CA ARG E 443 26.08 19.66 -28.62
C ARG E 443 25.50 18.55 -29.49
N LYS E 444 24.39 17.98 -29.01
CA LYS E 444 23.71 16.93 -29.75
C LYS E 444 22.48 17.52 -30.43
N TYR E 445 22.26 17.11 -31.68
CA TYR E 445 21.01 17.35 -32.38
C TYR E 445 20.48 15.97 -32.76
N TYR E 446 19.18 15.76 -32.53
CA TYR E 446 18.56 14.44 -32.49
C TYR E 446 17.66 14.26 -33.72
N VAL E 447 17.73 13.06 -34.31
CA VAL E 447 16.92 12.74 -35.47
C VAL E 447 16.09 11.50 -35.12
N LEU E 448 14.76 11.69 -35.05
CA LEU E 448 13.89 10.59 -34.67
C LEU E 448 13.23 10.04 -35.92
N LEU E 449 13.32 8.71 -36.10
CA LEU E 449 12.69 8.09 -37.25
C LEU E 449 11.50 7.31 -36.73
N ILE E 450 10.32 7.66 -37.26
CA ILE E 450 9.06 7.00 -36.91
C ILE E 450 8.62 6.24 -38.14
N ILE E 451 8.25 4.97 -37.94
CA ILE E 451 7.84 4.11 -39.02
C ILE E 451 6.43 3.61 -38.69
N THR E 452 5.47 3.90 -39.57
CA THR E 452 4.08 3.54 -39.28
C THR E 452 3.44 2.95 -40.53
N ASP E 453 2.33 2.22 -40.32
CA ASP E 453 1.67 1.44 -41.35
C ASP E 453 0.32 2.06 -41.68
N GLY E 454 -0.12 2.98 -40.80
CA GLY E 454 -1.38 3.69 -40.93
C GLY E 454 -1.27 5.13 -40.47
N VAL E 455 -2.43 5.81 -40.43
CA VAL E 455 -2.51 7.23 -40.11
C VAL E 455 -2.77 7.37 -38.61
N ILE E 456 -2.35 8.50 -38.04
CA ILE E 456 -2.41 8.69 -36.60
C ILE E 456 -3.83 9.04 -36.19
N THR E 457 -4.14 8.77 -34.92
CA THR E 457 -5.43 9.07 -34.32
C THR E 457 -5.38 10.43 -33.63
N ASP E 458 -4.25 10.77 -33.02
CA ASP E 458 -4.15 11.93 -32.13
C ASP E 458 -3.55 13.12 -32.86
N LEU E 459 -4.08 13.44 -34.05
CA LEU E 459 -3.51 14.44 -34.94
C LEU E 459 -3.27 15.75 -34.20
N GLN E 460 -4.18 16.13 -33.30
CA GLN E 460 -4.06 17.41 -32.64
C GLN E 460 -2.89 17.38 -31.66
N GLU E 461 -2.90 16.41 -30.72
CA GLU E 461 -1.89 16.35 -29.67
C GLU E 461 -0.51 16.10 -30.27
N THR E 462 -0.47 15.67 -31.55
CA THR E 462 0.75 15.51 -32.32
C THR E 462 1.28 16.89 -32.71
N LYS E 463 0.44 17.68 -33.40
CA LYS E 463 0.76 19.05 -33.74
C LYS E 463 1.30 19.79 -32.51
N ASP E 464 0.60 19.66 -31.37
CA ASP E 464 0.98 20.35 -30.14
C ASP E 464 2.37 19.89 -29.70
N ALA E 465 2.65 18.60 -29.85
CA ALA E 465 3.93 18.03 -29.44
C ALA E 465 5.04 18.54 -30.36
N LEU E 466 4.76 18.57 -31.68
CA LEU E 466 5.70 19.00 -32.69
C LEU E 466 6.04 20.48 -32.51
N VAL E 467 5.00 21.33 -32.48
CA VAL E 467 5.16 22.77 -32.28
C VAL E 467 6.08 23.00 -31.07
N SER E 468 5.81 22.30 -29.97
CA SER E 468 6.58 22.41 -28.74
C SER E 468 8.02 21.94 -28.95
N ALA E 469 8.19 20.94 -29.82
CA ALA E 469 9.50 20.33 -30.08
C ALA E 469 10.35 21.23 -30.96
N SER E 470 9.69 22.03 -31.80
CA SER E 470 10.35 22.84 -32.82
C SER E 470 11.45 23.74 -32.23
N ASP E 471 11.43 23.94 -30.91
CA ASP E 471 12.40 24.80 -30.22
C ASP E 471 13.59 23.98 -29.74
N LEU E 472 13.51 22.65 -29.87
CA LEU E 472 14.53 21.77 -29.33
C LEU E 472 15.38 21.21 -30.47
N PRO E 473 16.60 20.70 -30.15
CA PRO E 473 17.50 20.14 -31.16
C PRO E 473 17.01 18.80 -31.66
N LEU E 474 16.05 18.81 -32.60
CA LEU E 474 15.34 17.59 -32.94
C LEU E 474 14.66 17.74 -34.29
N SER E 475 15.03 16.82 -35.20
CA SER E 475 14.34 16.64 -36.47
C SER E 475 13.59 15.33 -36.41
N ILE E 476 12.53 15.22 -37.21
CA ILE E 476 11.70 14.02 -37.21
C ILE E 476 11.46 13.57 -38.64
N LEU E 477 11.67 12.26 -38.87
CA LEU E 477 11.32 11.67 -40.14
C LEU E 477 10.30 10.58 -39.89
N ILE E 478 9.20 10.65 -40.65
CA ILE E 478 8.15 9.65 -40.62
C ILE E 478 8.15 8.91 -41.94
N VAL E 479 8.08 7.58 -41.85
CA VAL E 479 8.09 6.76 -43.06
C VAL E 479 6.90 5.82 -42.95
N GLY E 480 6.05 5.86 -43.99
CA GLY E 480 4.89 4.98 -44.06
C GLY E 480 5.24 3.68 -44.79
N VAL E 481 4.72 2.56 -44.30
CA VAL E 481 5.00 1.28 -44.91
C VAL E 481 3.67 0.61 -45.24
N GLY E 482 3.71 -0.24 -46.27
CA GLY E 482 2.52 -0.92 -46.77
C GLY E 482 1.67 0.04 -47.61
N GLY E 483 0.44 -0.37 -47.91
CA GLY E 483 -0.35 0.30 -48.94
C GLY E 483 -1.41 1.23 -48.40
N ALA E 484 -1.34 1.59 -47.11
CA ALA E 484 -2.37 2.45 -46.52
C ALA E 484 -2.41 3.80 -47.23
N ASP E 485 -3.51 4.55 -47.03
CA ASP E 485 -3.64 5.86 -47.65
C ASP E 485 -3.10 6.92 -46.70
N PHE E 486 -1.98 7.54 -47.08
CA PHE E 486 -1.23 8.41 -46.19
C PHE E 486 -1.50 9.88 -46.50
N LYS E 487 -2.61 10.15 -47.18
CA LYS E 487 -2.96 11.51 -47.58
C LYS E 487 -2.97 12.44 -46.37
N GLU E 488 -3.49 11.96 -45.24
CA GLU E 488 -3.69 12.77 -44.05
C GLU E 488 -2.37 13.14 -43.38
N MET E 489 -1.27 12.49 -43.84
CA MET E 489 0.03 12.63 -43.21
C MET E 489 0.73 13.87 -43.78
N GLU E 490 0.35 14.26 -44.99
CA GLU E 490 1.12 15.20 -45.79
C GLU E 490 0.92 16.62 -45.28
N ILE E 491 -0.01 16.81 -44.35
CA ILE E 491 -0.19 18.11 -43.72
C ILE E 491 0.95 18.36 -42.73
N LEU E 492 1.70 17.28 -42.41
CA LEU E 492 2.80 17.35 -41.47
C LEU E 492 4.13 17.66 -42.16
N ASP E 493 4.26 17.30 -43.45
CA ASP E 493 5.50 17.40 -44.19
C ASP E 493 5.92 18.86 -44.30
N ALA E 494 7.22 19.12 -44.16
CA ALA E 494 7.81 20.46 -44.27
C ALA E 494 7.59 20.98 -45.68
N ASP E 495 7.85 20.12 -46.68
CA ASP E 495 7.76 20.47 -48.08
C ASP E 495 6.30 20.62 -48.49
N LYS E 496 5.53 19.52 -48.41
CA LYS E 496 4.17 19.46 -48.94
C LYS E 496 3.18 20.24 -48.06
N GLY E 497 3.43 20.24 -46.75
CA GLY E 497 2.45 20.74 -45.79
C GLY E 497 2.49 22.25 -45.62
N GLU E 498 1.95 22.71 -44.49
CA GLU E 498 1.89 24.12 -44.13
C GLU E 498 2.31 24.30 -42.67
N ARG E 499 2.77 25.50 -42.34
CA ARG E 499 3.34 25.85 -41.04
C ARG E 499 2.35 25.45 -39.95
N LEU E 500 2.85 24.75 -38.94
CA LEU E 500 2.00 24.05 -37.99
C LEU E 500 1.48 25.01 -36.92
N GLU E 501 0.21 24.81 -36.56
CA GLU E 501 -0.39 25.59 -35.48
C GLU E 501 -0.77 24.67 -34.32
N SER E 502 -0.22 24.98 -33.15
CA SER E 502 -0.64 24.47 -31.86
C SER E 502 -2.14 24.70 -31.70
N SER E 503 -2.78 23.93 -30.79
CA SER E 503 -4.17 24.17 -30.44
C SER E 503 -4.29 25.49 -29.68
N SER E 504 -3.30 25.76 -28.80
CA SER E 504 -3.26 26.97 -28.01
C SER E 504 -2.95 28.19 -28.89
N GLY E 505 -2.85 27.98 -30.21
CA GLY E 505 -2.71 29.07 -31.17
C GLY E 505 -1.27 29.32 -31.61
N ARG E 506 -0.29 28.84 -30.83
CA ARG E 506 1.13 29.08 -31.03
C ARG E 506 1.63 28.40 -32.31
N LEU E 507 2.69 28.96 -32.90
CA LEU E 507 3.18 28.53 -34.20
C LEU E 507 4.56 27.88 -34.06
N ALA E 508 4.91 27.01 -35.01
CA ALA E 508 6.18 26.31 -34.99
C ALA E 508 7.31 27.28 -35.32
N SER E 509 8.39 27.25 -34.53
CA SER E 509 9.57 28.04 -34.80
C SER E 509 10.16 27.69 -36.16
N ARG E 510 10.05 26.43 -36.59
CA ARG E 510 10.64 25.97 -37.84
C ARG E 510 10.01 24.63 -38.25
N ASP E 511 10.20 24.24 -39.51
CA ASP E 511 9.79 22.92 -39.97
C ASP E 511 10.75 21.86 -39.40
N ILE E 512 10.20 20.83 -38.74
CA ILE E 512 11.04 19.76 -38.20
C ILE E 512 10.55 18.38 -38.64
N VAL E 513 9.45 18.35 -39.40
CA VAL E 513 8.91 17.06 -39.85
C VAL E 513 9.09 16.91 -41.34
N GLN E 514 9.26 15.66 -41.77
CA GLN E 514 9.15 15.25 -43.16
C GLN E 514 8.42 13.91 -43.18
N PHE E 515 7.66 13.66 -44.26
CA PHE E 515 7.05 12.36 -44.39
C PHE E 515 7.26 11.82 -45.81
N VAL E 516 7.39 10.50 -45.92
CA VAL E 516 7.37 9.87 -47.23
C VAL E 516 6.87 8.44 -47.06
N ALA E 517 6.33 7.88 -48.14
CA ALA E 517 5.83 6.52 -48.16
C ALA E 517 6.88 5.63 -48.84
N LEU E 518 7.38 4.62 -48.11
CA LEU E 518 8.50 3.81 -48.57
C LEU E 518 8.17 3.04 -49.85
N ARG E 519 7.36 3.61 -50.75
CA ARG E 519 7.19 3.09 -52.10
C ARG E 519 8.17 3.75 -53.07
N ASP E 520 9.24 3.01 -53.42
CA ASP E 520 10.34 3.47 -54.26
C ASP E 520 9.86 3.71 -55.69
N VAL E 521 10.46 4.71 -56.35
CA VAL E 521 10.16 5.06 -57.73
C VAL E 521 11.47 5.49 -58.34
N ILE E 526 18.59 4.59 -56.38
CA ILE E 526 18.67 5.46 -55.17
C ILE E 526 17.35 5.40 -54.41
N SER E 527 17.42 5.72 -53.11
CA SER E 527 16.35 5.42 -52.17
C SER E 527 15.44 6.63 -51.99
N VAL E 528 14.25 6.39 -51.42
CA VAL E 528 13.26 7.44 -51.19
C VAL E 528 13.57 8.11 -49.87
N VAL E 529 14.42 7.44 -49.08
CA VAL E 529 14.87 7.85 -47.77
C VAL E 529 15.97 8.89 -47.94
N GLN E 530 16.92 8.60 -48.84
CA GLN E 530 18.01 9.50 -49.18
C GLN E 530 17.53 10.96 -49.19
N ALA E 531 16.38 11.23 -49.83
CA ALA E 531 15.92 12.59 -50.01
C ALA E 531 15.47 13.19 -48.67
N LEU E 532 14.98 12.33 -47.77
CA LEU E 532 14.64 12.77 -46.42
C LEU E 532 15.90 13.21 -45.71
N LEU E 533 16.98 12.42 -45.86
CA LEU E 533 18.22 12.67 -45.17
C LEU E 533 18.85 13.96 -45.68
N ALA E 534 18.59 14.30 -46.95
CA ALA E 534 19.28 15.41 -47.59
C ALA E 534 18.84 16.75 -46.98
N GLU E 535 17.69 16.78 -46.33
CA GLU E 535 17.12 18.02 -45.79
C GLU E 535 17.59 18.31 -44.37
N LEU E 536 18.20 17.31 -43.71
CA LEU E 536 18.48 17.44 -42.29
C LEU E 536 19.51 18.55 -42.05
N PRO E 537 20.63 18.60 -42.79
CA PRO E 537 21.60 19.67 -42.57
C PRO E 537 20.92 21.04 -42.50
N SER E 538 19.98 21.30 -43.42
CA SER E 538 19.29 22.59 -43.48
C SER E 538 18.53 22.85 -42.17
N GLN E 539 17.70 21.86 -41.79
CA GLN E 539 16.99 21.90 -40.52
C GLN E 539 17.98 22.11 -39.39
N PHE E 540 19.08 21.36 -39.44
CA PHE E 540 20.08 21.41 -38.39
C PHE E 540 20.54 22.85 -38.19
N LEU E 541 20.81 23.54 -39.31
CA LEU E 541 21.41 24.87 -39.28
C LEU E 541 20.35 25.88 -38.88
N THR E 542 19.12 25.70 -39.42
CA THR E 542 18.02 26.55 -39.02
C THR E 542 17.96 26.58 -37.50
N TYR E 543 18.01 25.40 -36.86
CA TYR E 543 17.93 25.40 -35.41
C TYR E 543 19.03 26.28 -34.82
N MET E 544 20.28 26.04 -35.24
CA MET E 544 21.44 26.71 -34.70
C MET E 544 21.37 28.23 -34.90
N ARG E 545 20.82 28.66 -36.03
CA ARG E 545 20.63 30.09 -36.26
C ARG E 545 19.63 30.64 -35.24
N ILE E 546 18.42 30.06 -35.24
CA ILE E 546 17.29 30.50 -34.42
C ILE E 546 17.62 30.45 -32.93
N ARG E 547 18.33 29.39 -32.48
CA ARG E 547 18.47 29.11 -31.05
C ARG E 547 19.19 30.24 -30.33
N ASN E 548 20.46 30.51 -30.71
CA ASN E 548 21.31 31.48 -30.07
C ASN E 548 22.25 32.01 -31.14
N GLY F 1 8.26 -11.01 -13.39
CA GLY F 1 8.00 -12.17 -12.49
C GLY F 1 6.72 -12.93 -12.88
N THR F 2 6.79 -14.26 -12.78
CA THR F 2 5.67 -15.12 -13.11
C THR F 2 5.11 -15.77 -11.83
N SER F 3 3.89 -15.34 -11.44
CA SER F 3 3.15 -15.96 -10.36
C SER F 3 1.84 -15.22 -10.13
N SER F 4 0.89 -15.89 -9.44
CA SER F 4 -0.39 -15.30 -9.09
C SER F 4 -0.27 -14.56 -7.76
N MET F 5 -1.26 -13.69 -7.47
CA MET F 5 -1.36 -12.99 -6.19
C MET F 5 -1.37 -14.01 -5.04
N ALA F 6 -1.93 -15.19 -5.31
CA ALA F 6 -2.09 -16.27 -4.34
C ALA F 6 -0.75 -16.91 -4.02
N ASP F 7 0.09 -17.09 -5.05
CA ASP F 7 1.44 -17.64 -4.92
C ASP F 7 2.29 -16.72 -4.05
N ILE F 8 2.14 -15.40 -4.26
CA ILE F 8 2.89 -14.38 -3.55
C ILE F 8 2.40 -14.30 -2.11
N GLY F 9 1.10 -13.99 -1.94
CA GLY F 9 0.46 -13.96 -0.63
C GLY F 9 0.92 -15.10 0.29
N SER F 10 1.10 -16.31 -0.27
CA SER F 10 1.35 -17.47 0.56
C SER F 10 2.84 -17.63 0.87
N THR F 11 3.70 -17.14 -0.02
CA THR F 11 5.14 -17.22 0.21
C THR F 11 5.54 -16.17 1.24
N ASN F 12 4.80 -15.04 1.24
CA ASN F 12 4.94 -13.98 2.22
C ASN F 12 4.44 -14.47 3.57
N ASP F 13 3.32 -15.21 3.59
CA ASP F 13 2.77 -15.70 4.84
C ASP F 13 3.76 -16.66 5.49
N ALA F 14 4.37 -17.52 4.66
CA ALA F 14 5.38 -18.48 5.10
C ALA F 14 6.55 -17.76 5.74
N LEU F 15 6.92 -16.61 5.18
CA LEU F 15 8.07 -15.83 5.63
C LEU F 15 7.77 -15.18 6.97
N ASP F 16 6.64 -14.47 7.06
CA ASP F 16 6.24 -13.80 8.28
C ASP F 16 6.44 -14.76 9.47
N TYR F 17 5.86 -15.95 9.33
CA TYR F 17 5.89 -16.96 10.36
C TYR F 17 7.33 -17.39 10.68
N TYR F 18 8.14 -17.63 9.63
CA TYR F 18 9.50 -18.09 9.83
C TYR F 18 10.34 -17.07 10.57
N LEU F 19 10.09 -15.77 10.31
CA LEU F 19 10.80 -14.68 10.96
C LEU F 19 10.44 -14.65 12.44
N LYS F 20 9.14 -14.74 12.75
CA LYS F 20 8.69 -14.72 14.13
C LYS F 20 9.28 -15.91 14.92
N SER F 21 9.68 -16.96 14.19
CA SER F 21 10.23 -18.17 14.79
C SER F 21 11.75 -18.06 14.99
N LYS F 22 12.44 -17.40 14.05
CA LYS F 22 13.57 -16.53 14.34
C LYS F 22 14.64 -16.65 13.26
N GLY F 23 14.61 -17.77 12.53
CA GLY F 23 15.69 -18.20 11.67
C GLY F 23 16.71 -18.99 12.48
N PHE F 24 17.02 -20.20 11.98
CA PHE F 24 17.94 -21.13 12.62
C PHE F 24 19.31 -20.49 12.83
N ASN F 25 20.00 -20.98 13.87
CA ASN F 25 21.32 -20.55 14.32
C ASN F 25 21.20 -19.23 15.10
N GLY F 26 20.86 -19.39 16.39
CA GLY F 26 20.46 -18.27 17.24
C GLY F 26 21.62 -17.54 17.91
N LEU F 27 21.24 -16.69 18.86
CA LEU F 27 22.14 -15.78 19.57
C LEU F 27 22.62 -16.40 20.91
N PHE F 28 23.89 -16.86 20.98
CA PHE F 28 24.51 -16.87 22.31
C PHE F 28 24.77 -15.42 22.71
N SER F 29 24.15 -15.01 23.83
CA SER F 29 24.43 -13.73 24.45
C SER F 29 25.67 -13.82 25.33
N GLN F 30 26.07 -12.68 25.91
CA GLN F 30 27.32 -12.55 26.61
C GLN F 30 27.09 -11.86 27.94
N ILE F 31 27.80 -12.35 28.95
CA ILE F 31 27.62 -11.86 30.32
C ILE F 31 28.94 -11.31 30.82
N GLU F 32 28.85 -10.26 31.62
CA GLU F 32 29.99 -9.62 32.23
C GLU F 32 29.91 -9.90 33.73
N LEU F 33 30.74 -10.81 34.23
CA LEU F 33 30.80 -10.94 35.67
C LEU F 33 31.85 -9.97 36.21
N SER F 34 31.53 -9.33 37.33
CA SER F 34 32.44 -8.43 38.03
C SER F 34 32.46 -8.85 39.50
N PHE F 35 33.58 -8.61 40.19
CA PHE F 35 33.85 -9.37 41.39
C PHE F 35 34.28 -8.43 42.51
N SER F 36 34.03 -8.86 43.74
CA SER F 36 34.44 -8.14 44.92
C SER F 36 34.35 -9.15 46.06
N ALA F 37 35.04 -8.85 47.17
CA ALA F 37 35.03 -9.78 48.28
C ALA F 37 35.03 -9.00 49.60
N SER F 38 34.65 -9.69 50.67
CA SER F 38 34.87 -9.23 52.03
C SER F 38 35.50 -10.35 52.87
N ASN F 39 36.21 -9.96 53.92
CA ASN F 39 36.58 -10.85 55.01
C ASN F 39 37.55 -11.93 54.56
N LEU F 40 38.43 -11.61 53.62
CA LEU F 40 39.40 -12.59 53.17
C LEU F 40 40.41 -12.86 54.28
N ARG F 41 40.56 -14.13 54.63
CA ARG F 41 41.39 -14.52 55.76
C ARG F 41 41.98 -15.91 55.56
N ASP F 42 43.32 -16.03 55.67
CA ASP F 42 43.96 -17.32 55.56
C ASP F 42 43.68 -18.16 56.81
N ARG F 43 43.71 -17.52 57.99
CA ARG F 43 43.37 -18.17 59.26
C ARG F 43 42.21 -17.44 59.95
N ASP F 44 42.47 -16.87 61.13
CA ASP F 44 41.39 -16.29 61.92
C ASP F 44 41.56 -14.78 62.01
N VAL F 45 42.53 -14.26 61.26
CA VAL F 45 42.88 -12.84 61.33
C VAL F 45 42.57 -12.20 59.99
N LEU F 46 41.94 -11.01 60.03
CA LEU F 46 41.60 -10.29 58.82
C LEU F 46 42.45 -9.02 58.78
N SER F 47 43.39 -8.98 57.84
CA SER F 47 44.31 -7.87 57.67
C SER F 47 44.45 -7.58 56.18
N LYS F 48 44.93 -6.38 55.82
CA LYS F 48 45.25 -6.07 54.43
C LYS F 48 45.91 -7.28 53.76
N SER F 49 45.31 -7.70 52.66
CA SER F 49 45.86 -8.68 51.72
C SER F 49 45.98 -7.99 50.36
N ASP F 50 46.31 -8.80 49.34
CA ASP F 50 46.54 -8.37 47.97
C ASP F 50 45.77 -9.33 47.08
N PRO F 51 44.42 -9.24 47.05
CA PRO F 51 43.57 -10.32 46.57
C PRO F 51 43.52 -10.39 45.04
N MET F 52 43.25 -11.61 44.54
CA MET F 52 43.13 -11.86 43.14
C MET F 52 42.16 -13.01 42.99
N VAL F 53 41.17 -12.84 42.09
CA VAL F 53 40.29 -13.96 41.85
C VAL F 53 40.65 -14.54 40.51
N VAL F 54 40.52 -15.87 40.42
CA VAL F 54 40.87 -16.68 39.27
C VAL F 54 39.71 -17.63 39.04
N VAL F 55 39.33 -17.79 37.78
CA VAL F 55 38.06 -18.40 37.44
C VAL F 55 38.33 -19.54 36.47
N TYR F 56 37.93 -20.75 36.90
CA TYR F 56 38.08 -21.95 36.10
C TYR F 56 36.71 -22.40 35.60
N GLN F 57 36.76 -23.14 34.50
CA GLN F 57 35.60 -23.75 33.86
C GLN F 57 35.70 -25.24 34.11
N LYS F 58 34.65 -25.80 34.72
CA LYS F 58 34.64 -27.21 35.06
C LYS F 58 34.04 -27.98 33.90
N GLU F 59 34.84 -28.89 33.33
CA GLU F 59 34.42 -29.78 32.27
C GLU F 59 33.66 -30.95 32.89
N LYS F 60 33.03 -31.79 32.04
CA LYS F 60 32.24 -32.91 32.53
C LYS F 60 33.12 -33.90 33.27
N ASP F 61 34.36 -34.06 32.77
CA ASP F 61 35.34 -34.96 33.38
C ASP F 61 35.96 -34.31 34.61
N ALA F 62 35.37 -33.20 35.07
CA ALA F 62 35.72 -32.53 36.31
C ALA F 62 37.09 -31.84 36.23
N THR F 63 37.63 -31.73 35.01
CA THR F 63 38.84 -30.97 34.73
C THR F 63 38.55 -29.48 34.83
N LEU F 64 39.58 -28.68 35.15
CA LEU F 64 39.43 -27.25 35.37
C LEU F 64 40.28 -26.51 34.37
N SER F 65 39.68 -25.56 33.63
CA SER F 65 40.37 -24.70 32.68
C SER F 65 40.37 -23.27 33.21
N GLU F 66 41.52 -22.58 33.16
CA GLU F 66 41.52 -21.20 33.62
C GLU F 66 40.98 -20.34 32.48
N VAL F 67 40.01 -19.47 32.75
CA VAL F 67 39.40 -18.74 31.65
C VAL F 67 39.48 -17.24 31.91
N PHE F 68 39.87 -16.89 33.14
CA PHE F 68 39.94 -15.48 33.51
C PHE F 68 40.72 -15.37 34.80
N ARG F 69 41.21 -14.14 35.06
CA ARG F 69 42.11 -13.85 36.17
C ARG F 69 42.06 -12.34 36.38
N SER F 70 41.58 -11.93 37.55
CA SER F 70 41.46 -10.52 37.88
C SER F 70 42.84 -9.90 38.07
N GLU F 71 42.89 -8.57 38.05
CA GLU F 71 44.05 -7.82 38.44
C GLU F 71 44.21 -7.96 39.95
N VAL F 72 45.40 -7.61 40.45
CA VAL F 72 45.68 -7.73 41.88
C VAL F 72 45.28 -6.40 42.53
N VAL F 73 44.41 -6.46 43.53
CA VAL F 73 44.11 -5.27 44.30
C VAL F 73 45.11 -5.24 45.45
N LEU F 74 45.76 -4.10 45.65
CA LEU F 74 46.84 -4.01 46.60
C LEU F 74 46.30 -3.48 47.91
N ASN F 75 46.60 -4.23 48.99
CA ASN F 75 46.59 -3.67 50.34
C ASN F 75 45.17 -3.30 50.69
N SER F 76 44.29 -4.31 50.77
CA SER F 76 42.86 -4.05 50.87
C SER F 76 42.20 -5.03 51.82
N LEU F 77 41.16 -4.54 52.52
CA LEU F 77 40.42 -5.36 53.45
C LEU F 77 39.12 -5.85 52.84
N ALA F 78 38.78 -5.26 51.68
CA ALA F 78 37.60 -5.61 50.92
C ALA F 78 37.83 -5.16 49.48
N PRO F 79 38.38 -6.02 48.58
CA PRO F 79 38.75 -5.54 47.26
C PRO F 79 37.50 -5.50 46.38
N LYS F 80 37.50 -4.58 45.42
CA LYS F 80 36.49 -4.46 44.39
C LYS F 80 37.26 -4.45 43.07
N TRP F 81 37.21 -5.54 42.32
CA TRP F 81 38.09 -5.70 41.17
C TRP F 81 37.52 -4.93 39.99
N ILE F 82 38.41 -4.27 39.24
CA ILE F 82 38.03 -3.45 38.11
C ILE F 82 37.78 -4.33 36.88
N LYS F 83 38.68 -5.31 36.65
CA LYS F 83 38.68 -6.14 35.46
C LYS F 83 37.47 -7.07 35.48
N LYS F 84 36.70 -7.06 34.38
CA LYS F 84 35.49 -7.85 34.26
C LYS F 84 35.78 -9.06 33.38
N PHE F 85 35.02 -10.14 33.62
CA PHE F 85 35.14 -11.38 32.86
C PHE F 85 33.89 -11.54 31.99
N ILE F 86 34.11 -11.54 30.67
CA ILE F 86 33.06 -11.67 29.68
C ILE F 86 33.02 -13.14 29.28
N VAL F 87 31.93 -13.83 29.65
CA VAL F 87 31.77 -15.23 29.27
C VAL F 87 30.48 -15.37 28.49
N ALA F 88 30.53 -16.21 27.46
CA ALA F 88 29.37 -16.51 26.64
C ALA F 88 28.38 -17.33 27.48
N TYR F 89 27.08 -17.11 27.22
CA TYR F 89 26.03 -17.83 27.92
C TYR F 89 25.39 -18.82 26.97
N HIS F 90 25.33 -20.08 27.42
CA HIS F 90 24.79 -21.19 26.66
C HIS F 90 23.64 -21.82 27.43
N PHE F 91 22.41 -21.45 27.07
CA PHE F 91 21.23 -21.83 27.84
C PHE F 91 21.15 -23.34 27.97
N GLU F 92 21.60 -24.06 26.91
CA GLU F 92 21.40 -25.50 26.80
C GLU F 92 22.46 -26.30 27.57
N THR F 93 23.42 -25.63 28.23
CA THR F 93 24.34 -26.41 29.04
C THR F 93 24.51 -25.76 30.40
N VAL F 94 24.71 -26.57 31.43
CA VAL F 94 25.11 -26.08 32.73
C VAL F 94 26.55 -25.60 32.61
N GLN F 95 26.81 -24.34 32.96
CA GLN F 95 28.19 -23.87 32.90
C GLN F 95 28.73 -23.71 34.31
N THR F 96 29.26 -24.81 34.85
CA THR F 96 29.90 -24.81 36.16
C THR F 96 31.17 -23.97 36.07
N LEU F 97 31.32 -23.04 37.03
CA LEU F 97 32.49 -22.20 37.16
C LEU F 97 33.04 -22.34 38.58
N VAL F 98 34.35 -22.22 38.71
CA VAL F 98 35.02 -22.40 40.00
C VAL F 98 35.86 -21.15 40.24
N PHE F 99 35.68 -20.53 41.40
CA PHE F 99 36.37 -19.28 41.72
C PHE F 99 37.42 -19.58 42.79
N ARG F 100 38.56 -18.94 42.64
CA ARG F 100 39.67 -19.20 43.54
C ARG F 100 40.32 -17.87 43.86
N VAL F 101 40.39 -17.58 45.16
CA VAL F 101 40.92 -16.30 45.59
C VAL F 101 42.29 -16.55 46.18
N TYR F 102 43.24 -15.68 45.83
CA TYR F 102 44.60 -15.84 46.29
C TYR F 102 45.07 -14.54 46.93
N ASP F 103 45.92 -14.67 47.94
CA ASP F 103 46.57 -13.50 48.53
C ASP F 103 47.96 -13.41 47.92
N VAL F 104 48.16 -12.47 46.99
CA VAL F 104 49.41 -12.43 46.25
C VAL F 104 50.50 -11.85 47.16
N ASP F 105 51.62 -12.58 47.22
CA ASP F 105 52.80 -12.18 47.96
C ASP F 105 53.15 -10.75 47.59
N THR F 106 53.69 -10.00 48.57
CA THR F 106 53.91 -8.58 48.39
C THR F 106 55.13 -8.34 47.51
N LYS F 107 55.97 -9.36 47.33
CA LYS F 107 57.18 -9.18 46.55
C LYS F 107 56.81 -9.03 45.09
N PHE F 108 55.53 -9.27 44.77
CA PHE F 108 55.09 -9.25 43.37
C PHE F 108 54.28 -7.99 43.03
N GLN F 109 54.30 -6.99 43.92
CA GLN F 109 53.37 -5.86 43.82
C GLN F 109 53.43 -5.17 42.46
N ASN F 110 54.54 -5.34 41.74
CA ASN F 110 54.72 -4.67 40.46
C ASN F 110 54.48 -5.63 39.28
N SER F 111 54.19 -6.90 39.57
CA SER F 111 54.02 -7.87 38.50
C SER F 111 52.63 -7.78 37.89
N ARG F 112 52.57 -7.94 36.57
CA ARG F 112 51.35 -8.17 35.85
C ARG F 112 50.81 -9.52 36.31
N GLU F 113 49.48 -9.62 36.49
CA GLU F 113 48.87 -10.82 37.03
C GLU F 113 49.15 -12.02 36.14
N GLU F 114 49.32 -11.78 34.83
CA GLU F 114 49.49 -12.88 33.88
C GLU F 114 50.72 -13.69 34.26
N MET F 115 51.69 -13.03 34.91
CA MET F 115 53.01 -13.58 35.17
C MET F 115 53.10 -14.27 36.53
N LEU F 116 51.99 -14.37 37.27
CA LEU F 116 52.06 -14.91 38.63
C LEU F 116 51.87 -16.42 38.58
N LYS F 117 52.70 -17.14 39.35
CA LYS F 117 52.48 -18.56 39.56
C LYS F 117 51.63 -18.69 40.83
N LEU F 118 50.58 -19.49 40.76
CA LEU F 118 49.65 -19.52 41.87
C LEU F 118 50.25 -20.31 43.04
N ASP F 119 51.19 -21.21 42.75
CA ASP F 119 51.90 -21.97 43.78
C ASP F 119 52.65 -21.03 44.71
N GLU F 120 52.93 -19.82 44.22
CA GLU F 120 53.81 -18.92 44.94
C GLU F 120 53.03 -17.94 45.80
N GLN F 121 51.70 -18.14 45.89
CA GLN F 121 50.81 -17.19 46.57
C GLN F 121 49.98 -17.95 47.60
N GLN F 122 49.24 -17.23 48.44
CA GLN F 122 48.50 -17.87 49.53
C GLN F 122 47.08 -18.16 49.05
N PHE F 123 46.74 -19.46 48.94
CA PHE F 123 45.40 -19.85 48.53
C PHE F 123 44.44 -19.62 49.70
N LEU F 124 43.55 -18.63 49.55
CA LEU F 124 42.61 -18.29 50.59
C LEU F 124 41.44 -19.27 50.55
N GLY F 125 40.87 -19.49 49.37
CA GLY F 125 39.69 -20.35 49.31
C GLY F 125 39.00 -20.34 47.96
N GLU F 126 37.99 -21.21 47.86
CA GLU F 126 37.40 -21.65 46.60
C GLU F 126 35.88 -21.72 46.75
N ALA F 127 35.16 -21.38 45.69
CA ALA F 127 33.71 -21.57 45.62
C ALA F 127 33.31 -21.88 44.18
N THR F 128 32.10 -22.45 44.01
CA THR F 128 31.65 -23.01 42.74
C THR F 128 30.17 -22.69 42.55
N CYS F 129 29.75 -22.47 41.30
CA CYS F 129 28.34 -22.49 40.98
C CYS F 129 28.17 -22.42 39.48
N ALA F 130 26.94 -22.66 39.03
CA ALA F 130 26.61 -22.52 37.63
C ALA F 130 26.31 -21.07 37.32
N LEU F 131 26.55 -20.70 36.07
CA LEU F 131 26.21 -19.37 35.58
C LEU F 131 24.72 -19.14 35.73
N SER F 132 23.94 -20.21 35.54
CA SER F 132 22.48 -20.19 35.62
C SER F 132 22.03 -19.65 36.98
N GLU F 133 22.83 -19.91 38.01
CA GLU F 133 22.47 -19.55 39.37
C GLU F 133 22.64 -18.05 39.60
N ILE F 134 23.48 -17.39 38.80
CA ILE F 134 23.79 -15.98 39.06
C ILE F 134 22.82 -15.11 38.27
N ILE F 135 22.54 -15.47 37.01
CA ILE F 135 21.74 -14.61 36.14
C ILE F 135 20.25 -14.79 36.39
N THR F 136 19.87 -15.73 37.27
CA THR F 136 18.46 -15.89 37.60
C THR F 136 18.14 -15.28 38.95
N LYS F 137 19.11 -14.61 39.57
CA LYS F 137 18.81 -13.91 40.81
C LYS F 137 18.21 -12.54 40.45
N SER F 138 17.32 -12.04 41.32
CA SER F 138 16.66 -10.77 41.07
C SER F 138 17.70 -9.67 40.94
N THR F 139 18.68 -9.66 41.85
CA THR F 139 19.71 -8.62 41.93
C THR F 139 20.89 -8.98 41.03
N ARG F 140 20.84 -10.14 40.37
CA ARG F 140 21.91 -10.67 39.54
C ARG F 140 23.24 -10.71 40.30
N THR F 141 23.17 -10.84 41.63
CA THR F 141 24.36 -10.94 42.47
C THR F 141 24.29 -12.18 43.35
N SER F 142 25.37 -12.98 43.34
CA SER F 142 25.52 -14.05 44.29
C SER F 142 26.64 -13.72 45.26
N THR F 143 26.55 -14.26 46.48
CA THR F 143 27.60 -14.20 47.47
C THR F 143 28.00 -15.62 47.83
N LEU F 144 29.28 -15.99 47.59
CA LEU F 144 29.67 -17.36 47.89
C LEU F 144 30.72 -17.41 48.98
N GLU F 145 30.55 -18.35 49.90
CA GLU F 145 31.51 -18.56 50.96
C GLU F 145 32.70 -19.32 50.38
N LEU F 146 33.89 -18.73 50.52
CA LEU F 146 35.10 -19.40 50.08
C LEU F 146 35.45 -20.46 51.12
N LYS F 147 35.65 -21.70 50.67
CA LYS F 147 36.02 -22.80 51.57
C LYS F 147 37.31 -23.46 51.11
N ARG F 148 38.03 -24.15 52.00
CA ARG F 148 39.21 -24.94 51.63
C ARG F 148 39.02 -26.43 51.82
N LYS F 149 39.81 -27.20 51.06
CA LYS F 149 39.70 -28.65 51.05
C LYS F 149 40.54 -29.21 52.20
N ASP F 150 41.27 -28.33 52.90
CA ASP F 150 42.35 -28.73 53.79
C ASP F 150 41.87 -28.65 55.24
N GLY F 151 41.65 -29.84 55.84
CA GLY F 151 41.43 -29.98 57.27
C GLY F 151 40.30 -30.96 57.63
N PHE F 152 40.24 -31.37 58.91
CA PHE F 152 39.12 -32.14 59.44
C PHE F 152 37.85 -31.29 59.39
N ALA F 153 37.01 -31.51 58.37
CA ALA F 153 35.88 -30.64 58.07
C ALA F 153 34.63 -31.12 58.80
N PRO F 154 34.50 -30.92 60.14
CA PRO F 154 33.43 -31.54 60.91
C PRO F 154 32.01 -31.11 60.52
N GLN F 155 31.43 -30.19 61.32
CA GLN F 155 30.14 -29.60 61.02
C GLN F 155 30.34 -28.32 60.21
N ALA F 156 30.73 -27.24 60.89
CA ALA F 156 31.15 -25.98 60.29
C ALA F 156 32.68 -25.90 60.31
N GLN F 157 33.33 -26.21 59.18
CA GLN F 157 34.73 -25.93 58.91
C GLN F 157 34.89 -24.45 58.58
N PRO F 158 36.07 -23.82 58.88
CA PRO F 158 36.19 -22.36 58.86
C PRO F 158 36.09 -21.74 57.47
N HIS F 159 35.66 -20.47 57.45
CA HIS F 159 35.50 -19.71 56.23
C HIS F 159 36.81 -19.01 55.88
N HIS F 160 36.94 -18.63 54.62
CA HIS F 160 38.07 -17.78 54.23
C HIS F 160 37.57 -16.51 53.56
N GLY F 161 36.32 -16.14 53.86
CA GLY F 161 35.72 -14.92 53.35
C GLY F 161 34.55 -15.17 52.41
N LYS F 162 34.03 -14.10 51.80
CA LYS F 162 32.91 -14.19 50.87
C LYS F 162 33.30 -13.54 49.55
N LEU F 163 32.90 -14.18 48.45
CA LEU F 163 33.15 -13.66 47.11
C LEU F 163 31.80 -13.26 46.49
N ILE F 164 31.78 -12.08 45.88
CA ILE F 164 30.53 -11.43 45.48
C ILE F 164 30.58 -11.16 43.99
N ILE F 165 29.68 -11.84 43.25
CA ILE F 165 29.74 -11.87 41.80
C ILE F 165 28.51 -11.18 41.26
N HIS F 166 28.74 -10.15 40.46
CA HIS F 166 27.66 -9.46 39.78
C HIS F 166 27.70 -9.81 38.30
N ALA F 167 26.53 -10.17 37.74
CA ALA F 167 26.42 -10.53 36.34
C ALA F 167 25.50 -9.54 35.62
N GLU F 168 25.97 -9.06 34.46
CA GLU F 168 25.27 -8.07 33.66
C GLU F 168 25.40 -8.50 32.19
N GLU F 169 24.26 -8.62 31.50
CA GLU F 169 24.32 -8.91 30.07
C GLU F 169 24.99 -7.72 29.38
N SER F 170 25.92 -8.01 28.46
CA SER F 170 26.68 -6.92 27.86
C SER F 170 25.84 -6.20 26.81
N LEU F 171 25.86 -4.87 26.86
CA LEU F 171 24.99 -4.03 26.06
C LEU F 171 25.10 -4.36 24.56
N ALA F 172 26.32 -4.52 24.05
CA ALA F 172 26.47 -4.72 22.61
C ALA F 172 25.68 -5.94 22.14
N SER F 173 25.59 -6.97 23.00
CA SER F 173 24.96 -8.22 22.59
C SER F 173 23.44 -8.13 22.68
N LYS F 174 22.90 -6.98 23.09
CA LYS F 174 21.46 -6.83 23.17
C LYS F 174 20.93 -6.06 21.96
N ILE F 175 21.83 -5.63 21.08
CA ILE F 175 21.49 -4.71 20.01
C ILE F 175 21.08 -5.47 18.76
N SER F 176 19.89 -5.13 18.25
CA SER F 176 19.54 -5.46 16.88
C SER F 176 19.31 -4.19 16.09
N THR F 177 19.55 -4.28 14.78
CA THR F 177 19.51 -3.17 13.83
C THR F 177 18.33 -3.35 12.88
N GLU F 178 17.31 -2.50 13.01
CA GLU F 178 16.22 -2.50 12.05
C GLU F 178 16.64 -1.71 10.83
N ILE F 179 16.37 -2.27 9.64
CA ILE F 179 16.73 -1.63 8.37
C ILE F 179 15.50 -1.61 7.46
N VAL F 180 15.27 -0.48 6.78
CA VAL F 180 14.28 -0.43 5.70
C VAL F 180 15.05 -0.13 4.42
N PHE F 181 15.00 -1.10 3.50
CA PHE F 181 15.59 -0.93 2.19
C PHE F 181 14.54 -0.40 1.22
N ARG F 182 15.03 0.31 0.19
CA ARG F 182 14.25 0.78 -0.94
C ARG F 182 15.17 0.68 -2.15
N CYS F 183 14.61 0.21 -3.27
CA CYS F 183 15.33 0.23 -4.54
C CYS F 183 14.68 1.20 -5.52
N SER F 184 15.40 1.40 -6.62
CA SER F 184 15.13 2.46 -7.57
C SER F 184 15.48 1.93 -8.96
N ASN F 185 14.45 1.84 -9.82
CA ASN F 185 14.58 1.43 -11.20
C ASN F 185 15.17 0.03 -11.31
N LEU F 186 14.41 -0.96 -10.84
CA LEU F 186 14.80 -2.35 -10.99
C LEU F 186 14.48 -2.78 -12.42
N GLU F 187 15.36 -3.62 -12.97
CA GLU F 187 15.13 -4.28 -14.25
C GLU F 187 15.16 -5.80 -14.05
N SER F 188 14.02 -6.43 -14.36
CA SER F 188 13.87 -7.86 -14.46
C SER F 188 14.73 -8.38 -15.61
N LYS F 189 15.22 -9.63 -15.49
CA LYS F 189 15.84 -10.30 -16.63
C LYS F 189 14.79 -10.66 -17.67
N ASP F 190 13.58 -10.98 -17.18
CA ASP F 190 12.42 -11.24 -18.02
C ASP F 190 11.97 -9.92 -18.66
N LEU F 191 12.29 -9.79 -19.96
CA LEU F 191 12.09 -8.52 -20.65
C LEU F 191 10.61 -8.26 -20.90
N PHE F 192 10.25 -6.98 -21.06
CA PHE F 192 8.89 -6.52 -21.34
C PHE F 192 7.93 -6.86 -20.19
N SER F 193 8.50 -7.26 -19.04
CA SER F 193 7.72 -7.46 -17.83
C SER F 193 8.32 -6.66 -16.67
N LYS F 194 7.46 -6.25 -15.75
CA LYS F 194 7.92 -5.61 -14.51
C LYS F 194 8.30 -6.72 -13.54
N SER F 195 9.10 -6.35 -12.54
CA SER F 195 9.62 -7.30 -11.58
C SER F 195 8.70 -7.45 -10.38
N ASP F 196 8.77 -8.64 -9.75
CA ASP F 196 8.19 -8.87 -8.45
C ASP F 196 9.33 -9.15 -7.48
N PRO F 197 9.92 -8.08 -6.88
CA PRO F 197 11.25 -8.18 -6.27
C PRO F 197 11.25 -8.42 -4.77
N PHE F 198 12.30 -9.12 -4.31
CA PHE F 198 12.60 -9.30 -2.90
C PHE F 198 14.11 -9.24 -2.69
N LEU F 199 14.54 -9.14 -1.42
CA LEU F 199 15.93 -9.00 -1.02
C LEU F 199 16.32 -10.17 -0.10
N VAL F 200 17.55 -10.66 -0.30
CA VAL F 200 18.12 -11.69 0.56
C VAL F 200 19.44 -11.15 1.07
N VAL F 201 19.58 -11.08 2.41
CA VAL F 201 20.82 -10.64 3.04
C VAL F 201 21.58 -11.87 3.55
N SER F 202 22.83 -12.00 3.12
CA SER F 202 23.60 -13.22 3.36
C SER F 202 24.96 -12.86 3.98
N LYS F 203 25.27 -13.54 5.10
CA LYS F 203 26.61 -13.52 5.68
C LYS F 203 27.58 -14.20 4.71
N ILE F 204 28.83 -13.74 4.69
CA ILE F 204 29.89 -14.29 3.85
C ILE F 204 30.66 -15.38 4.63
N VAL F 205 30.79 -16.57 4.04
CA VAL F 205 31.69 -17.60 4.50
C VAL F 205 32.93 -17.53 3.61
N GLU F 206 34.07 -18.02 4.11
CA GLU F 206 35.27 -18.08 3.30
C GLU F 206 35.38 -19.49 2.73
N HIS F 207 34.78 -20.48 3.42
CA HIS F 207 34.90 -21.88 3.07
C HIS F 207 33.73 -22.30 2.18
N GLY F 208 32.93 -21.33 1.70
CA GLY F 208 32.01 -21.63 0.62
C GLY F 208 30.74 -20.79 0.64
N THR F 209 29.60 -21.42 0.32
CA THR F 209 28.37 -20.74 -0.03
C THR F 209 27.89 -19.84 1.11
N PRO F 210 27.49 -18.59 0.79
CA PRO F 210 26.95 -17.64 1.76
C PRO F 210 25.64 -18.09 2.41
N ILE F 211 25.51 -17.79 3.71
CA ILE F 211 24.40 -18.24 4.53
C ILE F 211 23.34 -17.14 4.59
N PRO F 212 22.19 -17.30 3.90
CA PRO F 212 21.06 -16.40 4.06
C PRO F 212 20.77 -16.10 5.53
N VAL F 213 20.62 -14.81 5.84
CA VAL F 213 20.47 -14.34 7.21
C VAL F 213 19.14 -13.57 7.33
N SER F 214 18.71 -12.94 6.23
CA SER F 214 17.40 -12.30 6.21
C SER F 214 16.85 -12.21 4.79
N LYS F 215 15.53 -12.01 4.72
CA LYS F 215 14.78 -12.01 3.47
C LYS F 215 13.63 -11.02 3.63
N THR F 216 13.37 -10.22 2.59
CA THR F 216 12.25 -9.30 2.60
C THR F 216 11.05 -10.00 1.96
N GLU F 217 9.86 -9.43 2.15
CA GLU F 217 8.68 -9.95 1.48
C GLU F 217 8.80 -9.70 -0.02
N VAL F 218 7.96 -10.37 -0.81
CA VAL F 218 7.92 -10.16 -2.25
C VAL F 218 6.88 -9.08 -2.55
N ARG F 219 7.22 -8.14 -3.43
CA ARG F 219 6.31 -7.08 -3.81
C ARG F 219 5.93 -7.25 -5.27
N LYS F 220 4.66 -6.98 -5.59
CA LYS F 220 4.10 -7.27 -6.90
C LYS F 220 4.20 -6.03 -7.78
N ASN F 221 4.71 -6.21 -9.01
CA ASN F 221 4.77 -5.16 -10.03
C ASN F 221 5.29 -3.86 -9.41
N ASP F 222 6.53 -3.89 -8.93
CA ASP F 222 7.14 -2.71 -8.32
C ASP F 222 8.56 -2.60 -8.84
N LEU F 223 8.87 -1.43 -9.43
CA LEU F 223 10.17 -1.14 -10.02
C LEU F 223 10.98 -0.27 -9.05
N ASN F 224 10.31 0.19 -7.98
CA ASN F 224 10.91 1.05 -6.97
C ASN F 224 10.40 0.62 -5.62
N PRO F 225 10.70 -0.64 -5.20
CA PRO F 225 10.11 -1.21 -4.00
C PRO F 225 10.62 -0.54 -2.73
N ILE F 226 9.72 -0.39 -1.75
CA ILE F 226 10.05 -0.05 -0.36
C ILE F 226 9.52 -1.19 0.52
N TRP F 227 10.43 -2.08 0.92
CA TRP F 227 10.05 -3.26 1.69
C TRP F 227 9.77 -2.89 3.14
N LYS F 228 9.16 -3.83 3.84
CA LYS F 228 8.97 -3.73 5.29
C LYS F 228 10.32 -3.94 5.97
N PRO F 229 10.44 -3.61 7.28
CA PRO F 229 11.73 -3.64 7.96
C PRO F 229 12.23 -5.06 8.13
N VAL F 230 13.52 -5.25 7.91
CA VAL F 230 14.21 -6.48 8.31
C VAL F 230 15.10 -6.13 9.51
N PHE F 231 15.33 -7.10 10.40
CA PHE F 231 16.05 -6.91 11.66
C PHE F 231 17.29 -7.80 11.69
N LEU F 232 18.44 -7.25 12.11
CA LEU F 232 19.69 -8.01 12.11
C LEU F 232 20.43 -7.80 13.43
N SER F 233 20.72 -8.90 14.14
CA SER F 233 21.64 -8.92 15.26
C SER F 233 23.07 -8.97 14.72
N VAL F 234 24.04 -8.63 15.59
CA VAL F 234 25.43 -8.51 15.17
C VAL F 234 25.98 -9.91 14.87
N GLN F 235 25.48 -10.91 15.61
CA GLN F 235 25.96 -12.28 15.49
C GLN F 235 25.51 -12.88 14.16
N GLN F 236 24.42 -12.37 13.59
CA GLN F 236 23.93 -12.80 12.29
C GLN F 236 24.88 -12.35 11.19
N VAL F 237 25.52 -11.20 11.40
CA VAL F 237 26.34 -10.52 10.39
C VAL F 237 27.84 -10.76 10.66
N GLY F 238 28.19 -10.95 11.94
CA GLY F 238 29.56 -11.02 12.38
C GLY F 238 29.92 -9.79 13.21
N SER F 239 30.49 -8.78 12.54
CA SER F 239 30.64 -7.47 13.14
C SER F 239 29.98 -6.40 12.25
N LYS F 240 29.86 -5.19 12.80
CA LYS F 240 29.21 -4.10 12.11
C LYS F 240 30.06 -3.64 10.92
N ASP F 241 31.33 -4.06 10.89
CA ASP F 241 32.22 -3.67 9.79
C ASP F 241 32.43 -4.82 8.80
N SER F 242 31.74 -5.95 9.05
CA SER F 242 31.82 -7.14 8.21
C SER F 242 30.89 -6.97 7.00
N PRO F 243 31.43 -6.99 5.75
CA PRO F 243 30.60 -6.93 4.55
C PRO F 243 29.65 -8.14 4.44
N VAL F 244 28.40 -7.85 4.07
CA VAL F 244 27.37 -8.83 3.81
C VAL F 244 27.01 -8.73 2.32
N ILE F 245 26.26 -9.73 1.82
CA ILE F 245 25.81 -9.72 0.44
C ILE F 245 24.32 -9.39 0.43
N ILE F 246 23.94 -8.46 -0.45
CA ILE F 246 22.54 -8.12 -0.62
C ILE F 246 22.17 -8.38 -2.09
N GLU F 247 21.32 -9.39 -2.30
CA GLU F 247 20.85 -9.77 -3.62
C GLU F 247 19.38 -9.37 -3.76
N CYS F 248 19.10 -8.65 -4.85
CA CYS F 248 17.73 -8.38 -5.27
C CYS F 248 17.36 -9.42 -6.33
N SER F 249 16.19 -10.05 -6.15
CA SER F 249 15.76 -11.12 -7.01
C SER F 249 14.31 -10.93 -7.44
N ASP F 250 13.98 -11.48 -8.61
CA ASP F 250 12.65 -11.46 -9.19
C ASP F 250 11.99 -12.80 -8.89
N PHE F 251 10.82 -12.75 -8.24
CA PHE F 251 10.15 -13.94 -7.74
C PHE F 251 9.42 -14.65 -8.87
N ASN F 252 9.54 -15.99 -8.86
CA ASN F 252 8.87 -16.87 -9.81
C ASN F 252 8.29 -18.04 -9.03
N SER F 253 6.96 -18.24 -9.14
CA SER F 253 6.27 -19.27 -8.36
C SER F 253 6.86 -20.65 -8.63
N ASN F 254 7.47 -20.83 -9.81
CA ASN F 254 8.09 -22.08 -10.19
C ASN F 254 9.33 -22.36 -9.32
N GLY F 255 9.71 -21.38 -8.48
CA GLY F 255 10.77 -21.61 -7.50
C GLY F 255 12.16 -21.16 -7.98
N LYS F 256 12.32 -20.94 -9.29
CA LYS F 256 13.59 -20.48 -9.82
C LYS F 256 13.52 -18.97 -10.05
N HIS F 257 14.07 -18.22 -9.08
CA HIS F 257 14.05 -16.77 -9.10
C HIS F 257 15.31 -16.26 -9.80
N SER F 258 15.16 -15.12 -10.48
CA SER F 258 16.21 -14.57 -11.31
C SER F 258 16.82 -13.35 -10.63
N LEU F 259 18.16 -13.33 -10.58
CA LEU F 259 18.93 -12.29 -9.94
C LEU F 259 18.73 -10.99 -10.71
N ILE F 260 18.43 -9.90 -9.99
CA ILE F 260 18.22 -8.58 -10.58
C ILE F 260 19.52 -7.79 -10.42
N GLY F 261 20.11 -7.89 -9.22
CA GLY F 261 21.33 -7.18 -8.88
C GLY F 261 21.83 -7.58 -7.50
N LYS F 262 23.05 -7.12 -7.19
CA LYS F 262 23.75 -7.55 -5.99
C LYS F 262 24.75 -6.46 -5.63
N VAL F 263 24.83 -6.17 -4.32
CA VAL F 263 25.85 -5.30 -3.78
C VAL F 263 26.45 -5.99 -2.55
N GLN F 264 27.65 -5.55 -2.18
CA GLN F 264 28.35 -6.08 -1.04
C GLN F 264 28.83 -4.92 -0.17
N LYS F 265 28.30 -4.84 1.05
CA LYS F 265 28.50 -3.70 1.93
C LYS F 265 28.36 -4.16 3.37
N SER F 266 29.06 -3.47 4.28
CA SER F 266 28.94 -3.76 5.71
C SER F 266 27.73 -3.03 6.28
N LEU F 267 27.35 -3.41 7.51
CA LEU F 267 26.21 -2.81 8.17
C LEU F 267 26.56 -1.37 8.55
N SER F 268 27.87 -1.10 8.69
CA SER F 268 28.37 0.24 8.94
C SER F 268 28.22 1.10 7.69
N ASP F 269 28.64 0.51 6.55
CA ASP F 269 28.53 1.11 5.23
C ASP F 269 27.09 1.54 4.94
N LEU F 270 26.12 0.72 5.37
CA LEU F 270 24.71 0.99 5.10
C LEU F 270 24.28 2.22 5.89
N GLU F 271 24.82 2.34 7.11
CA GLU F 271 24.44 3.43 8.00
C GLU F 271 24.87 4.76 7.40
N LYS F 272 26.09 4.77 6.84
CA LYS F 272 26.63 5.96 6.21
C LYS F 272 25.76 6.37 5.02
N LEU F 273 25.35 5.36 4.21
CA LEU F 273 24.42 5.60 3.12
C LEU F 273 23.13 6.21 3.65
N HIS F 274 22.58 5.62 4.73
CA HIS F 274 21.34 6.11 5.29
C HIS F 274 21.45 7.59 5.61
N LEU F 275 22.53 7.95 6.31
CA LEU F 275 22.65 9.28 6.88
C LEU F 275 22.80 10.29 5.74
N ALA F 276 23.61 9.91 4.75
CA ALA F 276 23.95 10.76 3.62
C ALA F 276 22.77 10.91 2.65
N GLY F 277 21.86 9.92 2.64
CA GLY F 277 20.74 9.89 1.72
C GLY F 277 21.16 9.36 0.35
N GLN F 278 22.38 8.82 0.28
CA GLN F 278 22.94 8.31 -0.97
C GLN F 278 22.57 6.85 -1.16
N GLY F 279 22.33 6.47 -2.43
CA GLY F 279 22.15 5.09 -2.83
C GLY F 279 23.45 4.51 -3.41
N ILE F 280 23.43 3.20 -3.69
CA ILE F 280 24.57 2.54 -4.27
C ILE F 280 24.06 1.69 -5.42
N ASN F 281 24.77 1.73 -6.56
CA ASN F 281 24.41 0.99 -7.75
C ASN F 281 24.62 -0.51 -7.53
N PHE F 282 23.68 -1.32 -8.04
CA PHE F 282 23.75 -2.77 -8.05
C PHE F 282 24.70 -3.23 -9.16
N SER F 283 25.12 -4.50 -9.09
CA SER F 283 25.98 -5.15 -10.08
C SER F 283 25.45 -6.55 -10.40
N LEU F 284 25.66 -7.00 -11.65
CA LEU F 284 25.49 -8.39 -12.04
C LEU F 284 26.86 -8.94 -12.41
N PRO F 285 27.18 -10.23 -12.09
CA PRO F 285 28.39 -10.86 -12.63
C PRO F 285 28.24 -11.15 -14.12
N THR F 286 29.35 -10.99 -14.87
CA THR F 286 29.44 -11.30 -16.29
C THR F 286 30.90 -11.67 -16.57
N GLY F 287 31.11 -12.35 -17.70
CA GLY F 287 32.44 -12.56 -18.28
C GLY F 287 33.12 -13.80 -17.70
N ALA F 288 34.42 -13.65 -17.36
CA ALA F 288 35.14 -14.61 -16.55
C ALA F 288 35.10 -14.24 -15.07
N GLY F 289 35.41 -12.97 -14.75
CA GLY F 289 35.69 -12.58 -13.38
C GLY F 289 35.46 -11.10 -13.13
N GLN F 290 34.54 -10.52 -13.91
CA GLN F 290 34.20 -9.11 -13.79
C GLN F 290 32.69 -8.89 -13.67
N ASN F 291 32.33 -7.64 -13.37
CA ASN F 291 30.98 -7.27 -13.00
C ASN F 291 30.51 -6.10 -13.87
N LYS F 292 29.18 -5.96 -13.95
CA LYS F 292 28.55 -4.88 -14.69
C LYS F 292 27.70 -4.04 -13.73
N VAL F 293 27.99 -2.74 -13.66
CA VAL F 293 27.26 -1.81 -12.81
C VAL F 293 25.94 -1.44 -13.48
N LEU F 294 24.83 -1.64 -12.77
CA LEU F 294 23.49 -1.39 -13.28
C LEU F 294 23.07 0.06 -12.98
N LYS F 295 22.03 0.51 -13.68
CA LYS F 295 21.40 1.81 -13.41
C LYS F 295 20.64 1.75 -12.10
N SER F 296 20.13 0.56 -11.75
CA SER F 296 19.34 0.34 -10.53
C SER F 296 20.19 0.58 -9.28
N GLN F 297 19.52 1.10 -8.24
CA GLN F 297 20.21 1.51 -7.03
C GLN F 297 19.48 0.98 -5.80
N LEU F 298 20.25 0.87 -4.70
CA LEU F 298 19.75 0.47 -3.39
C LEU F 298 19.85 1.66 -2.45
N PHE F 299 18.91 1.71 -1.51
CA PHE F 299 18.82 2.83 -0.60
C PHE F 299 18.46 2.29 0.78
N VAL F 300 18.87 3.03 1.82
CA VAL F 300 18.55 2.63 3.19
C VAL F 300 17.71 3.74 3.81
N ASP F 301 16.37 3.64 3.66
CA ASP F 301 15.46 4.67 4.12
C ASP F 301 15.47 4.79 5.64
N LYS F 302 15.60 3.66 6.36
CA LYS F 302 15.63 3.68 7.81
C LYS F 302 16.70 2.70 8.30
N PHE F 303 17.22 2.93 9.51
CA PHE F 303 18.33 2.18 10.06
C PHE F 303 18.53 2.54 11.52
N THR F 304 18.00 1.73 12.43
CA THR F 304 17.89 2.08 13.84
C THR F 304 18.41 0.91 14.66
N GLU F 305 19.51 1.16 15.39
CA GLU F 305 19.95 0.22 16.41
C GLU F 305 19.05 0.36 17.63
N THR F 306 18.48 -0.78 18.05
CA THR F 306 17.59 -0.83 19.20
C THR F 306 18.10 -1.86 20.22
N VAL F 307 17.80 -1.58 21.49
CA VAL F 307 18.10 -2.52 22.55
C VAL F 307 16.88 -3.41 22.73
N HIS F 308 17.02 -4.69 22.31
CA HIS F 308 15.92 -5.63 22.38
C HIS F 308 15.82 -6.17 23.80
N HIS F 309 14.59 -6.39 24.26
CA HIS F 309 14.38 -7.19 25.45
C HIS F 309 14.80 -8.63 25.15
N THR F 310 15.86 -9.08 25.83
CA THR F 310 16.45 -10.37 25.52
C THR F 310 15.98 -11.42 26.53
N PHE F 311 16.26 -12.70 26.21
CA PHE F 311 15.97 -13.77 27.15
C PHE F 311 16.41 -13.34 28.55
N LEU F 312 17.70 -13.01 28.69
CA LEU F 312 18.25 -12.72 30.01
C LEU F 312 17.52 -11.54 30.66
N GLU F 313 17.01 -10.59 29.86
CA GLU F 313 16.25 -9.49 30.42
C GLU F 313 15.05 -10.05 31.15
N TYR F 314 14.36 -11.02 30.52
CA TYR F 314 13.17 -11.60 31.11
C TYR F 314 13.48 -12.39 32.38
N LEU F 315 14.58 -13.16 32.37
CA LEU F 315 14.96 -13.95 33.54
C LEU F 315 15.21 -13.04 34.74
N ALA F 316 15.80 -11.88 34.48
CA ALA F 316 16.14 -10.91 35.51
C ALA F 316 14.89 -10.17 36.00
N SER F 317 13.77 -10.35 35.29
CA SER F 317 12.50 -9.73 35.67
C SER F 317 11.61 -10.75 36.37
N GLY F 318 12.21 -11.84 36.84
CA GLY F 318 11.53 -12.87 37.62
C GLY F 318 10.59 -13.74 36.79
N PHE F 319 11.00 -14.09 35.57
CA PHE F 319 10.29 -15.06 34.75
C PHE F 319 11.01 -16.39 34.87
N GLU F 320 10.22 -17.46 34.93
CA GLU F 320 10.77 -18.77 35.18
C GLU F 320 10.43 -19.71 34.04
N LEU F 321 11.24 -20.77 33.92
CA LEU F 321 10.93 -21.88 33.05
C LEU F 321 10.59 -23.07 33.95
N ASN F 322 9.34 -23.52 33.85
CA ASN F 322 8.84 -24.55 34.75
C ASN F 322 8.74 -25.86 33.98
N PHE F 323 9.57 -26.84 34.40
CA PHE F 323 9.73 -28.12 33.76
C PHE F 323 8.57 -29.02 34.17
N MET F 324 8.03 -29.72 33.17
CA MET F 324 6.96 -30.68 33.33
C MET F 324 7.42 -31.93 32.61
N VAL F 325 6.86 -33.09 33.04
CA VAL F 325 7.25 -34.35 32.41
C VAL F 325 6.01 -35.22 32.24
N ALA F 326 5.97 -35.97 31.14
CA ALA F 326 4.94 -36.98 30.91
C ALA F 326 5.60 -38.20 30.28
N ILE F 327 5.28 -39.38 30.82
CA ILE F 327 6.01 -40.61 30.55
C ILE F 327 5.06 -41.69 30.07
N ASP F 328 5.34 -42.23 28.88
CA ASP F 328 4.62 -43.36 28.31
C ASP F 328 4.78 -44.57 29.23
N PHE F 329 3.63 -45.05 29.73
CA PHE F 329 3.53 -46.27 30.51
C PHE F 329 2.77 -47.34 29.71
N THR F 330 2.80 -47.24 28.37
CA THR F 330 2.17 -48.25 27.53
C THR F 330 2.99 -49.53 27.59
N ALA F 331 2.28 -50.66 27.49
CA ALA F 331 2.89 -51.98 27.50
C ALA F 331 3.86 -52.12 26.33
N SER F 332 3.71 -51.29 25.27
CA SER F 332 4.71 -51.20 24.23
C SER F 332 6.10 -51.53 24.81
N ASN F 333 6.32 -51.10 26.07
CA ASN F 333 7.62 -50.95 26.73
C ASN F 333 8.16 -52.27 27.30
N GLY F 334 7.25 -53.16 27.69
CA GLY F 334 7.67 -54.43 28.30
C GLY F 334 7.71 -54.31 29.81
N ASN F 335 7.46 -55.44 30.50
CA ASN F 335 7.37 -55.40 31.95
C ASN F 335 8.63 -54.83 32.58
N PRO F 336 8.47 -53.81 33.45
CA PRO F 336 9.59 -53.27 34.23
C PRO F 336 10.54 -54.28 34.85
N ARG F 337 10.06 -55.51 35.07
CA ARG F 337 10.88 -56.44 35.84
C ARG F 337 11.78 -57.25 34.90
N LEU F 338 11.72 -56.91 33.60
CA LEU F 338 12.41 -57.65 32.56
C LEU F 338 13.63 -56.85 32.12
N PRO F 339 14.84 -57.47 32.14
CA PRO F 339 16.08 -56.79 31.74
C PRO F 339 16.03 -56.00 30.44
N ASP F 340 15.19 -56.46 29.50
CA ASP F 340 15.13 -55.81 28.19
C ASP F 340 13.88 -54.94 28.08
N SER F 341 13.24 -54.65 29.21
CA SER F 341 12.18 -53.64 29.19
C SER F 341 12.82 -52.26 29.13
N LEU F 342 12.19 -51.36 28.36
CA LEU F 342 12.66 -49.99 28.29
C LEU F 342 12.52 -49.30 29.64
N HIS F 343 11.78 -49.90 30.58
CA HIS F 343 11.57 -49.27 31.88
C HIS F 343 12.38 -50.00 32.96
N TYR F 344 13.23 -50.92 32.52
CA TYR F 344 13.99 -51.74 33.46
C TYR F 344 14.79 -50.83 34.38
N ILE F 345 14.64 -51.05 35.69
CA ILE F 345 15.39 -50.32 36.71
C ILE F 345 16.61 -51.13 37.12
N ASP F 346 17.77 -50.84 36.50
CA ASP F 346 18.96 -51.65 36.66
C ASP F 346 19.40 -51.64 38.12
N PRO F 347 19.71 -52.81 38.73
CA PRO F 347 20.14 -52.86 40.13
C PRO F 347 21.48 -52.14 40.32
N SER F 348 22.29 -52.12 39.25
CA SER F 348 23.60 -51.47 39.25
C SER F 348 23.47 -49.95 39.33
N GLY F 349 22.25 -49.44 39.09
CA GLY F 349 21.96 -48.02 39.19
C GLY F 349 22.05 -47.28 37.85
N ARG F 350 22.32 -48.03 36.76
CA ARG F 350 22.38 -47.48 35.41
C ARG F 350 20.99 -46.98 35.00
N LEU F 351 20.95 -45.74 34.50
CA LEU F 351 19.71 -45.11 34.08
C LEU F 351 19.21 -45.71 32.76
N ASN F 352 17.89 -45.96 32.67
CA ASN F 352 17.31 -46.36 31.40
C ASN F 352 17.05 -45.11 30.58
N ALA F 353 16.49 -45.29 29.38
CA ALA F 353 16.30 -44.19 28.44
C ALA F 353 15.37 -43.14 29.05
N TYR F 354 14.35 -43.57 29.81
CA TYR F 354 13.43 -42.58 30.34
C TYR F 354 14.15 -41.76 31.42
N GLN F 355 14.99 -42.45 32.20
CA GLN F 355 15.78 -41.76 33.21
C GLN F 355 16.84 -40.83 32.58
N ARG F 356 17.51 -41.30 31.53
CA ARG F 356 18.50 -40.50 30.84
C ARG F 356 17.86 -39.22 30.31
N ALA F 357 16.76 -39.35 29.59
CA ALA F 357 16.15 -38.18 28.98
C ALA F 357 15.65 -37.22 30.06
N ILE F 358 15.09 -37.77 31.15
CA ILE F 358 14.65 -36.87 32.20
C ILE F 358 15.82 -36.07 32.75
N MET F 359 16.93 -36.74 33.07
CA MET F 359 18.11 -36.07 33.62
C MET F 359 18.68 -35.08 32.59
N ASP F 360 18.98 -35.57 31.37
CA ASP F 360 19.53 -34.72 30.33
C ASP F 360 18.80 -33.39 30.25
N VAL F 361 17.47 -33.39 30.46
CA VAL F 361 16.70 -32.18 30.29
C VAL F 361 16.54 -31.47 31.64
N GLY F 362 16.04 -32.18 32.65
CA GLY F 362 15.81 -31.61 33.96
C GLY F 362 17.05 -30.94 34.55
N GLU F 363 18.20 -31.59 34.41
CA GLU F 363 19.46 -31.17 35.00
C GLU F 363 19.72 -29.70 34.65
N VAL F 364 19.22 -29.29 33.49
CA VAL F 364 19.45 -27.96 32.96
C VAL F 364 18.30 -27.04 33.35
N LEU F 365 17.06 -27.51 33.18
CA LEU F 365 15.91 -26.63 33.32
C LEU F 365 15.58 -26.41 34.79
N GLN F 366 16.23 -27.16 35.68
CA GLN F 366 15.88 -27.12 37.09
C GLN F 366 16.35 -25.78 37.67
N PHE F 367 17.31 -25.16 36.99
CA PHE F 367 17.90 -23.93 37.49
C PHE F 367 17.03 -22.72 37.18
N TYR F 368 15.96 -22.91 36.39
CA TYR F 368 15.20 -21.77 35.89
C TYR F 368 13.84 -21.69 36.57
N ASP F 369 13.58 -22.61 37.52
CA ASP F 369 12.38 -22.54 38.37
C ASP F 369 12.84 -22.49 39.82
N SER F 370 12.23 -21.57 40.59
CA SER F 370 12.70 -21.27 41.94
C SER F 370 12.00 -22.12 43.00
N ASP F 371 10.76 -22.56 42.74
CA ASP F 371 10.00 -23.40 43.65
C ASP F 371 10.40 -24.87 43.49
N LYS F 372 10.87 -25.24 42.29
CA LYS F 372 11.29 -26.60 41.94
C LYS F 372 10.15 -27.59 42.20
N ARG F 373 8.90 -27.11 42.14
CA ARG F 373 7.77 -28.00 42.05
C ARG F 373 7.41 -28.24 40.59
N PHE F 374 7.70 -29.46 40.13
CA PHE F 374 7.55 -29.86 38.75
C PHE F 374 6.44 -30.88 38.58
N PRO F 375 5.38 -30.56 37.80
CA PRO F 375 4.34 -31.54 37.46
C PRO F 375 4.92 -32.75 36.73
N ALA F 376 4.51 -33.94 37.17
CA ALA F 376 4.91 -35.19 36.57
C ALA F 376 3.67 -36.06 36.32
N TRP F 377 3.51 -36.49 35.07
CA TRP F 377 2.44 -37.39 34.69
C TRP F 377 2.96 -38.66 34.04
N GLY F 378 2.09 -39.68 34.05
CA GLY F 378 2.20 -40.81 33.15
C GLY F 378 0.93 -40.95 32.31
N PHE F 379 1.05 -41.77 31.26
CA PHE F 379 -0.07 -42.02 30.37
C PHE F 379 -0.01 -43.44 29.84
N GLY F 380 -1.19 -44.04 29.65
CA GLY F 380 -1.31 -45.34 29.02
C GLY F 380 -1.13 -46.50 29.99
N ALA F 381 -1.58 -46.32 31.24
CA ALA F 381 -1.50 -47.38 32.22
C ALA F 381 -2.82 -47.49 32.98
N ARG F 382 -3.00 -48.66 33.61
CA ARG F 382 -4.18 -48.91 34.43
C ARG F 382 -3.74 -48.86 35.90
N PRO F 383 -4.15 -47.81 36.66
CA PRO F 383 -3.86 -47.76 38.09
C PRO F 383 -4.71 -48.80 38.80
N ILE F 384 -4.50 -48.98 40.10
CA ILE F 384 -5.14 -50.04 40.86
C ILE F 384 -6.66 -49.92 40.75
N ASP F 385 -7.27 -50.90 40.08
CA ASP F 385 -8.71 -51.13 40.15
C ASP F 385 -9.47 -50.23 39.17
N ALA F 386 -8.79 -49.19 38.65
CA ALA F 386 -9.41 -48.22 37.77
C ALA F 386 -9.28 -48.65 36.31
N PRO F 387 -9.93 -47.96 35.35
CA PRO F 387 -9.62 -48.16 33.92
C PRO F 387 -8.35 -47.39 33.51
N VAL F 388 -7.88 -47.65 32.29
CA VAL F 388 -6.69 -47.03 31.73
C VAL F 388 -6.79 -45.51 31.87
N SER F 389 -5.73 -44.89 32.40
CA SER F 389 -5.62 -43.44 32.48
C SER F 389 -4.66 -42.94 31.41
N HIS F 390 -4.97 -41.78 30.83
CA HIS F 390 -4.07 -41.21 29.83
C HIS F 390 -3.44 -39.93 30.36
N CYS F 391 -3.54 -39.76 31.69
CA CYS F 391 -2.90 -38.69 32.45
C CYS F 391 -3.13 -38.95 33.94
N PHE F 392 -2.29 -39.78 34.56
CA PHE F 392 -2.33 -39.94 36.00
C PHE F 392 -1.07 -39.34 36.63
N ASN F 393 -1.20 -38.79 37.85
CA ASN F 393 -0.08 -38.18 38.56
C ASN F 393 0.91 -39.27 38.96
N LEU F 394 2.19 -39.13 38.55
CA LEU F 394 3.22 -40.10 38.87
C LEU F 394 3.38 -40.25 40.38
N ASN F 395 3.12 -39.18 41.13
CA ASN F 395 3.32 -39.21 42.56
C ASN F 395 2.23 -40.02 43.22
N GLY F 396 1.20 -40.37 42.43
CA GLY F 396 0.18 -41.31 42.84
C GLY F 396 -0.95 -40.69 43.66
N SER F 397 -1.03 -39.35 43.66
CA SER F 397 -2.11 -38.65 44.33
C SER F 397 -3.27 -38.48 43.35
N SER F 398 -4.32 -37.81 43.81
CA SER F 398 -5.54 -37.67 43.02
C SER F 398 -5.77 -36.19 42.70
N SER F 399 -5.02 -35.33 43.38
CA SER F 399 -5.27 -33.90 43.35
C SER F 399 -4.09 -33.24 42.66
N TYR F 400 -4.34 -32.27 41.77
CA TYR F 400 -3.19 -31.60 41.16
C TYR F 400 -1.96 -31.80 42.04
N SER F 401 -0.79 -31.89 41.41
CA SER F 401 0.41 -32.23 42.16
C SER F 401 1.69 -32.15 41.34
N GLU F 402 2.55 -31.23 41.78
CA GLU F 402 3.96 -31.18 41.48
C GLU F 402 4.67 -32.29 42.29
N VAL F 403 6.00 -32.42 42.08
CA VAL F 403 6.93 -33.19 42.91
C VAL F 403 8.17 -32.33 43.19
N ASP F 404 8.87 -32.62 44.30
CA ASP F 404 10.02 -31.82 44.70
C ASP F 404 11.25 -32.24 43.91
N GLY F 405 11.68 -31.37 42.99
CA GLY F 405 12.97 -31.53 42.34
C GLY F 405 13.00 -32.67 41.32
N ILE F 406 14.05 -32.68 40.49
CA ILE F 406 14.37 -33.81 39.63
C ILE F 406 14.31 -35.10 40.46
N GLN F 407 14.97 -35.12 41.61
CA GLN F 407 14.93 -36.29 42.48
C GLN F 407 13.49 -36.78 42.67
N GLY F 408 12.57 -35.82 42.90
CA GLY F 408 11.16 -36.12 43.06
C GLY F 408 10.56 -36.81 41.83
N ILE F 409 10.96 -36.35 40.64
CA ILE F 409 10.49 -36.99 39.42
C ILE F 409 11.03 -38.42 39.37
N MET F 410 12.31 -38.60 39.66
CA MET F 410 12.91 -39.92 39.51
C MET F 410 12.26 -40.91 40.47
N THR F 411 11.99 -40.49 41.71
CA THR F 411 11.42 -41.47 42.64
C THR F 411 9.93 -41.69 42.33
N SER F 412 9.21 -40.62 41.93
CA SER F 412 7.82 -40.80 41.50
C SER F 412 7.72 -41.82 40.36
N TYR F 413 8.69 -41.77 39.44
CA TYR F 413 8.75 -42.68 38.32
C TYR F 413 8.92 -44.12 38.80
N THR F 414 10.03 -44.43 39.48
CA THR F 414 10.32 -45.80 39.89
C THR F 414 9.17 -46.31 40.75
N SER F 415 8.59 -45.42 41.55
CA SER F 415 7.42 -45.75 42.36
C SER F 415 6.23 -46.15 41.48
N ALA F 416 5.81 -45.31 40.53
CA ALA F 416 4.68 -45.62 39.67
C ALA F 416 4.87 -46.95 38.94
N LEU F 417 6.10 -47.20 38.48
CA LEU F 417 6.41 -48.35 37.65
C LEU F 417 5.87 -49.63 38.31
N PHE F 418 5.97 -49.71 39.63
CA PHE F 418 5.62 -50.96 40.27
C PHE F 418 4.25 -50.87 40.95
N ASN F 419 3.47 -49.83 40.63
CA ASN F 419 2.17 -49.66 41.26
C ASN F 419 1.06 -49.44 40.24
N VAL F 420 1.32 -49.75 38.96
CA VAL F 420 0.30 -49.65 37.91
C VAL F 420 0.60 -50.65 36.80
N SER F 421 -0.41 -50.89 35.94
CA SER F 421 -0.34 -51.93 34.92
C SER F 421 -0.14 -51.30 33.55
N LEU F 422 1.06 -51.52 32.97
CA LEU F 422 1.34 -51.01 31.64
C LEU F 422 0.19 -51.43 30.73
N ALA F 423 -0.43 -50.47 30.05
CA ALA F 423 -1.57 -50.78 29.20
C ALA F 423 -1.41 -50.17 27.81
N GLY F 424 -2.36 -49.32 27.43
CA GLY F 424 -2.40 -48.79 26.08
C GLY F 424 -3.78 -48.22 25.75
N PRO F 425 -3.94 -47.55 24.58
CA PRO F 425 -2.84 -47.33 23.64
C PRO F 425 -2.09 -46.00 23.87
N THR F 426 -1.14 -45.66 22.97
CA THR F 426 -0.24 -44.54 23.18
C THR F 426 -1.01 -43.26 22.76
N LEU F 427 -1.43 -42.41 23.73
CA LEU F 427 -2.12 -41.14 23.43
C LEU F 427 -1.44 -39.93 24.09
N PHE F 428 -1.39 -38.81 23.35
CA PHE F 428 -0.75 -37.59 23.82
C PHE F 428 -1.78 -36.50 24.12
N GLY F 429 -2.96 -36.60 23.51
CA GLY F 429 -3.99 -35.59 23.66
C GLY F 429 -4.17 -35.19 25.12
N PRO F 430 -4.67 -36.09 26.00
CA PRO F 430 -4.89 -35.77 27.41
C PRO F 430 -3.76 -35.07 28.18
N VAL F 431 -2.50 -35.52 28.02
CA VAL F 431 -1.42 -34.87 28.75
C VAL F 431 -1.24 -33.44 28.24
N ILE F 432 -1.27 -33.26 26.92
CA ILE F 432 -1.10 -31.93 26.36
C ILE F 432 -2.18 -30.98 26.88
N ASN F 433 -3.43 -31.47 26.99
CA ASN F 433 -4.49 -30.64 27.56
C ASN F 433 -4.22 -30.32 29.03
N ALA F 434 -3.78 -31.33 29.80
CA ALA F 434 -3.45 -31.15 31.20
C ALA F 434 -2.39 -30.07 31.38
N ALA F 435 -1.36 -30.11 30.53
CA ALA F 435 -0.29 -29.11 30.58
C ALA F 435 -0.86 -27.74 30.26
N ALA F 436 -1.61 -27.66 29.14
CA ALA F 436 -2.25 -26.43 28.71
C ALA F 436 -3.12 -25.86 29.82
N MET F 437 -3.91 -26.72 30.48
CA MET F 437 -4.77 -26.26 31.55
C MET F 437 -3.94 -25.52 32.61
N ILE F 438 -2.73 -26.02 32.88
CA ILE F 438 -1.86 -25.44 33.90
C ILE F 438 -1.25 -24.14 33.40
N ALA F 439 -0.76 -24.15 32.14
CA ALA F 439 -0.21 -22.95 31.52
C ALA F 439 -1.22 -21.82 31.65
N SER F 440 -2.39 -22.07 31.04
CA SER F 440 -3.52 -21.17 31.00
C SER F 440 -3.81 -20.61 32.40
N ALA F 441 -3.96 -21.51 33.38
CA ALA F 441 -4.28 -21.10 34.75
C ALA F 441 -3.22 -20.16 35.29
N SER F 442 -1.97 -20.40 34.92
CA SER F 442 -0.86 -19.59 35.37
C SER F 442 -0.93 -18.19 34.74
N LEU F 443 -1.28 -18.14 33.45
CA LEU F 443 -1.46 -16.90 32.71
C LEU F 443 -2.55 -16.03 33.35
N ALA F 444 -3.71 -16.63 33.64
CA ALA F 444 -4.86 -15.91 34.17
C ALA F 444 -4.55 -15.34 35.56
N GLN F 445 -3.73 -16.05 36.36
CA GLN F 445 -3.36 -15.61 37.70
C GLN F 445 -2.16 -14.67 37.64
N GLY F 446 -1.90 -14.12 36.43
CA GLY F 446 -0.83 -13.17 36.20
C GLY F 446 0.51 -13.65 36.74
N SER F 447 0.78 -14.96 36.63
CA SER F 447 2.08 -15.52 36.97
C SER F 447 3.01 -15.30 35.78
N ARG F 448 4.31 -15.47 36.04
CA ARG F 448 5.32 -15.21 35.02
C ARG F 448 6.08 -16.51 34.79
N LYS F 449 5.32 -17.59 34.64
CA LYS F 449 5.89 -18.89 34.36
C LYS F 449 5.69 -19.21 32.88
N TYR F 450 6.73 -19.78 32.27
CA TYR F 450 6.62 -20.40 30.96
C TYR F 450 7.04 -21.84 31.17
N TYR F 451 6.26 -22.76 30.58
CA TYR F 451 6.26 -24.17 30.93
C TYR F 451 6.89 -24.98 29.81
N VAL F 452 7.74 -25.94 30.18
CA VAL F 452 8.39 -26.82 29.22
C VAL F 452 8.03 -28.25 29.56
N LEU F 453 7.26 -28.90 28.69
CA LEU F 453 6.78 -30.24 28.96
C LEU F 453 7.63 -31.22 28.16
N LEU F 454 8.15 -32.24 28.86
CA LEU F 454 8.90 -33.27 28.16
C LEU F 454 8.05 -34.53 28.14
N ILE F 455 7.78 -35.03 26.93
CA ILE F 455 7.01 -36.24 26.71
C ILE F 455 7.95 -37.29 26.14
N ILE F 456 7.90 -38.49 26.73
CA ILE F 456 8.80 -39.57 26.33
C ILE F 456 7.94 -40.78 25.95
N THR F 457 7.94 -41.23 24.68
CA THR F 457 7.37 -42.56 24.42
C THR F 457 8.18 -43.39 23.48
N ASP F 458 7.68 -44.60 23.32
CA ASP F 458 8.40 -45.75 22.81
C ASP F 458 7.82 -46.15 21.46
N GLY F 459 6.63 -45.61 21.17
CA GLY F 459 5.92 -45.84 19.92
C GLY F 459 5.21 -44.57 19.45
N VAL F 460 4.42 -44.72 18.38
CA VAL F 460 3.75 -43.61 17.72
C VAL F 460 2.35 -43.45 18.32
N ILE F 461 1.82 -42.23 18.27
CA ILE F 461 0.57 -41.90 18.91
C ILE F 461 -0.58 -42.44 18.07
N THR F 462 -1.73 -42.62 18.75
CA THR F 462 -2.96 -43.07 18.12
C THR F 462 -3.82 -41.87 17.72
N ASP F 463 -3.82 -40.83 18.56
CA ASP F 463 -4.77 -39.74 18.43
C ASP F 463 -4.16 -38.52 17.72
N LEU F 464 -3.52 -38.77 16.57
CA LEU F 464 -2.73 -37.75 15.89
C LEU F 464 -3.53 -36.47 15.66
N GLN F 465 -4.82 -36.60 15.37
CA GLN F 465 -5.63 -35.44 15.07
C GLN F 465 -5.87 -34.63 16.34
N GLU F 466 -6.40 -35.27 17.39
CA GLU F 466 -6.75 -34.56 18.62
C GLU F 466 -5.50 -33.99 19.30
N THR F 467 -4.33 -34.48 18.88
CA THR F 467 -3.03 -33.98 19.31
C THR F 467 -2.78 -32.62 18.63
N LYS F 468 -2.82 -32.60 17.29
CA LYS F 468 -2.73 -31.37 16.52
C LYS F 468 -3.65 -30.30 17.12
N ASP F 469 -4.91 -30.67 17.37
CA ASP F 469 -5.91 -29.74 17.87
C ASP F 469 -5.48 -29.20 19.22
N ALA F 470 -4.90 -30.07 20.07
CA ALA F 470 -4.47 -29.67 21.39
C ALA F 470 -3.27 -28.73 21.31
N LEU F 471 -2.33 -29.04 20.41
CA LEU F 471 -1.10 -28.27 20.21
C LEU F 471 -1.44 -26.88 19.70
N VAL F 472 -2.20 -26.83 18.58
CA VAL F 472 -2.63 -25.58 17.98
C VAL F 472 -3.23 -24.68 19.05
N SER F 473 -4.12 -25.26 19.88
CA SER F 473 -4.79 -24.53 20.95
C SER F 473 -3.80 -24.06 22.00
N ALA F 474 -2.74 -24.87 22.23
CA ALA F 474 -1.75 -24.59 23.26
C ALA F 474 -0.80 -23.48 22.81
N SER F 475 -0.62 -23.34 21.49
CA SER F 475 0.37 -22.44 20.92
C SER F 475 0.21 -20.99 21.40
N ASP F 476 -0.95 -20.66 22.00
CA ASP F 476 -1.22 -19.32 22.48
C ASP F 476 -0.84 -19.20 23.96
N LEU F 477 -0.48 -20.32 24.59
CA LEU F 477 -0.21 -20.34 26.02
C LEU F 477 1.31 -20.43 26.27
N PRO F 478 1.78 -20.06 27.49
CA PRO F 478 3.19 -20.10 27.83
C PRO F 478 3.69 -21.54 28.01
N LEU F 479 3.99 -22.20 26.88
CA LEU F 479 4.25 -23.64 26.93
C LEU F 479 5.01 -24.06 25.68
N SER F 480 6.17 -24.70 25.92
CA SER F 480 6.94 -25.39 24.90
C SER F 480 6.85 -26.88 25.20
N ILE F 481 7.04 -27.71 24.16
CA ILE F 481 6.90 -29.15 24.32
C ILE F 481 8.07 -29.84 23.63
N LEU F 482 8.69 -30.78 24.35
CA LEU F 482 9.71 -31.63 23.76
C LEU F 482 9.25 -33.07 23.85
N ILE F 483 9.29 -33.75 22.71
CA ILE F 483 8.95 -35.15 22.61
C ILE F 483 10.24 -35.93 22.30
N VAL F 484 10.44 -37.03 23.04
CA VAL F 484 11.62 -37.86 22.85
C VAL F 484 11.12 -39.28 22.65
N GLY F 485 11.56 -39.91 21.54
CA GLY F 485 11.26 -41.30 21.29
C GLY F 485 12.39 -42.18 21.82
N VAL F 486 12.02 -43.31 22.44
CA VAL F 486 13.01 -44.22 22.99
C VAL F 486 12.79 -45.59 22.39
N GLY F 487 13.88 -46.38 22.37
CA GLY F 487 13.90 -47.68 21.71
C GLY F 487 14.01 -47.50 20.19
N GLY F 488 13.82 -48.59 19.45
CA GLY F 488 14.13 -48.61 18.03
C GLY F 488 12.90 -48.50 17.13
N ALA F 489 11.76 -48.06 17.70
CA ALA F 489 10.53 -47.99 16.92
C ALA F 489 10.70 -47.00 15.76
N ASP F 490 9.78 -47.07 14.79
CA ASP F 490 9.86 -46.19 13.63
C ASP F 490 9.02 -44.95 13.90
N PHE F 491 9.70 -43.80 14.04
CA PHE F 491 9.07 -42.58 14.49
C PHE F 491 8.80 -41.63 13.31
N LYS F 492 8.69 -42.20 12.11
CA LYS F 492 8.49 -41.43 10.89
C LYS F 492 7.29 -40.51 11.03
N GLU F 493 6.20 -41.01 11.62
CA GLU F 493 4.95 -40.27 11.67
C GLU F 493 5.00 -39.12 12.69
N MET F 494 6.09 -39.07 13.45
CA MET F 494 6.25 -38.08 14.52
C MET F 494 6.80 -36.79 13.95
N GLU F 495 7.48 -36.88 12.80
CA GLU F 495 8.32 -35.80 12.30
C GLU F 495 7.46 -34.70 11.69
N ILE F 496 6.15 -34.97 11.53
CA ILE F 496 5.23 -33.95 11.05
C ILE F 496 4.96 -32.96 12.19
N LEU F 497 5.35 -33.33 13.41
CA LEU F 497 5.13 -32.50 14.58
C LEU F 497 6.30 -31.55 14.86
N ASP F 498 7.52 -31.94 14.42
CA ASP F 498 8.74 -31.19 14.72
C ASP F 498 8.66 -29.81 14.07
N ALA F 499 9.14 -28.79 14.80
CA ALA F 499 9.19 -27.42 14.32
C ALA F 499 10.10 -27.33 13.10
N ASP F 500 11.27 -27.97 13.21
CA ASP F 500 12.30 -27.94 12.18
C ASP F 500 11.86 -28.78 10.98
N LYS F 501 11.69 -30.10 11.18
CA LYS F 501 11.47 -31.04 10.11
C LYS F 501 10.04 -30.92 9.55
N GLY F 502 9.08 -30.57 10.41
CA GLY F 502 7.68 -30.64 10.06
C GLY F 502 7.19 -29.42 9.30
N GLU F 503 5.87 -29.21 9.35
CA GLU F 503 5.18 -28.12 8.68
C GLU F 503 4.15 -27.53 9.63
N ARG F 504 3.82 -26.25 9.41
CA ARG F 504 2.95 -25.47 10.28
C ARG F 504 1.65 -26.23 10.51
N LEU F 505 1.25 -26.36 11.77
CA LEU F 505 0.17 -27.26 12.16
C LEU F 505 -1.18 -26.62 11.89
N GLU F 506 -2.10 -27.46 11.40
CA GLU F 506 -3.46 -27.05 11.17
C GLU F 506 -4.38 -27.88 12.07
N SER F 507 -5.14 -27.16 12.89
CA SER F 507 -6.30 -27.67 13.62
C SER F 507 -7.25 -28.34 12.64
N SER F 508 -8.12 -29.22 13.15
CA SER F 508 -9.17 -29.80 12.34
C SER F 508 -10.19 -28.73 11.98
N SER F 509 -10.49 -27.83 12.94
CA SER F 509 -11.42 -26.72 12.74
C SER F 509 -10.84 -25.68 11.79
N GLY F 510 -9.65 -25.95 11.23
CA GLY F 510 -9.07 -25.11 10.20
C GLY F 510 -8.02 -24.12 10.72
N ARG F 511 -8.05 -23.83 12.04
CA ARG F 511 -7.20 -22.83 12.68
C ARG F 511 -5.73 -23.24 12.64
N LEU F 512 -4.84 -22.23 12.66
CA LEU F 512 -3.41 -22.46 12.50
C LEU F 512 -2.69 -22.14 13.81
N ALA F 513 -1.51 -22.75 14.00
CA ALA F 513 -0.71 -22.54 15.20
C ALA F 513 -0.12 -21.14 15.18
N SER F 514 -0.22 -20.42 16.31
CA SER F 514 0.40 -19.10 16.40
C SER F 514 1.91 -19.20 16.23
N ARG F 515 2.50 -20.31 16.69
CA ARG F 515 3.95 -20.50 16.64
C ARG F 515 4.30 -21.97 16.82
N ASP F 516 5.55 -22.34 16.46
CA ASP F 516 6.09 -23.66 16.72
C ASP F 516 6.33 -23.81 18.22
N ILE F 517 5.77 -24.87 18.80
CA ILE F 517 5.99 -25.17 20.22
C ILE F 517 6.46 -26.61 20.37
N VAL F 518 6.52 -27.39 19.30
CA VAL F 518 6.93 -28.78 19.42
C VAL F 518 8.29 -28.98 18.77
N GLN F 519 9.06 -29.90 19.36
CA GLN F 519 10.25 -30.48 18.75
C GLN F 519 10.24 -31.96 19.04
N PHE F 520 10.79 -32.76 18.12
CA PHE F 520 10.88 -34.19 18.37
C PHE F 520 12.28 -34.67 18.05
N VAL F 521 12.75 -35.65 18.82
CA VAL F 521 13.99 -36.32 18.46
C VAL F 521 13.96 -37.73 19.01
N ALA F 522 14.73 -38.61 18.37
CA ALA F 522 14.81 -40.01 18.72
C ALA F 522 16.11 -40.24 19.48
N LEU F 523 16.01 -40.71 20.72
CA LEU F 523 17.14 -40.68 21.63
C LEU F 523 18.22 -41.66 21.20
N ARG F 524 18.48 -41.77 19.89
CA ARG F 524 19.37 -42.79 19.36
C ARG F 524 20.42 -43.28 20.36
N ASP F 525 21.69 -42.93 20.07
CA ASP F 525 22.89 -43.49 20.67
C ASP F 525 22.98 -43.10 22.15
N VAL F 526 23.57 -44.00 22.96
CA VAL F 526 24.18 -43.61 24.23
C VAL F 526 25.63 -44.08 24.28
N GLN F 527 26.52 -43.22 24.81
CA GLN F 527 27.89 -43.51 25.24
C GLN F 527 28.92 -42.59 24.59
N TYR F 528 29.01 -42.66 23.26
CA TYR F 528 29.98 -41.91 22.46
C TYR F 528 29.29 -40.70 21.81
N GLY F 529 30.09 -39.78 21.25
CA GLY F 529 29.62 -38.47 20.85
C GLY F 529 30.19 -37.38 21.76
N GLU F 530 29.92 -36.13 21.41
CA GLU F 530 30.38 -34.98 22.18
C GLU F 530 29.20 -34.50 23.02
N ILE F 531 28.28 -33.79 22.35
CA ILE F 531 27.05 -33.29 22.94
C ILE F 531 26.00 -34.39 23.00
N SER F 532 24.92 -34.17 23.77
CA SER F 532 23.70 -34.97 23.73
C SER F 532 22.80 -34.51 22.59
N VAL F 533 21.80 -35.34 22.25
CA VAL F 533 20.88 -35.04 21.16
C VAL F 533 19.74 -34.18 21.70
N VAL F 534 19.69 -34.10 23.03
CA VAL F 534 18.73 -33.33 23.80
C VAL F 534 19.16 -31.87 23.80
N GLN F 535 20.45 -31.63 24.06
CA GLN F 535 21.06 -30.32 24.04
C GLN F 535 20.45 -29.45 22.93
N ALA F 536 20.32 -30.00 21.72
CA ALA F 536 19.88 -29.22 20.58
C ALA F 536 18.40 -28.82 20.72
N LEU F 537 17.62 -29.71 21.38
CA LEU F 537 16.24 -29.40 21.69
C LEU F 537 16.17 -28.22 22.64
N LEU F 538 17.04 -28.23 23.67
CA LEU F 538 17.05 -27.20 24.68
C LEU F 538 17.46 -25.86 24.10
N ALA F 539 18.28 -25.90 23.03
CA ALA F 539 18.86 -24.68 22.49
C ALA F 539 17.80 -23.78 21.87
N GLU F 540 16.67 -24.38 21.48
CA GLU F 540 15.64 -23.68 20.73
C GLU F 540 14.62 -23.03 21.67
N LEU F 541 14.64 -23.37 22.96
CA LEU F 541 13.57 -22.95 23.85
C LEU F 541 13.59 -21.43 24.02
N PRO F 542 14.75 -20.78 24.30
CA PRO F 542 14.78 -19.32 24.44
C PRO F 542 14.04 -18.65 23.28
N SER F 543 14.28 -19.11 22.04
CA SER F 543 13.65 -18.51 20.86
C SER F 543 12.14 -18.62 20.95
N GLN F 544 11.65 -19.85 21.20
CA GLN F 544 10.23 -20.11 21.41
C GLN F 544 9.74 -19.21 22.54
N PHE F 545 10.52 -19.14 23.61
CA PHE F 545 10.13 -18.38 24.78
C PHE F 545 9.83 -16.94 24.37
N LEU F 546 10.71 -16.37 23.55
CA LEU F 546 10.65 -14.95 23.20
C LEU F 546 9.54 -14.75 22.17
N THR F 547 9.43 -15.69 21.22
CA THR F 547 8.33 -15.65 20.27
C THR F 547 7.03 -15.48 21.04
N TYR F 548 6.83 -16.29 22.08
CA TYR F 548 5.58 -16.18 22.82
C TYR F 548 5.41 -14.76 23.33
N MET F 549 6.44 -14.23 24.01
CA MET F 549 6.41 -12.93 24.65
C MET F 549 6.16 -11.81 23.64
N ARG F 550 6.70 -11.94 22.42
CA ARG F 550 6.43 -10.97 21.38
C ARG F 550 4.96 -11.03 21.01
N ILE F 551 4.50 -12.22 20.58
CA ILE F 551 3.15 -12.46 20.08
C ILE F 551 2.09 -12.10 21.13
N ARG F 552 2.34 -12.44 22.41
CA ARG F 552 1.55 -11.95 23.53
C ARG F 552 1.60 -10.41 23.56
N ASN F 553 0.65 -9.84 24.29
CA ASN F 553 0.54 -8.40 24.51
C ASN F 553 1.73 -7.81 25.28
N LEU G 1 -42.25 -19.47 17.01
CA LEU G 1 -42.08 -19.68 15.55
C LEU G 1 -43.23 -19.00 14.82
N PHE G 2 -43.82 -17.99 15.47
CA PHE G 2 -45.02 -17.32 15.02
C PHE G 2 -44.82 -15.80 15.05
N SER G 3 -45.07 -15.14 13.91
CA SER G 3 -45.18 -13.70 13.84
C SER G 3 -46.56 -13.23 14.28
N GLN G 4 -46.75 -11.90 14.31
CA GLN G 4 -47.92 -11.31 14.93
C GLN G 4 -48.50 -10.24 14.01
N ILE G 5 -49.83 -10.22 13.95
CA ILE G 5 -50.53 -9.36 13.01
C ILE G 5 -51.46 -8.43 13.79
N GLU G 6 -51.57 -7.20 13.29
CA GLU G 6 -52.44 -6.20 13.90
C GLU G 6 -53.58 -5.95 12.93
N LEU G 7 -54.76 -6.48 13.24
CA LEU G 7 -55.90 -6.12 12.41
C LEU G 7 -56.55 -4.85 12.96
N SER G 8 -56.94 -3.97 12.04
CA SER G 8 -57.65 -2.75 12.37
C SER G 8 -58.89 -2.65 11.49
N PHE G 9 -59.94 -2.00 11.97
CA PHE G 9 -61.27 -2.25 11.43
C PHE G 9 -61.99 -0.94 11.15
N SER G 10 -62.87 -1.00 10.18
CA SER G 10 -63.71 0.12 9.82
C SER G 10 -64.85 -0.46 8.99
N ALA G 11 -65.94 0.29 8.88
CA ALA G 11 -67.10 -0.19 8.15
C ALA G 11 -67.74 0.97 7.41
N SER G 12 -68.55 0.63 6.40
CA SER G 12 -69.44 1.56 5.73
C SER G 12 -70.84 0.97 5.61
N ASN G 13 -71.85 1.83 5.50
CA ASN G 13 -73.19 1.45 5.05
C ASN G 13 -73.86 0.49 6.03
N LEU G 14 -73.61 0.67 7.33
CA LEU G 14 -74.29 -0.20 8.29
C LEU G 14 -75.80 0.01 8.31
N ARG G 15 -76.32 1.18 7.91
CA ARG G 15 -77.69 1.53 8.27
C ARG G 15 -78.23 2.59 7.32
N ASP G 16 -79.41 2.33 6.74
CA ASP G 16 -79.86 3.02 5.54
C ASP G 16 -80.33 4.45 5.87
N ARG G 17 -80.00 5.37 4.96
CA ARG G 17 -80.25 6.80 5.07
C ARG G 17 -80.65 7.21 6.48
N SER G 21 -81.75 7.05 13.10
CA SER G 21 -80.66 6.63 12.15
C SER G 21 -79.38 6.29 12.89
N LYS G 22 -78.95 7.21 13.77
CA LYS G 22 -77.70 7.08 14.48
C LYS G 22 -77.48 5.61 14.92
N SER G 23 -76.33 5.08 14.49
CA SER G 23 -75.81 3.84 15.05
C SER G 23 -74.53 4.03 15.85
N ASP G 24 -74.22 3.00 16.64
CA ASP G 24 -73.17 3.02 17.67
C ASP G 24 -72.41 1.71 17.52
N PRO G 25 -71.58 1.58 16.46
CA PRO G 25 -71.12 0.27 16.00
C PRO G 25 -69.98 -0.28 16.84
N MET G 26 -69.90 -1.61 16.86
CA MET G 26 -68.90 -2.34 17.61
C MET G 26 -68.65 -3.63 16.85
N VAL G 27 -67.37 -3.93 16.60
CA VAL G 27 -67.09 -5.21 15.97
C VAL G 27 -66.54 -6.14 17.02
N VAL G 28 -66.90 -7.41 16.89
CA VAL G 28 -66.57 -8.48 17.81
C VAL G 28 -66.08 -9.64 16.93
N VAL G 29 -64.98 -10.26 17.36
CA VAL G 29 -64.20 -11.14 16.50
C VAL G 29 -64.04 -12.45 17.24
N TYR G 30 -64.57 -13.50 16.59
CA TYR G 30 -64.50 -14.84 17.14
C TYR G 30 -63.53 -15.67 16.29
N GLN G 31 -63.03 -16.72 16.93
CA GLN G 31 -62.18 -17.72 16.34
C GLN G 31 -63.02 -18.98 16.19
N LYS G 32 -63.10 -19.52 14.98
CA LYS G 32 -63.92 -20.73 14.76
C LYS G 32 -63.02 -21.94 14.99
N GLU G 33 -63.41 -22.74 15.99
CA GLU G 33 -62.72 -23.96 16.37
C GLU G 33 -63.18 -25.07 15.43
N LYS G 34 -62.49 -26.23 15.49
CA LYS G 34 -62.77 -27.34 14.60
C LYS G 34 -64.18 -27.86 14.84
N ASP G 35 -64.61 -27.84 16.11
CA ASP G 35 -65.94 -28.28 16.50
C ASP G 35 -66.98 -27.21 16.17
N ALA G 36 -66.57 -26.19 15.41
CA ALA G 36 -67.45 -25.16 14.86
C ALA G 36 -67.95 -24.21 15.96
N THR G 37 -67.35 -24.30 17.15
CA THR G 37 -67.65 -23.35 18.21
C THR G 37 -66.89 -22.05 17.94
N LEU G 38 -67.37 -20.99 18.57
CA LEU G 38 -66.86 -19.63 18.39
C LEU G 38 -66.28 -19.14 19.71
N SER G 39 -65.02 -18.67 19.67
CA SER G 39 -64.33 -18.12 20.82
C SER G 39 -64.15 -16.62 20.61
N GLU G 40 -64.50 -15.82 21.63
CA GLU G 40 -64.35 -14.39 21.43
C GLU G 40 -62.91 -14.03 21.73
N VAL G 41 -62.25 -13.31 20.83
CA VAL G 41 -60.82 -13.11 21.03
C VAL G 41 -60.52 -11.61 21.03
N PHE G 42 -61.52 -10.82 20.65
CA PHE G 42 -61.34 -9.38 20.60
C PHE G 42 -62.71 -8.74 20.42
N ARG G 43 -62.77 -7.45 20.72
CA ARG G 43 -63.97 -6.65 20.81
C ARG G 43 -63.55 -5.19 20.76
N SER G 44 -63.96 -4.49 19.69
CA SER G 44 -63.62 -3.09 19.52
C SER G 44 -64.38 -2.25 20.54
N GLU G 45 -63.90 -1.02 20.71
CA GLU G 45 -64.61 0.01 21.46
C GLU G 45 -65.83 0.41 20.64
N VAL G 46 -66.75 1.13 21.30
CA VAL G 46 -67.99 1.55 20.67
C VAL G 46 -67.74 2.90 20.03
N VAL G 47 -67.98 3.02 18.72
CA VAL G 47 -67.94 4.32 18.08
C VAL G 47 -69.34 4.91 18.18
N LEU G 48 -69.44 6.16 18.63
CA LEU G 48 -70.74 6.74 18.92
C LEU G 48 -71.24 7.54 17.72
N ASN G 49 -72.45 7.21 17.28
CA ASN G 49 -73.18 8.04 16.34
C ASN G 49 -72.43 8.13 15.03
N SER G 50 -72.29 6.99 14.35
CA SER G 50 -71.59 6.91 13.07
C SER G 50 -72.13 5.72 12.29
N LEU G 51 -72.25 5.90 10.97
CA LEU G 51 -72.67 4.84 10.06
C LEU G 51 -71.45 4.29 9.31
N ALA G 52 -70.33 5.02 9.44
CA ALA G 52 -69.05 4.69 8.83
C ALA G 52 -67.96 4.80 9.89
N PRO G 53 -67.93 3.88 10.86
CA PRO G 53 -67.03 4.01 12.00
C PRO G 53 -65.64 3.51 11.60
N LYS G 54 -64.63 4.09 12.23
CA LYS G 54 -63.22 3.75 12.04
C LYS G 54 -62.68 3.46 13.44
N TRP G 55 -62.51 2.18 13.79
CA TRP G 55 -62.27 1.83 15.18
C TRP G 55 -60.81 2.08 15.52
N ILE G 56 -60.58 2.59 16.73
CA ILE G 56 -59.24 2.94 17.19
C ILE G 56 -58.53 1.68 17.69
N LYS G 57 -59.25 0.84 18.46
CA LYS G 57 -58.69 -0.32 19.13
C LYS G 57 -58.32 -1.39 18.09
N LYS G 58 -57.06 -1.87 18.15
CA LYS G 58 -56.56 -2.84 17.19
C LYS G 58 -56.47 -4.20 17.86
N PHE G 59 -56.58 -5.26 17.05
CA PHE G 59 -56.55 -6.64 17.54
C PHE G 59 -55.24 -7.30 17.06
N ILE G 60 -54.42 -7.71 18.02
CA ILE G 60 -53.16 -8.41 17.77
C ILE G 60 -53.43 -9.91 17.83
N VAL G 61 -53.34 -10.60 16.69
CA VAL G 61 -53.49 -12.05 16.68
C VAL G 61 -52.22 -12.69 16.13
N ALA G 62 -51.86 -13.84 16.69
CA ALA G 62 -50.72 -14.61 16.23
C ALA G 62 -51.05 -15.19 14.85
N TYR G 63 -50.04 -15.32 13.99
CA TYR G 63 -50.19 -15.92 12.69
C TYR G 63 -49.55 -17.30 12.70
N HIS G 64 -50.35 -18.29 12.31
CA HIS G 64 -49.92 -19.68 12.27
C HIS G 64 -50.08 -20.20 10.85
N PHE G 65 -48.97 -20.20 10.10
CA PHE G 65 -49.00 -20.57 8.69
C PHE G 65 -49.61 -21.94 8.49
N GLU G 66 -49.38 -22.83 9.46
CA GLU G 66 -49.72 -24.24 9.37
C GLU G 66 -51.18 -24.53 9.71
N THR G 67 -51.97 -23.51 10.07
CA THR G 67 -53.38 -23.81 10.28
C THR G 67 -54.22 -22.75 9.59
N VAL G 68 -55.40 -23.17 9.12
CA VAL G 68 -56.41 -22.21 8.68
C VAL G 68 -56.93 -21.50 9.91
N GLN G 69 -56.83 -20.17 9.95
CA GLN G 69 -57.42 -19.45 11.07
C GLN G 69 -58.69 -18.77 10.59
N THR G 70 -59.81 -19.48 10.67
CA THR G 70 -61.12 -18.95 10.36
C THR G 70 -61.45 -17.95 11.47
N LEU G 71 -61.89 -16.77 11.05
CA LEU G 71 -62.29 -15.72 11.96
C LEU G 71 -63.69 -15.27 11.55
N VAL G 72 -64.51 -14.95 12.57
CA VAL G 72 -65.88 -14.56 12.33
C VAL G 72 -66.07 -13.17 12.93
N PHE G 73 -66.55 -12.24 12.11
CA PHE G 73 -66.72 -10.86 12.55
C PHE G 73 -68.21 -10.58 12.73
N ARG G 74 -68.53 -9.86 13.79
CA ARG G 74 -69.92 -9.60 14.10
C ARG G 74 -70.02 -8.15 14.52
N VAL G 75 -70.90 -7.42 13.82
CA VAL G 75 -71.03 -6.00 14.07
C VAL G 75 -72.35 -5.79 14.80
N TYR G 76 -72.33 -4.94 15.83
CA TYR G 76 -73.51 -4.72 16.65
C TYR G 76 -73.77 -3.23 16.77
N ASP G 77 -75.05 -2.86 16.85
CA ASP G 77 -75.43 -1.48 17.13
C ASP G 77 -75.75 -1.39 18.61
N VAL G 78 -74.84 -0.79 19.37
CA VAL G 78 -75.00 -0.77 20.81
C VAL G 78 -76.07 0.24 21.21
N ASP G 79 -77.04 -0.24 21.99
CA ASP G 79 -78.11 0.57 22.55
C ASP G 79 -77.49 1.81 23.22
N THR G 80 -78.20 2.94 23.15
CA THR G 80 -77.64 4.20 23.60
C THR G 80 -77.64 4.27 25.13
N LYS G 81 -78.42 3.40 25.78
CA LYS G 81 -78.51 3.43 27.23
C LYS G 81 -77.19 2.97 27.84
N PHE G 82 -76.30 2.44 26.98
CA PHE G 82 -75.05 1.87 27.45
C PHE G 82 -73.84 2.75 27.16
N GLN G 83 -74.07 4.00 26.76
CA GLN G 83 -73.03 4.86 26.21
C GLN G 83 -71.81 4.98 27.13
N ASN G 84 -72.00 4.74 28.43
CA ASN G 84 -70.94 4.91 29.40
C ASN G 84 -70.36 3.56 29.83
N SER G 85 -70.88 2.45 29.30
CA SER G 85 -70.33 1.16 29.65
C SER G 85 -69.04 0.88 28.87
N ARG G 86 -68.08 0.24 29.56
CA ARG G 86 -66.92 -0.36 28.93
C ARG G 86 -67.46 -1.51 28.09
N GLU G 87 -66.90 -1.70 26.88
CA GLU G 87 -67.41 -2.69 25.95
C GLU G 87 -67.39 -4.09 26.54
N GLU G 88 -66.43 -4.35 27.44
CA GLU G 88 -66.26 -5.69 27.99
C GLU G 88 -67.55 -6.11 28.70
N MET G 89 -68.31 -5.13 29.19
CA MET G 89 -69.47 -5.35 30.05
C MET G 89 -70.78 -5.46 29.27
N LEU G 90 -70.74 -5.42 27.95
CA LEU G 90 -71.96 -5.40 27.15
C LEU G 90 -72.41 -6.82 26.88
N LYS G 91 -73.72 -7.07 27.04
CA LYS G 91 -74.30 -8.35 26.67
C LYS G 91 -74.82 -8.19 25.24
N LEU G 92 -74.46 -9.15 24.37
CA LEU G 92 -74.74 -8.91 22.97
C LEU G 92 -76.22 -9.12 22.67
N ASP G 93 -76.91 -9.91 23.51
CA ASP G 93 -78.34 -10.13 23.37
C ASP G 93 -79.09 -8.80 23.51
N GLU G 94 -78.45 -7.81 24.13
CA GLU G 94 -79.14 -6.58 24.50
C GLU G 94 -78.89 -5.51 23.43
N GLN G 95 -78.26 -5.88 22.31
CA GLN G 95 -77.86 -4.93 21.28
C GLN G 95 -78.39 -5.38 19.94
N GLN G 96 -78.32 -4.52 18.92
CA GLN G 96 -78.89 -4.83 17.63
C GLN G 96 -77.82 -5.48 16.73
N PHE G 97 -78.01 -6.76 16.40
CA PHE G 97 -77.09 -7.48 15.52
C PHE G 97 -77.25 -6.98 14.08
N LEU G 98 -76.25 -6.25 13.57
CA LEU G 98 -76.27 -5.70 12.24
C LEU G 98 -75.92 -6.77 11.20
N GLY G 99 -74.85 -7.54 11.46
CA GLY G 99 -74.50 -8.57 10.50
C GLY G 99 -73.12 -9.18 10.76
N GLU G 100 -72.81 -10.19 9.96
CA GLU G 100 -71.75 -11.15 10.22
C GLU G 100 -70.99 -11.43 8.92
N ALA G 101 -69.67 -11.59 9.02
CA ALA G 101 -68.84 -12.04 7.92
C ALA G 101 -67.74 -12.94 8.47
N THR G 102 -67.13 -13.69 7.55
CA THR G 102 -66.16 -14.73 7.88
C THR G 102 -65.04 -14.70 6.85
N CYS G 103 -63.81 -14.95 7.31
CA CYS G 103 -62.78 -15.34 6.37
C CYS G 103 -61.60 -15.89 7.13
N ALA G 104 -60.66 -16.48 6.38
CA ALA G 104 -59.41 -16.92 6.97
C ALA G 104 -58.46 -15.73 7.03
N LEU G 105 -57.55 -15.77 8.01
CA LEU G 105 -56.50 -14.78 8.12
C LEU G 105 -55.64 -14.83 6.85
N SER G 106 -55.46 -16.02 6.30
CA SER G 106 -54.69 -16.28 5.08
C SER G 106 -55.18 -15.38 3.94
N GLU G 107 -56.49 -15.10 3.92
CA GLU G 107 -57.11 -14.37 2.84
C GLU G 107 -56.80 -12.88 2.93
N ILE G 108 -56.44 -12.39 4.13
CA ILE G 108 -56.26 -10.96 4.31
C ILE G 108 -54.79 -10.60 4.06
N ILE G 109 -53.87 -11.41 4.59
CA ILE G 109 -52.45 -11.07 4.53
C ILE G 109 -51.84 -11.45 3.18
N THR G 110 -52.62 -12.08 2.28
CA THR G 110 -52.10 -12.38 0.96
C THR G 110 -52.63 -11.41 -0.08
N LYS G 111 -53.39 -10.40 0.36
CA LYS G 111 -53.80 -9.37 -0.57
C LYS G 111 -52.65 -8.36 -0.67
N SER G 112 -52.53 -7.73 -1.85
CA SER G 112 -51.47 -6.77 -2.10
C SER G 112 -51.57 -5.62 -1.11
N THR G 113 -52.81 -5.13 -0.90
CA THR G 113 -53.08 -3.97 -0.07
C THR G 113 -53.28 -4.38 1.39
N ARG G 114 -53.22 -5.70 1.66
CA ARG G 114 -53.40 -6.23 3.00
C ARG G 114 -54.77 -5.79 3.58
N THR G 115 -55.73 -5.47 2.71
CA THR G 115 -57.07 -5.06 3.14
C THR G 115 -58.13 -5.93 2.46
N SER G 116 -59.04 -6.48 3.28
CA SER G 116 -60.22 -7.13 2.74
C SER G 116 -61.46 -6.28 3.07
N THR G 117 -62.47 -6.39 2.21
CA THR G 117 -63.78 -5.81 2.44
C THR G 117 -64.81 -6.93 2.42
N LEU G 118 -65.53 -7.14 3.53
CA LEU G 118 -66.47 -8.26 3.54
C LEU G 118 -67.89 -7.74 3.73
N GLU G 119 -68.82 -8.35 2.99
CA GLU G 119 -70.22 -7.99 3.11
C GLU G 119 -70.78 -8.63 4.38
N LEU G 120 -71.34 -7.80 5.25
CA LEU G 120 -72.02 -8.31 6.43
C LEU G 120 -73.37 -8.86 6.00
N LYS G 121 -73.64 -10.11 6.36
CA LYS G 121 -74.89 -10.77 6.00
C LYS G 121 -75.59 -11.24 7.27
N ARG G 122 -76.93 -11.28 7.19
CA ARG G 122 -77.82 -11.44 8.32
C ARG G 122 -78.75 -12.61 7.99
N HIS G 133 -78.69 -4.95 2.15
CA HIS G 133 -77.35 -4.90 2.76
C HIS G 133 -77.48 -4.82 4.28
N HIS G 134 -76.44 -5.29 4.96
CA HIS G 134 -76.17 -4.81 6.30
C HIS G 134 -74.84 -4.06 6.38
N GLY G 135 -74.19 -3.87 5.23
CA GLY G 135 -73.02 -3.03 5.12
C GLY G 135 -71.76 -3.79 4.78
N LYS G 136 -70.61 -3.13 4.84
CA LYS G 136 -69.31 -3.73 4.53
C LYS G 136 -68.36 -3.52 5.70
N LEU G 137 -67.60 -4.57 6.03
CA LEU G 137 -66.57 -4.48 7.06
C LEU G 137 -65.19 -4.57 6.41
N ILE G 138 -64.29 -3.66 6.84
CA ILE G 138 -63.04 -3.42 6.14
C ILE G 138 -61.89 -3.64 7.10
N ILE G 139 -61.09 -4.66 6.80
CA ILE G 139 -60.10 -5.19 7.74
C ILE G 139 -58.72 -4.97 7.15
N HIS G 140 -57.89 -4.25 7.89
CA HIS G 140 -56.51 -4.01 7.48
C HIS G 140 -55.59 -4.83 8.39
N ALA G 141 -54.65 -5.56 7.78
CA ALA G 141 -53.68 -6.34 8.52
C ALA G 141 -52.27 -5.81 8.30
N GLU G 142 -51.53 -5.65 9.40
CA GLU G 142 -50.17 -5.14 9.39
C GLU G 142 -49.33 -6.00 10.34
N GLU G 143 -48.24 -6.59 9.81
CA GLU G 143 -47.36 -7.35 10.67
C GLU G 143 -46.74 -6.38 11.67
N SER G 144 -46.69 -6.78 12.95
CA SER G 144 -46.25 -5.83 13.98
C SER G 144 -44.73 -5.69 13.94
N LEU G 145 -44.27 -4.45 14.01
CA LEU G 145 -42.87 -4.12 13.78
C LEU G 145 -41.95 -4.91 14.72
N ALA G 146 -42.30 -4.99 16.01
CA ALA G 146 -41.42 -5.63 16.97
C ALA G 146 -41.11 -7.07 16.56
N SER G 147 -42.08 -7.74 15.93
CA SER G 147 -41.92 -9.15 15.63
C SER G 147 -41.09 -9.35 14.35
N LYS G 148 -40.65 -8.26 13.72
CA LYS G 148 -39.83 -8.40 12.52
C LYS G 148 -38.35 -8.19 12.84
N ILE G 149 -38.05 -7.87 14.10
CA ILE G 149 -36.70 -7.48 14.52
C ILE G 149 -35.95 -8.73 15.00
N SER G 150 -34.78 -8.95 14.40
CA SER G 150 -33.81 -9.88 14.94
C SER G 150 -32.54 -9.14 15.35
N THR G 151 -31.97 -9.63 16.46
CA THR G 151 -30.95 -8.95 17.24
C THR G 151 -29.67 -9.77 17.19
N GLU G 152 -28.64 -9.26 16.51
CA GLU G 152 -27.32 -9.92 16.57
C GLU G 152 -26.62 -9.55 17.87
N ILE G 153 -26.05 -10.55 18.56
CA ILE G 153 -25.34 -10.34 19.81
C ILE G 153 -23.97 -11.00 19.74
N VAL G 154 -22.93 -10.30 20.26
CA VAL G 154 -21.64 -10.93 20.48
C VAL G 154 -21.38 -10.96 21.97
N PHE G 155 -21.32 -12.18 22.52
CA PHE G 155 -20.96 -12.36 23.92
C PHE G 155 -19.46 -12.56 24.08
N ARG G 156 -18.97 -12.15 25.25
CA ARG G 156 -17.60 -12.37 25.68
C ARG G 156 -17.65 -12.63 27.18
N CYS G 157 -16.85 -13.59 27.65
CA CYS G 157 -16.68 -13.84 29.08
C CYS G 157 -15.26 -13.51 29.53
N SER G 158 -15.10 -13.51 30.85
CA SER G 158 -13.94 -12.97 31.51
C SER G 158 -13.69 -13.83 32.75
N ASN G 159 -12.53 -14.50 32.76
CA ASN G 159 -12.07 -15.33 33.88
C ASN G 159 -13.07 -16.42 34.21
N LEU G 160 -13.23 -17.36 33.27
CA LEU G 160 -14.00 -18.57 33.52
C LEU G 160 -13.08 -19.52 34.29
N GLU G 161 -13.66 -20.25 35.26
CA GLU G 161 -12.87 -21.00 36.23
C GLU G 161 -13.20 -22.50 36.18
N SER G 162 -12.17 -23.28 35.85
CA SER G 162 -12.24 -24.72 35.76
C SER G 162 -12.45 -25.30 37.15
N LYS G 163 -13.16 -26.44 37.23
CA LYS G 163 -13.27 -27.18 38.48
C LYS G 163 -11.93 -27.84 38.79
N ASP G 164 -11.21 -28.25 37.73
CA ASP G 164 -9.87 -28.79 37.82
C ASP G 164 -8.89 -27.69 38.27
N LYS G 168 -8.91 -26.69 31.68
CA LYS G 168 -9.54 -27.47 30.59
C LYS G 168 -10.89 -26.83 30.25
N SER G 169 -10.98 -25.51 30.45
CA SER G 169 -12.24 -24.83 30.24
C SER G 169 -12.35 -24.71 28.72
N ASP G 170 -13.26 -25.52 28.17
CA ASP G 170 -13.61 -25.45 26.76
C ASP G 170 -15.06 -24.99 26.68
N PRO G 171 -15.31 -23.66 26.70
CA PRO G 171 -16.62 -23.12 27.04
C PRO G 171 -17.51 -22.79 25.84
N PHE G 172 -18.83 -22.95 26.06
CA PHE G 172 -19.86 -22.53 25.13
C PHE G 172 -21.04 -21.97 25.91
N LEU G 173 -21.95 -21.29 25.20
CA LEU G 173 -23.12 -20.63 25.78
C LEU G 173 -24.39 -21.24 25.21
N VAL G 174 -25.39 -21.40 26.10
CA VAL G 174 -26.72 -21.83 25.71
C VAL G 174 -27.69 -20.76 26.18
N VAL G 175 -28.49 -20.21 25.25
CA VAL G 175 -29.51 -19.23 25.56
C VAL G 175 -30.88 -19.93 25.54
N SER G 176 -31.61 -19.83 26.65
CA SER G 176 -32.83 -20.61 26.84
C SER G 176 -33.98 -19.68 27.23
N LYS G 177 -35.10 -19.81 26.49
CA LYS G 177 -36.35 -19.19 26.85
C LYS G 177 -36.86 -19.83 28.14
N ILE G 178 -37.55 -19.04 28.97
CA ILE G 178 -38.13 -19.51 30.22
C ILE G 178 -39.59 -19.88 29.97
N VAL G 179 -39.96 -21.11 30.37
CA VAL G 179 -41.34 -21.57 30.39
C VAL G 179 -41.82 -21.43 31.83
N GLU G 180 -43.14 -21.41 32.04
CA GLU G 180 -43.70 -21.18 33.36
C GLU G 180 -44.02 -22.50 34.06
N HIS G 181 -43.14 -22.85 35.01
CA HIS G 181 -43.16 -24.02 35.87
C HIS G 181 -42.75 -25.29 35.13
N GLY G 182 -42.07 -25.07 34.00
CA GLY G 182 -41.56 -26.16 33.16
C GLY G 182 -40.16 -25.88 32.59
N THR G 183 -39.50 -26.96 32.15
CA THR G 183 -38.10 -26.96 31.76
C THR G 183 -37.83 -25.97 30.62
N PRO G 184 -36.77 -25.14 30.75
CA PRO G 184 -36.43 -24.12 29.74
C PRO G 184 -36.03 -24.69 28.39
N ILE G 185 -36.46 -24.01 27.31
CA ILE G 185 -36.26 -24.47 25.95
C ILE G 185 -35.02 -23.77 25.38
N PRO G 186 -33.89 -24.49 25.22
CA PRO G 186 -32.75 -23.97 24.45
C PRO G 186 -33.19 -23.31 23.15
N VAL G 187 -32.67 -22.10 22.90
CA VAL G 187 -33.08 -21.27 21.78
C VAL G 187 -31.84 -20.95 20.93
N SER G 188 -30.68 -20.86 21.58
CA SER G 188 -29.44 -20.61 20.86
C SER G 188 -28.25 -21.20 21.62
N LYS G 189 -27.18 -21.40 20.84
CA LYS G 189 -25.98 -22.09 21.30
C LYS G 189 -24.81 -21.49 20.54
N THR G 190 -23.71 -21.22 21.27
CA THR G 190 -22.50 -20.73 20.65
C THR G 190 -21.62 -21.92 20.31
N GLU G 191 -20.60 -21.69 19.48
CA GLU G 191 -19.61 -22.73 19.20
C GLU G 191 -18.82 -22.99 20.48
N VAL G 192 -18.08 -24.12 20.50
CA VAL G 192 -17.21 -24.46 21.61
C VAL G 192 -15.81 -23.91 21.30
N ARG G 193 -15.17 -23.30 22.30
CA ARG G 193 -13.83 -22.77 22.15
C ARG G 193 -12.88 -23.57 23.03
N LYS G 194 -11.67 -23.85 22.52
CA LYS G 194 -10.72 -24.74 23.18
C LYS G 194 -9.78 -23.92 24.06
N ASN G 195 -9.61 -24.36 25.31
CA ASN G 195 -8.66 -23.77 26.25
C ASN G 195 -8.73 -22.25 26.22
N ASP G 196 -9.91 -21.71 26.60
CA ASP G 196 -10.12 -20.28 26.62
C ASP G 196 -10.81 -19.93 27.94
N LEU G 197 -10.21 -18.99 28.67
CA LEU G 197 -10.69 -18.53 29.97
C LEU G 197 -11.39 -17.18 29.80
N ASN G 198 -11.26 -16.60 28.60
CA ASN G 198 -11.84 -15.30 28.27
C ASN G 198 -12.40 -15.36 26.85
N PRO G 199 -13.41 -16.23 26.62
CA PRO G 199 -13.87 -16.49 25.25
C PRO G 199 -14.62 -15.28 24.65
N ILE G 200 -14.42 -15.07 23.35
CA ILE G 200 -15.24 -14.19 22.54
C ILE G 200 -15.81 -15.03 21.41
N TRP G 201 -17.09 -15.41 21.56
CA TRP G 201 -17.76 -16.29 20.61
C TRP G 201 -18.14 -15.53 19.34
N LYS G 202 -18.50 -16.29 18.32
CA LYS G 202 -19.08 -15.75 17.10
C LYS G 202 -20.49 -15.24 17.40
N PRO G 203 -21.08 -14.40 16.52
CA PRO G 203 -22.37 -13.77 16.81
C PRO G 203 -23.49 -14.80 16.81
N VAL G 204 -24.38 -14.68 17.78
CA VAL G 204 -25.64 -15.41 17.73
C VAL G 204 -26.73 -14.40 17.41
N PHE G 205 -27.80 -14.86 16.75
CA PHE G 205 -28.92 -14.02 16.33
C PHE G 205 -30.20 -14.49 17.03
N LEU G 206 -30.97 -13.53 17.56
CA LEU G 206 -32.21 -13.88 18.22
C LEU G 206 -33.36 -13.00 17.72
N SER G 207 -34.37 -13.68 17.17
CA SER G 207 -35.64 -13.07 16.83
C SER G 207 -36.48 -12.94 18.11
N VAL G 208 -37.50 -12.08 18.06
CA VAL G 208 -38.30 -11.74 19.22
C VAL G 208 -39.13 -12.94 19.63
N GLN G 209 -39.53 -13.75 18.64
CA GLN G 209 -40.39 -14.91 18.84
C GLN G 209 -39.62 -16.01 19.57
N GLN G 210 -38.29 -16.02 19.42
CA GLN G 210 -37.43 -16.99 20.10
C GLN G 210 -37.37 -16.68 21.59
N VAL G 211 -37.49 -15.39 21.93
CA VAL G 211 -37.28 -14.90 23.29
C VAL G 211 -38.62 -14.62 23.97
N GLY G 212 -39.64 -14.26 23.17
CA GLY G 212 -40.90 -13.76 23.68
C GLY G 212 -41.05 -12.27 23.37
N SER G 213 -40.64 -11.43 24.34
CA SER G 213 -40.51 -10.01 24.10
C SER G 213 -39.11 -9.54 24.51
N LYS G 214 -38.78 -8.30 24.14
CA LYS G 214 -37.48 -7.72 24.40
C LYS G 214 -37.28 -7.53 25.91
N ASP G 215 -38.38 -7.55 26.68
CA ASP G 215 -38.28 -7.33 28.12
C ASP G 215 -38.43 -8.65 28.89
N SER G 216 -38.55 -9.77 28.15
CA SER G 216 -38.68 -11.10 28.71
C SER G 216 -37.31 -11.65 29.11
N PRO G 217 -37.07 -11.96 30.41
CA PRO G 217 -35.81 -12.56 30.85
C PRO G 217 -35.58 -13.94 30.24
N VAL G 218 -34.33 -14.17 29.79
CA VAL G 218 -33.87 -15.45 29.27
C VAL G 218 -32.79 -15.98 30.20
N ILE G 219 -32.41 -17.25 30.02
CA ILE G 219 -31.33 -17.84 30.78
C ILE G 219 -30.10 -17.96 29.89
N ILE G 220 -28.95 -17.54 30.42
CA ILE G 220 -27.69 -17.74 29.73
C ILE G 220 -26.79 -18.60 30.61
N GLU G 221 -26.50 -19.81 30.12
CA GLU G 221 -25.63 -20.76 30.82
C GLU G 221 -24.32 -20.88 30.06
N CYS G 222 -23.21 -20.71 30.78
CA CYS G 222 -21.89 -21.03 30.28
C CYS G 222 -21.54 -22.44 30.77
N SER G 223 -21.08 -23.28 29.82
CA SER G 223 -20.81 -24.67 30.12
C SER G 223 -19.45 -25.08 29.56
N ASP G 224 -18.86 -26.09 30.21
CA ASP G 224 -17.59 -26.68 29.82
C ASP G 224 -17.89 -27.96 29.04
N PHE G 225 -17.35 -28.03 27.81
CA PHE G 225 -17.67 -29.10 26.88
C PHE G 225 -16.88 -30.36 27.23
N ASN G 226 -17.56 -31.51 27.16
CA ASN G 226 -16.98 -32.83 27.39
C ASN G 226 -17.49 -33.75 26.29
N SER G 227 -16.56 -34.35 25.53
CA SER G 227 -16.92 -35.18 24.38
C SER G 227 -17.83 -36.33 24.81
N ASN G 228 -17.72 -36.74 26.07
CA ASN G 228 -18.52 -37.81 26.64
C ASN G 228 -19.99 -37.40 26.71
N GLY G 229 -20.29 -36.13 26.40
CA GLY G 229 -21.67 -35.67 26.29
C GLY G 229 -22.23 -35.04 27.57
N LYS G 230 -21.55 -35.26 28.71
CA LYS G 230 -22.00 -34.66 29.96
C LYS G 230 -21.18 -33.41 30.27
N HIS G 231 -21.75 -32.24 29.93
CA HIS G 231 -21.08 -30.96 30.09
C HIS G 231 -21.36 -30.37 31.47
N SER G 232 -20.37 -29.66 32.02
CA SER G 232 -20.45 -29.14 33.38
C SER G 232 -20.71 -27.64 33.34
N LEU G 233 -21.69 -27.21 34.15
CA LEU G 233 -22.09 -25.82 34.25
C LEU G 233 -20.94 -25.00 34.86
N ILE G 234 -20.61 -23.87 34.22
CA ILE G 234 -19.56 -22.98 34.68
C ILE G 234 -20.22 -21.83 35.45
N GLY G 235 -21.30 -21.31 34.88
CA GLY G 235 -22.05 -20.20 35.46
C GLY G 235 -23.32 -19.90 34.66
N LYS G 236 -24.15 -19.03 35.22
CA LYS G 236 -25.48 -18.78 34.70
C LYS G 236 -25.90 -17.37 35.14
N VAL G 237 -26.51 -16.63 34.21
CA VAL G 237 -27.17 -15.38 34.53
C VAL G 237 -28.55 -15.39 33.89
N GLN G 238 -29.43 -14.50 34.38
CA GLN G 238 -30.78 -14.39 33.88
C GLN G 238 -31.08 -12.91 33.63
N LYS G 239 -31.33 -12.57 32.36
CA LYS G 239 -31.46 -11.19 31.93
C LYS G 239 -32.33 -11.13 30.67
N SER G 240 -33.02 -10.00 30.46
CA SER G 240 -33.79 -9.80 29.25
C SER G 240 -32.89 -9.27 28.13
N LEU G 241 -33.42 -9.28 26.90
CA LEU G 241 -32.67 -8.81 25.74
C LEU G 241 -32.49 -7.29 25.84
N SER G 242 -33.40 -6.65 26.58
CA SER G 242 -33.33 -5.21 26.86
C SER G 242 -32.19 -4.95 27.84
N ASP G 243 -32.15 -5.76 28.90
CA ASP G 243 -31.11 -5.72 29.92
C ASP G 243 -29.72 -5.84 29.30
N LEU G 244 -29.60 -6.69 28.27
CA LEU G 244 -28.31 -6.94 27.64
C LEU G 244 -27.87 -5.68 26.90
N GLU G 245 -28.84 -4.98 26.31
CA GLU G 245 -28.56 -3.79 25.51
C GLU G 245 -27.97 -2.71 26.41
N LYS G 246 -28.55 -2.56 27.59
CA LYS G 246 -28.10 -1.56 28.55
C LYS G 246 -26.66 -1.89 28.97
N LEU G 247 -26.37 -3.17 29.24
CA LEU G 247 -25.02 -3.62 29.51
C LEU G 247 -24.09 -3.25 28.35
N HIS G 248 -24.52 -3.55 27.12
CA HIS G 248 -23.68 -3.26 25.97
C HIS G 248 -23.30 -1.78 25.95
N LEU G 249 -24.30 -0.90 26.13
CA LEU G 249 -24.11 0.52 25.93
C LEU G 249 -23.17 1.05 27.02
N ALA G 250 -23.40 0.57 28.25
CA ALA G 250 -22.67 1.00 29.43
C ALA G 250 -21.24 0.47 29.43
N GLY G 251 -21.01 -0.65 28.75
CA GLY G 251 -19.71 -1.31 28.72
C GLY G 251 -19.50 -2.19 29.94
N GLN G 252 -20.57 -2.37 30.74
CA GLN G 252 -20.50 -3.16 31.96
C GLN G 252 -20.78 -4.63 31.66
N GLY G 253 -20.10 -5.49 32.44
CA GLY G 253 -20.35 -6.92 32.51
C GLY G 253 -21.23 -7.25 33.71
N ILE G 254 -21.64 -8.52 33.79
CA ILE G 254 -22.48 -8.98 34.89
C ILE G 254 -21.87 -10.30 35.38
N ASN G 255 -21.78 -10.45 36.71
CA ASN G 255 -21.21 -11.63 37.33
C ASN G 255 -22.14 -12.83 37.13
N PHE G 256 -21.54 -13.99 36.85
CA PHE G 256 -22.23 -15.26 36.76
C PHE G 256 -22.52 -15.80 38.16
N SER G 257 -23.45 -16.77 38.24
CA SER G 257 -23.84 -17.42 39.48
C SER G 257 -23.93 -18.94 39.27
N LEU G 258 -23.62 -19.69 40.33
CA LEU G 258 -23.89 -21.12 40.43
C LEU G 258 -24.94 -21.35 41.52
N PRO G 259 -25.87 -22.33 41.38
CA PRO G 259 -26.84 -22.59 42.43
C PRO G 259 -26.24 -23.25 43.66
N THR G 260 -26.70 -22.86 44.85
CA THR G 260 -26.46 -23.50 46.12
C THR G 260 -27.62 -23.04 47.01
N GLY G 261 -27.96 -21.75 46.87
CA GLY G 261 -28.96 -21.09 47.70
C GLY G 261 -28.38 -20.62 49.02
N ALA G 262 -27.67 -19.47 48.99
CA ALA G 262 -27.27 -18.75 50.20
C ALA G 262 -28.27 -17.65 50.48
N GLY G 263 -28.48 -16.78 49.48
CA GLY G 263 -29.62 -15.86 49.42
C GLY G 263 -30.30 -15.86 48.04
N GLN G 264 -29.49 -16.14 47.01
CA GLN G 264 -29.97 -16.49 45.67
C GLN G 264 -29.16 -17.73 45.28
N ASN G 265 -27.95 -17.50 44.76
CA ASN G 265 -26.97 -18.54 44.49
C ASN G 265 -25.63 -18.08 45.05
N LYS G 266 -24.53 -18.43 44.36
CA LYS G 266 -23.20 -17.95 44.67
C LYS G 266 -22.67 -17.17 43.47
N VAL G 267 -22.32 -15.90 43.72
CA VAL G 267 -21.80 -15.00 42.70
C VAL G 267 -20.33 -15.32 42.46
N LEU G 268 -19.99 -15.58 41.19
CA LEU G 268 -18.64 -15.94 40.78
C LEU G 268 -17.85 -14.67 40.44
N LYS G 269 -16.52 -14.81 40.35
CA LYS G 269 -15.63 -13.76 39.88
C LYS G 269 -15.83 -13.56 38.36
N SER G 270 -16.16 -14.66 37.66
CA SER G 270 -16.35 -14.66 36.22
C SER G 270 -17.51 -13.76 35.81
N GLN G 271 -17.36 -13.13 34.64
CA GLN G 271 -18.32 -12.15 34.17
C GLN G 271 -18.69 -12.39 32.73
N LEU G 272 -19.87 -11.88 32.35
CA LEU G 272 -20.38 -11.90 30.99
C LEU G 272 -20.40 -10.49 30.44
N PHE G 273 -20.21 -10.37 29.13
CA PHE G 273 -20.12 -9.09 28.47
C PHE G 273 -20.86 -9.17 27.14
N VAL G 274 -21.38 -8.02 26.69
CA VAL G 274 -22.06 -7.95 25.41
C VAL G 274 -21.29 -6.96 24.53
N ASP G 275 -20.30 -7.50 23.79
CA ASP G 275 -19.42 -6.68 22.97
C ASP G 275 -20.19 -5.99 21.83
N LYS G 276 -21.17 -6.70 21.25
CA LYS G 276 -21.97 -6.16 20.15
C LYS G 276 -23.43 -6.53 20.34
N PHE G 277 -24.33 -5.73 19.74
CA PHE G 277 -25.76 -5.88 19.93
C PHE G 277 -26.51 -4.98 18.96
N THR G 278 -27.00 -5.53 17.84
CA THR G 278 -27.52 -4.75 16.72
C THR G 278 -28.86 -5.34 16.25
N GLU G 279 -29.91 -4.53 16.38
CA GLU G 279 -31.21 -4.84 15.84
C GLU G 279 -31.20 -4.63 14.33
N THR G 280 -31.71 -5.62 13.60
CA THR G 280 -32.07 -5.47 12.19
C THR G 280 -33.54 -5.82 11.93
N VAL G 281 -34.13 -5.17 10.93
CA VAL G 281 -35.48 -5.50 10.50
C VAL G 281 -35.40 -6.51 9.36
N HIS G 282 -35.79 -7.76 9.59
CA HIS G 282 -35.81 -8.76 8.53
C HIS G 282 -37.00 -8.58 7.59
N HIS G 283 -36.80 -8.72 6.28
CA HIS G 283 -37.88 -9.05 5.38
C HIS G 283 -38.43 -10.43 5.72
N THR G 284 -39.69 -10.46 6.17
CA THR G 284 -40.28 -11.67 6.70
C THR G 284 -41.14 -12.39 5.66
N PHE G 285 -41.51 -13.63 5.98
CA PHE G 285 -42.45 -14.38 5.16
C PHE G 285 -43.59 -13.45 4.75
N LEU G 286 -44.28 -12.86 5.75
CA LEU G 286 -45.45 -12.04 5.49
C LEU G 286 -45.13 -10.89 4.54
N GLU G 287 -43.90 -10.36 4.61
CA GLU G 287 -43.50 -9.29 3.71
C GLU G 287 -43.60 -9.81 2.29
N TYR G 288 -43.10 -11.03 2.05
CA TYR G 288 -43.11 -11.60 0.70
C TYR G 288 -44.53 -11.86 0.20
N LEU G 289 -45.41 -12.38 1.07
CA LEU G 289 -46.78 -12.69 0.66
C LEU G 289 -47.49 -11.41 0.22
N ALA G 290 -47.19 -10.30 0.90
CA ALA G 290 -47.82 -9.02 0.62
C ALA G 290 -47.23 -8.40 -0.65
N SER G 291 -46.14 -8.99 -1.16
CA SER G 291 -45.51 -8.51 -2.38
C SER G 291 -45.89 -9.41 -3.56
N GLY G 292 -46.98 -10.18 -3.39
CA GLY G 292 -47.54 -11.00 -4.45
C GLY G 292 -46.71 -12.25 -4.78
N PHE G 293 -46.17 -12.91 -3.74
CA PHE G 293 -45.50 -14.19 -3.90
C PHE G 293 -46.47 -15.27 -3.45
N GLU G 294 -46.48 -16.39 -4.19
CA GLU G 294 -47.49 -17.41 -3.95
C GLU G 294 -46.82 -18.74 -3.60
N LEU G 295 -47.58 -19.58 -2.90
CA LEU G 295 -47.20 -20.95 -2.66
C LEU G 295 -48.12 -21.85 -3.47
N ASN G 296 -47.51 -22.56 -4.43
CA ASN G 296 -48.30 -23.35 -5.36
C ASN G 296 -48.18 -24.84 -4.99
N PHE G 297 -49.32 -25.43 -4.63
CA PHE G 297 -49.43 -26.79 -4.15
C PHE G 297 -49.40 -27.75 -5.34
N MET G 298 -48.62 -28.84 -5.17
CA MET G 298 -48.52 -29.93 -6.13
C MET G 298 -48.74 -31.20 -5.35
N VAL G 299 -49.19 -32.26 -6.06
CA VAL G 299 -49.44 -33.52 -5.37
C VAL G 299 -48.98 -34.69 -6.24
N ALA G 300 -48.45 -35.73 -5.61
CA ALA G 300 -48.09 -36.97 -6.31
C ALA G 300 -48.44 -38.14 -5.40
N ILE G 301 -49.10 -39.16 -5.99
CA ILE G 301 -49.77 -40.21 -5.23
C ILE G 301 -49.29 -41.57 -5.71
N ASP G 302 -48.77 -42.38 -4.75
CA ASP G 302 -48.34 -43.75 -4.98
C ASP G 302 -49.56 -44.56 -5.42
N PHE G 303 -49.47 -45.11 -6.65
CA PHE G 303 -50.46 -46.04 -7.18
C PHE G 303 -49.84 -47.44 -7.32
N THR G 304 -48.83 -47.76 -6.51
CA THR G 304 -48.22 -49.08 -6.52
C THR G 304 -49.19 -50.08 -5.89
N ALA G 305 -49.14 -51.31 -6.39
CA ALA G 305 -49.97 -52.41 -5.91
C ALA G 305 -49.71 -52.68 -4.43
N SER G 306 -48.52 -52.25 -3.94
CA SER G 306 -48.24 -52.27 -2.51
C SER G 306 -49.57 -52.08 -1.74
N ASN G 307 -50.47 -51.25 -2.30
CA ASN G 307 -51.61 -50.63 -1.64
C ASN G 307 -52.82 -51.57 -1.56
N GLY G 308 -52.96 -52.48 -2.51
CA GLY G 308 -54.10 -53.38 -2.55
C GLY G 308 -55.22 -52.80 -3.41
N ASN G 309 -56.00 -53.68 -4.06
CA ASN G 309 -57.03 -53.21 -4.97
C ASN G 309 -57.99 -52.24 -4.30
N PRO G 310 -58.21 -51.06 -4.89
CA PRO G 310 -59.22 -50.11 -4.45
C PRO G 310 -60.57 -50.71 -4.06
N ARG G 311 -60.91 -51.89 -4.57
CA ARG G 311 -62.27 -52.39 -4.35
C ARG G 311 -62.32 -53.19 -3.05
N LEU G 312 -61.17 -53.28 -2.36
CA LEU G 312 -60.99 -54.13 -1.18
C LEU G 312 -61.04 -53.27 0.07
N PRO G 313 -61.95 -53.59 1.03
CA PRO G 313 -62.10 -52.79 2.25
C PRO G 313 -60.82 -52.44 2.98
N ASP G 314 -59.80 -53.30 2.88
CA ASP G 314 -58.55 -53.09 3.60
C ASP G 314 -57.47 -52.55 2.66
N SER G 315 -57.87 -52.11 1.47
CA SER G 315 -56.92 -51.41 0.61
C SER G 315 -56.71 -50.00 1.14
N LEU G 316 -55.47 -49.53 1.07
CA LEU G 316 -55.15 -48.16 1.48
C LEU G 316 -55.87 -47.17 0.57
N HIS G 317 -56.38 -47.62 -0.60
CA HIS G 317 -57.01 -46.71 -1.54
C HIS G 317 -58.53 -46.90 -1.53
N TYR G 318 -59.01 -47.70 -0.55
CA TYR G 318 -60.41 -48.04 -0.48
C TYR G 318 -61.24 -46.76 -0.42
N ILE G 319 -62.21 -46.64 -1.34
CA ILE G 319 -63.15 -45.53 -1.38
C ILE G 319 -64.42 -45.95 -0.65
N ASP G 320 -64.52 -45.58 0.63
CA ASP G 320 -65.61 -46.02 1.49
C ASP G 320 -66.93 -45.51 0.93
N PRO G 321 -67.99 -46.36 0.83
CA PRO G 321 -69.28 -45.92 0.32
C PRO G 321 -69.91 -44.87 1.23
N SER G 322 -69.58 -44.95 2.52
CA SER G 322 -70.09 -44.05 3.55
C SER G 322 -69.52 -42.64 3.37
N GLY G 323 -68.46 -42.51 2.56
CA GLY G 323 -67.85 -41.22 2.24
C GLY G 323 -66.67 -40.88 3.15
N ARG G 324 -66.27 -41.82 4.04
CA ARG G 324 -65.09 -41.68 4.88
C ARG G 324 -63.84 -41.62 4.00
N LEU G 325 -62.99 -40.63 4.25
CA LEU G 325 -61.75 -40.44 3.51
C LEU G 325 -60.71 -41.47 3.93
N ASN G 326 -59.98 -42.01 2.95
CA ASN G 326 -58.85 -42.87 3.27
C ASN G 326 -57.64 -42.00 3.55
N ALA G 327 -56.50 -42.64 3.84
CA ALA G 327 -55.29 -41.92 4.23
C ALA G 327 -54.85 -40.97 3.12
N TYR G 328 -54.99 -41.38 1.85
CA TYR G 328 -54.52 -40.50 0.79
C TYR G 328 -55.42 -39.28 0.71
N GLN G 329 -56.72 -39.50 0.90
CA GLN G 329 -57.67 -38.40 0.91
C GLN G 329 -57.45 -37.47 2.12
N ARG G 330 -57.25 -38.06 3.30
CA ARG G 330 -56.98 -37.29 4.50
C ARG G 330 -55.76 -36.40 4.29
N ALA G 331 -54.64 -36.99 3.85
CA ALA G 331 -53.41 -36.21 3.75
C ALA G 331 -53.56 -35.13 2.69
N ILE G 332 -54.25 -35.44 1.59
CA ILE G 332 -54.42 -34.39 0.58
C ILE G 332 -55.19 -33.21 1.19
N MET G 333 -56.31 -33.50 1.88
CA MET G 333 -57.11 -32.44 2.47
C MET G 333 -56.32 -31.70 3.57
N ASP G 334 -55.79 -32.46 4.54
CA ASP G 334 -55.01 -31.88 5.62
C ASP G 334 -54.02 -30.84 5.11
N VAL G 335 -53.42 -31.07 3.93
CA VAL G 335 -52.38 -30.19 3.44
C VAL G 335 -52.99 -29.16 2.49
N GLY G 336 -53.72 -29.62 1.48
CA GLY G 336 -54.31 -28.73 0.48
C GLY G 336 -55.18 -27.63 1.10
N GLU G 337 -55.99 -28.03 2.09
CA GLU G 337 -56.96 -27.16 2.72
C GLU G 337 -56.26 -25.88 3.20
N VAL G 338 -54.98 -25.99 3.52
CA VAL G 338 -54.18 -24.89 4.05
C VAL G 338 -53.49 -24.14 2.92
N LEU G 339 -52.84 -24.90 2.02
CA LEU G 339 -51.95 -24.26 1.05
C LEU G 339 -52.76 -23.66 -0.09
N GLN G 340 -54.07 -23.95 -0.14
CA GLN G 340 -54.89 -23.52 -1.26
C GLN G 340 -55.08 -22.01 -1.16
N PHE G 341 -54.90 -21.45 0.04
CA PHE G 341 -55.13 -20.03 0.24
C PHE G 341 -53.94 -19.19 -0.20
N TYR G 342 -52.83 -19.84 -0.61
CA TYR G 342 -51.61 -19.11 -0.89
C TYR G 342 -51.34 -19.08 -2.39
N ASP G 343 -52.24 -19.69 -3.19
CA ASP G 343 -52.19 -19.63 -4.65
C ASP G 343 -53.52 -19.06 -5.15
N SER G 344 -53.45 -18.12 -6.11
CA SER G 344 -54.61 -17.38 -6.56
C SER G 344 -55.34 -18.05 -7.73
N ASP G 345 -54.62 -18.79 -8.57
CA ASP G 345 -55.22 -19.46 -9.73
C ASP G 345 -55.79 -20.82 -9.33
N LYS G 346 -55.23 -21.42 -8.28
CA LYS G 346 -55.66 -22.72 -7.79
C LYS G 346 -55.57 -23.77 -8.89
N ARG G 347 -54.64 -23.55 -9.83
CA ARG G 347 -54.29 -24.62 -10.78
C ARG G 347 -53.11 -25.40 -10.22
N PHE G 348 -53.39 -26.63 -9.73
CA PHE G 348 -52.46 -27.43 -8.97
C PHE G 348 -52.08 -28.68 -9.78
N PRO G 349 -50.78 -28.84 -10.13
CA PRO G 349 -50.30 -30.07 -10.78
C PRO G 349 -50.54 -31.29 -9.89
N ALA G 350 -51.08 -32.35 -10.50
CA ALA G 350 -51.43 -33.55 -9.79
C ALA G 350 -50.94 -34.75 -10.61
N TRP G 351 -50.12 -35.59 -9.96
CA TRP G 351 -49.58 -36.76 -10.59
C TRP G 351 -49.91 -38.02 -9.78
N GLY G 352 -49.84 -39.16 -10.46
CA GLY G 352 -49.67 -40.46 -9.84
C GLY G 352 -48.38 -41.14 -10.35
N PHE G 353 -47.98 -42.19 -9.63
CA PHE G 353 -46.77 -42.92 -10.00
C PHE G 353 -46.94 -44.40 -9.63
N GLY G 354 -46.36 -45.27 -10.46
CA GLY G 354 -46.32 -46.70 -10.19
C GLY G 354 -47.58 -47.45 -10.63
N ALA G 355 -48.19 -46.99 -11.73
CA ALA G 355 -49.36 -47.67 -12.25
C ALA G 355 -49.26 -47.86 -13.76
N ARG G 356 -50.05 -48.79 -14.28
CA ARG G 356 -50.09 -49.05 -15.71
C ARG G 356 -51.41 -48.49 -16.24
N PRO G 357 -51.37 -47.37 -17.02
CA PRO G 357 -52.59 -46.83 -17.62
C PRO G 357 -53.01 -47.77 -18.75
N ILE G 358 -54.16 -47.47 -19.36
CA ILE G 358 -54.76 -48.34 -20.36
C ILE G 358 -53.78 -48.59 -21.51
N ASP G 359 -53.31 -49.83 -21.62
CA ASP G 359 -52.65 -50.32 -22.83
C ASP G 359 -51.16 -49.99 -22.81
N ALA G 360 -50.76 -49.05 -21.93
CA ALA G 360 -49.39 -48.56 -21.89
C ALA G 360 -48.56 -49.39 -20.92
N PRO G 361 -47.21 -49.18 -20.85
CA PRO G 361 -46.40 -49.73 -19.76
C PRO G 361 -46.51 -48.85 -18.51
N VAL G 362 -45.96 -49.35 -17.38
CA VAL G 362 -45.99 -48.67 -16.10
C VAL G 362 -45.47 -47.24 -16.26
N SER G 363 -46.23 -46.27 -15.73
CA SER G 363 -45.82 -44.87 -15.71
C SER G 363 -45.36 -44.50 -14.30
N HIS G 364 -44.33 -43.67 -14.21
CA HIS G 364 -43.86 -43.24 -12.90
C HIS G 364 -44.11 -41.75 -12.71
N CYS G 365 -44.97 -41.21 -13.59
CA CYS G 365 -45.49 -39.87 -13.53
C CYS G 365 -46.57 -39.73 -14.61
N PHE G 366 -47.80 -40.14 -14.29
CA PHE G 366 -48.92 -39.86 -15.19
C PHE G 366 -49.84 -38.83 -14.53
N ASN G 367 -50.43 -37.96 -15.35
CA ASN G 367 -51.34 -36.93 -14.88
C ASN G 367 -52.60 -37.59 -14.32
N LEU G 368 -52.95 -37.27 -13.06
CA LEU G 368 -54.14 -37.81 -12.41
C LEU G 368 -55.40 -37.48 -13.21
N ASN G 369 -55.39 -36.34 -13.90
CA ASN G 369 -56.59 -35.92 -14.61
C ASN G 369 -56.77 -36.76 -15.86
N GLY G 370 -55.76 -37.57 -16.17
CA GLY G 370 -55.87 -38.60 -17.19
C GLY G 370 -55.54 -38.10 -18.59
N SER G 371 -54.99 -36.88 -18.71
CA SER G 371 -54.59 -36.35 -20.00
C SER G 371 -53.14 -36.73 -20.25
N SER G 372 -52.60 -36.26 -21.38
CA SER G 372 -51.26 -36.61 -21.82
C SER G 372 -50.40 -35.37 -21.83
N SER G 373 -51.02 -34.19 -21.74
CA SER G 373 -50.33 -32.95 -22.05
C SER G 373 -50.11 -32.07 -20.82
N TYR G 374 -50.95 -32.20 -19.78
CA TYR G 374 -50.92 -31.19 -18.73
C TYR G 374 -51.48 -31.76 -17.43
N SER G 375 -51.01 -31.21 -16.30
CA SER G 375 -51.19 -31.89 -15.02
C SER G 375 -52.03 -31.09 -14.05
N GLU G 376 -52.16 -29.79 -14.35
CA GLU G 376 -52.92 -28.85 -13.52
C GLU G 376 -54.38 -29.33 -13.42
N VAL G 377 -55.00 -29.22 -12.22
CA VAL G 377 -56.41 -29.47 -11.99
C VAL G 377 -57.00 -28.30 -11.18
N ASP G 378 -58.30 -28.04 -11.34
CA ASP G 378 -58.93 -26.89 -10.69
C ASP G 378 -59.24 -27.21 -9.24
N GLY G 379 -58.48 -26.61 -8.31
CA GLY G 379 -58.79 -26.64 -6.90
C GLY G 379 -58.52 -28.00 -6.25
N ILE G 380 -58.51 -28.00 -4.90
CA ILE G 380 -58.50 -29.23 -4.13
C ILE G 380 -59.58 -30.17 -4.68
N GLN G 381 -60.80 -29.66 -4.88
CA GLN G 381 -61.87 -30.48 -5.45
C GLN G 381 -61.37 -31.23 -6.67
N GLY G 382 -60.65 -30.51 -7.54
CA GLY G 382 -60.07 -31.07 -8.76
C GLY G 382 -59.11 -32.23 -8.45
N ILE G 383 -58.29 -32.08 -7.41
CA ILE G 383 -57.40 -33.16 -7.03
C ILE G 383 -58.21 -34.36 -6.56
N MET G 384 -59.22 -34.11 -5.72
CA MET G 384 -59.96 -35.22 -5.14
C MET G 384 -60.68 -36.03 -6.23
N THR G 385 -61.26 -35.33 -7.21
CA THR G 385 -62.00 -36.10 -8.20
C THR G 385 -61.03 -36.75 -9.19
N SER G 386 -59.93 -36.05 -9.54
CA SER G 386 -58.91 -36.68 -10.36
C SER G 386 -58.39 -37.98 -9.73
N TYR G 387 -58.26 -37.99 -8.41
CA TYR G 387 -57.82 -39.16 -7.67
C TYR G 387 -58.81 -40.30 -7.84
N THR G 388 -60.06 -40.13 -7.37
CA THR G 388 -61.03 -41.22 -7.41
C THR G 388 -61.19 -41.70 -8.85
N SER G 389 -61.12 -40.76 -9.80
CA SER G 389 -61.17 -41.09 -11.20
C SER G 389 -60.01 -42.01 -11.61
N ALA G 390 -58.74 -41.60 -11.36
CA ALA G 390 -57.60 -42.42 -11.73
C ALA G 390 -57.67 -43.82 -11.13
N LEU G 391 -58.11 -43.90 -9.87
CA LEU G 391 -58.12 -45.16 -9.12
C LEU G 391 -58.78 -46.27 -9.94
N PHE G 392 -59.84 -45.93 -10.67
CA PHE G 392 -60.59 -46.97 -11.34
C PHE G 392 -60.30 -47.01 -12.84
N ASN G 393 -59.24 -46.31 -13.27
CA ASN G 393 -58.93 -46.26 -14.69
C ASN G 393 -57.47 -46.57 -14.97
N VAL G 394 -56.77 -47.19 -14.00
CA VAL G 394 -55.40 -47.65 -14.19
C VAL G 394 -55.14 -48.86 -13.29
N SER G 395 -54.05 -49.58 -13.58
CA SER G 395 -53.72 -50.81 -12.88
C SER G 395 -52.57 -50.58 -11.91
N LEU G 396 -52.88 -50.68 -10.61
CA LEU G 396 -51.85 -50.58 -9.59
C LEU G 396 -50.71 -51.49 -9.98
N ALA G 397 -49.48 -50.94 -10.08
CA ALA G 397 -48.35 -51.75 -10.50
C ALA G 397 -47.17 -51.57 -9.56
N GLY G 398 -46.03 -51.11 -10.11
CA GLY G 398 -44.81 -51.00 -9.33
C GLY G 398 -43.59 -50.89 -10.25
N PRO G 399 -42.37 -50.65 -9.69
CA PRO G 399 -42.20 -50.46 -8.25
C PRO G 399 -42.30 -49.00 -7.80
N THR G 400 -42.04 -48.74 -6.51
CA THR G 400 -42.24 -47.43 -5.92
C THR G 400 -41.02 -46.54 -6.31
N LEU G 401 -41.19 -45.55 -7.21
CA LEU G 401 -40.12 -44.61 -7.58
C LEU G 401 -40.56 -43.15 -7.41
N PHE G 402 -39.62 -42.30 -6.95
CA PHE G 402 -39.87 -40.87 -6.73
C PHE G 402 -39.15 -40.01 -7.78
N GLY G 403 -38.08 -40.56 -8.38
CA GLY G 403 -37.27 -39.79 -9.30
C GLY G 403 -38.11 -38.99 -10.30
N PRO G 404 -38.82 -39.66 -11.23
CA PRO G 404 -39.63 -38.96 -12.24
C PRO G 404 -40.59 -37.86 -11.77
N VAL G 405 -41.33 -38.07 -10.66
CA VAL G 405 -42.21 -37.00 -10.18
C VAL G 405 -41.40 -35.80 -9.75
N ILE G 406 -40.32 -36.04 -8.98
CA ILE G 406 -39.50 -34.94 -8.51
C ILE G 406 -38.95 -34.13 -9.69
N ASN G 407 -38.54 -34.81 -10.78
CA ASN G 407 -38.07 -34.10 -11.96
C ASN G 407 -39.21 -33.29 -12.59
N ALA G 408 -40.40 -33.91 -12.70
CA ALA G 408 -41.57 -33.22 -13.25
C ALA G 408 -41.86 -31.93 -12.48
N ALA G 409 -41.80 -32.01 -11.14
CA ALA G 409 -42.03 -30.84 -10.30
C ALA G 409 -40.95 -29.79 -10.57
N ALA G 410 -39.68 -30.23 -10.52
CA ALA G 410 -38.53 -29.37 -10.77
C ALA G 410 -38.67 -28.69 -12.13
N MET G 411 -39.08 -29.44 -13.15
CA MET G 411 -39.22 -28.85 -14.48
C MET G 411 -40.16 -27.64 -14.41
N ILE G 412 -41.22 -27.73 -13.59
CA ILE G 412 -42.21 -26.67 -13.48
C ILE G 412 -41.64 -25.50 -12.67
N ALA G 413 -40.99 -25.81 -11.54
CA ALA G 413 -40.35 -24.81 -10.72
C ALA G 413 -39.44 -23.96 -11.59
N SER G 414 -38.45 -24.64 -12.18
CA SER G 414 -37.45 -24.08 -13.07
C SER G 414 -38.10 -23.17 -14.11
N ALA G 415 -39.11 -23.69 -14.82
CA ALA G 415 -39.76 -22.93 -15.87
C ALA G 415 -40.36 -21.65 -15.30
N SER G 416 -40.86 -21.71 -14.07
CA SER G 416 -41.47 -20.56 -13.41
C SER G 416 -40.39 -19.52 -13.07
N LEU G 417 -39.24 -19.99 -12.61
CA LEU G 417 -38.09 -19.15 -12.29
C LEU G 417 -37.64 -18.37 -13.53
N ALA G 418 -37.45 -19.07 -14.65
CA ALA G 418 -36.94 -18.48 -15.88
C ALA G 418 -37.90 -17.42 -16.41
N GLN G 419 -39.22 -17.61 -16.23
CA GLN G 419 -40.25 -16.68 -16.67
C GLN G 419 -40.47 -15.59 -15.63
N GLY G 420 -39.50 -15.44 -14.73
CA GLY G 420 -39.50 -14.41 -13.70
C GLY G 420 -40.81 -14.36 -12.91
N SER G 421 -41.37 -15.54 -12.62
CA SER G 421 -42.58 -15.65 -11.81
C SER G 421 -42.17 -15.55 -10.34
N ARG G 422 -43.17 -15.36 -9.47
CA ARG G 422 -42.92 -15.27 -8.05
C ARG G 422 -43.64 -16.41 -7.34
N LYS G 423 -43.55 -17.61 -7.94
CA LYS G 423 -44.18 -18.79 -7.37
C LYS G 423 -43.11 -19.64 -6.70
N TYR G 424 -43.46 -20.16 -5.51
CA TYR G 424 -42.68 -21.16 -4.84
C TYR G 424 -43.60 -22.34 -4.63
N TYR G 425 -43.08 -23.54 -4.93
CA TYR G 425 -43.89 -24.73 -5.17
C TYR G 425 -43.71 -25.71 -4.02
N VAL G 426 -44.81 -26.33 -3.60
CA VAL G 426 -44.79 -27.30 -2.51
C VAL G 426 -45.39 -28.58 -3.04
N LEU G 427 -44.56 -29.64 -3.13
CA LEU G 427 -45.03 -30.90 -3.68
C LEU G 427 -45.28 -31.87 -2.52
N LEU G 428 -46.47 -32.47 -2.52
CA LEU G 428 -46.80 -33.46 -1.50
C LEU G 428 -46.79 -34.82 -2.16
N ILE G 429 -45.95 -35.71 -1.64
CA ILE G 429 -45.82 -37.08 -2.13
C ILE G 429 -46.35 -37.99 -1.03
N ILE G 430 -47.22 -38.93 -1.42
CA ILE G 430 -47.85 -39.84 -0.47
C ILE G 430 -47.54 -41.25 -0.93
N THR G 431 -46.86 -42.05 -0.08
CA THR G 431 -46.43 -43.38 -0.46
C THR G 431 -46.72 -44.36 0.67
N ASP G 432 -46.75 -45.65 0.30
CA ASP G 432 -47.18 -46.72 1.18
C ASP G 432 -45.98 -47.60 1.52
N GLY G 433 -44.90 -47.42 0.74
CA GLY G 433 -43.65 -48.15 0.91
C GLY G 433 -42.43 -47.27 0.64
N VAL G 434 -41.26 -47.90 0.64
CA VAL G 434 -39.96 -47.23 0.49
C VAL G 434 -39.59 -47.22 -0.98
N ILE G 435 -38.80 -46.23 -1.39
CA ILE G 435 -38.47 -46.03 -2.79
C ILE G 435 -37.42 -47.04 -3.22
N THR G 436 -37.37 -47.28 -4.53
CA THR G 436 -36.40 -48.16 -5.15
C THR G 436 -35.19 -47.35 -5.63
N ASP G 437 -35.43 -46.14 -6.13
CA ASP G 437 -34.41 -45.38 -6.85
C ASP G 437 -33.77 -44.32 -5.94
N LEU G 438 -33.33 -44.77 -4.75
CA LEU G 438 -32.86 -43.87 -3.70
C LEU G 438 -31.79 -42.92 -4.23
N GLN G 439 -30.92 -43.41 -5.11
CA GLN G 439 -29.82 -42.59 -5.58
C GLN G 439 -30.34 -41.49 -6.51
N GLU G 440 -31.08 -41.90 -7.57
CA GLU G 440 -31.55 -40.94 -8.56
C GLU G 440 -32.52 -39.94 -7.94
N THR G 441 -33.04 -40.27 -6.74
CA THR G 441 -33.87 -39.38 -5.95
C THR G 441 -33.01 -38.28 -5.34
N LYS G 442 -31.98 -38.69 -4.58
CA LYS G 442 -31.01 -37.75 -4.03
C LYS G 442 -30.54 -36.78 -5.12
N ASP G 443 -30.16 -37.31 -6.28
CA ASP G 443 -29.64 -36.51 -7.36
C ASP G 443 -30.68 -35.50 -7.82
N ALA G 444 -31.95 -35.92 -7.87
CA ALA G 444 -33.04 -35.06 -8.31
C ALA G 444 -33.28 -33.96 -7.28
N LEU G 445 -33.24 -34.32 -5.99
CA LEU G 445 -33.47 -33.40 -4.88
C LEU G 445 -32.36 -32.35 -4.84
N VAL G 446 -31.11 -32.82 -4.78
CA VAL G 446 -29.94 -31.95 -4.76
C VAL G 446 -30.07 -30.91 -5.87
N SER G 447 -30.39 -31.37 -7.08
CA SER G 447 -30.56 -30.53 -8.25
C SER G 447 -31.72 -29.56 -8.09
N ALA G 448 -32.76 -29.99 -7.37
CA ALA G 448 -33.96 -29.21 -7.16
C ALA G 448 -33.73 -28.11 -6.13
N SER G 449 -32.79 -28.35 -5.21
CA SER G 449 -32.56 -27.49 -4.06
C SER G 449 -32.29 -26.03 -4.46
N ASP G 450 -31.97 -25.80 -5.75
CA ASP G 450 -31.67 -24.46 -6.25
C ASP G 450 -32.93 -23.82 -6.81
N LEU G 451 -34.02 -24.58 -6.90
CA LEU G 451 -35.26 -24.09 -7.50
C LEU G 451 -36.29 -23.78 -6.42
N PRO G 452 -37.33 -22.97 -6.75
CA PRO G 452 -38.38 -22.61 -5.81
C PRO G 452 -39.31 -23.76 -5.51
N LEU G 453 -38.89 -24.67 -4.62
CA LEU G 453 -39.62 -25.93 -4.46
C LEU G 453 -39.26 -26.57 -3.12
N SER G 454 -40.30 -26.83 -2.32
CA SER G 454 -40.23 -27.63 -1.13
C SER G 454 -40.97 -28.93 -1.38
N ILE G 455 -40.63 -29.98 -0.61
CA ILE G 455 -41.21 -31.30 -0.83
C ILE G 455 -41.60 -31.90 0.51
N LEU G 456 -42.84 -32.42 0.58
CA LEU G 456 -43.27 -33.13 1.77
C LEU G 456 -43.67 -34.53 1.33
N ILE G 457 -43.13 -35.53 2.05
CA ILE G 457 -43.44 -36.91 1.83
C ILE G 457 -44.18 -37.44 3.05
N VAL G 458 -45.26 -38.19 2.81
CA VAL G 458 -46.07 -38.72 3.87
C VAL G 458 -46.24 -40.20 3.60
N GLY G 459 -45.91 -41.04 4.60
CA GLY G 459 -46.08 -42.47 4.49
C GLY G 459 -47.42 -42.90 5.06
N VAL G 460 -48.07 -43.86 4.39
CA VAL G 460 -49.37 -44.35 4.84
C VAL G 460 -49.28 -45.84 5.03
N GLY G 461 -50.13 -46.37 5.93
CA GLY G 461 -50.11 -47.77 6.30
C GLY G 461 -48.97 -48.04 7.29
N GLY G 462 -48.75 -49.32 7.57
CA GLY G 462 -47.83 -49.73 8.61
C GLY G 462 -46.45 -50.16 8.11
N ALA G 463 -46.10 -49.82 6.86
CA ALA G 463 -44.84 -50.25 6.30
C ALA G 463 -43.67 -49.67 7.11
N ASP G 464 -42.47 -50.24 6.89
CA ASP G 464 -41.29 -49.78 7.62
C ASP G 464 -40.59 -48.68 6.82
N PHE G 465 -40.62 -47.46 7.37
CA PHE G 465 -40.18 -46.28 6.64
C PHE G 465 -38.80 -45.83 7.11
N LYS G 466 -38.06 -46.75 7.72
CA LYS G 466 -36.76 -46.42 8.32
C LYS G 466 -35.86 -45.77 7.27
N GLU G 467 -35.88 -46.31 6.04
CA GLU G 467 -34.97 -45.90 4.99
C GLU G 467 -35.31 -44.52 4.46
N MET G 468 -36.47 -43.97 4.89
CA MET G 468 -36.97 -42.70 4.39
C MET G 468 -36.34 -41.55 5.16
N GLU G 469 -35.91 -41.84 6.39
CA GLU G 469 -35.59 -40.81 7.35
C GLU G 469 -34.24 -40.18 7.03
N ILE G 470 -33.50 -40.78 6.09
CA ILE G 470 -32.23 -40.21 5.65
C ILE G 470 -32.51 -39.01 4.75
N LEU G 471 -33.78 -38.87 4.32
CA LEU G 471 -34.20 -37.78 3.44
C LEU G 471 -34.68 -36.56 4.23
N ASP G 472 -35.17 -36.78 5.46
CA ASP G 472 -35.79 -35.73 6.26
C ASP G 472 -34.75 -34.65 6.59
N ALA G 473 -35.18 -33.38 6.55
CA ALA G 473 -34.35 -32.24 6.87
C ALA G 473 -33.92 -32.32 8.33
N ASP G 474 -34.88 -32.64 9.21
CA ASP G 474 -34.66 -32.68 10.64
C ASP G 474 -33.84 -33.93 11.00
N LYS G 475 -34.40 -35.12 10.73
CA LYS G 475 -33.83 -36.37 11.20
C LYS G 475 -32.59 -36.75 10.39
N GLY G 476 -32.57 -36.39 9.11
CA GLY G 476 -31.55 -36.88 8.19
C GLY G 476 -30.25 -36.09 8.26
N GLU G 477 -29.49 -36.18 7.17
CA GLU G 477 -28.20 -35.53 7.01
C GLU G 477 -28.12 -34.88 5.63
N ARG G 478 -27.29 -33.83 5.52
CA ARG G 478 -27.20 -33.01 4.33
C ARG G 478 -26.93 -33.91 3.12
N LEU G 479 -27.71 -33.70 2.05
CA LEU G 479 -27.77 -34.64 0.95
C LEU G 479 -26.60 -34.46 0.01
N GLU G 480 -26.06 -35.60 -0.45
CA GLU G 480 -24.97 -35.60 -1.40
C GLU G 480 -25.44 -36.26 -2.69
N SER G 481 -25.35 -35.48 -3.78
CA SER G 481 -25.44 -35.96 -5.16
C SER G 481 -24.45 -37.10 -5.36
N SER G 482 -24.68 -37.94 -6.37
CA SER G 482 -23.74 -38.97 -6.75
C SER G 482 -22.49 -38.32 -7.34
N SER G 483 -22.69 -37.25 -8.13
CA SER G 483 -21.61 -36.50 -8.74
C SER G 483 -20.81 -35.72 -7.69
N GLY G 484 -21.16 -35.89 -6.41
CA GLY G 484 -20.39 -35.33 -5.32
C GLY G 484 -20.96 -34.02 -4.75
N ARG G 485 -21.79 -33.34 -5.54
CA ARG G 485 -22.36 -32.02 -5.22
C ARG G 485 -23.28 -32.10 -4.01
N LEU G 486 -23.40 -30.97 -3.29
CA LEU G 486 -24.17 -30.92 -2.06
C LEU G 486 -25.41 -30.06 -2.26
N ALA G 487 -26.45 -30.32 -1.45
CA ALA G 487 -27.70 -29.59 -1.55
C ALA G 487 -27.50 -28.18 -1.01
N SER G 488 -27.99 -27.18 -1.74
CA SER G 488 -27.92 -25.80 -1.31
C SER G 488 -28.67 -25.62 0.02
N ARG G 489 -29.75 -26.40 0.23
CA ARG G 489 -30.59 -26.26 1.41
C ARG G 489 -31.45 -27.49 1.58
N ASP G 490 -32.04 -27.66 2.78
CA ASP G 490 -33.01 -28.72 3.02
C ASP G 490 -34.32 -28.37 2.32
N ILE G 491 -34.84 -29.29 1.50
CA ILE G 491 -36.12 -29.09 0.85
C ILE G 491 -37.05 -30.27 1.11
N VAL G 492 -36.57 -31.32 1.80
CA VAL G 492 -37.41 -32.47 2.04
C VAL G 492 -37.74 -32.57 3.52
N GLN G 493 -38.94 -33.10 3.79
CA GLN G 493 -39.36 -33.57 5.10
C GLN G 493 -40.13 -34.87 4.89
N PHE G 494 -40.08 -35.75 5.90
CA PHE G 494 -40.88 -36.95 5.84
C PHE G 494 -41.58 -37.17 7.17
N VAL G 495 -42.76 -37.76 7.15
CA VAL G 495 -43.40 -38.23 8.36
C VAL G 495 -44.35 -39.35 7.99
N ALA G 496 -44.66 -40.23 8.96
CA ALA G 496 -45.59 -41.32 8.74
C ALA G 496 -46.93 -40.94 9.35
N LEU G 497 -47.99 -40.89 8.54
CA LEU G 497 -49.30 -40.41 8.98
C LEU G 497 -49.89 -41.33 10.04
N ARG G 498 -49.05 -41.97 10.88
CA ARG G 498 -49.47 -42.76 12.00
C ARG G 498 -49.24 -41.83 13.20
N ASP G 499 -47.95 -41.53 13.42
CA ASP G 499 -47.44 -40.89 14.62
C ASP G 499 -47.96 -39.46 14.76
N SER G 506 -52.53 -32.23 14.21
CA SER G 506 -52.20 -33.21 13.13
C SER G 506 -50.68 -33.36 13.03
N VAL G 507 -50.26 -34.46 12.37
CA VAL G 507 -48.86 -34.79 12.22
C VAL G 507 -48.33 -34.05 10.98
N VAL G 508 -49.28 -33.56 10.18
CA VAL G 508 -49.07 -32.84 8.95
C VAL G 508 -48.71 -31.40 9.29
N GLN G 509 -49.50 -30.81 10.21
CA GLN G 509 -49.32 -29.45 10.68
C GLN G 509 -47.83 -29.15 10.85
N ALA G 510 -47.07 -30.08 11.46
CA ALA G 510 -45.68 -29.83 11.78
C ALA G 510 -44.83 -29.75 10.52
N LEU G 511 -45.23 -30.51 9.49
CA LEU G 511 -44.58 -30.44 8.19
C LEU G 511 -44.77 -29.06 7.59
N LEU G 512 -46.01 -28.55 7.69
CA LEU G 512 -46.37 -27.27 7.11
C LEU G 512 -45.64 -26.14 7.81
N ALA G 513 -45.32 -26.34 9.10
CA ALA G 513 -44.77 -25.27 9.92
C ALA G 513 -43.37 -24.88 9.46
N GLU G 514 -42.68 -25.79 8.76
CA GLU G 514 -41.30 -25.59 8.37
C GLU G 514 -41.17 -24.89 7.03
N LEU G 515 -42.26 -24.79 6.28
CA LEU G 515 -42.17 -24.32 4.91
C LEU G 515 -41.74 -22.86 4.86
N PRO G 516 -42.33 -21.94 5.66
CA PRO G 516 -41.91 -20.54 5.63
C PRO G 516 -40.39 -20.44 5.72
N SER G 517 -39.77 -21.21 6.63
CA SER G 517 -38.32 -21.15 6.84
C SER G 517 -37.60 -21.53 5.54
N GLN G 518 -37.98 -22.69 4.99
CA GLN G 518 -37.45 -23.14 3.70
C GLN G 518 -37.67 -22.06 2.67
N PHE G 519 -38.88 -21.50 2.67
CA PHE G 519 -39.24 -20.50 1.67
C PHE G 519 -38.22 -19.36 1.70
N LEU G 520 -37.88 -18.92 2.92
CA LEU G 520 -37.06 -17.73 3.09
C LEU G 520 -35.61 -18.09 2.81
N THR G 521 -35.19 -19.29 3.26
CA THR G 521 -33.87 -19.77 2.93
C THR G 521 -33.67 -19.65 1.42
N TYR G 522 -34.64 -20.11 0.62
CA TYR G 522 -34.46 -20.02 -0.81
C TYR G 522 -34.18 -18.57 -1.22
N MET G 523 -35.07 -17.67 -0.79
CA MET G 523 -35.03 -16.26 -1.15
C MET G 523 -33.72 -15.60 -0.72
N ARG G 524 -33.18 -15.99 0.43
CA ARG G 524 -31.89 -15.49 0.88
C ARG G 524 -30.80 -15.95 -0.10
N ILE G 525 -30.69 -17.27 -0.25
CA ILE G 525 -29.66 -17.93 -1.05
C ILE G 525 -29.70 -17.47 -2.51
N ARG G 526 -30.92 -17.29 -3.06
CA ARG G 526 -31.09 -16.81 -4.43
C ARG G 526 -30.58 -15.36 -4.55
N GLY H 1 -20.59 -38.70 -72.66
CA GLY H 1 -20.26 -37.40 -71.99
C GLY H 1 -18.89 -37.45 -71.31
N THR H 2 -18.14 -36.35 -71.42
CA THR H 2 -16.83 -36.22 -70.79
C THR H 2 -16.91 -35.20 -69.65
N SER H 3 -16.76 -35.71 -68.41
CA SER H 3 -16.63 -34.88 -67.22
C SER H 3 -16.58 -35.76 -65.97
N SER H 4 -16.07 -35.18 -64.88
CA SER H 4 -15.98 -35.86 -63.59
C SER H 4 -17.26 -35.64 -62.80
N MET H 5 -17.46 -36.46 -61.75
CA MET H 5 -18.57 -36.30 -60.82
C MET H 5 -18.59 -34.89 -60.23
N ALA H 6 -17.39 -34.32 -60.08
CA ALA H 6 -17.18 -33.01 -59.47
C ALA H 6 -17.64 -31.91 -60.41
N ASP H 7 -17.37 -32.08 -61.71
CA ASP H 7 -17.78 -31.15 -62.76
C ASP H 7 -19.31 -31.07 -62.83
N ILE H 8 -19.96 -32.23 -62.70
CA ILE H 8 -21.40 -32.37 -62.77
C ILE H 8 -22.02 -31.79 -61.50
N GLY H 9 -21.64 -32.36 -60.34
CA GLY H 9 -22.06 -31.86 -59.04
C GLY H 9 -22.08 -30.34 -58.96
N THR H 10 -21.10 -29.68 -59.55
CA THR H 10 -20.95 -28.23 -59.37
C THR H 10 -21.80 -27.46 -60.36
N THR H 11 -22.06 -28.04 -61.54
CA THR H 11 -22.90 -27.36 -62.52
C THR H 11 -24.36 -27.46 -62.10
N ASN H 12 -24.69 -28.57 -61.41
CA ASN H 12 -25.99 -28.78 -60.81
C ASN H 12 -26.17 -27.83 -59.62
N ASP H 13 -25.11 -27.63 -58.81
CA ASP H 13 -25.19 -26.74 -57.67
C ASP H 13 -25.43 -25.32 -58.14
N ALA H 14 -24.78 -24.92 -59.23
CA ALA H 14 -24.94 -23.61 -59.84
C ALA H 14 -26.38 -23.40 -60.27
N LEU H 15 -27.03 -24.47 -60.76
CA LEU H 15 -28.39 -24.42 -61.27
C LEU H 15 -29.38 -24.25 -60.11
N ASP H 16 -29.24 -25.14 -59.12
CA ASP H 16 -30.10 -25.11 -57.93
C ASP H 16 -30.22 -23.67 -57.42
N TYR H 17 -29.06 -23.03 -57.21
CA TYR H 17 -28.97 -21.68 -56.68
C TYR H 17 -29.68 -20.69 -57.61
N TYR H 18 -29.41 -20.79 -58.92
CA TYR H 18 -29.99 -19.86 -59.90
C TYR H 18 -31.51 -19.94 -59.89
N LEU H 19 -32.05 -21.17 -59.72
CA LEU H 19 -33.49 -21.39 -59.74
C LEU H 19 -34.11 -20.74 -58.52
N LYS H 20 -33.51 -20.98 -57.33
CA LYS H 20 -34.02 -20.42 -56.10
C LYS H 20 -33.98 -18.88 -56.15
N SER H 21 -33.13 -18.32 -57.01
CA SER H 21 -32.97 -16.87 -57.14
C SER H 21 -33.94 -16.29 -58.16
N LYS H 22 -35.12 -16.90 -58.30
CA LYS H 22 -35.93 -16.63 -59.48
C LYS H 22 -37.36 -17.01 -59.11
N GLY H 23 -37.64 -18.32 -59.12
CA GLY H 23 -38.96 -18.85 -58.85
C GLY H 23 -39.87 -18.78 -60.07
N LEU H 27 -42.11 -9.10 -65.26
CA LEU H 27 -42.74 -10.10 -64.36
C LEU H 27 -43.50 -9.35 -63.28
N PHE H 28 -44.77 -9.08 -63.59
CA PHE H 28 -45.70 -8.27 -62.83
C PHE H 28 -47.02 -9.03 -62.75
N SER H 29 -47.54 -9.16 -61.52
CA SER H 29 -48.83 -9.80 -61.32
C SER H 29 -49.98 -8.82 -61.54
N GLN H 30 -51.21 -9.33 -61.46
CA GLN H 30 -52.38 -8.61 -61.90
C GLN H 30 -53.46 -8.74 -60.86
N ILE H 31 -54.17 -7.62 -60.61
CA ILE H 31 -55.16 -7.56 -59.55
C ILE H 31 -56.51 -7.23 -60.16
N GLU H 32 -57.55 -7.80 -59.57
CA GLU H 32 -58.92 -7.57 -59.97
C GLU H 32 -59.60 -6.79 -58.84
N LEU H 33 -59.82 -5.49 -59.05
CA LEU H 33 -60.61 -4.78 -58.04
C LEU H 33 -62.08 -4.87 -58.41
N SER H 34 -62.92 -5.09 -57.39
CA SER H 34 -64.37 -5.12 -57.54
C SER H 34 -64.98 -4.19 -56.49
N PHE H 35 -66.14 -3.62 -56.78
CA PHE H 35 -66.56 -2.41 -56.09
C PHE H 35 -68.00 -2.54 -55.60
N SER H 36 -68.28 -1.83 -54.52
CA SER H 36 -69.62 -1.76 -53.98
C SER H 36 -69.64 -0.54 -53.06
N ALA H 37 -70.83 -0.03 -52.76
CA ALA H 37 -70.95 1.14 -51.92
C ALA H 37 -72.15 1.00 -51.01
N SER H 38 -72.15 1.78 -49.93
CA SER H 38 -73.29 1.92 -49.05
C SER H 38 -73.53 3.40 -48.74
N ASN H 39 -74.79 3.75 -48.41
CA ASN H 39 -75.13 5.02 -47.81
C ASN H 39 -74.84 6.19 -48.74
N LEU H 40 -75.03 5.99 -50.05
CA LEU H 40 -74.76 7.08 -50.98
C LEU H 40 -75.70 8.27 -50.78
N ARG H 41 -76.91 8.05 -50.24
CA ARG H 41 -77.82 9.14 -49.94
C ARG H 41 -78.57 8.90 -48.61
N ASP H 42 -77.81 8.90 -47.52
CA ASP H 42 -78.39 8.97 -46.17
C ASP H 42 -78.92 10.38 -45.93
N ARG H 43 -79.58 10.96 -46.93
CA ARG H 43 -80.12 12.32 -46.85
C ARG H 43 -81.63 12.29 -47.14
N LEU H 46 -85.14 13.19 -53.21
CA LEU H 46 -85.53 12.21 -54.25
C LEU H 46 -85.26 10.79 -53.78
N SER H 47 -84.16 10.59 -53.05
CA SER H 47 -83.78 9.34 -52.41
C SER H 47 -83.92 8.11 -53.32
N LYS H 48 -83.30 8.17 -54.50
CA LYS H 48 -83.09 7.00 -55.34
C LYS H 48 -81.99 7.26 -56.38
N SER H 49 -80.93 6.42 -56.32
CA SER H 49 -79.75 6.67 -57.12
C SER H 49 -79.42 5.57 -58.12
N ASP H 50 -78.52 5.92 -59.04
CA ASP H 50 -78.12 5.13 -60.19
C ASP H 50 -76.60 5.19 -60.24
N PRO H 51 -75.90 4.50 -59.31
CA PRO H 51 -74.48 4.79 -59.02
C PRO H 51 -73.53 4.20 -60.06
N MET H 52 -72.38 4.85 -60.19
CA MET H 52 -71.35 4.46 -61.12
C MET H 52 -70.03 4.90 -60.51
N VAL H 53 -69.06 3.98 -60.46
CA VAL H 53 -67.76 4.41 -59.98
C VAL H 53 -66.84 4.50 -61.17
N VAL H 54 -65.92 5.47 -61.09
CA VAL H 54 -64.97 5.82 -62.12
C VAL H 54 -63.62 5.97 -61.42
N VAL H 55 -62.57 5.41 -62.03
CA VAL H 55 -61.31 5.19 -61.35
C VAL H 55 -60.23 5.82 -62.20
N TYR H 56 -59.53 6.78 -61.59
CA TYR H 56 -58.45 7.48 -62.24
C TYR H 56 -57.13 7.06 -61.60
N GLN H 57 -56.06 7.27 -62.39
CA GLN H 57 -54.69 7.03 -62.00
C GLN H 57 -54.05 8.41 -61.84
N LYS H 58 -53.40 8.64 -60.69
CA LYS H 58 -52.78 9.94 -60.46
C LYS H 58 -51.35 9.94 -60.99
N GLU H 59 -51.09 10.79 -61.98
CA GLU H 59 -49.80 10.97 -62.61
C GLU H 59 -48.94 11.88 -61.73
N LYS H 60 -47.64 11.97 -62.07
CA LYS H 60 -46.67 12.75 -61.32
C LYS H 60 -47.08 14.22 -61.32
N ASP H 61 -47.59 14.68 -62.46
CA ASP H 61 -48.01 16.06 -62.65
C ASP H 61 -49.39 16.27 -62.01
N ALA H 62 -49.84 15.28 -61.21
CA ALA H 62 -51.05 15.38 -60.40
C ALA H 62 -52.31 15.34 -61.26
N THR H 63 -52.16 15.01 -62.54
CA THR H 63 -53.31 14.83 -63.42
C THR H 63 -53.90 13.45 -63.15
N LEU H 64 -55.17 13.31 -63.55
CA LEU H 64 -55.95 12.10 -63.46
C LEU H 64 -56.17 11.50 -64.85
N SER H 65 -55.87 10.21 -64.96
CA SER H 65 -56.14 9.43 -66.16
C SER H 65 -57.26 8.42 -65.85
N GLU H 66 -58.26 8.36 -66.73
CA GLU H 66 -59.35 7.43 -66.44
C GLU H 66 -58.90 6.04 -66.90
N VAL H 67 -59.03 5.04 -66.04
CA VAL H 67 -58.47 3.74 -66.40
C VAL H 67 -59.56 2.68 -66.34
N PHE H 68 -60.71 3.05 -65.78
CA PHE H 68 -61.80 2.13 -65.63
C PHE H 68 -63.04 2.91 -65.23
N ARG H 69 -64.19 2.28 -65.41
CA ARG H 69 -65.51 2.87 -65.29
C ARG H 69 -66.51 1.72 -65.17
N SER H 70 -67.17 1.61 -64.00
CA SER H 70 -68.15 0.57 -63.77
C SER H 70 -69.39 0.82 -64.62
N GLU H 71 -70.21 -0.22 -64.75
CA GLU H 71 -71.54 -0.12 -65.32
C GLU H 71 -72.41 0.64 -64.33
N VAL H 72 -73.58 1.08 -64.80
CA VAL H 72 -74.51 1.84 -63.98
C VAL H 72 -75.44 0.85 -63.30
N VAL H 73 -75.49 0.88 -61.97
CA VAL H 73 -76.49 0.08 -61.26
C VAL H 73 -77.73 0.96 -61.13
N LEU H 74 -78.90 0.42 -61.48
CA LEU H 74 -80.11 1.22 -61.51
C LEU H 74 -80.87 1.08 -60.21
N ASN H 75 -81.18 2.23 -59.60
CA ASN H 75 -82.13 2.28 -58.51
C ASN H 75 -81.59 1.49 -57.33
N SER H 76 -80.47 1.95 -56.77
CA SER H 76 -79.87 1.31 -55.62
C SER H 76 -79.09 2.35 -54.83
N LEU H 77 -79.14 2.26 -53.50
CA LEU H 77 -78.37 3.13 -52.63
C LEU H 77 -77.17 2.35 -52.07
N ALA H 78 -77.20 1.03 -52.28
CA ALA H 78 -76.15 0.10 -51.88
C ALA H 78 -75.80 -0.80 -53.07
N PRO H 79 -75.17 -0.25 -54.12
CA PRO H 79 -74.95 -0.99 -55.35
C PRO H 79 -73.74 -1.90 -55.17
N LYS H 80 -73.77 -3.03 -55.90
CA LYS H 80 -72.71 -4.01 -55.94
C LYS H 80 -72.37 -4.18 -57.42
N TRP H 81 -71.26 -3.61 -57.87
CA TRP H 81 -71.02 -3.52 -59.31
C TRP H 81 -70.48 -4.86 -59.81
N ILE H 82 -70.95 -5.25 -61.01
CA ILE H 82 -70.57 -6.52 -61.62
C ILE H 82 -69.19 -6.38 -62.28
N LYS H 83 -68.97 -5.26 -62.99
CA LYS H 83 -67.80 -5.04 -63.81
C LYS H 83 -66.55 -4.90 -62.95
N LYS H 84 -65.51 -5.70 -63.22
CA LYS H 84 -64.28 -5.71 -62.44
C LYS H 84 -63.19 -4.97 -63.20
N PHE H 85 -62.26 -4.35 -62.47
CA PHE H 85 -61.16 -3.60 -63.04
C PHE H 85 -59.85 -4.36 -62.80
N ILE H 86 -59.21 -4.77 -63.90
CA ILE H 86 -57.94 -5.48 -63.86
C ILE H 86 -56.81 -4.48 -64.01
N VAL H 87 -56.02 -4.29 -62.95
CA VAL H 87 -54.87 -3.39 -63.04
C VAL H 87 -53.61 -4.16 -62.68
N ALA H 88 -52.52 -3.87 -63.37
CA ALA H 88 -51.21 -4.47 -63.10
C ALA H 88 -50.70 -3.95 -61.76
N TYR H 89 -49.95 -4.79 -61.05
CA TYR H 89 -49.36 -4.43 -59.77
C TYR H 89 -47.86 -4.29 -59.94
N HIS H 90 -47.36 -3.12 -59.54
CA HIS H 90 -45.95 -2.79 -59.63
C HIS H 90 -45.43 -2.47 -58.23
N PHE H 91 -44.77 -3.45 -57.60
CA PHE H 91 -44.31 -3.32 -56.21
C PHE H 91 -43.46 -2.08 -56.03
N GLU H 92 -42.70 -1.75 -57.08
CA GLU H 92 -41.65 -0.73 -57.02
C GLU H 92 -42.21 0.67 -57.23
N THR H 93 -43.52 0.82 -57.45
CA THR H 93 -44.03 2.19 -57.53
C THR H 93 -45.30 2.32 -56.70
N VAL H 94 -45.51 3.50 -56.12
CA VAL H 94 -46.78 3.82 -55.50
C VAL H 94 -47.81 4.00 -56.62
N GLN H 95 -48.90 3.22 -56.59
CA GLN H 95 -49.94 3.41 -57.59
C GLN H 95 -51.14 4.10 -56.94
N THR H 96 -51.09 5.44 -56.91
CA THR H 96 -52.20 6.24 -56.39
C THR H 96 -53.38 6.10 -57.35
N LEU H 97 -54.56 5.82 -56.78
CA LEU H 97 -55.80 5.71 -57.54
C LEU H 97 -56.83 6.65 -56.91
N VAL H 98 -57.71 7.22 -57.74
CA VAL H 98 -58.73 8.12 -57.27
C VAL H 98 -60.08 7.59 -57.75
N PHE H 99 -61.02 7.43 -56.81
CA PHE H 99 -62.31 6.86 -57.12
C PHE H 99 -63.36 7.97 -57.05
N ARG H 100 -64.29 7.93 -58.00
CA ARG H 100 -65.30 8.97 -58.07
C ARG H 100 -66.63 8.31 -58.38
N VAL H 101 -67.61 8.60 -57.52
CA VAL H 101 -68.89 7.96 -57.65
C VAL H 101 -69.87 9.02 -58.15
N TYR H 102 -70.72 8.62 -59.11
CA TYR H 102 -71.65 9.55 -59.70
C TYR H 102 -73.04 8.95 -59.65
N ASP H 103 -74.05 9.83 -59.50
CA ASP H 103 -75.44 9.42 -59.63
C ASP H 103 -75.89 9.76 -61.04
N VAL H 104 -76.01 8.72 -61.89
CA VAL H 104 -76.30 8.98 -63.29
C VAL H 104 -77.77 9.35 -63.45
N ASP H 105 -78.00 10.47 -64.14
CA ASP H 105 -79.32 10.97 -64.47
C ASP H 105 -80.12 9.84 -65.09
N THR H 106 -81.43 9.84 -64.83
CA THR H 106 -82.29 8.72 -65.22
C THR H 106 -82.54 8.76 -66.72
N LYS H 107 -82.31 9.92 -67.36
CA LYS H 107 -82.60 10.03 -68.78
C LYS H 107 -81.59 9.21 -69.57
N PHE H 108 -80.56 8.71 -68.88
CA PHE H 108 -79.48 8.01 -69.56
C PHE H 108 -79.52 6.50 -69.32
N GLN H 109 -80.62 5.99 -68.76
CA GLN H 109 -80.70 4.62 -68.27
C GLN H 109 -80.31 3.59 -69.34
N ASN H 110 -80.40 3.97 -70.62
CA ASN H 110 -80.14 3.07 -71.71
C ASN H 110 -78.77 3.31 -72.34
N SER H 111 -78.03 4.31 -71.85
CA SER H 111 -76.72 4.60 -72.42
C SER H 111 -75.67 3.64 -71.88
N ARG H 112 -74.75 3.25 -72.76
CA ARG H 112 -73.55 2.54 -72.36
C ARG H 112 -72.71 3.54 -71.58
N GLU H 113 -72.08 3.08 -70.49
CA GLU H 113 -71.41 3.98 -69.56
C GLU H 113 -70.31 4.78 -70.27
N GLU H 114 -69.70 4.17 -71.30
CA GLU H 114 -68.57 4.79 -71.96
C GLU H 114 -68.98 6.14 -72.53
N MET H 115 -70.27 6.30 -72.83
CA MET H 115 -70.80 7.46 -73.55
C MET H 115 -71.28 8.57 -72.60
N LEU H 116 -71.13 8.41 -71.30
CA LEU H 116 -71.68 9.37 -70.36
C LEU H 116 -70.68 10.51 -70.12
N LYS H 117 -71.20 11.74 -70.11
CA LYS H 117 -70.39 12.89 -69.74
C LYS H 117 -70.60 13.12 -68.24
N LEU H 118 -69.50 13.27 -67.51
CA LEU H 118 -69.65 13.25 -66.06
C LEU H 118 -70.22 14.58 -65.57
N ASP H 119 -70.03 15.65 -66.35
CA ASP H 119 -70.58 16.96 -66.03
C ASP H 119 -72.11 16.89 -66.00
N GLU H 120 -72.69 15.86 -66.63
CA GLU H 120 -74.12 15.80 -66.80
C GLU H 120 -74.77 14.96 -65.70
N GLN H 121 -73.98 14.54 -64.70
CA GLN H 121 -74.44 13.63 -63.67
C GLN H 121 -74.14 14.23 -62.30
N GLN H 122 -74.69 13.63 -61.23
CA GLN H 122 -74.56 14.18 -59.90
C GLN H 122 -73.33 13.58 -59.20
N PHE H 123 -72.31 14.42 -58.95
CA PHE H 123 -71.11 13.96 -58.26
C PHE H 123 -71.40 13.70 -56.79
N LEU H 124 -71.39 12.42 -56.40
CA LEU H 124 -71.65 12.01 -55.03
C LEU H 124 -70.42 12.22 -54.16
N GLY H 125 -69.25 11.78 -54.64
CA GLY H 125 -68.06 11.99 -53.83
C GLY H 125 -66.87 11.18 -54.33
N GLU H 126 -65.73 11.39 -53.66
CA GLU H 126 -64.41 11.03 -54.15
C GLU H 126 -63.62 10.45 -52.98
N ALA H 127 -62.79 9.43 -53.26
CA ALA H 127 -61.79 8.94 -52.33
C ALA H 127 -60.54 8.52 -53.10
N THR H 128 -59.44 8.36 -52.35
CA THR H 128 -58.12 8.13 -52.91
C THR H 128 -57.38 7.12 -52.05
N CYS H 129 -56.60 6.25 -52.69
CA CYS H 129 -55.61 5.50 -51.94
C CYS H 129 -54.65 4.83 -52.89
N ALA H 130 -53.56 4.30 -52.33
CA ALA H 130 -52.62 3.53 -53.12
C ALA H 130 -53.14 2.10 -53.20
N LEU H 131 -52.76 1.41 -54.28
CA LEU H 131 -53.08 0.00 -54.44
C LEU H 131 -52.45 -0.78 -53.28
N SER H 132 -51.28 -0.35 -52.83
CA SER H 132 -50.51 -0.93 -51.74
C SER H 132 -51.38 -1.07 -50.49
N GLU H 133 -52.28 -0.10 -50.29
CA GLU H 133 -53.09 -0.03 -49.09
C GLU H 133 -54.20 -1.07 -49.10
N ILE H 134 -54.59 -1.55 -50.29
CA ILE H 134 -55.72 -2.46 -50.39
C ILE H 134 -55.23 -3.90 -50.29
N ILE H 135 -54.12 -4.21 -50.98
CA ILE H 135 -53.67 -5.60 -51.06
C ILE H 135 -52.87 -6.00 -49.83
N THR H 136 -52.63 -5.05 -48.90
CA THR H 136 -51.94 -5.42 -47.67
C THR H 136 -52.91 -5.54 -46.50
N LYS H 137 -54.22 -5.42 -46.77
CA LYS H 137 -55.19 -5.68 -45.72
C LYS H 137 -55.42 -7.18 -45.66
N SER H 138 -55.72 -7.69 -44.46
CA SER H 138 -55.94 -9.11 -44.27
C SER H 138 -57.10 -9.58 -45.13
N THR H 139 -58.19 -8.78 -45.15
CA THR H 139 -59.42 -9.12 -45.85
C THR H 139 -59.36 -8.65 -47.30
N ARG H 140 -58.26 -8.00 -47.68
CA ARG H 140 -58.07 -7.44 -49.02
C ARG H 140 -59.21 -6.51 -49.40
N THR H 141 -59.88 -5.92 -48.40
CA THR H 141 -60.96 -4.98 -48.63
C THR H 141 -60.69 -3.67 -47.89
N SER H 142 -60.79 -2.56 -48.62
CA SER H 142 -60.80 -1.25 -48.00
C SER H 142 -62.18 -0.64 -48.08
N THR H 143 -62.49 0.19 -47.08
CA THR H 143 -63.71 0.99 -47.08
C THR H 143 -63.30 2.45 -47.01
N LEU H 144 -63.66 3.24 -48.04
CA LEU H 144 -63.21 4.63 -48.01
C LEU H 144 -64.43 5.55 -47.96
N GLU H 145 -64.31 6.61 -47.15
CA GLU H 145 -65.35 7.61 -47.06
C GLU H 145 -65.25 8.49 -48.29
N LEU H 146 -66.37 8.60 -49.01
CA LEU H 146 -66.45 9.54 -50.11
C LEU H 146 -66.59 10.94 -49.54
N LYS H 147 -65.74 11.85 -49.99
CA LYS H 147 -65.78 13.25 -49.55
C LYS H 147 -65.91 14.16 -50.76
N ARG H 148 -66.50 15.34 -50.53
CA ARG H 148 -66.92 16.26 -51.58
C ARG H 148 -66.27 17.63 -51.40
N LYS H 149 -66.51 18.51 -52.36
CA LYS H 149 -65.89 19.83 -52.44
C LYS H 149 -66.67 20.82 -51.59
N ASP H 150 -67.76 20.37 -50.95
CA ASP H 150 -68.63 21.24 -50.17
C ASP H 150 -68.29 21.18 -48.68
N GLY H 151 -67.69 22.28 -48.19
CA GLY H 151 -67.24 22.38 -46.81
C GLY H 151 -66.20 23.50 -46.64
N PHE H 152 -65.59 23.94 -47.75
CA PHE H 152 -64.52 24.92 -47.77
C PHE H 152 -63.31 24.40 -46.98
N PRO H 158 -68.68 14.06 -42.52
CA PRO H 158 -68.11 12.75 -42.87
C PRO H 158 -68.98 11.97 -43.85
N HIS H 159 -70.30 12.15 -43.76
CA HIS H 159 -71.27 11.33 -44.47
C HIS H 159 -71.52 11.84 -45.92
N HIS H 160 -70.87 11.19 -46.87
CA HIS H 160 -71.41 11.19 -48.22
C HIS H 160 -71.65 9.75 -48.67
N GLY H 161 -71.32 8.77 -47.79
CA GLY H 161 -71.33 7.37 -48.21
C GLY H 161 -69.93 6.75 -48.20
N LYS H 162 -69.89 5.42 -48.38
CA LYS H 162 -68.66 4.66 -48.29
C LYS H 162 -68.49 3.84 -49.57
N LEU H 163 -67.25 3.78 -50.07
CA LEU H 163 -66.92 2.95 -51.23
C LEU H 163 -66.04 1.79 -50.77
N ILE H 164 -66.38 0.59 -51.25
CA ILE H 164 -65.84 -0.65 -50.71
C ILE H 164 -65.15 -1.42 -51.83
N ILE H 165 -63.83 -1.56 -51.72
CA ILE H 165 -63.00 -2.05 -52.80
C ILE H 165 -62.38 -3.37 -52.39
N HIS H 166 -62.66 -4.41 -53.18
CA HIS H 166 -62.08 -5.73 -52.93
C HIS H 166 -61.04 -6.01 -54.00
N ALA H 167 -59.85 -6.46 -53.55
CA ALA H 167 -58.77 -6.79 -54.46
C ALA H 167 -58.44 -8.28 -54.40
N GLU H 168 -58.31 -8.90 -55.57
CA GLU H 168 -58.03 -10.33 -55.70
C GLU H 168 -56.98 -10.50 -56.80
N GLU H 169 -55.84 -11.12 -56.45
CA GLU H 169 -54.86 -11.43 -57.48
C GLU H 169 -55.48 -12.41 -58.47
N SER H 170 -55.31 -12.15 -59.76
CA SER H 170 -56.06 -12.92 -60.75
C SER H 170 -55.42 -14.29 -60.92
N LEU H 171 -56.28 -15.32 -60.96
CA LEU H 171 -55.85 -16.70 -60.85
C LEU H 171 -54.83 -17.03 -61.94
N ALA H 172 -55.10 -16.62 -63.18
CA ALA H 172 -54.23 -17.05 -64.27
C ALA H 172 -52.80 -16.59 -64.03
N SER H 173 -52.61 -15.43 -63.38
CA SER H 173 -51.29 -14.88 -63.23
C SER H 173 -50.52 -15.55 -62.08
N LYS H 174 -51.16 -16.50 -61.37
CA LYS H 174 -50.46 -17.16 -60.28
C LYS H 174 -49.95 -18.55 -60.72
N ILE H 175 -50.28 -18.94 -61.95
CA ILE H 175 -50.21 -20.33 -62.36
C ILE H 175 -48.87 -20.58 -63.03
N SER H 176 -48.17 -21.59 -62.51
CA SER H 176 -47.07 -22.21 -63.24
C SER H 176 -47.40 -23.69 -63.41
N THR H 177 -46.75 -24.32 -64.41
CA THR H 177 -46.94 -25.71 -64.79
C THR H 177 -45.69 -26.52 -64.42
N GLU H 178 -45.80 -27.40 -63.43
CA GLU H 178 -44.72 -28.29 -63.09
C GLU H 178 -44.73 -29.47 -64.07
N ILE H 179 -43.55 -29.80 -64.59
CA ILE H 179 -43.40 -30.88 -65.56
C ILE H 179 -42.29 -31.82 -65.09
N VAL H 180 -42.53 -33.13 -65.19
CA VAL H 180 -41.46 -34.10 -65.03
C VAL H 180 -41.29 -34.80 -66.36
N PHE H 181 -40.12 -34.59 -66.98
CA PHE H 181 -39.77 -35.28 -68.21
C PHE H 181 -39.04 -36.58 -67.89
N ARG H 182 -39.17 -37.53 -68.81
CA ARG H 182 -38.45 -38.79 -68.81
C ARG H 182 -38.15 -39.10 -70.26
N CYS H 183 -36.92 -39.58 -70.53
CA CYS H 183 -36.56 -40.08 -71.84
C CYS H 183 -36.32 -41.59 -71.81
N SER H 184 -36.18 -42.14 -73.01
CA SER H 184 -36.20 -43.56 -73.25
C SER H 184 -35.22 -43.83 -74.39
N ASN H 185 -34.16 -44.60 -74.08
CA ASN H 185 -33.16 -45.05 -75.04
C ASN H 185 -32.48 -43.86 -75.72
N LEU H 186 -31.72 -43.09 -74.94
CA LEU H 186 -30.94 -42.00 -75.48
C LEU H 186 -29.69 -42.58 -76.14
N GLU H 187 -29.29 -41.95 -77.24
CA GLU H 187 -28.02 -42.25 -77.91
C GLU H 187 -27.14 -41.01 -77.95
N SER H 188 -25.97 -41.12 -77.32
CA SER H 188 -24.94 -40.10 -77.38
C SER H 188 -24.36 -40.06 -78.79
N LYS H 189 -23.90 -38.88 -79.25
CA LYS H 189 -23.15 -38.80 -80.49
C LYS H 189 -21.77 -39.40 -80.28
N ASP H 190 -21.23 -39.23 -79.06
CA ASP H 190 -19.97 -39.83 -78.63
C ASP H 190 -20.14 -41.34 -78.53
N LEU H 191 -19.56 -42.04 -79.51
CA LEU H 191 -19.77 -43.47 -79.65
C LEU H 191 -19.04 -44.23 -78.55
N PHE H 192 -19.51 -45.44 -78.25
CA PHE H 192 -18.96 -46.33 -77.25
C PHE H 192 -19.03 -45.75 -75.83
N SER H 193 -19.78 -44.65 -75.69
CA SER H 193 -19.98 -44.06 -74.37
C SER H 193 -21.46 -43.85 -74.08
N LYS H 194 -21.81 -43.90 -72.79
CA LYS H 194 -23.16 -43.55 -72.37
C LYS H 194 -23.27 -42.04 -72.26
N SER H 195 -24.52 -41.55 -72.28
CA SER H 195 -24.77 -40.12 -72.23
C SER H 195 -24.91 -39.63 -70.79
N ASP H 196 -24.55 -38.36 -70.60
CA ASP H 196 -24.82 -37.64 -69.37
C ASP H 196 -25.80 -36.51 -69.73
N PRO H 197 -27.13 -36.79 -69.73
CA PRO H 197 -28.09 -35.96 -70.45
C PRO H 197 -28.80 -34.93 -69.58
N PHE H 198 -29.14 -33.80 -70.21
CA PHE H 198 -29.98 -32.77 -69.61
C PHE H 198 -30.90 -32.21 -70.70
N LEU H 199 -31.92 -31.45 -70.27
CA LEU H 199 -32.93 -30.86 -71.14
C LEU H 199 -32.90 -29.34 -71.05
N VAL H 200 -33.08 -28.68 -72.21
CA VAL H 200 -33.22 -27.24 -72.28
C VAL H 200 -34.54 -26.95 -72.98
N VAL H 201 -35.40 -26.16 -72.32
CA VAL H 201 -36.67 -25.73 -72.90
C VAL H 201 -36.52 -24.27 -73.35
N SER H 202 -36.82 -24.03 -74.64
CA SER H 202 -36.58 -22.74 -75.25
C SER H 202 -37.84 -22.22 -75.93
N LYS H 203 -38.23 -20.99 -75.57
CA LYS H 203 -39.30 -20.26 -76.24
C LYS H 203 -38.90 -19.95 -77.67
N ILE H 204 -39.88 -19.99 -78.57
CA ILE H 204 -39.70 -19.57 -79.96
C ILE H 204 -40.26 -18.16 -80.09
N VAL H 205 -39.43 -17.21 -80.58
CA VAL H 205 -39.75 -15.78 -80.45
C VAL H 205 -40.24 -15.13 -81.75
N GLU H 206 -39.47 -15.27 -82.83
CA GLU H 206 -39.76 -14.55 -84.06
C GLU H 206 -39.29 -15.32 -85.29
N HIS H 207 -38.09 -14.98 -85.78
CA HIS H 207 -37.35 -15.71 -86.81
C HIS H 207 -36.68 -16.95 -86.20
N GLY H 208 -37.41 -17.52 -85.25
CA GLY H 208 -37.07 -18.78 -84.64
C GLY H 208 -35.79 -18.72 -83.84
N THR H 209 -35.33 -17.53 -83.37
CA THR H 209 -34.34 -17.43 -82.31
C THR H 209 -34.87 -18.11 -81.04
N PRO H 210 -34.05 -18.96 -80.38
CA PRO H 210 -34.51 -19.67 -79.18
C PRO H 210 -34.06 -18.82 -78.01
N ILE H 211 -34.96 -18.45 -77.10
CA ILE H 211 -34.56 -17.96 -75.77
C ILE H 211 -34.66 -19.12 -74.79
N PRO H 212 -33.55 -19.75 -74.35
CA PRO H 212 -33.61 -20.71 -73.23
C PRO H 212 -34.46 -20.19 -72.08
N VAL H 213 -35.37 -21.04 -71.59
CA VAL H 213 -36.34 -20.63 -70.58
C VAL H 213 -36.20 -21.55 -69.36
N SER H 214 -35.81 -22.80 -69.60
CA SER H 214 -35.60 -23.73 -68.49
C SER H 214 -34.62 -24.84 -68.86
N LYS H 215 -34.06 -25.45 -67.82
CA LYS H 215 -32.98 -26.41 -67.92
C LYS H 215 -33.13 -27.42 -66.79
N THR H 216 -32.91 -28.70 -67.10
CA THR H 216 -32.95 -29.75 -66.09
C THR H 216 -31.54 -29.95 -65.55
N GLU H 217 -31.41 -30.68 -64.42
CA GLU H 217 -30.10 -31.03 -63.92
C GLU H 217 -29.45 -32.02 -64.90
N VAL H 218 -28.13 -32.23 -64.75
CA VAL H 218 -27.42 -33.21 -65.56
C VAL H 218 -27.42 -34.54 -64.79
N ARG H 219 -27.70 -35.64 -65.51
CA ARG H 219 -27.68 -36.96 -64.90
C ARG H 219 -26.52 -37.77 -65.49
N LYS H 220 -25.86 -38.57 -64.64
CA LYS H 220 -24.67 -39.30 -65.02
C LYS H 220 -25.05 -40.70 -65.50
N ASN H 221 -24.49 -41.09 -66.66
CA ASN H 221 -24.62 -42.43 -67.20
C ASN H 221 -26.07 -42.91 -67.12
N ASP H 222 -26.97 -42.21 -67.83
CA ASP H 222 -28.37 -42.56 -67.83
C ASP H 222 -28.86 -42.51 -69.28
N LEU H 223 -29.44 -43.64 -69.74
CA LEU H 223 -29.96 -43.81 -71.08
C LEU H 223 -31.47 -43.68 -71.06
N ASN H 224 -32.05 -43.63 -69.84
CA ASN H 224 -33.48 -43.50 -69.63
C ASN H 224 -33.71 -42.54 -68.47
N PRO H 225 -33.30 -41.27 -68.61
CA PRO H 225 -33.31 -40.33 -67.49
C PRO H 225 -34.73 -39.95 -67.07
N ILE H 226 -34.92 -39.80 -65.75
CA ILE H 226 -36.08 -39.16 -65.16
C ILE H 226 -35.59 -37.99 -64.33
N TRP H 227 -35.69 -36.78 -64.90
CA TRP H 227 -35.19 -35.58 -64.26
C TRP H 227 -36.12 -35.13 -63.14
N LYS H 228 -35.60 -34.21 -62.32
CA LYS H 228 -36.40 -33.55 -61.30
C LYS H 228 -37.33 -32.56 -61.98
N PRO H 229 -38.38 -32.07 -61.28
CA PRO H 229 -39.41 -31.25 -61.92
C PRO H 229 -38.86 -29.89 -62.33
N VAL H 230 -39.20 -29.44 -63.53
CA VAL H 230 -38.98 -28.05 -63.92
C VAL H 230 -40.34 -27.37 -63.96
N PHE H 231 -40.36 -26.04 -63.74
CA PHE H 231 -41.56 -25.23 -63.68
C PHE H 231 -41.58 -24.21 -64.82
N LEU H 232 -42.74 -24.04 -65.47
CA LEU H 232 -42.88 -23.01 -66.49
C LEU H 232 -44.16 -22.21 -66.28
N SER H 233 -44.00 -20.89 -66.10
CA SER H 233 -45.11 -19.94 -66.08
C SER H 233 -45.48 -19.62 -67.53
N VAL H 234 -46.67 -19.03 -67.73
CA VAL H 234 -47.23 -18.84 -69.06
C VAL H 234 -46.41 -17.78 -69.80
N GLN H 235 -45.90 -16.81 -69.03
CA GLN H 235 -45.17 -15.69 -69.62
C GLN H 235 -43.82 -16.15 -70.14
N GLN H 236 -43.28 -17.24 -69.56
CA GLN H 236 -42.02 -17.82 -70.00
C GLN H 236 -42.19 -18.46 -71.38
N VAL H 237 -43.39 -18.98 -71.66
CA VAL H 237 -43.66 -19.78 -72.84
C VAL H 237 -44.41 -18.97 -73.89
N GLY H 238 -45.19 -17.97 -73.43
CA GLY H 238 -46.14 -17.27 -74.28
C GLY H 238 -47.57 -17.64 -73.92
N SER H 239 -48.12 -18.62 -74.64
CA SER H 239 -49.39 -19.23 -74.27
C SER H 239 -49.23 -20.74 -74.19
N LYS H 240 -50.26 -21.40 -73.63
CA LYS H 240 -50.25 -22.84 -73.45
C LYS H 240 -50.32 -23.55 -74.81
N ASP H 241 -50.68 -22.82 -75.87
CA ASP H 241 -50.79 -23.42 -77.19
C ASP H 241 -49.60 -23.04 -78.07
N SER H 242 -48.64 -22.28 -77.49
CA SER H 242 -47.44 -21.83 -78.18
C SER H 242 -46.40 -22.96 -78.18
N PRO H 243 -45.97 -23.46 -79.36
CA PRO H 243 -44.92 -24.48 -79.44
C PRO H 243 -43.57 -23.97 -78.90
N VAL H 244 -42.92 -24.82 -78.10
CA VAL H 244 -41.60 -24.57 -77.54
C VAL H 244 -40.63 -25.61 -78.11
N ILE H 245 -39.33 -25.39 -77.91
CA ILE H 245 -38.32 -26.36 -78.33
C ILE H 245 -37.80 -27.08 -77.10
N ILE H 246 -37.73 -28.41 -77.18
CA ILE H 246 -37.11 -29.21 -76.14
C ILE H 246 -35.93 -29.97 -76.73
N GLU H 247 -34.72 -29.60 -76.27
CA GLU H 247 -33.49 -30.22 -76.73
C GLU H 247 -32.91 -31.06 -75.60
N CYS H 248 -32.60 -32.31 -75.93
CA CYS H 248 -31.84 -33.19 -75.06
C CYS H 248 -30.38 -33.14 -75.49
N SER H 249 -29.49 -32.91 -74.51
CA SER H 249 -28.08 -32.71 -74.79
C SER H 249 -27.21 -33.56 -73.86
N ASP H 250 -26.02 -33.89 -74.37
CA ASP H 250 -25.02 -34.66 -73.63
C ASP H 250 -24.00 -33.66 -73.06
N PHE H 251 -23.81 -33.71 -71.74
CA PHE H 251 -23.00 -32.73 -71.02
C PHE H 251 -21.52 -33.03 -71.20
N ASN H 252 -20.74 -31.96 -71.42
CA ASN H 252 -19.30 -32.01 -71.54
C ASN H 252 -18.71 -30.87 -70.72
N SER H 253 -17.85 -31.21 -69.76
CA SER H 253 -17.31 -30.22 -68.82
C SER H 253 -16.60 -29.09 -69.55
N ASN H 254 -16.09 -29.40 -70.75
CA ASN H 254 -15.39 -28.44 -71.58
C ASN H 254 -16.35 -27.36 -72.09
N GLY H 255 -17.65 -27.53 -71.82
CA GLY H 255 -18.62 -26.49 -72.10
C GLY H 255 -19.33 -26.65 -73.46
N LYS H 256 -18.77 -27.48 -74.35
CA LYS H 256 -19.42 -27.72 -75.64
C LYS H 256 -20.21 -29.03 -75.60
N HIS H 257 -21.52 -28.91 -75.38
CA HIS H 257 -22.41 -30.05 -75.25
C HIS H 257 -22.95 -30.46 -76.61
N SER H 258 -23.19 -31.76 -76.78
CA SER H 258 -23.63 -32.32 -78.06
C SER H 258 -25.11 -32.67 -78.01
N LEU H 259 -25.83 -32.23 -79.04
CA LEU H 259 -27.27 -32.44 -79.18
C LEU H 259 -27.54 -33.93 -79.35
N ILE H 260 -28.49 -34.45 -78.58
CA ILE H 260 -28.89 -35.85 -78.64
C ILE H 260 -30.15 -35.96 -79.49
N GLY H 261 -31.09 -35.04 -79.25
CA GLY H 261 -32.36 -35.00 -79.95
C GLY H 261 -33.17 -33.75 -79.57
N LYS H 262 -34.27 -33.55 -80.30
CA LYS H 262 -35.03 -32.32 -80.21
C LYS H 262 -36.46 -32.64 -80.66
N VAL H 263 -37.44 -32.10 -79.91
CA VAL H 263 -38.83 -32.09 -80.35
C VAL H 263 -39.38 -30.68 -80.19
N GLN H 264 -40.47 -30.40 -80.91
CA GLN H 264 -41.12 -29.10 -80.87
C GLN H 264 -42.62 -29.33 -80.65
N LYS H 265 -43.12 -28.83 -79.51
CA LYS H 265 -44.48 -29.12 -79.05
C LYS H 265 -44.91 -27.99 -78.11
N SER H 266 -46.23 -27.75 -78.04
CA SER H 266 -46.78 -26.78 -77.11
C SER H 266 -46.95 -27.41 -75.73
N LEU H 267 -47.20 -26.56 -74.72
CA LEU H 267 -47.39 -27.02 -73.36
C LEU H 267 -48.72 -27.77 -73.27
N SER H 268 -49.63 -27.47 -74.19
CA SER H 268 -50.91 -28.16 -74.31
C SER H 268 -50.68 -29.56 -74.87
N ASP H 269 -49.86 -29.62 -75.94
CA ASP H 269 -49.45 -30.86 -76.58
C ASP H 269 -48.85 -31.83 -75.56
N LEU H 270 -48.05 -31.29 -74.63
CA LEU H 270 -47.37 -32.11 -73.66
C LEU H 270 -48.39 -32.73 -72.70
N GLU H 271 -49.43 -31.95 -72.38
CA GLU H 271 -50.46 -32.36 -71.44
C GLU H 271 -51.20 -33.57 -72.00
N LYS H 272 -51.52 -33.51 -73.30
CA LYS H 272 -52.21 -34.59 -73.98
C LYS H 272 -51.35 -35.85 -73.94
N LEU H 273 -50.05 -35.70 -74.22
CA LEU H 273 -49.10 -36.81 -74.09
C LEU H 273 -49.13 -37.37 -72.67
N HIS H 274 -49.07 -36.49 -71.66
CA HIS H 274 -49.07 -36.96 -70.28
C HIS H 274 -50.29 -37.83 -70.01
N LEU H 275 -51.48 -37.34 -70.42
CA LEU H 275 -52.73 -37.98 -70.05
C LEU H 275 -52.82 -39.34 -70.73
N ALA H 276 -52.41 -39.36 -72.01
CA ALA H 276 -52.48 -40.53 -72.87
C ALA H 276 -51.44 -41.58 -72.47
N GLY H 277 -50.34 -41.14 -71.85
CA GLY H 277 -49.24 -42.01 -71.48
C GLY H 277 -48.30 -42.26 -72.67
N GLN H 278 -48.52 -41.51 -73.76
CA GLN H 278 -47.75 -41.62 -74.98
C GLN H 278 -46.46 -40.78 -74.90
N GLY H 279 -45.39 -41.31 -75.50
CA GLY H 279 -44.16 -40.58 -75.75
C GLY H 279 -44.11 -40.06 -77.18
N ILE H 280 -43.11 -39.23 -77.48
CA ILE H 280 -42.92 -38.69 -78.81
C ILE H 280 -41.45 -38.89 -79.18
N ASN H 281 -41.18 -39.34 -80.41
CA ASN H 281 -39.83 -39.58 -80.90
C ASN H 281 -39.11 -38.26 -81.10
N PHE H 282 -37.82 -38.25 -80.73
CA PHE H 282 -36.92 -37.13 -80.93
C PHE H 282 -36.45 -37.11 -82.39
N SER H 283 -35.91 -35.95 -82.81
CA SER H 283 -35.37 -35.75 -84.15
C SER H 283 -34.02 -35.04 -84.06
N LEU H 284 -33.13 -35.37 -85.03
CA LEU H 284 -31.92 -34.59 -85.29
C LEU H 284 -32.05 -33.92 -86.65
N PRO H 285 -31.57 -32.67 -86.84
CA PRO H 285 -31.62 -32.04 -88.17
C PRO H 285 -30.61 -32.69 -89.14
N THR H 286 -30.99 -32.78 -90.41
CA THR H 286 -30.08 -33.23 -91.47
C THR H 286 -30.02 -32.23 -92.63
N GLY H 287 -29.38 -31.09 -92.35
CA GLY H 287 -29.29 -29.97 -93.27
C GLY H 287 -30.51 -29.03 -93.15
N ALA H 288 -30.84 -28.40 -94.27
CA ALA H 288 -31.58 -27.13 -94.28
C ALA H 288 -33.03 -27.39 -94.65
N GLY H 289 -33.70 -28.26 -93.88
CA GLY H 289 -35.16 -28.19 -93.81
C GLY H 289 -35.79 -29.50 -93.40
N GLN H 290 -35.01 -30.60 -93.34
CA GLN H 290 -35.59 -31.87 -92.93
C GLN H 290 -34.86 -32.51 -91.74
N ASN H 291 -35.56 -33.47 -91.15
CA ASN H 291 -35.18 -34.05 -89.86
C ASN H 291 -35.17 -35.58 -89.97
N LYS H 292 -34.48 -36.20 -89.03
CA LYS H 292 -34.40 -37.66 -88.93
C LYS H 292 -34.95 -38.09 -87.57
N VAL H 293 -35.95 -38.97 -87.61
CA VAL H 293 -36.64 -39.47 -86.42
C VAL H 293 -35.77 -40.54 -85.75
N LEU H 294 -35.48 -40.34 -84.46
CA LEU H 294 -34.66 -41.25 -83.67
C LEU H 294 -35.55 -42.30 -83.02
N LYS H 295 -34.91 -43.38 -82.53
CA LYS H 295 -35.58 -44.40 -81.73
C LYS H 295 -35.91 -43.84 -80.34
N SER H 296 -35.08 -42.91 -79.86
CA SER H 296 -35.24 -42.30 -78.56
C SER H 296 -36.55 -41.50 -78.46
N GLN H 297 -37.13 -41.50 -77.27
CA GLN H 297 -38.45 -40.90 -77.07
C GLN H 297 -38.44 -40.02 -75.81
N LEU H 298 -39.39 -39.07 -75.81
CA LEU H 298 -39.63 -38.19 -74.68
C LEU H 298 -40.99 -38.53 -74.07
N PHE H 299 -41.08 -38.33 -72.75
CA PHE H 299 -42.26 -38.68 -72.01
C PHE H 299 -42.52 -37.58 -70.98
N VAL H 300 -43.78 -37.41 -70.61
CA VAL H 300 -44.17 -36.43 -69.62
C VAL H 300 -44.82 -37.18 -68.48
N ASP H 301 -43.98 -37.62 -67.51
CA ASP H 301 -44.45 -38.44 -66.39
C ASP H 301 -45.42 -37.66 -65.50
N LYS H 302 -45.16 -36.36 -65.31
CA LYS H 302 -45.99 -35.51 -64.49
C LYS H 302 -46.18 -34.17 -65.17
N PHE H 303 -47.30 -33.51 -64.87
CA PHE H 303 -47.67 -32.26 -65.51
C PHE H 303 -48.87 -31.67 -64.78
N THR H 304 -48.59 -30.69 -63.90
CA THR H 304 -49.60 -30.15 -63.01
C THR H 304 -49.54 -28.64 -63.08
N GLU H 305 -50.64 -28.00 -63.54
CA GLU H 305 -50.75 -26.56 -63.40
C GLU H 305 -51.13 -26.26 -61.95
N THR H 306 -50.29 -25.43 -61.29
CA THR H 306 -50.37 -25.21 -59.85
C THR H 306 -50.42 -23.71 -59.59
N VAL H 307 -51.10 -23.37 -58.50
CA VAL H 307 -51.17 -21.98 -58.04
C VAL H 307 -50.03 -21.81 -57.06
N HIS H 308 -49.05 -21.00 -57.47
CA HIS H 308 -47.87 -20.71 -56.67
C HIS H 308 -48.26 -19.71 -55.58
N HIS H 309 -47.76 -19.90 -54.35
CA HIS H 309 -47.94 -18.90 -53.32
C HIS H 309 -47.09 -17.68 -53.69
N THR H 310 -47.76 -16.56 -53.99
CA THR H 310 -47.08 -15.41 -54.54
C THR H 310 -46.80 -14.39 -53.44
N PHE H 311 -45.96 -13.39 -53.79
CA PHE H 311 -45.73 -12.27 -52.89
C PHE H 311 -47.07 -11.80 -52.33
N LEU H 312 -48.02 -11.44 -53.22
CA LEU H 312 -49.31 -10.93 -52.79
C LEU H 312 -50.02 -11.86 -51.81
N GLU H 313 -49.83 -13.18 -51.99
CA GLU H 313 -50.45 -14.13 -51.08
C GLU H 313 -49.90 -13.88 -49.68
N TYR H 314 -48.59 -13.69 -49.56
CA TYR H 314 -47.95 -13.46 -48.28
C TYR H 314 -48.40 -12.14 -47.64
N LEU H 315 -48.51 -11.07 -48.43
CA LEU H 315 -48.93 -9.78 -47.91
C LEU H 315 -50.33 -9.88 -47.30
N ALA H 316 -51.19 -10.67 -47.94
CA ALA H 316 -52.56 -10.85 -47.51
C ALA H 316 -52.63 -11.74 -46.27
N SER H 317 -51.51 -12.38 -45.92
CA SER H 317 -51.43 -13.24 -44.75
C SER H 317 -50.74 -12.50 -43.60
N GLY H 318 -50.70 -11.17 -43.70
CA GLY H 318 -50.17 -10.31 -42.65
C GLY H 318 -48.65 -10.35 -42.52
N PHE H 319 -47.92 -10.43 -43.63
CA PHE H 319 -46.47 -10.33 -43.63
C PHE H 319 -46.09 -8.93 -44.07
N GLU H 320 -45.05 -8.38 -43.42
CA GLU H 320 -44.71 -6.99 -43.63
C GLU H 320 -43.28 -6.87 -44.13
N LEU H 321 -43.02 -5.73 -44.79
CA LEU H 321 -41.68 -5.33 -45.15
C LEU H 321 -41.32 -4.12 -44.28
N ASN H 322 -40.32 -4.31 -43.41
CA ASN H 322 -39.94 -3.28 -42.48
C ASN H 322 -38.67 -2.59 -42.95
N PHE H 323 -38.80 -1.29 -43.24
CA PHE H 323 -37.74 -0.46 -43.80
C PHE H 323 -36.79 -0.05 -42.69
N MET H 324 -35.48 -0.11 -42.98
CA MET H 324 -34.41 0.31 -42.11
C MET H 324 -33.51 1.21 -42.94
N VAL H 325 -32.77 2.12 -42.29
CA VAL H 325 -31.90 3.04 -43.01
C VAL H 325 -30.58 3.20 -42.24
N ALA H 326 -29.47 3.33 -42.99
CA ALA H 326 -28.17 3.65 -42.42
C ALA H 326 -27.47 4.63 -43.35
N ILE H 327 -26.88 5.68 -42.78
CA ILE H 327 -26.43 6.86 -43.51
C ILE H 327 -24.98 7.16 -43.18
N ASP H 328 -24.13 7.19 -44.22
CA ASP H 328 -22.71 7.55 -44.12
C ASP H 328 -22.63 8.99 -43.62
N PHE H 329 -21.99 9.15 -42.45
CA PHE H 329 -21.67 10.45 -41.87
C PHE H 329 -20.15 10.68 -41.88
N THR H 330 -19.45 10.03 -42.81
CA THR H 330 -18.00 10.23 -42.95
C THR H 330 -17.75 11.61 -43.53
N ALA H 331 -16.62 12.21 -43.12
CA ALA H 331 -16.20 13.52 -43.59
C ALA H 331 -15.98 13.50 -45.09
N SER H 332 -15.77 12.30 -45.67
CA SER H 332 -15.76 12.15 -47.12
C SER H 332 -16.70 13.19 -47.74
N ASN H 333 -17.82 13.49 -47.05
CA ASN H 333 -19.02 14.16 -47.54
C ASN H 333 -18.88 15.67 -47.57
N GLY H 334 -18.07 16.23 -46.66
CA GLY H 334 -17.92 17.68 -46.58
C GLY H 334 -18.91 18.29 -45.58
N ASN H 335 -18.52 19.38 -44.92
CA ASN H 335 -19.35 19.95 -43.88
C ASN H 335 -20.75 20.28 -44.39
N PRO H 336 -21.79 19.80 -43.69
CA PRO H 336 -23.18 20.18 -43.98
C PRO H 336 -23.44 21.65 -44.27
N ARG H 337 -22.57 22.55 -43.80
CA ARG H 337 -22.89 23.97 -43.93
C ARG H 337 -22.37 24.51 -45.26
N LEU H 338 -21.77 23.62 -46.06
CA LEU H 338 -21.07 23.99 -47.29
C LEU H 338 -21.94 23.62 -48.48
N PRO H 339 -22.25 24.59 -49.37
CA PRO H 339 -23.14 24.35 -50.52
C PRO H 339 -22.82 23.11 -51.35
N ASP H 340 -21.55 22.71 -51.40
CA ASP H 340 -21.15 21.58 -52.22
C ASP H 340 -20.95 20.33 -51.35
N SER H 341 -21.40 20.37 -50.10
CA SER H 341 -21.40 19.16 -49.30
C SER H 341 -22.54 18.26 -49.76
N LEU H 342 -22.27 16.95 -49.78
CA LEU H 342 -23.30 16.00 -50.13
C LEU H 342 -24.42 16.00 -49.08
N HIS H 343 -24.18 16.62 -47.91
CA HIS H 343 -25.18 16.63 -46.84
C HIS H 343 -25.80 18.02 -46.71
N TYR H 344 -25.50 18.88 -47.69
CA TYR H 344 -25.95 20.26 -47.65
C TYR H 344 -27.46 20.28 -47.53
N ILE H 345 -27.98 20.99 -46.52
CA ILE H 345 -29.41 21.18 -46.32
C ILE H 345 -29.80 22.51 -46.94
N ASP H 346 -30.32 22.47 -48.18
CA ASP H 346 -30.62 23.67 -48.93
C ASP H 346 -31.68 24.48 -48.19
N PRO H 347 -31.51 25.81 -48.03
CA PRO H 347 -32.51 26.63 -47.34
C PRO H 347 -33.83 26.65 -48.11
N SER H 348 -33.74 26.50 -49.44
CA SER H 348 -34.89 26.50 -50.33
C SER H 348 -35.75 25.25 -50.12
N GLY H 349 -35.20 24.24 -49.44
CA GLY H 349 -35.90 23.00 -49.13
C GLY H 349 -35.68 21.90 -50.18
N ARG H 350 -34.79 22.13 -51.14
CA ARG H 350 -34.35 21.13 -52.11
C ARG H 350 -33.63 19.99 -51.39
N LEU H 351 -34.05 18.75 -51.65
CA LEU H 351 -33.49 17.57 -51.02
C LEU H 351 -32.09 17.26 -51.59
N ASN H 352 -31.15 16.90 -50.71
CA ASN H 352 -29.85 16.43 -51.18
C ASN H 352 -29.98 14.95 -51.52
N ALA H 353 -28.86 14.35 -51.94
CA ALA H 353 -28.85 12.97 -52.41
C ALA H 353 -29.33 12.02 -51.30
N TYR H 354 -28.95 12.29 -50.06
CA TYR H 354 -29.34 11.37 -49.00
C TYR H 354 -30.83 11.47 -48.76
N GLN H 355 -31.35 12.70 -48.85
CA GLN H 355 -32.79 12.91 -48.71
C GLN H 355 -33.55 12.31 -49.88
N ARG H 356 -33.06 12.52 -51.12
CA ARG H 356 -33.69 11.95 -52.29
C ARG H 356 -33.78 10.42 -52.16
N ALA H 357 -32.67 9.76 -51.84
CA ALA H 357 -32.66 8.31 -51.83
C ALA H 357 -33.56 7.81 -50.70
N ILE H 358 -33.55 8.51 -49.55
CA ILE H 358 -34.43 8.06 -48.49
C ILE H 358 -35.89 8.12 -48.95
N MET H 359 -36.30 9.25 -49.56
CA MET H 359 -37.68 9.39 -50.02
C MET H 359 -37.99 8.38 -51.12
N ASP H 360 -37.17 8.38 -52.18
CA ASP H 360 -37.37 7.47 -53.30
C ASP H 360 -37.68 6.05 -52.81
N VAL H 361 -37.06 5.61 -51.72
CA VAL H 361 -37.21 4.24 -51.26
C VAL H 361 -38.31 4.18 -50.20
N GLY H 362 -38.19 4.99 -49.14
CA GLY H 362 -39.15 4.98 -48.05
C GLY H 362 -40.59 5.17 -48.52
N GLU H 363 -40.78 6.13 -49.42
CA GLU H 363 -42.10 6.52 -49.91
C GLU H 363 -42.88 5.29 -50.36
N VAL H 364 -42.16 4.27 -50.81
CA VAL H 364 -42.74 3.06 -51.35
C VAL H 364 -42.88 2.01 -50.25
N LEU H 365 -41.80 1.80 -49.48
CA LEU H 365 -41.76 0.67 -48.56
C LEU H 365 -42.56 0.97 -47.30
N GLN H 366 -43.00 2.23 -47.15
CA GLN H 366 -43.66 2.64 -45.94
C GLN H 366 -45.04 2.00 -45.88
N PHE H 367 -45.56 1.61 -47.05
CA PHE H 367 -46.92 1.09 -47.12
C PHE H 367 -46.97 -0.39 -46.74
N TYR H 368 -45.80 -1.00 -46.52
CA TYR H 368 -45.73 -2.44 -46.34
C TYR H 368 -45.44 -2.78 -44.88
N ASP H 369 -45.31 -1.76 -44.02
CA ASP H 369 -45.20 -1.94 -42.58
C ASP H 369 -46.32 -1.14 -41.91
N SER H 370 -46.98 -1.74 -40.91
CA SER H 370 -48.17 -1.17 -40.29
C SER H 370 -47.86 -0.27 -39.10
N ASP H 371 -46.76 -0.53 -38.39
CA ASP H 371 -46.39 0.29 -37.22
C ASP H 371 -45.58 1.51 -37.66
N LYS H 372 -44.89 1.40 -38.79
CA LYS H 372 -44.06 2.47 -39.33
C LYS H 372 -43.01 2.90 -38.32
N ARG H 373 -42.61 1.96 -37.45
CA ARG H 373 -41.42 2.18 -36.63
C ARG H 373 -40.19 1.62 -37.34
N PHE H 374 -39.37 2.52 -37.88
CA PHE H 374 -38.27 2.19 -38.78
C PHE H 374 -36.94 2.49 -38.10
N PRO H 375 -36.08 1.46 -37.89
CA PRO H 375 -34.72 1.66 -37.40
C PRO H 375 -33.92 2.57 -38.30
N ALA H 376 -33.22 3.53 -37.71
CA ALA H 376 -32.43 4.51 -38.43
C ALA H 376 -31.08 4.64 -37.73
N TRP H 377 -30.02 4.42 -38.50
CA TRP H 377 -28.66 4.55 -38.01
C TRP H 377 -27.87 5.55 -38.86
N GLY H 378 -26.81 6.05 -38.26
CA GLY H 378 -25.68 6.65 -38.97
C GLY H 378 -24.39 5.90 -38.63
N PHE H 379 -23.36 6.16 -39.44
CA PHE H 379 -22.07 5.53 -39.25
C PHE H 379 -20.96 6.48 -39.70
N GLY H 380 -19.82 6.41 -38.98
CA GLY H 380 -18.62 7.13 -39.36
C GLY H 380 -18.60 8.58 -38.85
N ALA H 381 -19.19 8.79 -37.66
CA ALA H 381 -19.19 10.13 -37.06
C ALA H 381 -18.81 10.03 -35.59
N ARG H 382 -18.40 11.17 -35.04
CA ARG H 382 -18.07 11.26 -33.63
C ARG H 382 -19.19 12.02 -32.93
N PRO H 383 -20.04 11.35 -32.12
CA PRO H 383 -21.08 12.05 -31.36
C PRO H 383 -20.40 12.84 -30.24
N ILE H 384 -21.19 13.63 -29.50
CA ILE H 384 -20.65 14.59 -28.55
C ILE H 384 -19.77 13.87 -27.53
N ASP H 385 -18.46 14.13 -27.58
CA ASP H 385 -17.51 13.81 -26.52
C ASP H 385 -17.07 12.35 -26.57
N ALA H 386 -17.76 11.53 -27.37
CA ALA H 386 -17.47 10.12 -27.51
C ALA H 386 -16.45 9.88 -28.62
N PRO H 387 -15.93 8.64 -28.80
CA PRO H 387 -15.16 8.29 -30.00
C PRO H 387 -16.08 7.99 -31.20
N VAL H 388 -15.47 7.87 -32.38
CA VAL H 388 -16.18 7.59 -33.62
C VAL H 388 -17.10 6.38 -33.42
N SER H 389 -18.36 6.52 -33.83
CA SER H 389 -19.33 5.44 -33.82
C SER H 389 -19.54 4.93 -35.23
N HIS H 390 -19.71 3.60 -35.38
CA HIS H 390 -19.97 3.06 -36.70
C HIS H 390 -21.39 2.50 -36.77
N CYS H 391 -22.18 2.88 -35.77
CA CYS H 391 -23.61 2.61 -35.69
C CYS H 391 -24.17 3.38 -34.51
N PHE H 392 -24.53 4.65 -34.72
CA PHE H 392 -25.26 5.40 -33.71
C PHE H 392 -26.69 5.63 -34.19
N ASN H 393 -27.64 5.65 -33.25
CA ASN H 393 -29.04 5.89 -33.57
C ASN H 393 -29.20 7.34 -34.04
N LEU H 394 -29.76 7.55 -35.24
CA LEU H 394 -29.99 8.87 -35.80
C LEU H 394 -30.85 9.72 -34.86
N ASN H 395 -31.75 9.08 -34.11
CA ASN H 395 -32.66 9.83 -33.26
C ASN H 395 -31.91 10.34 -32.03
N GLY H 396 -30.67 9.88 -31.89
CA GLY H 396 -29.73 10.43 -30.92
C GLY H 396 -29.84 9.78 -29.55
N SER H 397 -30.57 8.67 -29.44
CA SER H 397 -30.72 7.99 -28.16
C SER H 397 -29.62 6.94 -28.03
N SER H 398 -29.66 6.17 -26.94
CA SER H 398 -28.65 5.17 -26.66
C SER H 398 -29.29 3.79 -26.68
N SER H 399 -30.62 3.75 -26.64
CA SER H 399 -31.34 2.53 -26.31
C SER H 399 -32.11 1.94 -27.50
N TYR H 400 -32.47 2.78 -28.49
CA TYR H 400 -33.41 2.31 -29.49
C TYR H 400 -33.29 3.14 -30.77
N SER H 401 -33.58 2.53 -31.92
CA SER H 401 -33.21 3.11 -33.20
C SER H 401 -34.44 3.44 -34.04
N GLU H 402 -35.58 2.86 -33.67
CA GLU H 402 -36.86 3.08 -34.32
C GLU H 402 -37.19 4.56 -34.30
N VAL H 403 -37.76 5.10 -35.41
CA VAL H 403 -38.32 6.45 -35.49
C VAL H 403 -39.70 6.36 -36.15
N ASP H 404 -40.58 7.33 -35.86
CA ASP H 404 -41.94 7.30 -36.40
C ASP H 404 -41.94 7.80 -37.84
N GLY H 405 -42.15 6.90 -38.79
CA GLY H 405 -42.46 7.25 -40.16
C GLY H 405 -41.25 7.76 -40.93
N ILE H 406 -41.39 7.83 -42.25
CA ILE H 406 -40.43 8.51 -43.11
C ILE H 406 -40.10 9.87 -42.52
N GLN H 407 -41.14 10.64 -42.17
CA GLN H 407 -40.95 11.94 -41.57
C GLN H 407 -39.94 11.85 -40.44
N GLY H 408 -40.09 10.82 -39.59
CA GLY H 408 -39.19 10.59 -38.47
C GLY H 408 -37.74 10.38 -38.92
N ILE H 409 -37.55 9.65 -40.03
CA ILE H 409 -36.21 9.48 -40.55
C ILE H 409 -35.66 10.82 -41.00
N MET H 410 -36.47 11.59 -41.72
CA MET H 410 -35.97 12.85 -42.28
C MET H 410 -35.56 13.81 -41.17
N THR H 411 -36.36 13.89 -40.12
CA THR H 411 -36.02 14.86 -39.08
C THR H 411 -34.87 14.33 -38.22
N SER H 412 -34.84 13.00 -37.96
CA SER H 412 -33.69 12.42 -37.27
C SER H 412 -32.39 12.72 -38.01
N TYR H 413 -32.43 12.67 -39.34
CA TYR H 413 -31.30 12.97 -40.18
C TYR H 413 -30.85 14.41 -39.99
N THR H 414 -31.70 15.40 -40.32
CA THR H 414 -31.30 16.80 -40.25
C THR H 414 -30.83 17.11 -38.84
N SER H 415 -31.48 16.51 -37.86
CA SER H 415 -31.06 16.66 -36.46
C SER H 415 -29.64 16.13 -36.24
N ALA H 416 -29.35 14.87 -36.59
CA ALA H 416 -28.01 14.31 -36.38
C ALA H 416 -26.94 15.14 -37.07
N LEU H 417 -27.24 15.64 -38.28
CA LEU H 417 -26.27 16.35 -39.09
C LEU H 417 -25.59 17.44 -38.28
N PHE H 418 -26.36 18.12 -37.43
CA PHE H 418 -25.78 19.27 -36.75
C PHE H 418 -25.43 18.94 -35.31
N ASN H 419 -25.43 17.65 -34.94
CA ASN H 419 -25.18 17.28 -33.56
C ASN H 419 -24.15 16.16 -33.45
N VAL H 420 -23.34 15.97 -34.50
CA VAL H 420 -22.21 15.05 -34.49
C VAL H 420 -21.15 15.54 -35.49
N SER H 421 -19.95 14.98 -35.37
CA SER H 421 -18.80 15.44 -36.14
C SER H 421 -18.45 14.42 -37.22
N LEU H 422 -18.67 14.81 -38.48
CA LEU H 422 -18.32 13.94 -39.59
C LEU H 422 -16.90 13.43 -39.40
N ALA H 423 -16.71 12.11 -39.39
CA ALA H 423 -15.39 11.56 -39.13
C ALA H 423 -15.03 10.51 -40.19
N GLY H 424 -14.78 9.27 -39.75
CA GLY H 424 -14.29 8.22 -40.64
C GLY H 424 -13.64 7.09 -39.85
N PRO H 425 -13.27 5.95 -40.52
CA PRO H 425 -13.49 5.79 -41.96
C PRO H 425 -14.83 5.11 -42.29
N THR H 426 -15.05 4.80 -43.59
CA THR H 426 -16.33 4.31 -44.05
C THR H 426 -16.40 2.80 -43.74
N LEU H 427 -17.22 2.36 -42.75
CA LEU H 427 -17.41 0.94 -42.45
C LEU H 427 -18.90 0.52 -42.47
N PHE H 428 -19.18 -0.70 -42.96
CA PHE H 428 -20.52 -1.23 -43.07
C PHE H 428 -20.77 -2.36 -42.07
N GLY H 429 -19.69 -3.01 -41.63
CA GLY H 429 -19.81 -4.17 -40.75
C GLY H 429 -20.81 -3.94 -39.62
N PRO H 430 -20.53 -3.02 -38.67
CA PRO H 430 -21.41 -2.76 -37.54
C PRO H 430 -22.90 -2.52 -37.84
N VAL H 431 -23.23 -1.72 -38.88
CA VAL H 431 -24.65 -1.50 -39.18
C VAL H 431 -25.29 -2.80 -39.63
N ILE H 432 -24.60 -3.54 -40.51
CA ILE H 432 -25.15 -4.79 -41.01
C ILE H 432 -25.44 -5.75 -39.85
N ASN H 433 -24.54 -5.81 -38.85
CA ASN H 433 -24.77 -6.64 -37.68
C ASN H 433 -25.97 -6.14 -36.88
N ALA H 434 -26.07 -4.82 -36.69
CA ALA H 434 -27.19 -4.22 -35.99
C ALA H 434 -28.52 -4.61 -36.64
N ALA H 435 -28.55 -4.55 -37.98
CA ALA H 435 -29.75 -4.93 -38.72
C ALA H 435 -30.05 -6.41 -38.50
N ALA H 436 -29.02 -7.25 -38.71
CA ALA H 436 -29.11 -8.69 -38.50
C ALA H 436 -29.64 -9.00 -37.10
N MET H 437 -29.09 -8.32 -36.09
CA MET H 437 -29.54 -8.56 -34.73
C MET H 437 -31.06 -8.40 -34.63
N ILE H 438 -31.62 -7.42 -35.35
CA ILE H 438 -33.05 -7.12 -35.30
C ILE H 438 -33.83 -8.18 -36.09
N ALA H 439 -33.33 -8.51 -37.29
CA ALA H 439 -33.94 -9.54 -38.12
C ALA H 439 -34.10 -10.81 -37.29
N SER H 440 -32.95 -11.31 -36.84
CA SER H 440 -32.80 -12.49 -36.01
C SER H 440 -33.80 -12.48 -34.87
N ALA H 441 -33.82 -11.39 -34.09
CA ALA H 441 -34.70 -11.27 -32.94
C ALA H 441 -36.16 -11.44 -33.37
N SER H 442 -36.49 -10.91 -34.54
CA SER H 442 -37.84 -10.99 -35.08
C SER H 442 -38.20 -12.43 -35.45
N LEU H 443 -37.23 -13.13 -36.06
CA LEU H 443 -37.37 -14.54 -36.42
C LEU H 443 -37.67 -15.40 -35.19
N ALA H 444 -36.86 -15.22 -34.13
CA ALA H 444 -36.97 -16.02 -32.92
C ALA H 444 -38.32 -15.81 -32.23
N GLN H 445 -38.87 -14.59 -32.31
CA GLN H 445 -40.14 -14.23 -31.70
C GLN H 445 -41.29 -14.59 -32.65
N GLY H 446 -41.00 -15.45 -33.65
CA GLY H 446 -41.98 -15.93 -34.60
C GLY H 446 -42.81 -14.80 -35.24
N SER H 447 -42.12 -13.69 -35.55
CA SER H 447 -42.75 -12.57 -36.21
C SER H 447 -42.84 -12.87 -37.71
N ARG H 448 -43.62 -12.03 -38.42
CA ARG H 448 -43.77 -12.19 -39.86
C ARG H 448 -43.24 -10.93 -40.55
N LYS H 449 -42.10 -10.46 -40.06
CA LYS H 449 -41.48 -9.28 -40.64
C LYS H 449 -40.29 -9.71 -41.49
N TYR H 450 -40.15 -9.06 -42.64
CA TYR H 450 -38.96 -9.17 -43.45
C TYR H 450 -38.45 -7.74 -43.62
N TYR H 451 -37.12 -7.57 -43.45
CA TYR H 451 -36.50 -6.28 -43.21
C TYR H 451 -35.70 -5.85 -44.44
N VAL H 452 -35.78 -4.56 -44.79
CA VAL H 452 -35.08 -4.01 -45.93
C VAL H 452 -34.24 -2.85 -45.43
N LEU H 453 -32.91 -3.00 -45.48
CA LEU H 453 -32.01 -1.99 -44.97
C LEU H 453 -31.44 -1.20 -46.14
N LEU H 454 -31.55 0.14 -46.06
CA LEU H 454 -31.00 0.98 -47.09
C LEU H 454 -29.77 1.67 -46.53
N ILE H 455 -28.63 1.45 -47.18
CA ILE H 455 -27.35 2.04 -46.79
C ILE H 455 -26.97 3.04 -47.89
N ILE H 456 -26.60 4.25 -47.48
CA ILE H 456 -26.26 5.31 -48.41
C ILE H 456 -24.86 5.77 -48.08
N THR H 457 -23.93 5.68 -49.04
CA THR H 457 -22.53 5.99 -48.79
C THR H 457 -21.98 6.81 -49.95
N ASP H 458 -20.86 7.51 -49.67
CA ASP H 458 -20.28 8.49 -50.57
C ASP H 458 -18.95 7.96 -51.09
N GLY H 459 -18.44 6.92 -50.41
CA GLY H 459 -17.19 6.27 -50.75
C GLY H 459 -17.25 4.75 -50.55
N VAL H 460 -16.09 4.11 -50.69
CA VAL H 460 -15.96 2.65 -50.65
C VAL H 460 -15.63 2.24 -49.22
N ILE H 461 -16.01 1.01 -48.85
CA ILE H 461 -15.87 0.55 -47.48
C ILE H 461 -14.42 0.17 -47.21
N THR H 462 -14.05 0.18 -45.93
CA THR H 462 -12.74 -0.21 -45.47
C THR H 462 -12.73 -1.69 -45.07
N ASP H 463 -13.83 -2.16 -44.47
CA ASP H 463 -13.87 -3.46 -43.83
C ASP H 463 -14.51 -4.51 -44.74
N LEU H 464 -14.04 -4.59 -45.98
CA LEU H 464 -14.67 -5.40 -47.01
C LEU H 464 -14.86 -6.84 -46.54
N GLN H 465 -13.89 -7.37 -45.80
CA GLN H 465 -13.96 -8.76 -45.39
C GLN H 465 -15.06 -8.95 -44.34
N GLU H 466 -14.99 -8.17 -43.25
CA GLU H 466 -15.93 -8.33 -42.14
C GLU H 466 -17.36 -8.01 -42.60
N THR H 467 -17.48 -7.34 -43.75
CA THR H 467 -18.76 -7.05 -44.40
C THR H 467 -19.29 -8.34 -45.02
N LYS H 468 -18.49 -8.95 -45.91
CA LYS H 468 -18.83 -10.25 -46.49
C LYS H 468 -19.29 -11.22 -45.40
N ASP H 469 -18.52 -11.31 -44.32
CA ASP H 469 -18.81 -12.24 -43.24
C ASP H 469 -20.16 -11.92 -42.61
N ALA H 470 -20.46 -10.62 -42.48
CA ALA H 470 -21.72 -10.19 -41.87
C ALA H 470 -22.88 -10.50 -42.80
N LEU H 471 -22.69 -10.27 -44.11
CA LEU H 471 -23.70 -10.49 -45.13
C LEU H 471 -24.03 -11.98 -45.22
N VAL H 472 -23.00 -12.80 -45.42
CA VAL H 472 -23.14 -14.25 -45.51
C VAL H 472 -23.96 -14.74 -44.32
N SER H 473 -23.61 -14.28 -43.13
CA SER H 473 -24.29 -14.65 -41.89
C SER H 473 -25.75 -14.17 -41.89
N ALA H 474 -25.99 -13.00 -42.53
CA ALA H 474 -27.30 -12.38 -42.57
C ALA H 474 -28.22 -13.11 -43.55
N SER H 475 -27.63 -13.72 -44.58
CA SER H 475 -28.36 -14.32 -45.69
C SER H 475 -29.41 -15.33 -45.22
N ASP H 476 -29.30 -15.79 -43.97
CA ASP H 476 -30.21 -16.78 -43.41
C ASP H 476 -31.38 -16.11 -42.71
N LEU H 477 -31.30 -14.78 -42.54
CA LEU H 477 -32.29 -14.04 -41.78
C LEU H 477 -33.22 -13.28 -42.71
N PRO H 478 -34.41 -12.86 -42.22
CA PRO H 478 -35.37 -12.11 -43.04
C PRO H 478 -34.93 -10.69 -43.31
N LEU H 479 -34.03 -10.50 -44.28
CA LEU H 479 -33.34 -9.22 -44.45
C LEU H 479 -32.76 -9.11 -45.84
N SER H 480 -33.17 -8.05 -46.55
CA SER H 480 -32.57 -7.62 -47.79
C SER H 480 -31.82 -6.32 -47.54
N ILE H 481 -30.84 -6.02 -48.40
CA ILE H 481 -30.00 -4.84 -48.22
C ILE H 481 -29.85 -4.12 -49.54
N LEU H 482 -30.06 -2.80 -49.52
CA LEU H 482 -29.81 -1.97 -50.68
C LEU H 482 -28.78 -0.92 -50.30
N ILE H 483 -27.74 -0.84 -51.13
CA ILE H 483 -26.69 0.15 -50.97
C ILE H 483 -26.76 1.12 -52.13
N VAL H 484 -26.68 2.42 -51.81
CA VAL H 484 -26.76 3.45 -52.82
C VAL H 484 -25.57 4.38 -52.63
N GLY H 485 -24.79 4.57 -53.69
CA GLY H 485 -23.65 5.47 -53.67
C GLY H 485 -24.06 6.86 -54.15
N VAL H 486 -23.52 7.88 -53.49
CA VAL H 486 -23.85 9.26 -53.84
C VAL H 486 -22.55 9.99 -54.11
N GLY H 487 -22.65 11.04 -54.95
CA GLY H 487 -21.51 11.79 -55.42
C GLY H 487 -20.77 11.02 -56.50
N GLY H 488 -19.57 11.51 -56.86
CA GLY H 488 -18.89 11.02 -58.05
C GLY H 488 -17.75 10.05 -57.73
N ALA H 489 -17.71 9.50 -56.51
CA ALA H 489 -16.63 8.61 -56.13
C ALA H 489 -16.62 7.38 -57.04
N ASP H 490 -15.50 6.65 -57.03
CA ASP H 490 -15.37 5.45 -57.85
C ASP H 490 -15.82 4.23 -57.06
N PHE H 491 -16.94 3.64 -57.49
CA PHE H 491 -17.61 2.60 -56.71
C PHE H 491 -17.31 1.22 -57.28
N LYS H 492 -16.22 1.09 -58.04
CA LYS H 492 -15.86 -0.15 -58.72
C LYS H 492 -15.84 -1.30 -57.71
N GLU H 493 -15.28 -1.06 -56.52
CA GLU H 493 -15.04 -2.13 -55.57
C GLU H 493 -16.32 -2.59 -54.91
N MET H 494 -17.43 -1.87 -55.18
CA MET H 494 -18.71 -2.14 -54.55
C MET H 494 -19.45 -3.23 -55.31
N GLU H 495 -19.11 -3.39 -56.60
CA GLU H 495 -19.92 -4.15 -57.53
C GLU H 495 -19.72 -5.65 -57.31
N ILE H 496 -18.73 -6.00 -56.48
CA ILE H 496 -18.52 -7.40 -56.13
C ILE H 496 -19.60 -7.85 -55.14
N LEU H 497 -20.33 -6.87 -54.59
CA LEU H 497 -21.37 -7.14 -53.60
C LEU H 497 -22.73 -7.33 -54.26
N ASP H 498 -22.93 -6.73 -55.44
CA ASP H 498 -24.23 -6.71 -56.11
C ASP H 498 -24.64 -8.14 -56.47
N ALA H 499 -25.94 -8.44 -56.30
CA ALA H 499 -26.50 -9.74 -56.65
C ALA H 499 -26.38 -9.97 -58.15
N ASP H 500 -26.72 -8.94 -58.93
CA ASP H 500 -26.71 -9.00 -60.38
C ASP H 500 -25.28 -9.02 -60.91
N LYS H 501 -24.52 -7.95 -60.66
CA LYS H 501 -23.22 -7.73 -61.27
C LYS H 501 -22.16 -8.63 -60.62
N GLY H 502 -22.31 -8.91 -59.32
CA GLY H 502 -21.27 -9.57 -58.56
C GLY H 502 -21.29 -11.09 -58.72
N GLU H 503 -20.77 -11.77 -57.68
CA GLU H 503 -20.72 -13.22 -57.59
C GLU H 503 -21.15 -13.64 -56.19
N ARG H 504 -21.63 -14.89 -56.10
CA ARG H 504 -22.11 -15.46 -54.86
C ARG H 504 -21.03 -15.31 -53.79
N LEU H 505 -21.44 -14.82 -52.61
CA LEU H 505 -20.49 -14.33 -51.61
C LEU H 505 -19.90 -15.47 -50.81
N GLU H 506 -18.60 -15.34 -50.52
CA GLU H 506 -17.90 -16.30 -49.69
C GLU H 506 -17.43 -15.64 -48.41
N SER H 507 -17.90 -16.19 -47.28
CA SER H 507 -17.38 -15.94 -45.94
C SER H 507 -15.87 -16.17 -45.94
N SER H 508 -15.17 -15.60 -44.95
CA SER H 508 -13.76 -15.90 -44.75
C SER H 508 -13.61 -17.35 -44.28
N SER H 509 -14.53 -17.78 -43.40
CA SER H 509 -14.54 -19.13 -42.86
C SER H 509 -14.92 -20.15 -43.95
N GLY H 510 -15.09 -19.69 -45.19
CA GLY H 510 -15.28 -20.56 -46.33
C GLY H 510 -16.76 -20.72 -46.73
N ARG H 511 -17.68 -20.43 -45.80
CA ARG H 511 -19.11 -20.64 -45.96
C ARG H 511 -19.69 -19.74 -47.06
N LEU H 512 -20.79 -20.20 -47.67
CA LEU H 512 -21.39 -19.52 -48.80
C LEU H 512 -22.74 -18.94 -48.40
N ALA H 513 -23.17 -17.91 -49.14
CA ALA H 513 -24.43 -17.24 -48.88
C ALA H 513 -25.59 -18.15 -49.28
N SER H 514 -26.59 -18.27 -48.41
CA SER H 514 -27.80 -19.02 -48.71
C SER H 514 -28.50 -18.43 -49.93
N ARG H 515 -28.43 -17.10 -50.10
CA ARG H 515 -29.11 -16.40 -51.19
C ARG H 515 -28.52 -15.01 -51.37
N ASP H 516 -28.79 -14.37 -52.52
CA ASP H 516 -28.40 -12.99 -52.75
C ASP H 516 -29.29 -12.07 -51.91
N ILE H 517 -28.68 -11.19 -51.10
CA ILE H 517 -29.45 -10.24 -50.31
C ILE H 517 -28.96 -8.82 -50.54
N VAL H 518 -27.90 -8.64 -51.34
CA VAL H 518 -27.38 -7.30 -51.56
C VAL H 518 -27.63 -6.86 -52.99
N GLN H 519 -27.86 -5.56 -53.16
CA GLN H 519 -27.82 -4.88 -54.44
C GLN H 519 -27.09 -3.55 -54.24
N PHE H 520 -26.41 -3.09 -55.29
CA PHE H 520 -25.78 -1.78 -55.22
C PHE H 520 -26.09 -0.99 -56.48
N VAL H 521 -26.22 0.33 -56.34
CA VAL H 521 -26.30 1.19 -57.50
C VAL H 521 -25.79 2.56 -57.12
N ALA H 522 -25.32 3.33 -58.12
CA ALA H 522 -24.85 4.68 -57.92
C ALA H 522 -25.93 5.65 -58.37
N LEU H 523 -26.40 6.49 -57.45
CA LEU H 523 -27.56 7.34 -57.70
C LEU H 523 -27.27 8.36 -58.82
N ARG H 524 -26.53 7.97 -59.84
CA ARG H 524 -26.39 8.77 -61.05
C ARG H 524 -27.36 8.18 -62.08
N ASP H 525 -28.33 9.01 -62.52
CA ASP H 525 -29.36 8.63 -63.47
C ASP H 525 -28.76 8.28 -64.84
N VAL H 526 -29.41 7.34 -65.53
CA VAL H 526 -29.22 7.16 -66.96
C VAL H 526 -30.60 7.13 -67.62
N GLN H 527 -31.30 8.25 -67.45
CA GLN H 527 -32.66 8.52 -67.90
C GLN H 527 -33.15 9.78 -67.18
N TYR H 528 -34.03 10.56 -67.83
CA TYR H 528 -34.46 11.86 -67.31
C TYR H 528 -35.93 11.82 -66.88
N GLY H 529 -36.20 11.33 -65.67
CA GLY H 529 -37.57 11.11 -65.19
C GLY H 529 -37.96 9.64 -65.20
N GLU H 530 -39.22 9.35 -64.86
CA GLU H 530 -39.84 8.07 -65.12
C GLU H 530 -39.11 6.97 -64.34
N ILE H 531 -38.44 6.02 -65.02
CA ILE H 531 -37.70 5.01 -64.28
C ILE H 531 -36.62 5.80 -63.52
N SER H 532 -36.72 5.76 -62.19
CA SER H 532 -35.60 6.06 -61.32
C SER H 532 -34.65 4.85 -61.29
N VAL H 533 -33.43 5.08 -60.76
CA VAL H 533 -32.41 4.05 -60.69
C VAL H 533 -32.63 3.22 -59.43
N VAL H 534 -33.47 3.77 -58.55
CA VAL H 534 -33.85 3.18 -57.28
C VAL H 534 -34.92 2.14 -57.53
N GLN H 535 -35.92 2.55 -58.31
CA GLN H 535 -37.05 1.72 -58.70
C GLN H 535 -36.58 0.30 -59.00
N ALA H 536 -35.47 0.16 -59.75
CA ALA H 536 -35.00 -1.15 -60.19
C ALA H 536 -34.48 -1.96 -59.01
N LEU H 537 -33.93 -1.29 -58.00
CA LEU H 537 -33.52 -1.94 -56.77
C LEU H 537 -34.74 -2.52 -56.06
N LEU H 538 -35.81 -1.72 -56.01
CA LEU H 538 -37.02 -2.10 -55.30
C LEU H 538 -37.69 -3.28 -55.99
N ALA H 539 -37.49 -3.39 -57.32
CA ALA H 539 -38.22 -4.35 -58.11
C ALA H 539 -37.79 -5.78 -57.77
N GLU H 540 -36.59 -5.92 -57.21
CA GLU H 540 -35.99 -7.23 -56.95
C GLU H 540 -36.36 -7.77 -55.57
N LEU H 541 -36.94 -6.93 -54.71
CA LEU H 541 -37.13 -7.32 -53.33
C LEU H 541 -38.13 -8.47 -53.22
N PRO H 542 -39.32 -8.39 -53.88
CA PRO H 542 -40.27 -9.49 -53.79
C PRO H 542 -39.59 -10.85 -54.05
N SER H 543 -38.71 -10.92 -55.07
CA SER H 543 -38.04 -12.16 -55.43
C SER H 543 -37.20 -12.66 -54.25
N GLN H 544 -36.35 -11.77 -53.73
CA GLN H 544 -35.53 -12.06 -52.56
C GLN H 544 -36.45 -12.48 -51.43
N PHE H 545 -37.56 -11.74 -51.25
CA PHE H 545 -38.48 -12.01 -50.17
C PHE H 545 -38.92 -13.46 -50.22
N LEU H 546 -39.27 -13.93 -51.44
CA LEU H 546 -39.87 -15.24 -51.63
C LEU H 546 -38.80 -16.31 -51.49
N THR H 547 -37.62 -16.01 -52.08
CA THR H 547 -36.49 -16.92 -51.91
C THR H 547 -36.33 -17.23 -50.43
N TYR H 548 -36.33 -16.20 -49.58
CA TYR H 548 -36.14 -16.47 -48.16
C TYR H 548 -37.19 -17.46 -47.68
N MET H 549 -38.47 -17.15 -47.95
CA MET H 549 -39.61 -17.93 -47.47
C MET H 549 -39.56 -19.38 -47.97
N ARG H 550 -39.09 -19.59 -49.20
CA ARG H 550 -38.93 -20.94 -49.72
C ARG H 550 -37.85 -21.66 -48.89
N ILE H 551 -36.64 -21.08 -48.87
CA ILE H 551 -35.47 -21.66 -48.23
C ILE H 551 -35.68 -21.90 -46.73
N ARG H 552 -36.35 -20.97 -46.05
CA ARG H 552 -36.42 -20.96 -44.58
C ARG H 552 -37.06 -22.23 -44.05
N ASN H 553 -38.37 -22.45 -44.35
CA ASN H 553 -38.95 -23.79 -44.36
C ASN H 553 -40.22 -23.86 -43.47
C1 EDO I . 56.10 6.09 38.66
O1 EDO I . 56.28 7.10 39.66
C2 EDO I . 55.13 5.13 39.28
O2 EDO I . 55.16 5.60 40.65
C1 EDO J . 70.53 20.54 46.73
O1 EDO J . 69.92 21.82 46.66
C2 EDO J . 70.00 19.60 45.72
O2 EDO J . 69.00 18.75 46.25
C1 EDO K . 70.61 12.95 53.28
O1 EDO K . 70.95 12.90 51.90
C2 EDO K . 70.13 11.64 53.85
O2 EDO K . 68.72 11.48 53.97
C1 GOL L . 66.58 10.10 40.19
O1 GOL L . 65.88 9.27 41.12
C2 GOL L . 67.93 10.56 40.69
O2 GOL L . 68.02 11.99 40.78
C3 GOL L . 69.10 10.01 39.89
O3 GOL L . 70.30 9.92 40.65
MN MN M . 69.17 63.99 70.74
C1 EDO N . 61.46 12.48 24.70
O1 EDO N . 62.33 13.48 24.27
C2 EDO N . 62.13 11.64 25.73
O2 EDO N . 61.56 10.34 25.87
MN MN O . 28.82 49.03 14.18
C1 EDO P . 0.91 -45.68 -60.48
O1 EDO P . 1.03 -46.18 -61.83
C2 EDO P . -0.12 -46.36 -59.64
O2 EDO P . -1.51 -46.06 -59.94
C1 EDO Q . -30.38 -46.97 -15.23
O1 EDO Q . -30.13 -46.45 -16.52
C2 EDO Q . -31.33 -48.13 -15.32
O2 EDO Q . -32.03 -48.23 -16.57
C1 EDO R . -37.10 -50.50 -26.87
O1 EDO R . -36.48 -49.77 -27.92
C2 EDO R . -37.41 -51.91 -27.21
O2 EDO R . -38.59 -52.06 -27.99
C1 EDO S . 12.11 -15.21 -34.97
O1 EDO S . 13.51 -15.30 -35.16
C2 EDO S . 11.48 -16.55 -34.91
O2 EDO S . 12.34 -17.52 -34.32
CL CL T . -35.94 -67.10 -12.24
MN MN U . 8.20 -21.80 -35.49
C1 EDO V . -45.46 6.48 49.83
O1 EDO V . -45.32 7.81 49.37
C2 EDO V . -44.59 6.14 50.98
O2 EDO V . -44.56 4.74 51.19
CL CL W . -62.83 -0.60 46.39
MN MN X . -20.42 45.15 23.72
MN MN Y . -21.81 21.02 34.40
MN MN Z . -0.67 1.31 -37.32
C1 EDO AA . 14.39 -19.48 3.87
O1 EDO AA . 13.20 -20.17 4.23
C2 EDO AA . 14.11 -18.04 3.65
O2 EDO AA . 12.75 -17.84 3.30
C1 EDO BA . 50.39 -6.17 53.45
O1 EDO BA . 49.76 -7.36 52.84
C2 EDO BA . 50.41 -5.15 52.32
O2 EDO BA . 49.79 -5.97 51.26
MN MN CA . 4.06 -46.43 23.75
MN MN DA . 7.86 -25.47 39.97
C1 EDO EA . -43.27 -17.72 10.32
O1 EDO EA . -44.23 -16.89 9.70
C2 EDO EA . -44.05 -18.72 11.08
O2 EDO EA . -45.44 -18.41 11.05
MN MN FA . -45.69 -48.41 -2.92
C1 EDO GA . -26.84 -20.49 -65.21
O1 EDO GA . -28.19 -20.13 -65.46
C2 EDO GA . -26.68 -21.96 -65.02
O2 EDO GA . -26.88 -22.40 -63.67
C1 EDO HA . -44.08 -7.12 -58.45
O1 EDO HA . -44.49 -6.20 -59.44
C2 EDO HA . -44.85 -8.40 -58.41
O2 EDO HA . -44.10 -9.41 -57.71
MN MN IA . -17.68 7.94 -46.71
#